data_9B36
#
_entry.id   9B36
#
_cell.length_a   1.00
_cell.length_b   1.00
_cell.length_c   1.00
_cell.angle_alpha   90.00
_cell.angle_beta   90.00
_cell.angle_gamma   90.00
#
_symmetry.space_group_name_H-M   'P 1'
#
loop_
_entity.id
_entity.type
_entity.pdbx_description
1 polymer 'Glutamate receptor ionotropic, kainate 2'
2 polymer 'Concanavalin A'
3 branched beta-D-galactopyranose-(1-4)-2-acetamido-2-deoxy-beta-D-glucopyranose-(1-2)-alpha-D-mannopyranose-(1-6)-[alpha-D-mannopyranose-(1-3)]beta-D-mannopyranose-(1-4)-2-acetamido-2-deoxy-beta-D-glucopyranose-(1-4)-2-acetamido-2-deoxy-beta-D-glucopyranose
4 branched 2-acetamido-2-deoxy-beta-D-glucopyranose-(1-4)-2-acetamido-2-deoxy-beta-D-glucopyranose
5 branched beta-D-galactopyranose-(1-4)-2-acetamido-2-deoxy-beta-D-glucopyranose-(1-2)-alpha-D-mannopyranose-(1-6)-[2-acetamido-2-deoxy-beta-D-glucopyranose-(1-2)-alpha-D-mannopyranose-(1-3)]beta-D-mannopyranose-(1-4)-2-acetamido-2-deoxy-beta-D-glucopyranose-(1-4)-2-acetamido-2-deoxy-beta-D-glucopyranose
6 branched beta-D-mannopyranose-(1-4)-2-acetamido-2-deoxy-beta-D-glucopyranose-(1-4)-2-acetamido-2-deoxy-beta-D-glucopyranose
7 branched beta-D-mannopyranose-(1-3)-beta-D-mannopyranose-(1-4)-2-acetamido-2-deoxy-beta-D-glucopyranose-(1-4)-2-acetamido-2-deoxy-beta-D-glucopyranose
8 branched 2-acetamido-2-deoxy-beta-D-glucopyranose-(1-2)-alpha-D-mannopyranose-(1-3)-[2-acetamido-2-deoxy-beta-D-glucopyranose-(1-2)-alpha-D-mannopyranose-(1-6)]beta-D-mannopyranose-(1-4)-2-acetamido-2-deoxy-beta-D-glucopyranose-(1-4)-2-acetamido-2-deoxy-beta-D-glucopyranose
9 branched alpha-D-mannopyranose-(1-6)-beta-D-mannopyranose-(1-4)-2-acetamido-2-deoxy-beta-D-glucopyranose-(1-4)-2-acetamido-2-deoxy-beta-D-glucopyranose
10 non-polymer '4-cyclopropyl-7-fluoro-3,4-dihydro-2H-1,2,4-benzothiadiazine 1,1-dioxide'
11 non-polymer 'GLUTAMIC ACID'
12 non-polymer '(2S)-3-(hexadecanoyloxy)-2-[(9Z)-octadec-9-enoyloxy]propyl 2-(trimethylammonio)ethyl phosphate'
13 non-polymer CHOLESTEROL
14 non-polymer 'ZINC ION'
15 non-polymer 'CALCIUM ION'
#
loop_
_entity_poly.entity_id
_entity_poly.type
_entity_poly.pdbx_seq_one_letter_code
_entity_poly.pdbx_strand_id
1 'polypeptide(L)'
;MKIISPVLSNLVFSRSIKVLLCLLWIGYSQGTTHVLRFGGIFEYVESGPMGAEELAFRFAVNTINRNRTLLPNTTLTYDT
QKINLYDSFEASKKACDQLSLGVAAIFGPSHSSSANAVQSICNALGVPHIQTRWKHQVSDNKDSFYVSLYPDFSSLSRAI
LDLVQFFKWKTVTVVYDDSTGLIRLQELIKAPSRYNLRLKIRQLPADTKDAKPLLKEMKRGKEFHVIFDCSHEMAAGILK
QALAMGMMTEYYHYIFTTLDLFALDVEPYRYSGVNMTGFRILNTENTQVSSIIEKWSMERLQAPPKPDSGLLDGFMTTDA
ALMYDAVHVVSVAVQQFPQMTVSSLQCNRHKPWRFGTRFMSLIKEAHWEGLTGRITFNKTNGLRTDFDLDVISLKEEGLE
KIGTWDPASGLNMTESQKGKPANITDSLSNRSLIVTTILEEPYVLFKKSDKPLYGNDRFEGYCIDLLRELSTILGFTYEI
RLVEDGKYGAQDDVNGQWNGMVRELIDHKADLAVAPLAITYVREKVIDFSKPFMTLGISILYRKPNGTNPGVFSFLNPLS
PDIWMYVLLACLGVSCVLFVIARFSPYEWYNPHPCNPDSDVVENNFTLLNSFWFGVGALMQQGSELMPKALSTRIVGGIW
WFFTLIIISSYTANLAAFLTVERMESPIDSADDLAKQTKIEYGAVEDGATMTFFKKSKISTYDKMWAFMSSRRQSVLVKS
NEEGIQRVLTSDYAFLMESTTIEFVTQRNCNLTQIGGLIDSKGYGVGTPMGSPYRDKITIAILQLQEEGKLHMMKEKWWR
GNGCPEEESKEASALGVQNIGGIFIVLAAGLVLSVFVAVGEFLYKSKKNAQLEKRSFCSAMVEELRMSLKCQRRLKHKPQ
APVIVKTEEVINMHTFNDRRLPGKETMALVPR
;
A,B,C,D
2 'polypeptide(L)'
;ADTIVAVELDTYPNTDIGDPSYPHIGIDIKSVRSKKTAKWNMQNGKVGTAHIIYNSVDKRLSAVVSYPNADSATVSYDVD
LDNVLPEWVRVGLSASTGLYKETNTILSWSFTSKLKSNSTHETNALHFMFNQFSKDQKDLILQGDATTGTDGNLELTRVS
SNGSPQGSSVGRALFYAPVHIWESSAVVASFEATFTFLIKSPDSHPADGIAFFISNIDSSIPSGSTGRLLGLFPDAN
;
E,F,G,H
#
# COMPACT_ATOMS: atom_id res chain seq x y z
N THR A 33 80.44 -51.70 -37.66
CA THR A 33 79.47 -52.04 -38.69
C THR A 33 79.11 -50.80 -39.51
N HIS A 34 78.18 -50.01 -39.00
CA HIS A 34 77.76 -48.77 -39.64
C HIS A 34 77.99 -47.60 -38.70
N VAL A 35 78.23 -46.42 -39.28
CA VAL A 35 78.73 -45.26 -38.55
C VAL A 35 77.61 -44.22 -38.65
N LEU A 36 76.37 -44.69 -38.51
CA LEU A 36 75.16 -43.87 -38.55
C LEU A 36 75.22 -42.69 -37.59
N ARG A 37 74.99 -41.49 -38.12
CA ARG A 37 75.20 -40.26 -37.37
C ARG A 37 73.90 -39.47 -37.25
N PHE A 38 73.72 -38.78 -36.13
CA PHE A 38 72.52 -37.96 -35.89
C PHE A 38 72.92 -36.50 -35.87
N GLY A 39 72.02 -35.62 -36.32
CA GLY A 39 72.22 -34.18 -36.25
C GLY A 39 71.84 -33.62 -34.90
N GLY A 40 72.57 -32.61 -34.43
CA GLY A 40 72.50 -32.22 -33.04
C GLY A 40 72.46 -30.73 -32.74
N ILE A 41 71.75 -29.93 -33.53
CA ILE A 41 71.77 -28.48 -33.37
C ILE A 41 71.10 -28.03 -32.07
N PHE A 42 71.88 -27.46 -31.16
CA PHE A 42 71.35 -26.94 -29.90
C PHE A 42 71.76 -25.49 -29.68
N GLU A 43 71.39 -25.00 -28.49
CA GLU A 43 71.68 -23.64 -28.05
C GLU A 43 73.15 -23.50 -27.66
N TYR A 44 73.72 -22.30 -27.81
CA TYR A 44 75.12 -22.05 -27.47
C TYR A 44 75.21 -21.28 -26.17
N VAL A 45 75.70 -21.93 -25.13
CA VAL A 45 76.00 -21.27 -23.87
C VAL A 45 77.51 -21.39 -23.65
N GLU A 46 78.09 -20.43 -22.92
CA GLU A 46 79.54 -20.41 -22.73
C GLU A 46 79.92 -20.32 -21.27
N SER A 47 79.05 -19.77 -20.43
CA SER A 47 79.37 -19.55 -19.02
C SER A 47 79.16 -20.83 -18.22
N GLY A 48 77.93 -21.33 -18.20
CA GLY A 48 77.61 -22.56 -17.52
C GLY A 48 78.01 -23.77 -18.31
N PRO A 49 77.67 -24.97 -17.81
CA PRO A 49 77.92 -26.19 -18.58
C PRO A 49 76.94 -26.37 -19.73
N MET A 50 77.03 -27.50 -20.43
CA MET A 50 76.16 -27.78 -21.58
C MET A 50 74.69 -27.83 -21.16
N GLY A 51 73.79 -27.49 -22.09
CA GLY A 51 72.40 -27.26 -21.76
C GLY A 51 71.66 -28.53 -21.38
N ALA A 52 70.37 -28.33 -21.07
CA ALA A 52 69.53 -29.43 -20.63
C ALA A 52 69.28 -30.42 -21.76
N GLU A 53 68.94 -29.92 -22.94
CA GLU A 53 68.58 -30.82 -24.03
C GLU A 53 69.80 -31.42 -24.69
N GLU A 54 70.99 -30.86 -24.45
CA GLU A 54 72.17 -31.42 -25.10
C GLU A 54 72.63 -32.69 -24.39
N LEU A 55 72.64 -32.68 -23.05
CA LEU A 55 72.90 -33.89 -22.28
C LEU A 55 71.85 -34.95 -22.54
N ALA A 56 70.60 -34.53 -22.68
CA ALA A 56 69.50 -35.46 -22.96
C ALA A 56 69.64 -36.11 -24.33
N PHE A 57 70.39 -35.45 -25.23
CA PHE A 57 70.81 -36.10 -26.46
C PHE A 57 72.08 -36.92 -26.23
N ARG A 58 72.99 -36.44 -25.39
CA ARG A 58 74.24 -37.15 -25.14
C ARG A 58 74.02 -38.39 -24.27
N PHE A 59 73.23 -38.26 -23.21
CA PHE A 59 72.95 -39.38 -22.31
C PHE A 59 72.12 -40.45 -22.99
N ALA A 60 71.32 -40.05 -23.99
CA ALA A 60 70.50 -41.02 -24.69
C ALA A 60 71.32 -41.88 -25.66
N VAL A 61 72.21 -41.24 -26.42
CA VAL A 61 73.04 -41.98 -27.37
C VAL A 61 74.03 -42.86 -26.63
N ASN A 62 74.49 -42.39 -25.47
CA ASN A 62 75.38 -43.20 -24.65
C ASN A 62 74.64 -44.37 -24.00
N THR A 63 73.33 -44.21 -23.80
CA THR A 63 72.53 -45.30 -23.25
C THR A 63 72.30 -46.39 -24.30
N ILE A 64 71.98 -46.00 -25.52
CA ILE A 64 71.49 -46.95 -26.51
C ILE A 64 72.60 -47.83 -27.06
N ASN A 65 73.78 -47.27 -27.30
CA ASN A 65 74.82 -48.02 -28.01
C ASN A 65 75.52 -49.07 -27.14
N ARG A 66 75.26 -49.10 -25.84
CA ARG A 66 75.83 -50.15 -25.00
C ARG A 66 74.88 -51.34 -24.88
N ASN A 67 73.63 -51.14 -25.27
CA ASN A 67 72.56 -52.13 -25.19
C ASN A 67 72.39 -52.92 -26.49
N ARG A 68 72.95 -54.13 -26.54
CA ARG A 68 72.80 -55.03 -27.69
C ARG A 68 71.42 -55.67 -27.65
N THR A 69 70.43 -54.85 -27.94
CA THR A 69 69.00 -54.97 -27.62
C THR A 69 68.44 -54.00 -28.66
N LEU A 70 67.46 -53.17 -28.31
CA LEU A 70 67.14 -51.96 -29.06
C LEU A 70 68.38 -51.28 -29.62
N LEU A 71 68.43 -51.15 -30.97
CA LEU A 71 69.58 -50.80 -31.78
C LEU A 71 70.77 -51.73 -31.45
N PRO A 72 70.76 -52.96 -31.96
CA PRO A 72 71.78 -53.95 -31.54
C PRO A 72 73.12 -53.90 -32.29
N ASN A 73 73.14 -53.50 -33.55
CA ASN A 73 74.24 -53.87 -34.43
C ASN A 73 74.79 -52.68 -35.20
N THR A 74 74.56 -51.45 -34.75
CA THR A 74 75.01 -50.25 -35.44
C THR A 74 75.67 -49.33 -34.42
N THR A 75 76.72 -48.64 -34.84
CA THR A 75 77.40 -47.65 -34.00
C THR A 75 76.78 -46.29 -34.28
N LEU A 76 76.04 -45.77 -33.31
CA LEU A 76 75.50 -44.42 -33.42
C LEU A 76 76.61 -43.40 -33.21
N THR A 77 76.52 -42.29 -33.91
CA THR A 77 77.47 -41.19 -33.79
C THR A 77 76.70 -39.92 -33.49
N TYR A 78 77.05 -39.26 -32.41
CA TYR A 78 76.38 -38.01 -32.07
C TYR A 78 77.24 -36.83 -32.50
N ASP A 79 76.58 -35.79 -32.99
CA ASP A 79 77.29 -34.63 -33.52
C ASP A 79 76.51 -33.36 -33.20
N THR A 80 76.90 -32.67 -32.13
CA THR A 80 76.21 -31.46 -31.73
C THR A 80 76.78 -30.24 -32.45
N GLN A 81 75.90 -29.30 -32.77
CA GLN A 81 76.30 -27.98 -33.22
C GLN A 81 75.59 -26.95 -32.36
N LYS A 82 76.19 -25.78 -32.18
CA LYS A 82 75.60 -24.80 -31.29
C LYS A 82 75.28 -23.52 -32.04
N ILE A 83 74.02 -23.07 -31.94
CA ILE A 83 73.59 -21.83 -32.55
C ILE A 83 73.16 -20.87 -31.45
N ASN A 84 72.86 -19.64 -31.85
CA ASN A 84 72.45 -18.63 -30.88
C ASN A 84 70.97 -18.74 -30.57
N LEU A 85 70.27 -19.64 -31.27
CA LEU A 85 68.91 -20.13 -31.03
C LEU A 85 67.85 -19.09 -31.38
N TYR A 86 68.27 -17.86 -31.69
CA TYR A 86 67.41 -16.83 -32.25
C TYR A 86 67.96 -16.33 -33.57
N ASP A 87 68.91 -17.08 -34.13
CA ASP A 87 69.61 -16.71 -35.35
C ASP A 87 69.29 -17.80 -36.36
N SER A 88 68.22 -17.62 -37.13
CA SER A 88 67.74 -18.69 -38.01
C SER A 88 68.58 -18.82 -39.27
N PHE A 89 69.57 -17.94 -39.47
CA PHE A 89 70.53 -18.16 -40.55
C PHE A 89 71.70 -19.01 -40.05
N GLU A 90 72.10 -18.82 -38.80
CA GLU A 90 73.18 -19.63 -38.25
C GLU A 90 72.73 -21.08 -38.07
N ALA A 91 71.45 -21.27 -37.81
CA ALA A 91 70.87 -22.61 -37.83
C ALA A 91 70.90 -23.19 -39.24
N SER A 92 70.68 -22.37 -40.25
CA SER A 92 70.70 -22.86 -41.62
C SER A 92 72.12 -23.09 -42.11
N LYS A 93 73.11 -22.49 -41.45
CA LYS A 93 74.50 -22.82 -41.78
C LYS A 93 74.90 -24.14 -41.15
N LYS A 94 74.55 -24.32 -39.87
CA LYS A 94 74.90 -25.55 -39.17
C LYS A 94 74.12 -26.75 -39.71
N ALA A 95 72.94 -26.50 -40.28
CA ALA A 95 72.23 -27.57 -40.97
C ALA A 95 72.98 -28.00 -42.22
N CYS A 96 73.34 -27.05 -43.09
CA CYS A 96 74.07 -27.40 -44.31
C CYS A 96 75.50 -27.86 -44.02
N ASP A 97 75.99 -27.69 -42.80
CA ASP A 97 77.21 -28.36 -42.38
C ASP A 97 76.95 -29.83 -42.05
N GLN A 98 75.86 -30.10 -41.32
CA GLN A 98 75.57 -31.46 -40.90
C GLN A 98 75.04 -32.31 -42.04
N LEU A 99 74.21 -31.73 -42.90
CA LEU A 99 73.76 -32.48 -44.08
C LEU A 99 74.89 -32.75 -45.06
N SER A 100 75.87 -31.87 -45.16
CA SER A 100 77.04 -32.13 -46.00
C SER A 100 77.94 -33.20 -45.38
N LEU A 101 77.99 -33.24 -44.05
CA LEU A 101 78.76 -34.28 -43.38
C LEU A 101 77.94 -35.57 -43.39
N GLY A 102 76.63 -35.45 -43.40
CA GLY A 102 75.75 -36.60 -43.49
C GLY A 102 75.24 -37.07 -42.14
N VAL A 103 73.94 -36.88 -41.90
CA VAL A 103 73.31 -37.32 -40.67
C VAL A 103 72.06 -38.14 -41.00
N ALA A 104 71.33 -38.54 -39.97
CA ALA A 104 70.10 -39.28 -40.16
C ALA A 104 68.90 -38.49 -39.66
N ALA A 105 69.11 -37.68 -38.62
CA ALA A 105 68.01 -36.95 -38.01
C ALA A 105 68.52 -35.71 -37.26
N ILE A 106 68.04 -34.53 -37.65
CA ILE A 106 68.42 -33.32 -36.95
C ILE A 106 67.46 -33.08 -35.80
N PHE A 107 67.99 -33.11 -34.59
CA PHE A 107 67.18 -33.10 -33.38
C PHE A 107 66.92 -31.69 -32.90
N GLY A 108 66.12 -30.94 -33.67
CA GLY A 108 65.32 -29.88 -33.11
C GLY A 108 66.02 -28.64 -32.60
N PRO A 109 66.48 -27.75 -33.50
CA PRO A 109 66.73 -26.38 -33.07
C PRO A 109 65.45 -25.83 -32.47
N SER A 110 65.49 -25.62 -31.15
CA SER A 110 64.28 -25.71 -30.34
C SER A 110 63.73 -24.31 -30.05
N HIS A 111 63.40 -23.60 -31.13
CA HIS A 111 62.69 -22.34 -31.01
C HIS A 111 61.97 -22.04 -32.32
N SER A 112 60.83 -21.33 -32.24
CA SER A 112 59.92 -21.08 -33.36
C SER A 112 60.59 -20.40 -34.56
N SER A 113 61.56 -19.52 -34.29
CA SER A 113 62.27 -18.87 -35.40
C SER A 113 63.30 -19.82 -36.00
N SER A 114 63.95 -20.61 -35.15
CA SER A 114 65.04 -21.44 -35.62
C SER A 114 64.54 -22.76 -36.20
N ALA A 115 63.30 -23.13 -35.87
CA ALA A 115 62.76 -24.40 -36.33
C ALA A 115 62.30 -24.29 -37.78
N ASN A 116 61.55 -23.23 -38.10
CA ASN A 116 61.03 -22.99 -39.45
C ASN A 116 62.11 -22.88 -40.52
N ALA A 117 63.33 -22.53 -40.13
CA ALA A 117 64.44 -22.61 -41.08
C ALA A 117 64.79 -24.06 -41.36
N VAL A 118 65.15 -24.80 -40.32
CA VAL A 118 65.75 -26.13 -40.49
C VAL A 118 64.70 -27.15 -40.92
N GLN A 119 63.43 -26.93 -40.55
CA GLN A 119 62.32 -27.78 -41.01
C GLN A 119 62.18 -27.76 -42.52
N SER A 120 62.23 -26.57 -43.12
CA SER A 120 62.10 -26.49 -44.58
C SER A 120 63.40 -26.89 -45.27
N ILE A 121 64.52 -26.88 -44.55
CA ILE A 121 65.73 -27.50 -45.07
C ILE A 121 65.56 -29.01 -45.15
N CYS A 122 65.03 -29.60 -44.08
CA CYS A 122 64.87 -31.05 -44.01
C CYS A 122 63.76 -31.53 -44.94
N ASN A 123 62.74 -30.71 -45.16
CA ASN A 123 61.74 -31.05 -46.16
C ASN A 123 62.34 -31.03 -47.56
N ALA A 124 63.32 -30.16 -47.79
CA ALA A 124 63.90 -30.03 -49.12
C ALA A 124 64.81 -31.22 -49.45
N LEU A 125 65.77 -31.51 -48.56
CA LEU A 125 66.79 -32.50 -48.91
C LEU A 125 66.44 -33.88 -48.38
N GLY A 126 65.42 -33.98 -47.54
CA GLY A 126 64.80 -35.28 -47.31
C GLY A 126 64.87 -35.88 -45.92
N VAL A 127 65.87 -35.50 -45.13
CA VAL A 127 66.14 -36.18 -43.86
C VAL A 127 65.08 -35.82 -42.83
N PRO A 128 64.76 -36.69 -41.87
CA PRO A 128 63.72 -36.38 -40.88
C PRO A 128 64.20 -35.34 -39.87
N HIS A 129 63.30 -34.43 -39.51
CA HIS A 129 63.58 -33.37 -38.55
C HIS A 129 62.80 -33.64 -37.28
N ILE A 130 63.49 -33.99 -36.21
CA ILE A 130 62.83 -34.49 -35.00
C ILE A 130 62.64 -33.31 -34.05
N GLN A 131 61.51 -32.61 -34.15
CA GLN A 131 61.24 -31.47 -33.29
C GLN A 131 60.96 -31.95 -31.88
N THR A 132 61.52 -31.25 -30.88
CA THR A 132 61.23 -31.64 -29.50
C THR A 132 60.66 -30.51 -28.66
N ARG A 133 60.12 -29.45 -29.26
CA ARG A 133 59.36 -28.46 -28.53
C ARG A 133 58.33 -27.89 -29.50
N TRP A 134 57.16 -27.53 -28.95
CA TRP A 134 56.05 -27.00 -29.72
C TRP A 134 56.44 -25.73 -30.46
N LYS A 135 56.11 -25.69 -31.75
CA LYS A 135 56.25 -24.50 -32.55
C LYS A 135 54.91 -24.20 -33.20
N HIS A 136 54.84 -23.14 -33.97
CA HIS A 136 53.59 -22.81 -34.64
C HIS A 136 53.54 -23.44 -36.02
N GLN A 137 52.76 -24.51 -36.16
CA GLN A 137 52.53 -25.10 -37.48
C GLN A 137 51.64 -24.18 -38.30
N VAL A 138 52.20 -23.56 -39.33
CA VAL A 138 51.43 -22.70 -40.21
C VAL A 138 50.51 -23.57 -41.04
N SER A 139 49.23 -23.19 -41.14
CA SER A 139 48.19 -24.01 -41.75
C SER A 139 48.42 -24.28 -43.23
N ASP A 140 49.07 -23.37 -43.94
CA ASP A 140 49.39 -23.56 -45.35
C ASP A 140 50.85 -23.95 -45.56
N ASN A 141 51.56 -24.34 -44.51
CA ASN A 141 52.94 -24.77 -44.67
C ASN A 141 52.96 -26.26 -45.00
N LYS A 142 52.85 -26.58 -46.28
CA LYS A 142 52.73 -27.98 -46.70
C LYS A 142 54.05 -28.71 -46.57
N ASP A 143 54.37 -29.15 -45.36
CA ASP A 143 55.56 -29.94 -45.08
C ASP A 143 55.15 -31.23 -44.38
N SER A 144 55.77 -32.33 -44.78
CA SER A 144 55.84 -33.50 -43.91
C SER A 144 57.13 -34.29 -44.15
N PHE A 145 58.17 -33.92 -43.41
CA PHE A 145 59.38 -34.70 -43.12
C PHE A 145 59.79 -34.42 -41.69
N TYR A 146 58.82 -34.19 -40.81
CA TYR A 146 59.15 -33.76 -39.45
C TYR A 146 58.19 -34.46 -38.49
N VAL A 147 58.68 -34.75 -37.29
CA VAL A 147 57.79 -35.11 -36.19
C VAL A 147 58.03 -34.15 -35.03
N SER A 148 57.02 -34.01 -34.18
CA SER A 148 57.04 -33.03 -33.09
C SER A 148 56.61 -33.69 -31.80
N LEU A 149 57.59 -34.11 -30.99
CA LEU A 149 57.33 -34.92 -29.80
C LEU A 149 56.83 -34.10 -28.61
N TYR A 150 56.57 -32.83 -28.78
CA TYR A 150 55.94 -32.10 -27.70
C TYR A 150 54.45 -32.35 -27.83
N PRO A 151 53.72 -32.56 -26.75
CA PRO A 151 52.27 -32.75 -26.86
C PRO A 151 51.56 -31.52 -27.39
N ASP A 152 50.77 -31.70 -28.45
CA ASP A 152 50.13 -30.60 -29.15
C ASP A 152 49.17 -29.86 -28.25
N PHE A 153 49.16 -28.54 -28.39
CA PHE A 153 48.21 -27.71 -27.65
C PHE A 153 46.83 -27.69 -28.27
N SER A 154 46.59 -28.43 -29.34
CA SER A 154 45.21 -28.70 -29.75
C SER A 154 44.60 -29.73 -28.80
N SER A 155 45.43 -30.59 -28.22
CA SER A 155 44.94 -31.57 -27.27
C SER A 155 44.98 -31.05 -25.84
N LEU A 156 46.09 -30.39 -25.48
CA LEU A 156 46.27 -29.86 -24.13
C LEU A 156 45.26 -28.79 -23.77
N SER A 157 44.90 -27.91 -24.72
CA SER A 157 43.94 -26.86 -24.43
C SER A 157 42.53 -27.41 -24.27
N ARG A 158 42.29 -28.64 -24.72
CA ARG A 158 41.06 -29.33 -24.34
C ARG A 158 41.16 -29.92 -22.94
N ALA A 159 42.36 -30.27 -22.51
CA ALA A 159 42.54 -30.87 -21.19
C ALA A 159 42.38 -29.83 -20.07
N ILE A 160 42.94 -28.63 -20.26
CA ILE A 160 42.64 -27.52 -19.35
C ILE A 160 41.15 -27.14 -19.47
N LEU A 161 40.57 -27.28 -20.66
CA LEU A 161 39.14 -27.11 -20.81
C LEU A 161 38.36 -28.20 -20.09
N ASP A 162 38.94 -29.39 -19.92
CA ASP A 162 38.28 -30.44 -19.17
C ASP A 162 38.25 -30.13 -17.68
N LEU A 163 39.32 -29.55 -17.15
CA LEU A 163 39.39 -29.29 -15.71
C LEU A 163 38.51 -28.13 -15.30
N VAL A 164 38.35 -27.13 -16.17
CA VAL A 164 37.50 -25.99 -15.81
C VAL A 164 36.02 -26.36 -15.93
N GLN A 165 35.73 -27.48 -16.59
CA GLN A 165 34.40 -28.06 -16.56
C GLN A 165 34.24 -28.97 -15.35
N PHE A 166 35.34 -29.60 -14.94
CA PHE A 166 35.30 -30.53 -13.82
C PHE A 166 35.30 -29.78 -12.50
N PHE A 167 35.98 -28.64 -12.46
CA PHE A 167 36.01 -27.81 -11.25
C PHE A 167 34.93 -26.75 -11.32
N LYS A 168 34.24 -26.69 -12.46
CA LYS A 168 32.99 -25.95 -12.65
C LYS A 168 33.18 -24.44 -12.41
N TRP A 169 34.28 -23.92 -12.93
CA TRP A 169 34.57 -22.50 -12.80
C TRP A 169 33.69 -21.71 -13.76
N LYS A 170 33.54 -20.41 -13.47
CA LYS A 170 32.81 -19.52 -14.37
C LYS A 170 33.47 -18.16 -14.43
N THR A 171 34.59 -17.99 -13.71
CA THR A 171 35.30 -16.72 -13.69
C THR A 171 36.80 -17.03 -13.84
N VAL A 172 37.14 -17.81 -14.86
CA VAL A 172 38.52 -18.19 -15.14
C VAL A 172 39.34 -16.97 -15.55
N THR A 173 40.67 -17.09 -15.44
CA THR A 173 41.56 -16.00 -15.80
C THR A 173 42.88 -16.54 -16.35
N VAL A 174 43.15 -16.27 -17.62
CA VAL A 174 44.39 -16.74 -18.24
C VAL A 174 45.49 -15.70 -18.08
N VAL A 175 46.61 -16.12 -17.53
CA VAL A 175 47.83 -15.32 -17.49
C VAL A 175 48.85 -16.07 -18.34
N TYR A 176 49.22 -15.48 -19.48
CA TYR A 176 50.16 -16.15 -20.37
C TYR A 176 51.49 -15.38 -20.37
N ASP A 177 52.44 -15.82 -21.19
CA ASP A 177 53.78 -15.25 -21.19
C ASP A 177 54.16 -14.54 -22.49
N ASP A 178 54.10 -15.20 -23.64
CA ASP A 178 54.48 -14.61 -24.90
C ASP A 178 53.25 -14.43 -25.77
N SER A 179 53.39 -13.62 -26.82
CA SER A 179 52.33 -13.46 -27.82
C SER A 179 52.02 -14.76 -28.56
N THR A 180 52.98 -15.69 -28.61
CA THR A 180 52.72 -17.04 -29.09
C THR A 180 51.74 -17.78 -28.20
N GLY A 181 51.66 -17.41 -26.92
CA GLY A 181 50.86 -18.11 -25.92
C GLY A 181 49.36 -18.15 -26.12
N LEU A 182 48.81 -17.32 -27.00
CA LEU A 182 47.38 -17.45 -27.31
C LEU A 182 47.12 -18.57 -28.30
N ILE A 183 48.16 -18.99 -29.03
CA ILE A 183 48.04 -20.16 -29.90
C ILE A 183 48.11 -21.43 -29.07
N ARG A 184 48.82 -21.39 -27.95
CA ARG A 184 48.86 -22.51 -27.02
C ARG A 184 47.48 -22.76 -26.42
N LEU A 185 46.76 -21.69 -26.12
CA LEU A 185 45.38 -21.84 -25.68
C LEU A 185 44.38 -21.46 -26.77
N GLN A 186 44.31 -22.22 -27.87
CA GLN A 186 43.28 -21.96 -28.86
C GLN A 186 41.90 -22.27 -28.31
N GLU A 187 41.68 -23.51 -27.87
CA GLU A 187 40.35 -23.96 -27.50
C GLU A 187 39.85 -23.31 -26.23
N LEU A 188 40.75 -22.79 -25.39
CA LEU A 188 40.33 -22.21 -24.12
C LEU A 188 39.77 -20.81 -24.32
N ILE A 189 40.45 -19.98 -25.13
CA ILE A 189 39.90 -18.67 -25.48
C ILE A 189 38.67 -18.80 -26.37
N LYS A 190 38.61 -19.82 -27.22
CA LYS A 190 37.45 -19.98 -28.09
C LYS A 190 36.23 -20.60 -27.41
N ALA A 191 36.25 -20.81 -26.08
CA ALA A 191 35.08 -21.44 -25.48
C ALA A 191 34.40 -20.72 -24.31
N PRO A 192 34.08 -19.40 -24.39
CA PRO A 192 32.88 -18.93 -23.69
C PRO A 192 31.68 -18.97 -24.61
N SER A 193 31.93 -19.26 -25.88
CA SER A 193 30.87 -19.34 -26.87
C SER A 193 30.05 -20.60 -26.66
N ARG A 194 30.72 -21.68 -26.30
CA ARG A 194 30.10 -22.99 -26.18
C ARG A 194 29.63 -23.29 -24.76
N TYR A 195 30.01 -22.47 -23.79
CA TYR A 195 29.71 -22.72 -22.38
C TYR A 195 29.47 -21.41 -21.67
N ASN A 196 29.55 -21.39 -20.34
CA ASN A 196 29.29 -20.15 -19.62
C ASN A 196 30.53 -19.51 -18.99
N LEU A 197 31.72 -19.66 -19.58
CA LEU A 197 32.93 -19.09 -19.00
C LEU A 197 33.01 -17.59 -19.26
N ARG A 198 33.89 -16.92 -18.51
CA ARG A 198 34.12 -15.49 -18.64
C ARG A 198 35.63 -15.25 -18.64
N LEU A 199 36.31 -15.85 -19.62
CA LEU A 199 37.74 -15.65 -19.84
C LEU A 199 38.13 -14.18 -19.84
N LYS A 200 38.91 -13.78 -18.84
CA LYS A 200 39.50 -12.45 -18.78
C LYS A 200 41.03 -12.61 -18.90
N ILE A 201 41.52 -12.36 -20.10
CA ILE A 201 42.87 -12.76 -20.49
C ILE A 201 43.86 -11.68 -20.12
N ARG A 202 44.95 -12.06 -19.43
CA ARG A 202 45.94 -11.10 -18.98
C ARG A 202 47.32 -11.59 -19.40
N GLN A 203 48.25 -10.66 -19.54
CA GLN A 203 49.61 -10.96 -20.00
C GLN A 203 50.60 -10.48 -18.95
N LEU A 204 51.61 -11.30 -18.66
CA LEU A 204 52.74 -10.87 -17.86
C LEU A 204 53.53 -9.82 -18.63
N PRO A 205 53.96 -8.75 -17.97
CA PRO A 205 54.87 -7.81 -18.62
C PRO A 205 56.22 -8.45 -18.93
N ALA A 206 56.75 -8.18 -20.11
CA ALA A 206 58.02 -8.76 -20.54
C ALA A 206 59.18 -8.05 -19.83
N ASP A 207 60.35 -8.71 -19.87
CA ASP A 207 61.62 -8.21 -19.34
C ASP A 207 61.57 -7.93 -17.85
N THR A 208 60.69 -8.61 -17.12
CA THR A 208 60.56 -8.43 -15.68
C THR A 208 59.93 -9.67 -15.05
N LYS A 209 59.83 -9.68 -13.72
CA LYS A 209 59.19 -10.77 -13.00
C LYS A 209 58.19 -10.21 -12.01
N ASP A 210 58.01 -8.88 -12.02
CA ASP A 210 57.07 -8.23 -11.12
C ASP A 210 55.63 -8.49 -11.54
N ALA A 211 54.94 -9.37 -10.80
CA ALA A 211 53.51 -9.51 -10.96
C ALA A 211 52.83 -8.61 -9.94
N LYS A 212 53.62 -7.86 -9.19
CA LYS A 212 53.16 -6.80 -8.28
C LYS A 212 52.29 -5.75 -8.98
N PRO A 213 52.51 -5.36 -10.27
CA PRO A 213 51.44 -4.65 -10.96
C PRO A 213 50.25 -5.53 -11.29
N LEU A 214 50.52 -6.78 -11.65
CA LEU A 214 49.46 -7.65 -12.15
C LEU A 214 48.59 -8.18 -11.01
N LEU A 215 49.21 -8.77 -9.99
CA LEU A 215 48.46 -9.43 -8.92
C LEU A 215 47.74 -8.41 -8.04
N LYS A 216 48.19 -7.15 -8.04
CA LYS A 216 47.43 -6.08 -7.41
C LYS A 216 46.10 -5.88 -8.13
N GLU A 217 46.10 -6.01 -9.45
CA GLU A 217 44.89 -5.82 -10.22
C GLU A 217 44.03 -7.09 -10.20
N MET A 218 44.66 -8.24 -10.05
CA MET A 218 43.91 -9.49 -10.06
C MET A 218 43.20 -9.71 -8.72
N LYS A 219 43.80 -9.22 -7.63
CA LYS A 219 43.09 -9.18 -6.36
C LYS A 219 41.95 -8.18 -6.41
N ARG A 220 42.14 -7.09 -7.17
CA ARG A 220 41.16 -6.03 -7.29
C ARG A 220 39.89 -6.49 -8.00
N GLY A 221 40.06 -7.26 -9.07
CA GLY A 221 38.94 -7.78 -9.83
C GLY A 221 38.30 -9.03 -9.26
N LYS A 222 38.70 -9.46 -8.06
CA LYS A 222 38.24 -10.67 -7.38
C LYS A 222 38.40 -11.91 -8.25
N GLU A 223 39.59 -12.11 -8.81
CA GLU A 223 39.89 -13.26 -9.66
C GLU A 223 40.63 -14.27 -8.81
N PHE A 224 40.03 -15.45 -8.64
CA PHE A 224 40.56 -16.45 -7.72
C PHE A 224 40.85 -17.76 -8.42
N HIS A 225 40.67 -17.81 -9.74
CA HIS A 225 40.65 -19.05 -10.50
C HIS A 225 41.62 -18.99 -11.66
N VAL A 226 42.87 -18.63 -11.39
CA VAL A 226 43.85 -18.21 -12.39
C VAL A 226 44.37 -19.42 -13.17
N ILE A 227 44.51 -19.28 -14.48
CA ILE A 227 45.13 -20.31 -15.31
C ILE A 227 46.43 -19.77 -15.87
N PHE A 228 47.56 -20.15 -15.29
CA PHE A 228 48.83 -19.65 -15.78
C PHE A 228 49.29 -20.37 -17.03
N ASP A 229 50.17 -19.73 -17.80
CA ASP A 229 50.77 -20.34 -18.98
C ASP A 229 52.25 -19.98 -19.02
N CYS A 230 52.93 -20.09 -17.88
CA CYS A 230 54.32 -19.71 -17.78
C CYS A 230 55.20 -20.90 -18.18
N SER A 231 56.51 -20.76 -18.06
CA SER A 231 57.41 -21.90 -17.97
C SER A 231 57.53 -22.27 -16.50
N HIS A 232 58.34 -23.29 -16.21
CA HIS A 232 58.46 -23.72 -14.81
C HIS A 232 59.40 -22.81 -14.04
N GLU A 233 60.25 -22.08 -14.74
CA GLU A 233 61.04 -21.03 -14.09
C GLU A 233 60.13 -19.88 -13.70
N MET A 234 59.30 -19.41 -14.63
CA MET A 234 58.44 -18.26 -14.34
C MET A 234 57.16 -18.68 -13.61
N ALA A 235 56.99 -19.98 -13.35
CA ALA A 235 55.88 -20.39 -12.49
C ALA A 235 56.17 -20.05 -11.04
N ALA A 236 57.33 -20.47 -10.54
CA ALA A 236 57.68 -20.26 -9.15
C ALA A 236 58.00 -18.81 -8.84
N GLY A 237 58.38 -18.05 -9.88
CA GLY A 237 58.62 -16.62 -9.69
C GLY A 237 57.33 -15.85 -9.42
N ILE A 238 56.22 -16.33 -9.96
CA ILE A 238 54.94 -15.67 -9.71
C ILE A 238 54.32 -16.21 -8.42
N LEU A 239 54.54 -17.50 -8.14
CA LEU A 239 54.04 -18.09 -6.90
C LEU A 239 54.69 -17.48 -5.66
N LYS A 240 55.95 -17.07 -5.75
CA LYS A 240 56.58 -16.35 -4.66
C LYS A 240 55.96 -14.97 -4.49
N GLN A 241 55.56 -14.34 -5.59
CA GLN A 241 54.90 -13.05 -5.51
C GLN A 241 53.46 -13.18 -5.03
N ALA A 242 52.82 -14.32 -5.29
CA ALA A 242 51.45 -14.53 -4.80
C ALA A 242 51.43 -14.74 -3.30
N LEU A 243 52.55 -15.22 -2.75
CA LEU A 243 52.73 -15.31 -1.31
C LEU A 243 52.85 -13.92 -0.71
N ALA A 244 53.75 -13.10 -1.27
CA ALA A 244 54.04 -11.77 -0.76
C ALA A 244 52.89 -10.80 -0.95
N MET A 245 52.10 -10.99 -2.02
CA MET A 245 50.91 -10.17 -2.24
C MET A 245 49.84 -10.54 -1.22
N GLY A 246 49.79 -11.81 -0.84
CA GLY A 246 48.76 -12.28 0.05
C GLY A 246 47.65 -12.97 -0.71
N MET A 247 47.90 -13.32 -1.96
CA MET A 247 46.96 -14.09 -2.76
C MET A 247 47.15 -15.59 -2.62
N MET A 248 47.82 -16.06 -1.58
CA MET A 248 47.75 -17.47 -1.22
C MET A 248 46.89 -17.66 0.04
N THR A 249 45.57 -17.58 -0.15
CA THR A 249 44.67 -18.09 0.88
C THR A 249 44.11 -19.41 0.38
N GLU A 250 43.12 -19.95 1.09
CA GLU A 250 42.51 -21.19 0.67
C GLU A 250 41.56 -21.05 -0.51
N TYR A 251 41.00 -19.86 -0.76
CA TYR A 251 40.10 -19.65 -1.89
C TYR A 251 40.87 -19.03 -3.07
N TYR A 252 41.93 -19.73 -3.45
CA TYR A 252 42.67 -19.51 -4.68
C TYR A 252 42.99 -20.83 -5.34
N HIS A 253 43.00 -20.87 -6.66
CA HIS A 253 43.34 -22.10 -7.36
C HIS A 253 43.98 -21.80 -8.72
N TYR A 254 45.18 -22.35 -8.90
CA TYR A 254 46.10 -22.00 -9.99
C TYR A 254 46.31 -23.22 -10.90
N ILE A 255 45.57 -23.28 -12.01
CA ILE A 255 45.84 -24.32 -12.99
C ILE A 255 47.05 -23.91 -13.82
N PHE A 256 48.09 -24.74 -13.81
CA PHE A 256 49.32 -24.44 -14.53
C PHE A 256 49.32 -25.23 -15.84
N THR A 257 49.28 -24.51 -16.96
CA THR A 257 49.49 -25.11 -18.26
C THR A 257 50.99 -25.26 -18.47
N THR A 258 51.56 -26.31 -17.89
CA THR A 258 52.97 -26.63 -18.02
C THR A 258 53.14 -28.12 -17.77
N LEU A 259 54.27 -28.68 -18.18
CA LEU A 259 54.49 -30.10 -18.02
C LEU A 259 55.63 -30.33 -17.03
N ASP A 260 55.96 -29.30 -16.25
CA ASP A 260 57.00 -29.38 -15.23
C ASP A 260 56.55 -28.76 -13.92
N LEU A 261 55.35 -29.12 -13.46
CA LEU A 261 54.94 -28.61 -12.15
C LEU A 261 55.57 -29.45 -11.04
N PHE A 262 56.01 -30.65 -11.38
CA PHE A 262 56.62 -31.58 -10.42
C PHE A 262 58.03 -31.16 -10.02
N ALA A 263 58.62 -30.23 -10.77
CA ALA A 263 60.00 -29.82 -10.50
C ALA A 263 60.04 -28.56 -9.63
N LEU A 264 59.02 -28.37 -8.80
CA LEU A 264 58.96 -27.23 -7.90
C LEU A 264 59.17 -27.66 -6.45
N ASP A 265 59.83 -26.80 -5.68
CA ASP A 265 59.88 -26.96 -4.24
C ASP A 265 58.60 -26.39 -3.64
N VAL A 266 57.59 -27.24 -3.48
CA VAL A 266 56.24 -26.85 -3.11
C VAL A 266 56.06 -26.89 -1.58
N GLU A 267 57.15 -27.15 -0.86
CA GLU A 267 57.10 -27.28 0.60
C GLU A 267 56.68 -26.01 1.34
N PRO A 268 57.09 -24.77 0.95
CA PRO A 268 56.43 -23.59 1.55
C PRO A 268 54.97 -23.43 1.12
N TYR A 269 54.60 -24.09 0.03
CA TYR A 269 53.24 -23.96 -0.48
C TYR A 269 52.35 -25.10 0.00
N ARG A 270 52.86 -25.97 0.87
CA ARG A 270 52.20 -27.23 1.19
C ARG A 270 51.06 -27.07 2.19
N TYR A 271 51.17 -26.09 3.09
CA TYR A 271 50.31 -26.10 4.26
C TYR A 271 49.20 -25.04 4.23
N SER A 272 49.27 -24.05 3.34
CA SER A 272 48.24 -23.02 3.30
C SER A 272 47.16 -23.31 2.27
N GLY A 273 47.30 -24.34 1.45
CA GLY A 273 46.23 -24.78 0.58
C GLY A 273 45.86 -23.87 -0.56
N VAL A 274 46.70 -23.76 -1.58
CA VAL A 274 46.41 -22.89 -2.71
C VAL A 274 45.82 -23.74 -3.83
N ASN A 275 45.50 -25.02 -3.52
CA ASN A 275 44.78 -25.96 -4.37
C ASN A 275 45.47 -26.32 -5.69
N MET A 276 46.70 -25.80 -5.94
CA MET A 276 47.32 -25.62 -7.27
C MET A 276 47.41 -26.94 -8.05
N THR A 277 46.97 -26.89 -9.31
CA THR A 277 46.80 -28.07 -10.13
C THR A 277 47.57 -27.91 -11.44
N GLY A 278 48.16 -29.00 -11.95
CA GLY A 278 48.83 -28.92 -13.22
C GLY A 278 48.65 -30.16 -14.07
N PHE A 279 49.71 -30.57 -14.75
CA PHE A 279 49.73 -31.81 -15.50
C PHE A 279 51.12 -32.40 -15.42
N ARG A 280 51.28 -33.59 -15.98
CA ARG A 280 52.57 -34.23 -16.14
C ARG A 280 52.42 -35.31 -17.19
N ILE A 281 53.44 -35.47 -18.02
CA ILE A 281 53.43 -36.55 -18.99
C ILE A 281 54.55 -37.52 -18.61
N LEU A 282 55.47 -37.06 -17.77
CA LEU A 282 56.60 -37.84 -17.33
C LEU A 282 56.11 -38.89 -16.34
N ASN A 283 56.53 -40.13 -16.51
CA ASN A 283 56.19 -41.18 -15.54
C ASN A 283 57.06 -41.08 -14.31
N THR A 284 56.45 -40.92 -13.14
CA THR A 284 57.18 -40.91 -11.88
C THR A 284 56.87 -42.19 -11.10
N GLU A 285 56.26 -43.14 -11.81
CA GLU A 285 55.84 -44.39 -11.19
C GLU A 285 56.74 -45.55 -11.54
N ASN A 286 56.93 -45.79 -12.85
CA ASN A 286 57.54 -47.02 -13.35
C ASN A 286 59.00 -47.18 -12.95
N THR A 287 59.37 -48.40 -12.55
CA THR A 287 60.71 -48.64 -12.03
C THR A 287 61.77 -48.55 -13.13
N GLN A 288 61.40 -48.92 -14.36
CA GLN A 288 62.32 -48.72 -15.48
C GLN A 288 62.46 -47.24 -15.79
N VAL A 289 61.38 -46.47 -15.64
CA VAL A 289 61.42 -45.05 -15.95
C VAL A 289 62.09 -44.27 -14.84
N SER A 290 61.73 -44.56 -13.59
CA SER A 290 62.25 -43.78 -12.47
C SER A 290 63.70 -44.12 -12.15
N SER A 291 64.24 -45.20 -12.72
CA SER A 291 65.67 -45.45 -12.61
C SER A 291 66.46 -44.53 -13.52
N ILE A 292 65.85 -44.08 -14.61
CA ILE A 292 66.55 -43.20 -15.56
C ILE A 292 66.69 -41.80 -14.96
N ILE A 293 65.66 -41.34 -14.26
CA ILE A 293 65.69 -40.02 -13.63
C ILE A 293 66.73 -39.98 -12.51
N GLU A 294 66.87 -41.09 -11.79
CA GLU A 294 67.87 -41.17 -10.73
C GLU A 294 69.27 -41.31 -11.32
N LYS A 295 69.38 -41.91 -12.51
CA LYS A 295 70.66 -42.01 -13.19
C LYS A 295 71.03 -40.67 -13.82
N TRP A 296 70.01 -39.89 -14.19
CA TRP A 296 70.18 -38.57 -14.80
C TRP A 296 70.92 -37.58 -13.91
N SER A 297 70.44 -37.39 -12.68
CA SER A 297 71.02 -36.43 -11.76
C SER A 297 72.41 -36.85 -11.29
N MET A 298 72.73 -38.14 -11.43
CA MET A 298 74.09 -38.61 -11.23
C MET A 298 74.98 -38.11 -12.38
N GLU A 299 74.40 -37.97 -13.56
CA GLU A 299 75.20 -37.51 -14.71
C GLU A 299 75.30 -35.99 -14.78
N ARG A 300 74.22 -35.28 -14.43
CA ARG A 300 74.30 -33.83 -14.33
C ARG A 300 75.23 -33.41 -13.21
N LEU A 301 74.80 -33.61 -11.97
CA LEU A 301 75.59 -33.60 -10.74
C LEU A 301 76.37 -32.29 -10.46
N GLN A 302 76.18 -31.27 -11.29
CA GLN A 302 77.05 -30.09 -11.26
C GLN A 302 76.32 -28.75 -11.22
N ALA A 303 75.10 -28.64 -11.74
CA ALA A 303 74.49 -27.31 -11.84
C ALA A 303 73.70 -26.97 -10.59
N PRO A 304 74.01 -25.85 -9.94
CA PRO A 304 73.25 -25.48 -8.74
C PRO A 304 72.04 -24.64 -9.10
N PRO A 305 70.92 -24.84 -8.40
CA PRO A 305 69.80 -23.92 -8.57
C PRO A 305 69.95 -22.69 -7.67
N LYS A 306 69.31 -21.58 -8.04
CA LYS A 306 69.29 -20.43 -7.15
C LYS A 306 68.36 -20.72 -5.97
N PRO A 307 68.81 -20.51 -4.73
CA PRO A 307 67.97 -20.88 -3.58
C PRO A 307 66.96 -19.81 -3.19
N ASP A 308 66.33 -19.18 -4.18
CA ASP A 308 65.23 -18.25 -3.99
C ASP A 308 64.15 -18.57 -5.03
N SER A 309 64.47 -19.52 -5.91
CA SER A 309 63.62 -19.90 -7.03
C SER A 309 62.33 -20.54 -6.56
N GLY A 310 62.43 -21.68 -5.90
CA GLY A 310 61.30 -22.54 -5.67
C GLY A 310 61.47 -23.79 -6.50
N LEU A 311 62.61 -23.90 -7.17
CA LEU A 311 62.94 -25.04 -8.01
C LEU A 311 63.72 -26.04 -7.16
N LEU A 312 63.39 -27.33 -7.29
CA LEU A 312 64.16 -28.37 -6.63
C LEU A 312 65.47 -28.59 -7.36
N ASP A 313 66.38 -29.33 -6.73
CA ASP A 313 67.71 -29.50 -7.31
C ASP A 313 67.73 -30.63 -8.33
N GLY A 314 67.42 -31.85 -7.91
CA GLY A 314 67.53 -33.01 -8.77
C GLY A 314 66.22 -33.34 -9.47
N PHE A 315 66.20 -33.11 -10.79
CA PHE A 315 65.00 -33.32 -11.59
C PHE A 315 65.37 -33.40 -13.07
N MET A 316 64.45 -33.87 -13.89
CA MET A 316 64.49 -33.63 -15.33
C MET A 316 63.38 -32.63 -15.63
N THR A 317 63.60 -31.80 -16.65
CA THR A 317 62.51 -31.05 -17.23
C THR A 317 61.70 -31.98 -18.13
N THR A 318 60.56 -31.50 -18.59
CA THR A 318 59.86 -32.20 -19.66
C THR A 318 60.62 -32.07 -20.97
N ASP A 319 61.41 -31.01 -21.13
CA ASP A 319 62.12 -30.79 -22.39
C ASP A 319 63.33 -31.71 -22.48
N ALA A 320 63.98 -32.00 -21.35
CA ALA A 320 65.02 -33.00 -21.35
C ALA A 320 64.44 -34.40 -21.39
N ALA A 321 63.18 -34.55 -20.98
CA ALA A 321 62.53 -35.85 -21.09
C ALA A 321 62.22 -36.19 -22.55
N LEU A 322 61.74 -35.20 -23.30
CA LEU A 322 61.32 -35.45 -24.68
C LEU A 322 62.51 -35.70 -25.60
N MET A 323 63.68 -35.18 -25.27
CA MET A 323 64.86 -35.48 -26.07
C MET A 323 65.35 -36.89 -25.81
N TYR A 324 65.18 -37.38 -24.58
CA TYR A 324 65.58 -38.75 -24.28
C TYR A 324 64.63 -39.73 -24.95
N ASP A 325 63.38 -39.34 -25.16
CA ASP A 325 62.48 -40.14 -25.96
C ASP A 325 62.81 -40.07 -27.44
N ALA A 326 63.16 -38.88 -27.93
CA ALA A 326 63.25 -38.65 -29.37
C ALA A 326 64.42 -39.38 -30.00
N VAL A 327 65.46 -39.65 -29.21
CA VAL A 327 66.56 -40.46 -29.73
C VAL A 327 66.11 -41.91 -29.85
N HIS A 328 65.26 -42.36 -28.92
CA HIS A 328 64.76 -43.73 -28.97
C HIS A 328 63.74 -43.93 -30.08
N VAL A 329 62.95 -42.89 -30.38
CA VAL A 329 61.94 -42.99 -31.43
C VAL A 329 62.60 -43.17 -32.79
N VAL A 330 63.74 -42.49 -32.99
CA VAL A 330 64.53 -42.73 -34.19
C VAL A 330 65.23 -44.08 -34.09
N SER A 331 65.56 -44.50 -32.85
CA SER A 331 66.27 -45.76 -32.67
C SER A 331 65.37 -46.96 -32.91
N VAL A 332 64.06 -46.77 -32.89
CA VAL A 332 63.16 -47.85 -33.28
C VAL A 332 63.16 -48.02 -34.79
N ALA A 333 63.12 -46.92 -35.52
CA ALA A 333 62.94 -47.01 -36.97
C ALA A 333 64.24 -47.34 -37.70
N VAL A 334 65.36 -47.43 -36.99
CA VAL A 334 66.59 -47.89 -37.65
C VAL A 334 66.70 -49.40 -37.55
N GLN A 335 65.95 -50.01 -36.65
CA GLN A 335 65.79 -51.47 -36.65
C GLN A 335 65.01 -51.92 -37.87
N GLN A 336 63.80 -51.39 -37.99
CA GLN A 336 62.80 -51.86 -38.94
C GLN A 336 63.21 -51.60 -40.39
N PHE A 337 64.11 -50.65 -40.59
CA PHE A 337 64.72 -50.46 -41.90
C PHE A 337 66.22 -50.68 -41.81
N PRO A 338 66.73 -51.86 -42.17
CA PRO A 338 68.18 -52.03 -42.32
C PRO A 338 68.71 -51.42 -43.60
N GLN A 339 69.97 -51.71 -43.92
CA GLN A 339 70.74 -51.31 -45.11
C GLN A 339 70.70 -49.80 -45.41
N MET A 340 70.45 -48.99 -44.39
CA MET A 340 70.47 -47.55 -44.57
C MET A 340 71.86 -46.99 -44.30
N THR A 341 72.32 -46.11 -45.18
CA THR A 341 73.68 -45.59 -45.09
C THR A 341 73.64 -44.09 -44.89
N VAL A 342 74.81 -43.52 -44.62
CA VAL A 342 74.99 -42.08 -44.45
C VAL A 342 75.44 -41.47 -45.77
N SER A 343 74.68 -40.51 -46.29
CA SER A 343 74.97 -39.92 -47.59
C SER A 343 75.29 -38.44 -47.39
N SER A 344 76.49 -38.05 -47.82
CA SER A 344 76.88 -36.64 -47.85
C SER A 344 76.07 -35.91 -48.91
N LEU A 345 75.34 -34.87 -48.50
CA LEU A 345 74.36 -34.24 -49.38
C LEU A 345 74.43 -32.72 -49.21
N GLN A 346 74.53 -32.00 -50.33
CA GLN A 346 74.83 -30.58 -50.32
C GLN A 346 73.55 -29.78 -50.56
N CYS A 347 73.45 -28.63 -49.91
CA CYS A 347 72.29 -27.75 -50.03
C CYS A 347 72.24 -27.08 -51.39
N ASN A 348 73.39 -26.55 -51.85
CA ASN A 348 73.47 -25.87 -53.14
C ASN A 348 73.39 -26.86 -54.29
N ARG A 349 73.74 -28.11 -54.04
CA ARG A 349 73.65 -29.19 -55.02
C ARG A 349 72.39 -29.99 -54.78
N HIS A 350 71.28 -29.29 -54.51
CA HIS A 350 69.99 -29.80 -54.04
C HIS A 350 69.46 -31.02 -54.77
N LYS A 351 69.32 -32.12 -54.02
CA LYS A 351 68.88 -33.41 -54.54
C LYS A 351 68.32 -34.17 -53.33
N PRO A 352 67.03 -34.56 -53.37
CA PRO A 352 66.43 -35.26 -52.23
C PRO A 352 67.06 -36.61 -51.93
N TRP A 353 67.22 -36.93 -50.65
CA TRP A 353 67.88 -38.15 -50.22
C TRP A 353 66.99 -39.36 -50.45
N ARG A 354 67.59 -40.50 -50.80
CA ARG A 354 66.87 -41.62 -51.35
C ARG A 354 66.11 -42.43 -50.30
N PHE A 355 66.78 -42.74 -49.18
CA PHE A 355 66.17 -43.57 -48.17
C PHE A 355 65.17 -42.83 -47.30
N GLY A 356 65.02 -41.51 -47.50
CA GLY A 356 64.24 -40.65 -46.63
C GLY A 356 62.77 -40.97 -46.49
N THR A 357 62.05 -41.09 -47.61
CA THR A 357 60.61 -41.31 -47.61
C THR A 357 60.24 -42.64 -46.99
N ARG A 358 61.12 -43.64 -47.15
CA ARG A 358 60.95 -44.90 -46.42
C ARG A 358 61.22 -44.71 -44.95
N PHE A 359 62.33 -44.02 -44.63
CA PHE A 359 62.73 -43.87 -43.23
C PHE A 359 61.86 -42.87 -42.49
N MET A 360 61.23 -41.93 -43.21
CA MET A 360 60.30 -41.02 -42.56
C MET A 360 59.00 -41.74 -42.21
N SER A 361 58.60 -42.71 -43.05
CA SER A 361 57.33 -43.40 -42.85
C SER A 361 57.38 -44.30 -41.62
N LEU A 362 58.55 -44.84 -41.31
CA LEU A 362 58.66 -45.75 -40.17
C LEU A 362 58.75 -44.99 -38.86
N ILE A 363 59.20 -43.73 -38.92
CA ILE A 363 59.22 -42.88 -37.73
C ILE A 363 57.80 -42.49 -37.39
N LYS A 364 57.01 -42.15 -38.41
CA LYS A 364 55.62 -41.75 -38.23
C LYS A 364 54.74 -42.90 -37.75
N GLU A 365 55.18 -44.14 -37.99
CA GLU A 365 54.48 -45.33 -37.52
C GLU A 365 55.03 -45.87 -36.21
N ALA A 366 56.08 -45.26 -35.66
CA ALA A 366 56.78 -45.84 -34.52
C ALA A 366 56.02 -45.68 -33.21
N HIS A 367 56.23 -46.62 -32.29
CA HIS A 367 55.64 -46.59 -30.96
C HIS A 367 56.73 -46.86 -29.94
N TRP A 368 56.60 -46.24 -28.77
CA TRP A 368 57.64 -46.35 -27.76
C TRP A 368 57.06 -45.99 -26.40
N GLU A 369 57.63 -46.61 -25.36
CA GLU A 369 57.17 -46.48 -23.98
C GLU A 369 58.29 -45.90 -23.12
N GLY A 370 58.86 -44.78 -23.55
CA GLY A 370 59.98 -44.19 -22.86
C GLY A 370 59.57 -43.38 -21.64
N LEU A 371 60.15 -42.18 -21.50
CA LEU A 371 59.91 -41.40 -20.30
C LEU A 371 58.52 -40.76 -20.28
N THR A 372 58.09 -40.17 -21.39
CA THR A 372 56.81 -39.47 -21.37
C THR A 372 55.66 -40.34 -21.85
N GLY A 373 55.52 -41.53 -21.27
CA GLY A 373 54.38 -42.37 -21.58
C GLY A 373 54.46 -43.02 -22.95
N ARG A 374 53.34 -43.00 -23.67
CA ARG A 374 53.23 -43.64 -24.96
C ARG A 374 53.55 -42.62 -26.05
N ILE A 375 54.30 -43.05 -27.06
CA ILE A 375 54.69 -42.16 -28.14
C ILE A 375 54.04 -42.65 -29.42
N THR A 376 52.88 -42.10 -29.76
CA THR A 376 52.21 -42.43 -31.00
C THR A 376 51.89 -41.16 -31.78
N PHE A 377 52.31 -41.13 -33.04
CA PHE A 377 52.21 -39.94 -33.86
C PHE A 377 50.86 -39.86 -34.53
N ASN A 378 50.71 -38.96 -35.51
CA ASN A 378 49.39 -38.54 -35.93
C ASN A 378 49.00 -39.05 -37.31
N LYS A 379 49.98 -39.44 -38.15
CA LYS A 379 49.85 -40.03 -39.50
C LYS A 379 49.36 -39.05 -40.55
N THR A 380 48.95 -37.86 -40.11
CA THR A 380 48.79 -36.63 -40.86
C THR A 380 50.14 -35.93 -40.61
N ASN A 381 50.18 -34.60 -40.59
CA ASN A 381 51.25 -33.85 -39.95
C ASN A 381 51.78 -34.49 -38.67
N GLY A 382 53.10 -34.61 -38.56
CA GLY A 382 53.72 -35.58 -37.67
C GLY A 382 53.75 -35.26 -36.19
N LEU A 383 52.74 -34.55 -35.70
CA LEU A 383 52.67 -34.15 -34.30
C LEU A 383 52.28 -35.33 -33.42
N ARG A 384 52.13 -35.10 -32.12
CA ARG A 384 51.52 -36.13 -31.27
C ARG A 384 50.32 -35.49 -30.57
N THR A 385 49.15 -36.09 -30.80
CA THR A 385 47.92 -35.69 -30.15
C THR A 385 47.30 -36.82 -29.34
N ASP A 386 48.02 -37.93 -29.17
CA ASP A 386 47.57 -39.09 -28.44
C ASP A 386 48.65 -39.46 -27.43
N PHE A 387 48.37 -39.23 -26.16
CA PHE A 387 49.35 -39.28 -25.09
C PHE A 387 48.66 -39.43 -23.74
N ASP A 388 49.46 -39.74 -22.73
CA ASP A 388 48.93 -40.14 -21.43
C ASP A 388 49.41 -39.16 -20.36
N LEU A 389 48.53 -38.23 -19.99
CA LEU A 389 48.84 -37.27 -18.94
C LEU A 389 48.54 -37.88 -17.57
N ASP A 390 49.08 -37.27 -16.52
CA ASP A 390 48.78 -37.62 -15.14
C ASP A 390 48.41 -36.33 -14.41
N VAL A 391 47.12 -36.04 -14.29
CA VAL A 391 46.69 -34.76 -13.77
C VAL A 391 46.92 -34.67 -12.26
N ILE A 392 47.94 -33.91 -11.88
CA ILE A 392 48.36 -33.82 -10.48
C ILE A 392 47.94 -32.48 -9.89
N SER A 393 47.88 -32.43 -8.55
CA SER A 393 47.48 -31.21 -7.86
C SER A 393 48.12 -31.20 -6.48
N LEU A 394 47.74 -30.20 -5.69
CA LEU A 394 48.34 -29.96 -4.38
C LEU A 394 47.49 -30.61 -3.30
N LYS A 395 48.13 -31.46 -2.48
CA LYS A 395 47.43 -32.18 -1.42
C LYS A 395 48.12 -31.91 -0.09
N GLU A 396 47.75 -32.67 0.94
CA GLU A 396 48.37 -32.57 2.26
C GLU A 396 49.85 -32.93 2.19
N GLU A 397 50.16 -34.03 1.52
CA GLU A 397 51.54 -34.38 1.19
C GLU A 397 52.11 -33.39 0.20
N GLY A 398 51.29 -32.95 -0.75
CA GLY A 398 51.74 -32.10 -1.83
C GLY A 398 51.27 -32.59 -3.17
N LEU A 399 52.19 -32.98 -4.05
CA LEU A 399 51.82 -33.38 -5.39
C LEU A 399 51.54 -34.89 -5.45
N GLU A 400 50.50 -35.24 -6.19
CA GLU A 400 49.96 -36.59 -6.22
C GLU A 400 49.13 -36.82 -7.48
N LYS A 401 49.28 -37.98 -8.11
CA LYS A 401 48.47 -38.35 -9.28
C LYS A 401 47.03 -38.58 -8.86
N ILE A 402 46.16 -37.60 -9.13
CA ILE A 402 44.77 -37.71 -8.72
C ILE A 402 43.88 -37.91 -9.94
N GLY A 403 44.46 -38.42 -11.03
CA GLY A 403 43.67 -38.78 -12.19
C GLY A 403 44.50 -39.15 -13.40
N THR A 404 43.86 -39.22 -14.57
CA THR A 404 44.54 -39.55 -15.82
C THR A 404 43.74 -38.99 -17.00
N TRP A 405 44.35 -38.13 -17.80
CA TRP A 405 43.68 -37.64 -19.00
C TRP A 405 44.20 -38.41 -20.21
N ASP A 406 43.30 -38.66 -21.15
CA ASP A 406 43.59 -39.46 -22.32
C ASP A 406 42.62 -38.96 -23.39
N PRO A 407 43.12 -38.46 -24.55
CA PRO A 407 42.25 -37.78 -25.54
C PRO A 407 41.10 -38.60 -26.08
N ALA A 408 41.28 -39.92 -26.16
CA ALA A 408 40.18 -40.80 -26.54
C ALA A 408 39.12 -40.84 -25.45
N SER A 409 39.53 -41.09 -24.21
CA SER A 409 38.61 -41.26 -23.10
C SER A 409 38.07 -39.93 -22.59
N GLY A 410 38.98 -39.01 -22.24
CA GLY A 410 38.60 -37.81 -21.52
C GLY A 410 39.17 -37.86 -20.13
N LEU A 411 38.63 -37.08 -19.20
CA LEU A 411 39.07 -37.20 -17.81
C LEU A 411 38.60 -38.49 -17.18
N ASN A 412 39.54 -39.31 -16.72
CA ASN A 412 39.21 -40.40 -15.81
C ASN A 412 39.70 -39.97 -14.43
N MET A 413 39.52 -38.70 -14.12
CA MET A 413 39.87 -38.16 -12.82
C MET A 413 38.85 -38.65 -11.79
N THR A 414 39.20 -39.72 -11.08
CA THR A 414 38.25 -40.42 -10.23
C THR A 414 38.08 -39.74 -8.88
N GLU A 415 39.19 -39.64 -8.14
CA GLU A 415 39.43 -38.99 -6.85
C GLU A 415 38.82 -39.75 -5.66
N SER A 416 37.82 -40.62 -5.90
CA SER A 416 37.61 -41.95 -5.29
C SER A 416 38.20 -42.24 -3.90
N GLN A 417 38.00 -41.35 -2.93
CA GLN A 417 38.65 -41.50 -1.63
C GLN A 417 37.61 -41.26 -0.55
N LYS A 418 38.00 -41.46 0.72
CA LYS A 418 37.16 -41.34 1.91
C LYS A 418 36.42 -40.00 2.00
N GLY A 419 35.33 -39.98 2.77
CA GLY A 419 34.32 -38.97 2.62
C GLY A 419 33.04 -39.41 3.30
N LYS A 420 31.95 -39.46 2.55
CA LYS A 420 30.71 -40.13 2.97
C LYS A 420 30.89 -41.54 3.56
N PRO A 421 31.85 -42.38 3.14
CA PRO A 421 32.13 -43.58 3.95
C PRO A 421 32.89 -43.31 5.25
N ALA A 422 33.61 -42.18 5.35
CA ALA A 422 34.54 -42.00 6.46
C ALA A 422 33.87 -41.57 7.76
N ASN A 423 33.17 -40.44 7.76
CA ASN A 423 32.80 -39.77 9.00
C ASN A 423 31.35 -40.01 9.40
N ILE A 424 30.44 -40.14 8.43
CA ILE A 424 28.98 -39.98 8.55
C ILE A 424 28.34 -40.82 9.67
N THR A 425 28.98 -41.94 10.04
CA THR A 425 28.51 -42.80 11.13
C THR A 425 28.41 -42.08 12.47
N ASP A 426 29.28 -41.10 12.71
CA ASP A 426 29.16 -40.24 13.88
C ASP A 426 29.42 -38.77 13.51
N SER A 427 28.61 -37.87 14.07
CA SER A 427 28.78 -36.46 13.75
C SER A 427 28.77 -35.62 15.02
N LEU A 428 29.96 -35.43 15.61
CA LEU A 428 30.24 -34.64 16.81
C LEU A 428 29.31 -34.96 17.98
N SER A 429 28.95 -36.23 18.14
CA SER A 429 28.10 -36.67 19.23
C SER A 429 28.76 -36.52 20.60
N ASN A 430 27.94 -36.46 21.65
CA ASN A 430 28.34 -36.18 23.03
C ASN A 430 29.08 -34.85 23.18
N ARG A 431 28.80 -33.88 22.32
CA ARG A 431 29.38 -32.55 22.45
C ARG A 431 28.63 -31.75 23.50
N SER A 432 29.39 -31.13 24.40
CA SER A 432 28.81 -30.21 25.36
C SER A 432 28.46 -28.91 24.67
N LEU A 433 27.25 -28.40 24.93
CA LEU A 433 26.82 -27.17 24.32
C LEU A 433 27.48 -25.97 24.99
N ILE A 434 27.32 -24.81 24.36
CA ILE A 434 27.77 -23.54 24.90
C ILE A 434 26.54 -22.67 25.02
N VAL A 435 26.14 -22.37 26.25
CA VAL A 435 24.90 -21.65 26.49
C VAL A 435 25.23 -20.22 26.86
N THR A 436 24.86 -19.26 26.01
CA THR A 436 25.05 -17.87 26.38
C THR A 436 23.91 -17.45 27.29
N THR A 437 24.17 -16.43 28.11
CA THR A 437 23.23 -15.91 29.09
C THR A 437 23.76 -14.56 29.56
N ILE A 438 23.07 -13.96 30.51
CA ILE A 438 23.43 -12.64 31.02
C ILE A 438 22.89 -12.52 32.44
N LEU A 439 23.64 -11.79 33.27
CA LEU A 439 23.19 -11.48 34.62
C LEU A 439 21.94 -10.62 34.61
N GLU A 440 20.87 -11.14 35.17
CA GLU A 440 19.67 -10.36 35.48
C GLU A 440 18.95 -11.04 36.62
N GLU A 441 18.72 -10.28 37.67
CA GLU A 441 18.11 -10.82 38.87
C GLU A 441 16.61 -10.93 38.66
N PRO A 442 15.96 -12.05 39.04
CA PRO A 442 16.50 -13.26 39.65
C PRO A 442 16.74 -14.39 38.66
N TYR A 443 16.93 -14.07 37.39
CA TYR A 443 17.01 -15.13 36.38
C TYR A 443 18.35 -15.84 36.44
N VAL A 444 19.43 -15.11 36.21
CA VAL A 444 20.79 -15.62 36.35
C VAL A 444 21.56 -14.66 37.23
N LEU A 445 22.21 -15.19 38.26
CA LEU A 445 22.99 -14.39 39.18
C LEU A 445 24.06 -15.28 39.80
N PHE A 446 25.14 -14.66 40.26
CA PHE A 446 26.23 -15.42 40.84
C PHE A 446 25.85 -16.02 42.20
N LYS A 447 26.32 -17.25 42.42
CA LYS A 447 26.05 -17.95 43.67
C LYS A 447 26.94 -17.42 44.77
N LYS A 448 26.37 -17.26 45.96
CA LYS A 448 27.10 -16.74 47.12
C LYS A 448 27.83 -17.90 47.79
N SER A 449 29.13 -18.00 47.53
CA SER A 449 29.95 -19.02 48.17
C SER A 449 31.38 -18.50 48.25
N ASP A 450 32.09 -18.97 49.28
CA ASP A 450 33.46 -18.51 49.51
C ASP A 450 34.47 -19.27 48.66
N LYS A 451 34.09 -20.48 48.21
CA LYS A 451 35.00 -21.39 47.54
C LYS A 451 35.39 -20.86 46.16
N PRO A 452 36.51 -21.35 45.60
CA PRO A 452 36.86 -20.99 44.21
C PRO A 452 35.94 -21.65 43.22
N LEU A 453 34.82 -21.00 42.91
CA LEU A 453 33.76 -21.56 42.09
C LEU A 453 34.24 -21.84 40.66
N TYR A 454 33.89 -23.03 40.16
CA TYR A 454 34.44 -23.57 38.91
C TYR A 454 33.34 -23.87 37.91
N GLY A 455 33.47 -23.29 36.71
CA GLY A 455 32.70 -23.78 35.58
C GLY A 455 31.26 -23.32 35.63
N ASN A 456 30.37 -24.24 35.99
CA ASN A 456 28.95 -23.94 36.12
C ASN A 456 28.52 -23.81 37.56
N ASP A 457 29.45 -23.89 38.51
CA ASP A 457 29.09 -23.90 39.92
C ASP A 457 28.65 -22.52 40.37
N ARG A 458 29.28 -21.47 39.84
CA ARG A 458 29.04 -20.10 40.30
C ARG A 458 27.66 -19.54 39.93
N PHE A 459 26.91 -20.21 39.08
CA PHE A 459 25.62 -19.69 38.61
C PHE A 459 24.45 -20.33 39.35
N GLU A 460 23.50 -19.49 39.73
CA GLU A 460 22.24 -19.95 40.31
C GLU A 460 21.15 -18.99 39.86
N GLY A 461 19.91 -19.45 39.94
CA GLY A 461 18.79 -18.61 39.60
C GLY A 461 17.71 -19.42 38.92
N TYR A 462 16.78 -18.69 38.29
CA TYR A 462 15.66 -19.33 37.61
C TYR A 462 16.12 -20.04 36.34
N CYS A 463 16.76 -19.30 35.44
CA CYS A 463 16.99 -19.80 34.09
C CYS A 463 18.02 -20.91 34.03
N ILE A 464 19.01 -20.91 34.93
CA ILE A 464 19.86 -22.09 34.97
C ILE A 464 19.13 -23.27 35.59
N ASP A 465 18.25 -23.04 36.56
CA ASP A 465 17.47 -24.14 37.11
C ASP A 465 16.41 -24.62 36.15
N LEU A 466 16.01 -23.77 35.21
CA LEU A 466 15.32 -24.24 34.02
C LEU A 466 16.21 -25.16 33.20
N LEU A 467 17.44 -24.72 32.94
CA LEU A 467 18.35 -25.50 32.11
C LEU A 467 18.89 -26.72 32.84
N ARG A 468 18.88 -26.72 34.18
CA ARG A 468 19.15 -27.96 34.92
C ARG A 468 18.08 -29.01 34.66
N GLU A 469 16.85 -28.59 34.41
CA GLU A 469 15.78 -29.53 34.12
C GLU A 469 15.66 -29.85 32.64
N LEU A 470 16.03 -28.92 31.75
CA LEU A 470 16.07 -29.24 30.34
C LEU A 470 17.18 -30.22 30.02
N SER A 471 18.28 -30.17 30.79
CA SER A 471 19.38 -31.09 30.57
CA SER A 471 19.38 -31.09 30.57
C SER A 471 19.02 -32.51 31.02
N THR A 472 18.16 -32.64 32.01
CA THR A 472 17.73 -33.96 32.45
C THR A 472 16.79 -34.58 31.42
N ILE A 473 15.96 -33.77 30.78
CA ILE A 473 15.00 -34.28 29.81
C ILE A 473 15.69 -34.66 28.51
N LEU A 474 16.37 -33.70 27.89
CA LEU A 474 16.96 -33.94 26.58
C LEU A 474 18.27 -34.72 26.65
N GLY A 475 18.89 -34.79 27.82
CA GLY A 475 20.08 -35.61 27.99
C GLY A 475 21.33 -35.08 27.33
N PHE A 476 21.58 -33.78 27.47
CA PHE A 476 22.80 -33.17 26.94
C PHE A 476 23.62 -32.62 28.10
N THR A 477 24.71 -31.93 27.77
CA THR A 477 25.59 -31.33 28.77
C THR A 477 25.76 -29.86 28.44
N TYR A 478 25.20 -28.99 29.27
CA TYR A 478 25.37 -27.57 29.04
C TYR A 478 26.66 -27.08 29.69
N GLU A 479 27.08 -25.89 29.28
CA GLU A 479 28.30 -25.29 29.82
C GLU A 479 28.09 -23.78 29.74
N ILE A 480 27.75 -23.17 30.88
CA ILE A 480 27.31 -21.78 30.91
C ILE A 480 28.47 -20.86 30.57
N ARG A 481 28.21 -19.90 29.70
CA ARG A 481 29.17 -18.88 29.33
C ARG A 481 28.41 -17.56 29.26
N LEU A 482 29.01 -16.47 29.72
CA LEU A 482 28.31 -15.20 29.69
C LEU A 482 28.28 -14.65 28.27
N VAL A 483 27.46 -13.62 28.08
CA VAL A 483 27.56 -12.82 26.89
C VAL A 483 28.74 -11.86 27.07
N GLU A 484 29.44 -11.54 25.99
CA GLU A 484 30.67 -10.77 26.11
C GLU A 484 30.39 -9.27 26.25
N ASP A 485 29.61 -8.71 25.35
CA ASP A 485 29.37 -7.27 25.35
C ASP A 485 28.38 -6.80 26.42
N GLY A 486 27.76 -7.72 27.16
CA GLY A 486 26.90 -7.35 28.26
C GLY A 486 25.54 -6.81 27.87
N LYS A 487 25.16 -6.89 26.60
CA LYS A 487 23.83 -6.48 26.17
C LYS A 487 22.94 -7.70 25.97
N TYR A 488 21.64 -7.43 25.80
CA TYR A 488 20.68 -8.48 25.49
C TYR A 488 20.70 -8.79 23.99
N GLY A 489 20.27 -7.82 23.19
CA GLY A 489 20.34 -7.91 21.75
C GLY A 489 19.57 -6.79 21.09
N ALA A 490 20.18 -6.13 20.11
CA ALA A 490 19.55 -4.99 19.46
C ALA A 490 20.21 -4.78 18.11
N GLN A 491 19.48 -4.14 17.21
CA GLN A 491 19.97 -3.84 15.88
C GLN A 491 20.57 -2.43 15.90
N ASP A 492 21.87 -2.34 15.60
CA ASP A 492 22.57 -1.07 15.70
C ASP A 492 22.25 -0.12 14.55
N ASP A 493 21.56 -0.61 13.52
CA ASP A 493 20.98 0.03 12.33
C ASP A 493 21.83 1.15 11.71
N VAL A 494 23.15 0.99 11.79
CA VAL A 494 24.10 1.81 11.06
C VAL A 494 24.83 0.87 10.12
N ASN A 495 25.49 -0.14 10.70
CA ASN A 495 25.96 -1.29 9.95
C ASN A 495 24.87 -2.34 9.73
N GLY A 496 23.73 -2.19 10.38
CA GLY A 496 22.67 -3.18 10.28
C GLY A 496 22.95 -4.45 11.04
N GLN A 497 23.93 -4.47 11.92
CA GLN A 497 24.34 -5.67 12.63
C GLN A 497 23.64 -5.75 13.98
N TRP A 498 24.09 -6.71 14.79
CA TRP A 498 23.49 -7.03 16.07
C TRP A 498 24.54 -6.96 17.18
N ASN A 499 24.07 -6.84 18.41
CA ASN A 499 24.90 -6.94 19.60
C ASN A 499 24.25 -7.94 20.55
N GLY A 500 24.89 -8.14 21.71
CA GLY A 500 24.26 -8.92 22.76
C GLY A 500 24.25 -10.41 22.48
N MET A 501 23.28 -11.09 23.07
CA MET A 501 23.16 -12.54 22.90
C MET A 501 22.66 -12.91 21.52
N VAL A 502 21.94 -12.00 20.85
CA VAL A 502 21.48 -12.25 19.50
C VAL A 502 22.67 -12.34 18.54
N ARG A 503 23.66 -11.48 18.73
CA ARG A 503 24.89 -11.57 17.96
C ARG A 503 25.69 -12.81 18.31
N GLU A 504 25.57 -13.29 19.55
CA GLU A 504 26.22 -14.53 19.95
C GLU A 504 25.60 -15.76 19.29
N LEU A 505 24.35 -15.68 18.86
CA LEU A 505 23.68 -16.82 18.25
C LEU A 505 23.81 -16.85 16.74
N ILE A 506 23.76 -15.67 16.10
CA ILE A 506 23.84 -15.61 14.64
C ILE A 506 25.22 -16.05 14.17
N ASP A 507 26.26 -15.68 14.91
CA ASP A 507 27.62 -16.08 14.60
C ASP A 507 27.96 -17.48 15.11
N HIS A 508 26.98 -18.18 15.69
CA HIS A 508 27.10 -19.57 16.18
C HIS A 508 28.20 -19.72 17.22
N LYS A 509 28.46 -18.68 18.01
CA LYS A 509 29.44 -18.78 19.08
C LYS A 509 28.91 -19.64 20.22
N ALA A 510 27.64 -19.45 20.58
CA ALA A 510 27.01 -20.19 21.65
C ALA A 510 25.72 -20.81 21.14
N ASP A 511 25.43 -22.02 21.61
CA ASP A 511 24.39 -22.83 20.98
C ASP A 511 23.00 -22.56 21.52
N LEU A 512 22.88 -22.22 22.80
CA LEU A 512 21.60 -21.84 23.36
C LEU A 512 21.64 -20.38 23.79
N ALA A 513 20.50 -19.87 24.23
CA ALA A 513 20.40 -18.53 24.79
C ALA A 513 19.45 -18.53 25.98
N VAL A 514 19.65 -19.47 26.90
CA VAL A 514 18.77 -19.65 28.04
C VAL A 514 18.90 -18.44 28.96
N ALA A 515 17.89 -17.57 28.94
CA ALA A 515 18.03 -16.20 29.39
C ALA A 515 16.66 -15.53 29.47
N PRO A 516 16.55 -14.30 30.00
CA PRO A 516 15.32 -13.51 29.79
C PRO A 516 15.21 -12.85 28.42
N LEU A 517 15.88 -13.38 27.40
CA LEU A 517 15.74 -12.94 26.02
C LEU A 517 14.29 -13.02 25.56
N ALA A 518 13.68 -11.88 25.30
CA ALA A 518 12.27 -11.82 24.98
C ALA A 518 12.00 -12.28 23.56
N ILE A 519 10.72 -12.35 23.21
CA ILE A 519 10.28 -12.75 21.87
C ILE A 519 9.67 -11.52 21.21
N THR A 520 10.35 -10.99 20.20
CA THR A 520 9.84 -9.85 19.44
C THR A 520 9.86 -10.17 17.96
N TYR A 521 9.33 -9.22 17.18
CA TYR A 521 9.22 -9.37 15.74
C TYR A 521 10.58 -9.28 15.05
N VAL A 522 11.43 -8.36 15.50
CA VAL A 522 12.72 -8.15 14.85
C VAL A 522 13.76 -9.19 15.23
N ARG A 523 13.51 -9.99 16.27
CA ARG A 523 14.45 -11.02 16.68
C ARG A 523 14.13 -12.37 16.06
N GLU A 524 12.86 -12.65 15.80
CA GLU A 524 12.46 -13.94 15.26
C GLU A 524 12.93 -14.13 13.82
N LYS A 525 13.17 -13.03 13.09
CA LYS A 525 13.61 -13.12 11.71
C LYS A 525 15.03 -13.64 11.57
N VAL A 526 15.87 -13.53 12.60
CA VAL A 526 17.28 -13.87 12.47
C VAL A 526 17.67 -15.09 13.29
N ILE A 527 16.95 -15.37 14.38
CA ILE A 527 17.23 -16.53 15.22
C ILE A 527 15.92 -17.27 15.47
N ASP A 528 16.04 -18.47 16.01
CA ASP A 528 14.89 -19.36 16.22
C ASP A 528 14.63 -19.48 17.71
N PHE A 529 13.45 -19.04 18.13
CA PHE A 529 12.99 -19.18 19.50
C PHE A 529 12.25 -20.49 19.69
N SER A 530 12.16 -20.91 20.94
CA SER A 530 11.28 -22.00 21.32
C SER A 530 9.94 -21.40 21.74
N LYS A 531 9.05 -22.23 22.27
CA LYS A 531 7.85 -21.72 22.90
C LYS A 531 8.23 -21.03 24.19
N PRO A 532 7.41 -20.08 24.65
CA PRO A 532 7.75 -19.37 25.90
C PRO A 532 7.68 -20.29 27.11
N PHE A 533 8.56 -20.01 28.06
CA PHE A 533 8.44 -20.58 29.40
C PHE A 533 7.93 -19.58 30.42
N MET A 534 7.60 -18.36 29.99
CA MET A 534 7.11 -17.31 30.87
C MET A 534 6.45 -16.26 30.00
N THR A 535 5.40 -15.64 30.51
CA THR A 535 4.65 -14.62 29.78
CA THR A 535 4.65 -14.62 29.78
C THR A 535 4.92 -13.25 30.40
N LEU A 536 5.28 -12.29 29.56
CA LEU A 536 5.66 -10.95 29.99
C LEU A 536 4.51 -9.96 29.95
N GLY A 537 4.88 -8.69 30.09
CA GLY A 537 4.06 -7.54 29.82
C GLY A 537 4.85 -6.29 30.18
N ILE A 538 4.88 -5.30 29.32
CA ILE A 538 5.61 -4.07 29.62
C ILE A 538 4.74 -3.20 30.53
N SER A 539 5.34 -2.70 31.62
CA SER A 539 4.61 -1.83 32.52
C SER A 539 5.58 -0.88 33.19
N ILE A 540 5.08 -0.14 34.17
CA ILE A 540 5.80 1.00 34.76
C ILE A 540 6.13 0.70 36.21
N LEU A 541 7.41 0.73 36.55
CA LEU A 541 7.87 0.65 37.92
C LEU A 541 7.98 2.06 38.48
N TYR A 542 7.31 2.31 39.61
CA TYR A 542 7.27 3.64 40.20
C TYR A 542 7.00 3.51 41.69
N ARG A 543 7.41 4.53 42.45
CA ARG A 543 7.28 4.49 43.90
C ARG A 543 5.83 4.61 44.34
N LYS A 544 5.49 3.91 45.42
CA LYS A 544 4.20 4.12 46.04
C LYS A 544 4.20 5.45 46.78
N PRO A 545 3.18 6.28 46.61
CA PRO A 545 3.09 7.50 47.41
C PRO A 545 2.79 7.18 48.86
N ASN A 546 3.44 7.93 49.74
CA ASN A 546 3.41 7.61 51.16
C ASN A 546 2.11 8.08 51.79
N GLY A 547 1.33 7.12 52.28
CA GLY A 547 0.05 7.36 52.91
C GLY A 547 0.20 7.80 54.35
N THR A 548 0.50 9.08 54.55
CA THR A 548 0.61 9.67 55.88
C THR A 548 -0.67 9.49 56.65
N ASN A 549 -0.56 8.86 57.83
CA ASN A 549 -1.71 8.42 58.57
C ASN A 549 -2.48 9.61 59.17
N PRO A 550 -3.80 9.49 59.29
CA PRO A 550 -4.55 10.53 60.02
C PRO A 550 -4.35 10.38 61.53
N GLY A 551 -3.27 10.98 62.04
CA GLY A 551 -2.86 10.92 63.43
C GLY A 551 -3.93 11.23 64.46
N VAL A 552 -3.69 10.82 65.71
CA VAL A 552 -4.74 10.61 66.71
C VAL A 552 -5.50 11.87 67.12
N PHE A 553 -5.00 13.04 66.74
CA PHE A 553 -5.82 14.24 66.83
C PHE A 553 -6.49 14.55 65.49
N SER A 554 -7.17 13.56 64.93
CA SER A 554 -7.77 13.69 63.61
C SER A 554 -9.12 14.39 63.64
N PHE A 555 -9.84 14.32 64.76
CA PHE A 555 -11.19 14.86 64.82
C PHE A 555 -11.22 16.38 64.95
N LEU A 556 -10.07 17.03 65.15
CA LEU A 556 -10.05 18.49 65.16
C LEU A 556 -9.99 19.07 63.75
N ASN A 557 -9.70 18.23 62.76
CA ASN A 557 -9.58 18.66 61.37
C ASN A 557 -10.82 19.29 60.71
N PRO A 558 -12.08 18.87 60.95
CA PRO A 558 -13.19 19.50 60.21
C PRO A 558 -13.46 20.96 60.52
N LEU A 559 -12.82 21.56 61.51
CA LEU A 559 -12.86 22.99 61.69
C LEU A 559 -11.45 23.55 61.73
N SER A 560 -11.32 24.80 61.29
CA SER A 560 -10.01 25.44 61.23
C SER A 560 -9.56 25.80 62.65
N PRO A 561 -8.23 25.84 62.88
CA PRO A 561 -7.73 26.10 64.25
C PRO A 561 -8.05 27.48 64.81
N ASP A 562 -8.45 28.44 63.97
CA ASP A 562 -8.96 29.69 64.52
C ASP A 562 -10.45 29.63 64.83
N ILE A 563 -11.17 28.68 64.25
CA ILE A 563 -12.60 28.55 64.52
C ILE A 563 -12.82 27.88 65.87
N TRP A 564 -11.95 26.91 66.22
CA TRP A 564 -12.00 26.32 67.54
C TRP A 564 -11.69 27.33 68.64
N MET A 565 -10.87 28.34 68.33
CA MET A 565 -10.72 29.45 69.26
C MET A 565 -11.96 30.33 69.27
N TYR A 566 -12.57 30.54 68.11
CA TYR A 566 -13.75 31.40 68.04
C TYR A 566 -14.95 30.77 68.73
N VAL A 567 -15.05 29.45 68.73
CA VAL A 567 -16.06 28.78 69.53
C VAL A 567 -15.73 28.89 71.02
N LEU A 568 -14.44 28.77 71.37
CA LEU A 568 -14.03 28.86 72.77
C LEU A 568 -14.19 30.27 73.29
N LEU A 569 -13.87 31.29 72.49
CA LEU A 569 -14.17 32.66 72.89
C LEU A 569 -15.66 32.97 72.84
N ALA A 570 -16.46 32.18 72.13
CA ALA A 570 -17.90 32.36 72.20
C ALA A 570 -18.46 31.86 73.53
N CYS A 571 -18.14 30.61 73.90
CA CYS A 571 -18.62 30.06 75.16
C CYS A 571 -17.95 30.67 76.38
N LEU A 572 -16.83 31.38 76.20
CA LEU A 572 -16.33 32.26 77.24
C LEU A 572 -16.95 33.65 77.15
N GLY A 573 -17.47 34.02 75.99
CA GLY A 573 -18.09 35.32 75.81
C GLY A 573 -19.56 35.33 76.16
N VAL A 574 -20.33 34.43 75.53
CA VAL A 574 -21.78 34.37 75.71
C VAL A 574 -22.14 34.00 77.15
N SER A 575 -21.30 33.17 77.79
CA SER A 575 -21.51 32.88 79.20
C SER A 575 -21.27 34.10 80.07
N CYS A 576 -20.34 34.97 79.69
CA CYS A 576 -20.13 36.19 80.44
C CYS A 576 -21.25 37.20 80.19
N VAL A 577 -21.80 37.23 78.98
CA VAL A 577 -22.92 38.12 78.68
C VAL A 577 -24.17 37.69 79.44
N LEU A 578 -24.38 36.38 79.55
CA LEU A 578 -25.53 35.86 80.27
C LEU A 578 -25.47 36.18 81.76
N PHE A 579 -24.27 36.25 82.33
CA PHE A 579 -24.17 36.67 83.73
C PHE A 579 -24.46 38.15 83.90
N VAL A 580 -24.07 38.97 82.92
CA VAL A 580 -24.35 40.40 83.00
C VAL A 580 -25.84 40.66 82.95
N ILE A 581 -26.54 39.96 82.06
CA ILE A 581 -27.97 40.20 81.86
C ILE A 581 -28.78 39.65 83.02
N ALA A 582 -28.40 38.48 83.55
CA ALA A 582 -29.18 37.84 84.60
C ALA A 582 -29.13 38.61 85.91
N ARG A 583 -28.01 39.26 86.21
CA ARG A 583 -27.96 40.14 87.38
C ARG A 583 -28.65 41.47 87.10
N PHE A 584 -28.78 41.84 85.83
CA PHE A 584 -29.38 43.12 85.46
C PHE A 584 -30.88 43.00 85.23
N SER A 585 -31.32 41.83 84.79
CA SER A 585 -32.75 41.62 84.55
C SER A 585 -33.49 41.47 85.88
N PRO A 586 -34.60 42.18 86.08
CA PRO A 586 -35.35 42.06 87.34
C PRO A 586 -36.30 40.87 87.41
N TYR A 587 -36.28 39.97 86.43
CA TYR A 587 -37.18 38.82 86.45
C TYR A 587 -36.49 37.50 86.72
N GLU A 588 -35.17 37.41 86.48
CA GLU A 588 -34.43 36.22 86.89
C GLU A 588 -34.31 36.11 88.40
N TRP A 589 -34.53 37.20 89.12
CA TRP A 589 -34.65 37.18 90.58
C TRP A 589 -35.95 36.49 90.95
N TYR A 590 -35.87 35.27 91.47
CA TYR A 590 -37.03 34.52 91.89
C TYR A 590 -36.78 33.88 93.25
N ASN A 591 -37.85 33.75 94.03
CA ASN A 591 -37.80 33.00 95.26
C ASN A 591 -38.06 31.52 95.00
N PRO A 592 -37.07 30.62 95.21
CA PRO A 592 -37.24 29.21 94.83
C PRO A 592 -38.34 28.47 95.58
N HIS A 593 -38.13 28.20 96.90
CA HIS A 593 -39.06 28.10 98.04
C HIS A 593 -40.50 27.74 97.65
N PRO A 594 -40.79 26.50 97.27
CA PRO A 594 -42.15 26.20 96.76
C PRO A 594 -43.30 26.30 97.77
N CYS A 595 -43.04 26.67 99.03
CA CYS A 595 -44.09 26.71 100.05
C CYS A 595 -44.06 28.03 100.83
N ASN A 596 -44.75 29.06 100.30
CA ASN A 596 -45.21 30.26 101.01
C ASN A 596 -44.09 31.05 101.69
N PRO A 597 -43.31 31.86 100.95
CA PRO A 597 -42.20 32.60 101.58
C PRO A 597 -42.62 33.61 102.63
N ASP A 598 -43.60 34.45 102.29
CA ASP A 598 -44.27 35.48 103.09
C ASP A 598 -43.43 36.71 103.40
N SER A 599 -42.10 36.66 103.24
CA SER A 599 -41.42 37.93 103.10
C SER A 599 -40.49 38.01 101.89
N ASP A 600 -39.34 37.34 101.97
CA ASP A 600 -38.21 37.54 101.05
C ASP A 600 -37.21 36.40 101.08
N VAL A 601 -37.22 35.53 100.06
CA VAL A 601 -36.16 34.54 99.86
C VAL A 601 -35.68 34.55 98.41
N VAL A 602 -35.75 35.71 97.76
CA VAL A 602 -35.58 35.82 96.31
C VAL A 602 -34.12 35.61 95.92
N GLU A 603 -33.88 34.67 95.00
CA GLU A 603 -32.54 34.29 94.56
C GLU A 603 -32.36 34.48 93.05
N ASN A 604 -31.09 34.41 92.62
CA ASN A 604 -30.67 34.68 91.25
C ASN A 604 -29.65 33.63 90.80
N ASN A 605 -30.06 32.35 90.77
CA ASN A 605 -29.23 31.16 90.61
C ASN A 605 -28.12 31.17 89.55
N PHE A 606 -28.20 32.04 88.54
CA PHE A 606 -27.10 32.24 87.61
C PHE A 606 -25.93 32.91 88.31
N THR A 607 -24.90 32.13 88.65
CA THR A 607 -23.62 32.65 89.06
C THR A 607 -22.70 32.73 87.85
N LEU A 608 -21.41 32.93 88.07
CA LEU A 608 -20.45 32.69 86.99
C LEU A 608 -20.40 31.21 86.64
N LEU A 609 -20.17 30.36 87.66
CA LEU A 609 -20.02 28.92 87.48
C LEU A 609 -21.27 28.26 86.92
N ASN A 610 -22.43 28.88 87.09
CA ASN A 610 -23.63 28.39 86.44
C ASN A 610 -23.75 28.91 85.02
N SER A 611 -23.24 30.12 84.74
CA SER A 611 -23.38 30.70 83.42
C SER A 611 -22.48 30.03 82.39
N PHE A 612 -21.27 29.62 82.79
CA PHE A 612 -20.43 28.84 81.88
C PHE A 612 -21.03 27.48 81.61
N TRP A 613 -21.68 26.90 82.62
CA TRP A 613 -22.21 25.55 82.50
C TRP A 613 -23.42 25.50 81.59
N PHE A 614 -24.19 26.59 81.51
CA PHE A 614 -25.24 26.67 80.51
C PHE A 614 -24.64 26.82 79.11
N GLY A 615 -23.51 27.51 79.02
CA GLY A 615 -22.86 27.66 77.72
C GLY A 615 -22.20 26.38 77.26
N VAL A 616 -21.48 25.71 78.16
CA VAL A 616 -20.85 24.44 77.81
C VAL A 616 -21.90 23.35 77.65
N GLY A 617 -22.94 23.38 78.49
CA GLY A 617 -23.96 22.34 78.43
C GLY A 617 -24.82 22.41 77.18
N ALA A 618 -24.90 23.57 76.55
CA ALA A 618 -25.56 23.68 75.26
C ALA A 618 -24.60 23.48 74.10
N LEU A 619 -23.30 23.70 74.31
CA LEU A 619 -22.34 23.44 73.25
C LEU A 619 -22.16 21.95 73.00
N MET A 620 -22.32 21.13 74.04
CA MET A 620 -22.10 19.71 73.94
C MET A 620 -23.39 18.94 73.67
N GLN A 621 -24.46 19.66 73.27
CA GLN A 621 -25.78 19.13 72.92
C GLN A 621 -26.47 18.40 74.06
N GLN A 622 -26.03 18.59 75.31
CA GLN A 622 -26.61 17.85 76.41
C GLN A 622 -27.67 18.63 77.16
N GLY A 623 -27.48 19.93 77.35
CA GLY A 623 -28.45 20.74 78.05
C GLY A 623 -28.30 20.63 79.55
N SER A 624 -28.27 21.77 80.23
CA SER A 624 -28.07 21.78 81.67
C SER A 624 -29.41 21.59 82.38
N GLU A 625 -29.36 21.63 83.72
CA GLU A 625 -30.56 21.68 84.52
C GLU A 625 -31.08 23.09 84.70
N LEU A 626 -30.29 24.10 84.33
CA LEU A 626 -30.63 25.49 84.56
C LEU A 626 -31.20 26.10 83.29
N MET A 627 -32.38 26.69 83.41
CA MET A 627 -33.06 27.24 82.26
C MET A 627 -33.36 28.71 82.46
N PRO A 628 -33.19 29.53 81.43
CA PRO A 628 -33.49 30.96 81.58
C PRO A 628 -34.98 31.20 81.75
N LYS A 629 -35.30 32.16 82.60
CA LYS A 629 -36.69 32.48 82.91
C LYS A 629 -37.14 33.81 82.34
N ALA A 630 -36.35 34.86 82.50
CA ALA A 630 -36.68 36.15 81.91
C ALA A 630 -36.44 36.14 80.41
N LEU A 631 -37.25 36.91 79.67
CA LEU A 631 -37.03 37.06 78.24
C LEU A 631 -35.72 37.78 77.93
N SER A 632 -35.19 38.53 78.90
CA SER A 632 -33.85 39.11 78.79
C SER A 632 -32.77 38.05 78.61
N THR A 633 -32.99 36.85 79.16
CA THR A 633 -32.05 35.76 79.02
C THR A 633 -32.53 34.64 78.09
N ARG A 634 -33.76 34.70 77.59
CA ARG A 634 -34.21 33.69 76.64
C ARG A 634 -33.53 33.85 75.30
N ILE A 635 -33.36 35.09 74.83
CA ILE A 635 -32.70 35.33 73.55
C ILE A 635 -31.23 34.91 73.60
N VAL A 636 -30.57 35.14 74.74
CA VAL A 636 -29.23 34.59 74.92
C VAL A 636 -29.27 33.06 74.93
N GLY A 637 -30.30 32.50 75.58
CA GLY A 637 -30.50 31.06 75.48
C GLY A 637 -30.97 30.62 74.10
N GLY A 638 -31.61 31.51 73.36
CA GLY A 638 -32.13 31.13 72.06
C GLY A 638 -31.09 31.17 70.97
N ILE A 639 -30.28 32.24 70.94
CA ILE A 639 -29.28 32.39 69.90
C ILE A 639 -28.14 31.41 70.11
N TRP A 640 -27.76 31.18 71.37
CA TRP A 640 -26.68 30.23 71.66
C TRP A 640 -27.07 28.79 71.33
N TRP A 641 -28.35 28.46 71.44
CA TRP A 641 -28.81 27.16 70.95
C TRP A 641 -28.72 27.08 69.43
N PHE A 642 -29.06 28.17 68.74
CA PHE A 642 -28.95 28.17 67.29
C PHE A 642 -27.50 28.23 66.85
N PHE A 643 -26.63 28.84 67.65
CA PHE A 643 -25.20 28.83 67.32
C PHE A 643 -24.62 27.43 67.45
N THR A 644 -24.90 26.75 68.55
CA THR A 644 -24.37 25.41 68.74
C THR A 644 -25.12 24.36 67.95
N LEU A 645 -26.26 24.72 67.34
CA LEU A 645 -26.87 23.81 66.39
C LEU A 645 -26.09 23.77 65.09
N ILE A 646 -25.62 24.92 64.61
CA ILE A 646 -24.94 24.98 63.32
C ILE A 646 -23.49 24.52 63.44
N ILE A 647 -22.85 24.77 64.58
CA ILE A 647 -21.49 24.28 64.82
C ILE A 647 -21.43 22.77 64.78
N ILE A 648 -22.31 22.10 65.51
CA ILE A 648 -22.28 20.64 65.57
C ILE A 648 -22.75 20.04 64.25
N SER A 649 -23.72 20.68 63.59
CA SER A 649 -24.18 20.17 62.31
C SER A 649 -23.15 20.36 61.21
N SER A 650 -22.39 21.46 61.23
CA SER A 650 -21.31 21.61 60.28
C SER A 650 -20.13 20.72 60.63
N TYR A 651 -20.00 20.36 61.91
CA TYR A 651 -18.94 19.45 62.31
C TYR A 651 -19.20 18.03 61.81
N THR A 652 -20.43 17.53 62.02
CA THR A 652 -20.75 16.17 61.61
C THR A 652 -20.79 16.03 60.09
N ALA A 653 -21.24 17.07 59.38
CA ALA A 653 -21.33 16.98 57.92
C ALA A 653 -19.95 17.02 57.28
N ASN A 654 -18.98 17.67 57.90
CA ASN A 654 -17.64 17.73 57.33
C ASN A 654 -16.83 16.51 57.71
N LEU A 655 -17.02 15.98 58.92
CA LEU A 655 -16.23 14.86 59.41
C LEU A 655 -16.53 13.55 58.68
N ALA A 656 -17.64 13.47 57.94
CA ALA A 656 -17.83 12.34 57.05
C ALA A 656 -16.80 12.32 55.92
N ALA A 657 -16.33 13.49 55.51
CA ALA A 657 -15.33 13.54 54.44
C ALA A 657 -13.94 13.18 54.95
N PHE A 658 -13.65 13.51 56.22
CA PHE A 658 -12.29 13.31 56.73
C PHE A 658 -12.07 11.93 57.33
N LEU A 659 -13.12 11.20 57.70
CA LEU A 659 -12.88 9.81 58.09
C LEU A 659 -12.87 8.90 56.89
N THR A 660 -13.73 9.16 55.90
CA THR A 660 -13.65 8.49 54.61
C THR A 660 -12.49 9.11 53.84
N VAL A 661 -11.29 8.65 54.16
CA VAL A 661 -10.06 9.23 53.63
C VAL A 661 -9.92 8.78 52.17
N GLU A 662 -9.89 9.74 51.25
CA GLU A 662 -9.59 9.43 49.87
C GLU A 662 -8.13 9.01 49.78
N ARG A 663 -7.87 7.87 49.15
CA ARG A 663 -6.60 7.18 49.27
C ARG A 663 -5.50 7.88 48.47
N MET A 664 -4.33 7.26 48.47
CA MET A 664 -3.20 7.79 47.73
C MET A 664 -3.43 7.69 46.22
N GLU A 665 -3.26 8.82 45.54
CA GLU A 665 -3.68 8.99 44.15
C GLU A 665 -2.59 9.69 43.35
N SER A 666 -1.36 9.14 43.39
CA SER A 666 -0.21 9.53 42.58
C SER A 666 -0.61 9.69 41.12
N PRO A 667 -0.39 10.87 40.52
CA PRO A 667 -1.14 11.24 39.31
C PRO A 667 -0.67 10.58 38.01
N ILE A 668 -0.36 9.28 38.07
CA ILE A 668 -0.13 8.44 36.91
C ILE A 668 -0.94 7.18 37.13
N ASP A 669 -1.83 6.88 36.17
CA ASP A 669 -2.68 5.71 36.31
C ASP A 669 -2.54 4.73 35.16
N SER A 670 -2.17 5.18 33.97
CA SER A 670 -1.99 4.30 32.83
C SER A 670 -0.92 4.90 31.93
N ALA A 671 -0.75 4.29 30.76
CA ALA A 671 0.19 4.80 29.78
C ALA A 671 -0.35 6.05 29.08
N ASP A 672 -1.67 6.21 29.04
CA ASP A 672 -2.25 7.42 28.45
C ASP A 672 -1.93 8.64 29.31
N ASP A 673 -1.92 8.47 30.63
CA ASP A 673 -1.58 9.58 31.51
C ASP A 673 -0.10 9.92 31.42
N LEU A 674 0.76 8.90 31.53
CA LEU A 674 2.20 9.08 31.71
C LEU A 674 2.88 9.71 30.49
N ALA A 675 2.25 9.70 29.33
CA ALA A 675 2.82 10.35 28.16
C ALA A 675 2.65 11.86 28.19
N LYS A 676 1.73 12.38 29.01
CA LYS A 676 1.33 13.77 28.93
C LYS A 676 1.77 14.61 30.14
N GLN A 677 2.74 14.15 30.91
CA GLN A 677 3.41 15.02 31.89
C GLN A 677 4.91 14.86 31.78
N THR A 678 5.60 15.97 31.53
CA THR A 678 7.05 16.02 31.56
C THR A 678 7.60 16.28 32.95
N LYS A 679 6.75 16.28 33.97
CA LYS A 679 7.21 16.43 35.35
C LYS A 679 7.98 15.20 35.80
N ILE A 680 7.51 14.02 35.42
CA ILE A 680 8.14 12.76 35.78
C ILE A 680 8.97 12.28 34.60
N GLU A 681 10.27 12.08 34.82
CA GLU A 681 11.11 11.48 33.81
C GLU A 681 10.73 10.02 33.61
N TYR A 682 10.78 9.57 32.36
CA TYR A 682 10.51 8.17 32.07
C TYR A 682 11.32 7.73 30.86
N GLY A 683 11.92 6.55 30.96
CA GLY A 683 12.66 5.98 29.86
C GLY A 683 12.52 4.48 29.80
N ALA A 684 13.61 3.79 29.55
CA ALA A 684 13.66 2.34 29.41
C ALA A 684 15.11 1.92 29.60
N VAL A 685 15.42 0.68 29.26
CA VAL A 685 16.77 0.19 29.28
C VAL A 685 17.31 0.22 27.85
N GLU A 686 18.59 0.52 27.69
CA GLU A 686 19.17 0.62 26.36
C GLU A 686 19.57 -0.75 25.85
N ASP A 687 19.48 -0.89 24.52
CA ASP A 687 19.58 -2.15 23.78
C ASP A 687 18.63 -3.20 24.37
N GLY A 688 17.34 -2.86 24.35
CA GLY A 688 16.33 -3.71 24.94
C GLY A 688 15.04 -3.67 24.13
N ALA A 689 14.15 -4.59 24.46
CA ALA A 689 12.90 -4.75 23.73
C ALA A 689 11.83 -3.78 24.17
N THR A 690 12.02 -3.05 25.27
CA THR A 690 11.03 -2.04 25.66
C THR A 690 11.08 -0.83 24.74
N MET A 691 12.25 -0.22 24.58
CA MET A 691 12.32 0.95 23.71
C MET A 691 12.22 0.57 22.25
N THR A 692 12.54 -0.68 21.90
CA THR A 692 12.35 -1.17 20.53
C THR A 692 10.86 -1.24 20.19
N PHE A 693 10.03 -1.52 21.19
CA PHE A 693 8.59 -1.46 21.01
C PHE A 693 8.13 -0.04 20.74
N PHE A 694 8.65 0.94 21.47
CA PHE A 694 8.25 2.32 21.23
C PHE A 694 8.90 2.90 19.98
N LYS A 695 10.07 2.39 19.60
CA LYS A 695 10.76 2.89 18.41
C LYS A 695 9.99 2.54 17.14
N LYS A 696 9.30 1.42 17.15
CA LYS A 696 8.59 0.94 15.97
C LYS A 696 7.08 1.13 16.05
N SER A 697 6.57 1.63 17.17
CA SER A 697 5.12 1.77 17.32
C SER A 697 4.60 2.95 16.51
N LYS A 698 3.33 2.86 16.14
CA LYS A 698 2.67 3.91 15.38
C LYS A 698 1.38 4.39 16.03
N ILE A 699 0.94 3.78 17.13
CA ILE A 699 -0.20 4.31 17.86
C ILE A 699 0.21 5.61 18.56
N SER A 700 -0.79 6.48 18.79
CA SER A 700 -0.52 7.87 19.12
C SER A 700 0.08 8.03 20.52
N THR A 701 -0.33 7.20 21.47
CA THR A 701 0.17 7.35 22.83
C THR A 701 1.61 6.86 22.95
N TYR A 702 1.93 5.72 22.34
CA TYR A 702 3.24 5.12 22.54
C TYR A 702 4.29 5.80 21.68
N ASP A 703 3.89 6.33 20.52
CA ASP A 703 4.80 7.17 19.74
C ASP A 703 5.08 8.49 20.45
N LYS A 704 4.10 8.98 21.22
CA LYS A 704 4.32 10.21 22.00
C LYS A 704 5.35 9.99 23.09
N MET A 705 5.38 8.78 23.67
CA MET A 705 6.46 8.45 24.59
C MET A 705 7.80 8.37 23.88
N TRP A 706 7.81 7.82 22.66
CA TRP A 706 9.06 7.77 21.92
C TRP A 706 9.42 9.13 21.34
N ALA A 707 8.43 10.00 21.11
CA ALA A 707 8.74 11.39 20.79
C ALA A 707 9.36 12.10 21.99
N PHE A 708 8.96 11.70 23.20
CA PHE A 708 9.60 12.22 24.41
C PHE A 708 11.00 11.63 24.57
N MET A 709 11.10 10.30 24.55
CA MET A 709 12.34 9.62 24.93
C MET A 709 13.46 9.77 23.92
N SER A 710 13.15 10.08 22.66
CA SER A 710 14.20 10.23 21.66
C SER A 710 14.98 11.53 21.86
N SER A 711 14.37 12.53 22.52
CA SER A 711 15.04 13.80 22.73
C SER A 711 16.13 13.69 23.79
N ARG A 712 15.74 13.31 25.00
CA ARG A 712 16.68 13.07 26.10
C ARG A 712 17.10 11.60 26.17
N ARG A 713 17.64 11.14 25.02
CA ARG A 713 17.88 9.72 24.79
C ARG A 713 18.96 9.17 25.72
N GLN A 714 19.90 10.00 26.16
CA GLN A 714 20.85 9.53 27.14
C GLN A 714 20.37 9.75 28.56
N SER A 715 19.51 10.75 28.78
CA SER A 715 19.13 11.14 30.13
C SER A 715 18.23 10.09 30.80
N VAL A 716 17.33 9.46 30.04
CA VAL A 716 16.37 8.56 30.65
C VAL A 716 16.67 7.09 30.38
N LEU A 717 17.36 6.77 29.30
CA LEU A 717 17.61 5.37 28.95
C LEU A 717 18.80 4.86 29.73
N VAL A 718 18.53 4.07 30.78
CA VAL A 718 19.57 3.58 31.68
C VAL A 718 20.28 2.38 31.07
N LYS A 719 21.38 1.97 31.70
CA LYS A 719 22.23 0.92 31.13
C LYS A 719 21.62 -0.47 31.34
N SER A 720 21.29 -0.82 32.57
CA SER A 720 20.69 -2.12 32.87
C SER A 720 19.40 -1.90 33.65
N ASN A 721 18.71 -3.00 33.95
CA ASN A 721 17.48 -2.91 34.74
C ASN A 721 17.77 -2.50 36.18
N GLU A 722 18.97 -2.82 36.69
CA GLU A 722 19.30 -2.51 38.07
C GLU A 722 19.45 -1.01 38.29
N GLU A 723 20.01 -0.29 37.32
CA GLU A 723 19.97 1.16 37.36
C GLU A 723 18.59 1.71 37.07
N GLY A 724 17.75 0.95 36.38
CA GLY A 724 16.36 1.35 36.23
C GLY A 724 15.58 1.22 37.53
N ILE A 725 15.99 0.30 38.40
CA ILE A 725 15.41 0.21 39.73
C ILE A 725 15.87 1.37 40.59
N GLN A 726 17.17 1.67 40.57
CA GLN A 726 17.76 2.58 41.53
C GLN A 726 17.39 4.04 41.26
N ARG A 727 17.26 4.43 39.99
CA ARG A 727 16.88 5.80 39.69
C ARG A 727 15.40 6.08 39.93
N VAL A 728 14.58 5.04 40.16
CA VAL A 728 13.25 5.27 40.68
C VAL A 728 13.30 5.46 42.19
N LEU A 729 14.20 4.75 42.85
CA LEU A 729 14.35 4.87 44.30
C LEU A 729 14.91 6.22 44.71
N THR A 730 15.62 6.90 43.82
CA THR A 730 16.21 8.19 44.13
C THR A 730 15.40 9.36 43.56
N SER A 731 15.20 9.39 42.25
CA SER A 731 14.66 10.56 41.59
C SER A 731 13.16 10.39 41.32
N ASP A 732 12.59 11.36 40.61
CA ASP A 732 11.17 11.31 40.20
C ASP A 732 11.12 10.67 38.81
N TYR A 733 11.39 9.37 38.80
CA TYR A 733 11.56 8.62 37.56
C TYR A 733 10.62 7.42 37.56
N ALA A 734 9.99 7.18 36.41
CA ALA A 734 9.04 6.08 36.21
C ALA A 734 9.62 5.18 35.14
N PHE A 735 10.05 3.99 35.53
CA PHE A 735 10.83 3.15 34.63
C PHE A 735 9.96 2.11 33.92
N LEU A 736 10.05 2.09 32.59
CA LEU A 736 9.32 1.13 31.77
C LEU A 736 10.11 -0.17 31.73
N MET A 737 9.46 -1.28 32.05
CA MET A 737 10.12 -2.57 32.14
C MET A 737 9.08 -3.67 32.08
N GLU A 738 9.55 -4.90 32.20
CA GLU A 738 8.74 -6.09 32.02
C GLU A 738 8.02 -6.47 33.31
N SER A 739 6.90 -7.18 33.16
CA SER A 739 6.06 -7.51 34.31
C SER A 739 6.73 -8.51 35.24
N THR A 740 7.41 -9.50 34.69
CA THR A 740 7.93 -10.60 35.51
C THR A 740 9.12 -10.18 36.35
N THR A 741 9.76 -9.06 36.03
CA THR A 741 10.82 -8.55 36.90
C THR A 741 10.26 -7.56 37.91
N ILE A 742 9.18 -6.85 37.54
CA ILE A 742 8.39 -6.09 38.53
C ILE A 742 7.84 -7.01 39.60
N GLU A 743 7.46 -8.24 39.22
CA GLU A 743 7.00 -9.24 40.19
C GLU A 743 8.09 -9.64 41.19
N PHE A 744 9.37 -9.47 40.84
CA PHE A 744 10.41 -9.75 41.81
C PHE A 744 10.82 -8.50 42.59
N VAL A 745 10.72 -7.33 41.98
CA VAL A 745 11.10 -6.09 42.66
C VAL A 745 10.10 -5.75 43.75
N THR A 746 8.81 -5.71 43.39
CA THR A 746 7.79 -5.26 44.33
C THR A 746 7.55 -6.25 45.47
N GLN A 747 8.01 -7.50 45.33
CA GLN A 747 7.98 -8.40 46.47
C GLN A 747 9.24 -8.30 47.32
N ARG A 748 10.17 -7.42 46.96
CA ARG A 748 11.36 -7.16 47.77
C ARG A 748 11.31 -5.75 48.36
N ASN A 749 11.16 -4.74 47.50
CA ASN A 749 11.03 -3.36 47.92
C ASN A 749 9.55 -3.02 48.08
N CYS A 750 9.13 -2.78 49.32
CA CYS A 750 7.72 -2.50 49.62
C CYS A 750 7.39 -1.02 49.56
N ASN A 751 8.11 -0.25 48.75
CA ASN A 751 7.70 1.10 48.40
C ASN A 751 7.53 1.31 46.91
N LEU A 752 7.80 0.28 46.11
CA LEU A 752 7.66 0.32 44.66
C LEU A 752 6.43 -0.49 44.25
N THR A 753 5.89 -0.16 43.08
CA THR A 753 4.68 -0.82 42.61
C THR A 753 4.62 -0.80 41.10
N GLN A 754 3.61 -1.50 40.58
CA GLN A 754 3.35 -1.57 39.15
C GLN A 754 2.25 -0.58 38.81
N ILE A 755 2.64 0.61 38.38
CA ILE A 755 1.67 1.61 37.96
C ILE A 755 1.15 1.26 36.58
N GLY A 756 -0.17 1.12 36.46
CA GLY A 756 -0.80 0.83 35.19
C GLY A 756 -0.83 -0.65 34.90
N GLY A 757 -1.52 -0.98 33.81
CA GLY A 757 -1.66 -2.35 33.36
C GLY A 757 -0.57 -2.74 32.38
N LEU A 758 -0.72 -3.95 31.84
CA LEU A 758 0.22 -4.47 30.86
C LEU A 758 0.03 -3.75 29.53
N ILE A 759 1.13 -3.22 28.99
CA ILE A 759 1.07 -2.56 27.69
C ILE A 759 0.85 -3.58 26.58
N ASP A 760 1.66 -4.63 26.54
CA ASP A 760 1.52 -5.66 25.53
C ASP A 760 1.76 -7.01 26.19
N SER A 761 1.96 -8.03 25.35
CA SER A 761 2.27 -9.36 25.85
C SER A 761 3.43 -9.92 25.03
N LYS A 762 4.41 -10.49 25.73
CA LYS A 762 5.60 -11.06 25.10
C LYS A 762 5.88 -12.36 25.82
N GLY A 763 7.06 -12.91 25.60
CA GLY A 763 7.45 -14.13 26.28
C GLY A 763 8.93 -14.34 26.23
N TYR A 764 9.41 -15.21 27.11
CA TYR A 764 10.81 -15.59 27.16
C TYR A 764 11.02 -16.89 26.41
N GLY A 765 11.73 -16.83 25.29
CA GLY A 765 12.06 -18.01 24.53
C GLY A 765 13.51 -18.41 24.74
N VAL A 766 13.75 -19.72 24.79
CA VAL A 766 15.10 -20.23 24.77
C VAL A 766 15.65 -20.03 23.36
N GLY A 767 16.52 -19.05 23.20
CA GLY A 767 16.98 -18.69 21.87
C GLY A 767 17.95 -19.72 21.31
N THR A 768 17.71 -20.09 20.06
CA THR A 768 18.53 -21.03 19.31
C THR A 768 18.89 -20.37 17.98
N PRO A 769 19.98 -20.78 17.33
CA PRO A 769 20.34 -20.17 16.04
C PRO A 769 19.34 -20.51 14.94
N MET A 770 19.51 -19.84 13.81
CA MET A 770 18.59 -19.98 12.70
C MET A 770 18.74 -21.35 12.06
N GLY A 771 17.68 -22.16 12.14
CA GLY A 771 17.74 -23.51 11.61
C GLY A 771 18.54 -24.45 12.49
N SER A 772 18.03 -24.72 13.70
CA SER A 772 18.70 -25.59 14.64
C SER A 772 17.84 -26.82 14.92
N PRO A 773 18.46 -27.96 15.23
CA PRO A 773 17.67 -29.12 15.68
C PRO A 773 17.22 -29.04 17.13
N TYR A 774 17.72 -28.08 17.91
CA TYR A 774 17.32 -27.93 19.29
C TYR A 774 16.16 -26.97 19.46
N ARG A 775 15.59 -26.44 18.38
CA ARG A 775 14.38 -25.63 18.51
C ARG A 775 13.20 -26.49 18.94
N ASP A 776 13.01 -27.62 18.29
CA ASP A 776 11.84 -28.44 18.52
C ASP A 776 11.97 -29.31 19.76
N LYS A 777 13.18 -29.73 20.12
CA LYS A 777 13.36 -30.58 21.29
C LYS A 777 13.21 -29.80 22.59
N ILE A 778 13.49 -28.51 22.58
CA ILE A 778 13.21 -27.67 23.74
C ILE A 778 11.74 -27.25 23.74
N THR A 779 11.15 -27.09 22.56
CA THR A 779 9.72 -26.85 22.41
C THR A 779 8.89 -27.97 23.04
N ILE A 780 9.35 -29.21 22.89
CA ILE A 780 8.80 -30.34 23.64
C ILE A 780 9.04 -30.15 25.14
N ALA A 781 10.29 -29.93 25.52
CA ALA A 781 10.72 -30.00 26.90
C ALA A 781 10.30 -28.79 27.73
N ILE A 782 9.73 -27.75 27.13
CA ILE A 782 9.09 -26.70 27.92
C ILE A 782 7.63 -27.05 28.18
N LEU A 783 6.95 -27.63 27.19
CA LEU A 783 5.58 -28.06 27.36
C LEU A 783 5.46 -29.22 28.33
N GLN A 784 6.49 -30.08 28.39
CA GLN A 784 6.47 -31.17 29.35
C GLN A 784 6.65 -30.65 30.77
N LEU A 785 7.47 -29.61 30.94
CA LEU A 785 7.63 -29.02 32.26
C LEU A 785 6.43 -28.19 32.69
N GLN A 786 5.60 -27.78 31.74
CA GLN A 786 4.49 -26.90 32.09
C GLN A 786 3.25 -27.67 32.51
N GLU A 787 3.00 -28.84 31.91
CA GLU A 787 1.81 -29.60 32.27
C GLU A 787 1.92 -30.26 33.63
N GLU A 788 3.14 -30.48 34.12
CA GLU A 788 3.34 -31.07 35.44
C GLU A 788 3.80 -30.03 36.46
N GLY A 789 3.60 -28.74 36.16
CA GLY A 789 3.78 -27.70 37.15
C GLY A 789 5.21 -27.33 37.48
N LYS A 790 6.18 -27.82 36.72
CA LYS A 790 7.57 -27.50 37.03
C LYS A 790 7.90 -26.04 36.77
N LEU A 791 7.33 -25.45 35.73
CA LEU A 791 7.53 -24.04 35.44
C LEU A 791 6.78 -23.11 36.39
N HIS A 792 5.92 -23.65 37.24
CA HIS A 792 5.30 -22.86 38.29
C HIS A 792 5.94 -23.08 39.66
N MET A 793 6.43 -24.30 39.93
CA MET A 793 7.17 -24.54 41.16
C MET A 793 8.51 -23.82 41.16
N MET A 794 9.09 -23.57 39.99
CA MET A 794 10.32 -22.79 39.96
C MET A 794 10.06 -21.30 40.07
N LYS A 795 8.96 -20.81 39.52
CA LYS A 795 8.64 -19.39 39.64
C LYS A 795 8.27 -19.03 41.07
N GLU A 796 7.56 -19.91 41.76
CA GLU A 796 7.24 -19.68 43.17
C GLU A 796 8.50 -19.69 44.03
N LYS A 797 9.52 -20.44 43.63
CA LYS A 797 10.75 -20.48 44.41
C LYS A 797 11.58 -19.23 44.19
N TRP A 798 11.85 -18.86 42.94
CA TRP A 798 12.79 -17.78 42.67
C TRP A 798 12.17 -16.39 42.70
N TRP A 799 10.88 -16.28 43.00
CA TRP A 799 10.28 -14.98 43.23
C TRP A 799 9.91 -14.72 44.68
N ARG A 800 9.68 -15.78 45.46
CA ARG A 800 9.73 -15.86 46.93
C ARG A 800 9.13 -14.63 47.65
N GLY A 801 7.82 -14.45 47.45
CA GLY A 801 7.05 -13.25 47.80
C GLY A 801 7.31 -12.51 49.10
N ASN A 802 7.82 -13.23 50.11
CA ASN A 802 8.56 -12.72 51.27
C ASN A 802 7.69 -12.00 52.29
N GLY A 803 6.42 -11.72 51.96
CA GLY A 803 5.60 -10.93 52.84
C GLY A 803 5.82 -9.46 52.58
N CYS A 804 4.74 -8.73 52.30
CA CYS A 804 4.82 -7.31 51.98
C CYS A 804 3.42 -6.74 52.15
N PRO A 805 3.28 -5.50 52.63
CA PRO A 805 1.95 -4.87 52.65
C PRO A 805 1.43 -4.67 51.24
N GLU A 806 0.37 -5.42 50.90
CA GLU A 806 -0.08 -5.50 49.51
C GLU A 806 -0.82 -4.23 49.10
N GLU A 807 -1.67 -3.69 49.99
CA GLU A 807 -2.59 -2.61 49.72
C GLU A 807 -3.25 -2.29 51.06
N GLU A 808 -3.83 -1.09 51.15
CA GLU A 808 -4.74 -0.79 52.25
C GLU A 808 -6.05 -1.55 52.12
N SER A 809 -6.33 -2.10 50.92
CA SER A 809 -7.60 -2.74 50.55
C SER A 809 -8.76 -1.76 50.71
N LYS A 810 -8.72 -0.75 49.83
CA LYS A 810 -9.68 0.35 49.75
C LYS A 810 -11.12 -0.13 49.76
N GLU A 811 -11.82 0.23 50.83
CA GLU A 811 -13.11 -0.32 51.22
C GLU A 811 -13.56 0.59 52.36
N ALA A 812 -14.67 0.23 53.00
CA ALA A 812 -15.09 0.93 54.21
C ALA A 812 -14.04 0.76 55.30
N SER A 813 -13.86 1.82 56.10
CA SER A 813 -12.60 2.10 56.80
C SER A 813 -12.84 2.26 58.30
N ALA A 814 -13.41 1.21 58.90
CA ALA A 814 -13.74 1.07 60.33
C ALA A 814 -12.66 1.64 61.24
N LEU A 815 -13.07 2.54 62.13
CA LEU A 815 -12.14 3.36 62.91
C LEU A 815 -11.45 2.54 63.98
N GLY A 816 -10.14 2.42 63.87
CA GLY A 816 -9.34 1.83 64.93
C GLY A 816 -8.91 2.88 65.93
N VAL A 817 -7.95 2.50 66.77
CA VAL A 817 -7.39 3.42 67.74
C VAL A 817 -6.53 4.48 67.06
N GLN A 818 -5.94 4.15 65.91
CA GLN A 818 -4.97 5.03 65.26
C GLN A 818 -5.60 6.29 64.68
N ASN A 819 -6.92 6.36 64.55
CA ASN A 819 -7.55 7.54 63.96
C ASN A 819 -8.75 8.05 64.76
N ILE A 820 -8.93 7.62 66.00
CA ILE A 820 -9.79 8.37 66.92
C ILE A 820 -8.90 8.86 68.05
N GLY A 821 -8.38 7.92 68.84
CA GLY A 821 -7.13 8.07 69.56
C GLY A 821 -7.05 9.13 70.64
N GLY A 822 -7.21 10.37 70.22
CA GLY A 822 -6.97 11.51 71.09
C GLY A 822 -8.13 11.93 71.93
N ILE A 823 -9.33 11.43 71.63
CA ILE A 823 -10.46 11.74 72.49
C ILE A 823 -10.35 10.96 73.79
N PHE A 824 -9.61 9.85 73.80
CA PHE A 824 -9.27 9.19 75.06
C PHE A 824 -8.12 9.91 75.77
N ILE A 825 -7.30 10.64 75.01
CA ILE A 825 -6.20 11.38 75.61
C ILE A 825 -6.73 12.58 76.37
N VAL A 826 -7.66 13.32 75.77
CA VAL A 826 -8.25 14.47 76.47
C VAL A 826 -9.18 14.00 77.58
N LEU A 827 -9.76 12.80 77.45
CA LEU A 827 -10.55 12.24 78.53
C LEU A 827 -9.66 11.84 79.70
N ALA A 828 -8.50 11.26 79.40
CA ALA A 828 -7.55 10.93 80.47
C ALA A 828 -6.96 12.19 81.08
N ALA A 829 -6.60 13.17 80.25
CA ALA A 829 -6.04 14.41 80.76
C ALA A 829 -7.09 15.26 81.45
N GLY A 830 -8.36 15.11 81.06
CA GLY A 830 -9.42 15.84 81.72
C GLY A 830 -9.70 15.36 83.12
N LEU A 831 -9.59 14.05 83.35
CA LEU A 831 -9.79 13.51 84.68
C LEU A 831 -8.58 13.77 85.58
N VAL A 832 -7.39 13.87 85.00
CA VAL A 832 -6.22 14.29 85.77
C VAL A 832 -6.36 15.74 86.19
N LEU A 833 -6.81 16.61 85.28
CA LEU A 833 -7.02 18.01 85.62
C LEU A 833 -8.19 18.19 86.58
N SER A 834 -9.12 17.24 86.63
CA SER A 834 -10.28 17.39 87.50
C SER A 834 -9.93 17.15 88.96
N VAL A 835 -9.13 16.12 89.24
CA VAL A 835 -8.87 15.75 90.63
C VAL A 835 -8.01 16.76 91.37
N PHE A 836 -7.25 17.59 90.65
CA PHE A 836 -6.57 18.69 91.32
C PHE A 836 -7.50 19.85 91.59
N VAL A 837 -8.63 19.93 90.90
CA VAL A 837 -9.65 20.89 91.30
C VAL A 837 -10.40 20.34 92.53
N ALA A 838 -10.46 19.01 92.67
CA ALA A 838 -11.14 18.42 93.81
C ALA A 838 -10.37 18.65 95.10
N VAL A 839 -9.04 18.54 95.07
CA VAL A 839 -8.25 18.94 96.21
C VAL A 839 -8.21 20.47 96.32
N GLY A 840 -8.42 21.18 95.22
CA GLY A 840 -8.57 22.63 95.30
C GLY A 840 -9.88 23.04 95.95
N GLU A 841 -10.95 22.28 95.67
CA GLU A 841 -12.20 22.50 96.39
C GLU A 841 -12.10 22.06 97.84
N PHE A 842 -11.24 21.08 98.11
CA PHE A 842 -11.08 20.60 99.48
C PHE A 842 -10.31 21.62 100.32
N LEU A 843 -9.18 22.10 99.79
CA LEU A 843 -8.34 23.01 100.58
C LEU A 843 -8.96 24.38 100.73
N TYR A 844 -9.70 24.85 99.73
CA TYR A 844 -10.41 26.12 99.89
C TYR A 844 -11.54 26.02 100.91
N LYS A 845 -12.13 24.83 101.05
CA LYS A 845 -13.11 24.63 102.11
C LYS A 845 -12.42 24.44 103.46
N SER A 846 -11.32 23.68 103.48
CA SER A 846 -10.66 23.38 104.74
C SER A 846 -9.90 24.58 105.31
N LYS A 847 -9.60 25.59 104.49
CA LYS A 847 -9.06 26.84 105.02
C LYS A 847 -10.16 27.79 105.46
N LYS A 848 -11.36 27.66 104.90
CA LYS A 848 -12.43 28.60 105.22
C LYS A 848 -13.11 28.26 106.54
N ASN A 849 -13.46 26.99 106.74
CA ASN A 849 -14.14 26.59 107.97
C ASN A 849 -13.21 26.57 109.18
N ALA A 850 -11.90 26.52 108.96
CA ALA A 850 -10.94 26.48 110.05
C ALA A 850 -10.57 27.87 110.57
N GLN A 851 -11.26 28.91 110.13
CA GLN A 851 -11.03 30.24 110.68
C GLN A 851 -11.52 30.33 112.12
N LEU A 852 -12.58 29.61 112.44
CA LEU A 852 -13.20 29.68 113.76
C LEU A 852 -13.44 28.31 114.40
N GLU A 853 -13.64 27.26 113.60
CA GLU A 853 -14.04 25.97 114.17
C GLU A 853 -12.86 25.19 114.72
N LYS A 854 -11.93 24.81 113.84
CA LYS A 854 -10.79 23.96 114.22
C LYS A 854 -9.52 24.57 113.63
N ARG A 855 -8.43 23.80 113.69
CA ARG A 855 -7.15 24.31 113.22
C ARG A 855 -6.92 23.93 111.76
N SER A 856 -5.70 24.18 111.29
CA SER A 856 -5.41 24.15 109.87
C SER A 856 -5.32 22.72 109.34
N PHE A 857 -4.37 21.93 109.85
CA PHE A 857 -4.15 20.60 109.30
C PHE A 857 -5.14 19.58 109.82
N CYS A 858 -5.64 19.75 111.05
CA CYS A 858 -6.51 18.75 111.65
C CYS A 858 -7.91 18.74 111.01
N SER A 859 -8.47 19.92 110.73
CA SER A 859 -9.82 20.01 110.18
C SER A 859 -9.92 19.48 108.77
N ALA A 860 -8.79 19.38 108.05
CA ALA A 860 -8.77 18.62 106.81
C ALA A 860 -9.01 17.14 107.09
N MET A 861 -8.34 16.60 108.11
CA MET A 861 -8.52 15.20 108.47
C MET A 861 -9.87 14.94 109.12
N VAL A 862 -10.50 15.97 109.69
CA VAL A 862 -11.85 15.82 110.23
C VAL A 862 -12.84 15.55 109.10
N GLU A 863 -12.71 16.28 107.99
CA GLU A 863 -13.60 16.07 106.86
C GLU A 863 -13.24 14.79 106.10
N GLU A 864 -12.02 14.27 106.30
CA GLU A 864 -11.69 12.94 105.79
C GLU A 864 -12.50 11.86 106.49
N LEU A 865 -12.84 12.07 107.77
CA LEU A 865 -13.73 11.15 108.46
C LEU A 865 -15.15 11.25 107.92
N ARG A 866 -15.54 12.42 107.42
CA ARG A 866 -16.84 12.58 106.76
C ARG A 866 -16.89 11.83 105.44
N MET A 867 -15.86 11.98 104.61
CA MET A 867 -15.90 11.43 103.26
C MET A 867 -15.70 9.92 103.25
N SER A 868 -14.96 9.39 104.22
CA SER A 868 -14.75 7.96 104.31
C SER A 868 -15.94 7.21 104.91
N LEU A 869 -16.95 7.93 105.39
CA LEU A 869 -18.16 7.29 105.88
C LEU A 869 -18.93 6.68 104.72
N LYS A 870 -19.39 5.44 104.91
CA LYS A 870 -20.12 4.71 103.88
C LYS A 870 -21.62 4.95 103.95
N CYS A 871 -22.06 6.05 104.56
CA CYS A 871 -23.46 6.30 104.84
C CYS A 871 -23.80 7.75 104.52
N GLN A 872 -25.09 8.04 104.54
CA GLN A 872 -25.56 9.42 104.54
C GLN A 872 -25.51 9.97 105.96
N ARG A 873 -25.31 11.28 106.08
CA ARG A 873 -25.03 11.90 107.37
C ARG A 873 -25.63 13.29 107.29
N ARG A 874 -25.18 14.22 108.13
CA ARG A 874 -25.63 15.62 108.09
C ARG A 874 -25.27 16.22 106.75
N THR B 33 73.78 7.00 -64.39
CA THR B 33 75.21 6.86 -64.27
C THR B 33 75.57 5.81 -63.22
N HIS B 34 75.23 6.09 -61.98
CA HIS B 34 75.52 5.18 -60.87
C HIS B 34 74.49 4.07 -60.82
N VAL B 35 74.97 2.84 -60.66
CA VAL B 35 74.07 1.69 -60.59
C VAL B 35 73.65 1.46 -59.15
N LEU B 36 72.42 0.97 -58.97
CA LEU B 36 71.88 0.70 -57.65
C LEU B 36 70.79 -0.36 -57.76
N ARG B 37 71.12 -1.61 -57.43
CA ARG B 37 70.22 -2.75 -57.66
C ARG B 37 69.47 -3.07 -56.37
N PHE B 38 68.14 -3.09 -56.49
CA PHE B 38 67.30 -3.60 -55.41
C PHE B 38 66.98 -5.07 -55.60
N GLY B 39 66.78 -5.78 -54.49
CA GLY B 39 66.33 -7.14 -54.56
C GLY B 39 64.82 -7.23 -54.56
N GLY B 40 64.33 -8.46 -54.74
CA GLY B 40 62.90 -8.67 -54.72
C GLY B 40 62.54 -10.14 -54.69
N ILE B 41 61.69 -10.52 -53.74
CA ILE B 41 61.22 -11.89 -53.62
C ILE B 41 59.71 -11.87 -53.57
N PHE B 42 59.08 -12.62 -54.49
CA PHE B 42 57.64 -12.54 -54.63
C PHE B 42 57.08 -13.94 -54.85
N GLU B 43 55.75 -14.03 -54.81
CA GLU B 43 55.07 -15.31 -54.98
C GLU B 43 55.16 -15.73 -56.44
N TYR B 44 55.30 -17.04 -56.67
CA TYR B 44 55.49 -17.60 -58.01
C TYR B 44 54.14 -17.98 -58.60
N VAL B 45 53.62 -17.11 -59.47
CA VAL B 45 52.46 -17.46 -60.28
C VAL B 45 52.97 -18.10 -61.57
N GLU B 46 52.54 -19.34 -61.81
CA GLU B 46 53.16 -20.15 -62.86
C GLU B 46 52.53 -19.93 -64.23
N SER B 47 51.27 -19.49 -64.27
CA SER B 47 50.59 -19.38 -65.57
C SER B 47 50.08 -17.98 -65.84
N GLY B 48 49.51 -17.33 -64.83
CA GLY B 48 48.91 -16.03 -65.01
C GLY B 48 49.93 -14.91 -64.90
N PRO B 49 49.45 -13.67 -64.78
CA PRO B 49 50.37 -12.55 -64.52
C PRO B 49 50.91 -12.61 -63.11
N MET B 50 51.94 -11.81 -62.84
CA MET B 50 52.59 -11.82 -61.55
C MET B 50 51.71 -11.19 -60.48
N GLY B 51 52.11 -11.33 -59.22
CA GLY B 51 51.30 -10.87 -58.10
C GLY B 51 51.17 -9.36 -58.02
N ALA B 52 50.22 -8.90 -57.20
CA ALA B 52 49.98 -7.47 -57.05
C ALA B 52 51.15 -6.79 -56.36
N GLU B 53 51.86 -7.49 -55.49
CA GLU B 53 53.04 -6.92 -54.86
C GLU B 53 54.20 -6.82 -55.84
N GLU B 54 54.29 -7.78 -56.77
CA GLU B 54 55.40 -7.78 -57.70
C GLU B 54 55.22 -6.73 -58.80
N LEU B 55 53.98 -6.53 -59.24
CA LEU B 55 53.71 -5.46 -60.20
C LEU B 55 53.88 -4.08 -59.57
N ALA B 56 53.59 -3.96 -58.27
CA ALA B 56 53.76 -2.68 -57.60
C ALA B 56 55.23 -2.34 -57.44
N PHE B 57 56.09 -3.35 -57.29
CA PHE B 57 57.52 -3.11 -57.23
C PHE B 57 58.05 -2.73 -58.61
N ARG B 58 57.58 -3.40 -59.65
CA ARG B 58 57.98 -3.07 -61.02
C ARG B 58 57.46 -1.69 -61.43
N PHE B 59 56.31 -1.31 -60.90
CA PHE B 59 55.75 0.01 -61.18
C PHE B 59 56.56 1.11 -60.50
N ALA B 60 56.88 0.91 -59.21
CA ALA B 60 57.50 1.98 -58.43
C ALA B 60 58.96 2.17 -58.81
N VAL B 61 59.60 1.14 -59.36
CA VAL B 61 60.90 1.32 -59.99
C VAL B 61 60.78 2.21 -61.22
N ASN B 62 59.80 1.90 -62.08
CA ASN B 62 59.68 2.60 -63.35
C ASN B 62 59.20 4.04 -63.18
N THR B 63 58.44 4.31 -62.13
CA THR B 63 58.01 5.68 -61.86
C THR B 63 59.17 6.56 -61.42
N ILE B 64 60.01 6.03 -60.52
CA ILE B 64 61.18 6.78 -60.07
C ILE B 64 62.24 6.84 -61.17
N ASN B 65 62.27 5.85 -62.05
CA ASN B 65 63.30 5.80 -63.08
C ASN B 65 63.04 6.87 -64.16
N ARG B 66 61.78 7.25 -64.36
CA ARG B 66 61.47 8.21 -65.40
C ARG B 66 61.36 9.62 -64.84
N ASN B 67 61.63 9.79 -63.54
CA ASN B 67 61.60 11.14 -62.95
C ASN B 67 62.98 11.42 -62.35
N ARG B 68 63.56 12.54 -62.76
CA ARG B 68 64.92 12.90 -62.39
C ARG B 68 64.94 13.81 -61.17
N THR B 69 63.79 14.45 -60.87
CA THR B 69 63.67 15.39 -59.76
C THR B 69 63.91 14.69 -58.42
N LEU B 70 63.25 13.56 -58.23
CA LEU B 70 63.69 12.63 -57.19
C LEU B 70 64.75 11.70 -57.78
N LEU B 71 65.91 11.63 -57.11
CA LEU B 71 67.07 10.81 -57.47
C LEU B 71 67.60 11.08 -58.88
N PRO B 72 68.38 12.17 -59.07
CA PRO B 72 68.98 12.46 -60.39
C PRO B 72 69.90 11.37 -60.95
N ASN B 73 70.98 11.00 -60.25
CA ASN B 73 71.71 9.81 -60.65
C ASN B 73 71.32 8.60 -59.83
N THR B 74 70.22 7.95 -60.21
CA THR B 74 70.02 6.54 -59.92
C THR B 74 69.57 5.83 -61.19
N THR B 75 69.99 4.58 -61.35
CA THR B 75 69.57 3.74 -62.46
C THR B 75 69.00 2.45 -61.88
N LEU B 76 68.05 2.59 -60.93
CA LEU B 76 67.43 1.52 -60.17
C LEU B 76 66.97 0.35 -61.01
N THR B 77 67.60 -0.79 -60.82
CA THR B 77 67.27 -2.02 -61.54
C THR B 77 66.83 -3.06 -60.52
N TYR B 78 66.03 -4.01 -60.98
CA TYR B 78 65.43 -4.97 -60.07
C TYR B 78 66.07 -6.35 -60.23
N ASP B 79 65.92 -7.17 -59.19
CA ASP B 79 66.39 -8.54 -59.22
C ASP B 79 65.28 -9.44 -58.67
N THR B 80 64.07 -9.27 -59.20
CA THR B 80 62.91 -9.98 -58.67
C THR B 80 63.00 -11.47 -58.91
N GLN B 81 63.23 -12.22 -57.83
CA GLN B 81 63.18 -13.67 -57.87
C GLN B 81 61.83 -14.15 -57.38
N LYS B 82 61.48 -15.40 -57.68
CA LYS B 82 60.19 -15.92 -57.29
C LYS B 82 60.36 -17.21 -56.48
N ILE B 83 59.66 -17.29 -55.35
CA ILE B 83 59.69 -18.47 -54.51
C ILE B 83 58.28 -19.02 -54.40
N ASN B 84 58.17 -20.23 -53.85
CA ASN B 84 56.88 -20.86 -53.60
C ASN B 84 56.16 -20.28 -52.38
N LEU B 85 56.82 -19.37 -51.65
CA LEU B 85 56.27 -18.48 -50.63
C LEU B 85 55.94 -19.24 -49.32
N TYR B 86 56.06 -20.56 -49.35
CA TYR B 86 55.79 -21.40 -48.18
C TYR B 86 56.99 -22.27 -47.86
N ASP B 87 58.18 -21.87 -48.32
CA ASP B 87 59.41 -22.63 -48.20
C ASP B 87 60.50 -21.70 -47.67
N SER B 88 60.92 -21.93 -46.43
CA SER B 88 61.94 -21.07 -45.83
C SER B 88 63.33 -21.44 -46.31
N PHE B 89 63.48 -22.62 -46.91
CA PHE B 89 64.77 -22.97 -47.52
C PHE B 89 64.91 -22.36 -48.90
N GLU B 90 63.82 -22.35 -49.67
CA GLU B 90 63.87 -21.74 -51.00
C GLU B 90 64.03 -20.24 -50.91
N ALA B 91 63.48 -19.63 -49.86
CA ALA B 91 63.65 -18.20 -49.65
C ALA B 91 65.08 -17.86 -49.26
N SER B 92 65.80 -18.81 -48.68
CA SER B 92 67.19 -18.55 -48.30
C SER B 92 68.12 -18.66 -49.49
N LYS B 93 67.76 -19.44 -50.51
CA LYS B 93 68.55 -19.45 -51.74
C LYS B 93 68.41 -18.15 -52.50
N LYS B 94 67.18 -17.75 -52.79
CA LYS B 94 66.96 -16.57 -53.63
C LYS B 94 67.30 -15.27 -52.91
N ALA B 95 67.43 -15.31 -51.58
CA ALA B 95 68.05 -14.19 -50.88
C ALA B 95 69.54 -14.13 -51.16
N CYS B 96 70.22 -15.28 -51.06
CA CYS B 96 71.65 -15.31 -51.33
C CYS B 96 71.96 -15.18 -52.82
N ASP B 97 71.06 -15.67 -53.68
CA ASP B 97 71.29 -15.56 -55.12
C ASP B 97 71.23 -14.12 -55.59
N GLN B 98 70.35 -13.32 -54.97
CA GLN B 98 70.36 -11.89 -55.22
C GLN B 98 71.56 -11.22 -54.58
N LEU B 99 71.89 -11.62 -53.35
CA LEU B 99 72.93 -10.94 -52.59
C LEU B 99 74.33 -11.29 -53.07
N SER B 100 74.53 -12.47 -53.66
CA SER B 100 75.79 -12.77 -54.34
C SER B 100 75.91 -11.95 -55.62
N LEU B 101 74.78 -11.72 -56.30
CA LEU B 101 74.77 -10.88 -57.48
C LEU B 101 74.91 -9.42 -57.04
N GLY B 102 74.42 -9.10 -55.86
CA GLY B 102 74.59 -7.78 -55.30
C GLY B 102 73.31 -6.96 -55.25
N VAL B 103 72.84 -6.65 -54.05
CA VAL B 103 71.64 -5.85 -53.88
C VAL B 103 71.92 -4.67 -52.96
N ALA B 104 70.87 -3.92 -52.64
CA ALA B 104 70.98 -2.77 -51.76
C ALA B 104 69.97 -2.90 -50.63
N ALA B 105 68.87 -3.59 -50.92
CA ALA B 105 67.81 -3.89 -49.95
C ALA B 105 66.94 -5.02 -50.50
N ILE B 106 66.55 -5.95 -49.63
CA ILE B 106 65.69 -7.04 -50.06
C ILE B 106 64.27 -6.79 -49.56
N PHE B 107 63.32 -6.72 -50.48
CA PHE B 107 61.96 -6.32 -50.16
C PHE B 107 61.09 -7.48 -49.68
N GLY B 108 61.65 -8.68 -49.55
CA GLY B 108 61.09 -9.69 -48.69
C GLY B 108 59.90 -10.44 -49.25
N PRO B 109 59.69 -11.65 -48.75
CA PRO B 109 58.46 -12.39 -49.08
C PRO B 109 57.27 -11.87 -48.29
N SER B 110 56.10 -12.47 -48.50
CA SER B 110 54.95 -12.01 -47.73
C SER B 110 54.40 -13.08 -46.78
N HIS B 111 55.22 -14.04 -46.35
CA HIS B 111 54.74 -15.06 -45.43
C HIS B 111 55.28 -14.73 -44.04
N SER B 112 54.95 -15.54 -43.03
CA SER B 112 55.55 -15.42 -41.72
C SER B 112 56.73 -16.38 -41.61
N SER B 113 56.68 -17.46 -42.39
CA SER B 113 57.75 -18.45 -42.33
C SER B 113 58.95 -18.01 -43.15
N SER B 114 58.72 -17.39 -44.31
CA SER B 114 59.83 -17.01 -45.17
C SER B 114 60.45 -15.70 -44.74
N ALA B 115 59.67 -14.82 -44.12
CA ALA B 115 60.20 -13.52 -43.74
C ALA B 115 61.13 -13.64 -42.54
N ASN B 116 60.82 -14.54 -41.60
CA ASN B 116 61.72 -14.81 -40.48
C ASN B 116 63.04 -15.40 -40.94
N ALA B 117 63.04 -16.10 -42.08
CA ALA B 117 64.29 -16.60 -42.62
C ALA B 117 65.11 -15.47 -43.21
N VAL B 118 64.56 -14.77 -44.22
CA VAL B 118 65.30 -13.81 -45.04
C VAL B 118 65.79 -12.62 -44.21
N GLN B 119 65.04 -12.26 -43.17
CA GLN B 119 65.51 -11.28 -42.18
C GLN B 119 66.83 -11.70 -41.54
N SER B 120 66.99 -12.98 -41.24
CA SER B 120 68.22 -13.42 -40.60
C SER B 120 69.35 -13.57 -41.61
N ILE B 121 69.02 -13.70 -42.90
CA ILE B 121 70.05 -13.52 -43.92
C ILE B 121 70.45 -12.05 -43.99
N CYS B 122 69.47 -11.14 -43.99
CA CYS B 122 69.75 -9.72 -44.10
C CYS B 122 70.45 -9.18 -42.86
N ASN B 123 70.09 -9.68 -41.68
CA ASN B 123 70.77 -9.26 -40.45
C ASN B 123 72.21 -9.77 -40.40
N ALA B 124 72.48 -10.95 -40.97
CA ALA B 124 73.81 -11.52 -40.94
C ALA B 124 74.78 -10.77 -41.86
N LEU B 125 74.37 -10.51 -43.10
CA LEU B 125 75.33 -9.97 -44.06
C LEU B 125 75.27 -8.45 -44.15
N GLY B 126 74.19 -7.84 -43.69
CA GLY B 126 74.22 -6.40 -43.54
C GLY B 126 73.13 -5.59 -44.22
N VAL B 127 72.67 -6.04 -45.39
CA VAL B 127 71.75 -5.27 -46.22
C VAL B 127 70.38 -5.18 -45.55
N PRO B 128 69.66 -4.07 -45.66
CA PRO B 128 68.39 -3.92 -44.94
C PRO B 128 67.29 -4.77 -45.55
N HIS B 129 66.33 -5.16 -44.72
CA HIS B 129 65.20 -5.95 -45.17
C HIS B 129 63.93 -5.11 -45.05
N ILE B 130 63.15 -5.05 -46.12
CA ILE B 130 62.04 -4.13 -46.18
C ILE B 130 60.72 -4.89 -46.21
N GLN B 131 60.06 -5.02 -45.06
CA GLN B 131 58.84 -5.81 -44.99
C GLN B 131 57.63 -4.99 -45.38
N THR B 132 56.66 -5.60 -46.04
CA THR B 132 55.47 -4.88 -46.48
C THR B 132 54.21 -5.58 -45.99
N ARG B 133 54.37 -6.65 -45.23
CA ARG B 133 53.24 -7.39 -44.72
C ARG B 133 53.60 -7.85 -43.31
N TRP B 134 52.58 -7.95 -42.46
CA TRP B 134 52.75 -8.16 -41.03
C TRP B 134 53.42 -9.50 -40.75
N LYS B 135 54.30 -9.49 -39.75
CA LYS B 135 54.99 -10.68 -39.30
C LYS B 135 54.94 -10.73 -37.77
N HIS B 136 54.80 -11.91 -37.19
CA HIS B 136 55.00 -12.04 -35.74
C HIS B 136 56.48 -11.89 -35.43
N GLN B 137 56.87 -10.70 -34.96
CA GLN B 137 58.22 -10.50 -34.43
C GLN B 137 58.27 -11.22 -33.09
N VAL B 138 59.17 -12.20 -33.00
CA VAL B 138 59.45 -12.86 -31.72
C VAL B 138 60.13 -11.83 -30.83
N SER B 139 59.65 -11.72 -29.58
CA SER B 139 60.10 -10.69 -28.65
C SER B 139 61.56 -10.86 -28.24
N ASP B 140 62.10 -12.08 -28.39
CA ASP B 140 63.52 -12.26 -28.10
C ASP B 140 64.35 -12.40 -29.37
N ASN B 141 63.95 -11.80 -30.49
CA ASN B 141 64.74 -11.83 -31.72
C ASN B 141 65.47 -10.50 -31.87
N LYS B 142 66.71 -10.48 -31.39
CA LYS B 142 67.50 -9.26 -31.39
C LYS B 142 68.00 -8.93 -32.79
N ASP B 143 67.19 -8.24 -33.57
CA ASP B 143 67.54 -7.86 -34.93
C ASP B 143 67.49 -6.36 -35.13
N SER B 144 68.51 -5.85 -35.81
CA SER B 144 68.39 -4.60 -36.55
C SER B 144 67.95 -4.97 -37.96
N PHE B 145 68.07 -4.03 -38.89
CA PHE B 145 68.04 -4.27 -40.34
C PHE B 145 66.68 -4.78 -40.82
N TYR B 146 65.60 -4.37 -40.16
CA TYR B 146 64.29 -4.68 -40.70
C TYR B 146 63.34 -3.54 -40.40
N VAL B 147 62.52 -3.14 -41.36
CA VAL B 147 61.43 -2.22 -41.14
C VAL B 147 60.17 -2.81 -41.74
N SER B 148 59.05 -2.58 -41.08
CA SER B 148 57.77 -3.20 -41.44
C SER B 148 56.80 -2.09 -41.80
N LEU B 149 56.65 -1.80 -43.09
CA LEU B 149 55.79 -0.72 -43.55
C LEU B 149 54.31 -1.05 -43.40
N TYR B 150 53.95 -2.27 -43.05
CA TYR B 150 52.56 -2.60 -42.78
C TYR B 150 52.23 -1.98 -41.44
N PRO B 151 51.05 -1.40 -41.27
CA PRO B 151 50.68 -0.82 -39.97
C PRO B 151 50.54 -1.90 -38.90
N ASP B 152 51.36 -1.82 -37.87
CA ASP B 152 51.48 -2.90 -36.90
C ASP B 152 50.20 -3.06 -36.09
N PHE B 153 49.76 -4.31 -35.96
CA PHE B 153 48.48 -4.63 -35.35
C PHE B 153 48.39 -4.31 -33.87
N SER B 154 49.50 -4.00 -33.19
CA SER B 154 49.38 -3.49 -31.84
C SER B 154 48.75 -2.11 -31.85
N SER B 155 49.12 -1.26 -32.80
CA SER B 155 48.55 0.07 -32.87
C SER B 155 47.21 0.07 -33.58
N LEU B 156 46.96 -0.92 -34.44
CA LEU B 156 45.64 -1.03 -35.05
C LEU B 156 44.61 -1.48 -34.02
N SER B 157 45.00 -2.39 -33.12
CA SER B 157 44.08 -2.93 -32.14
C SER B 157 43.65 -1.91 -31.09
N ARG B 158 44.40 -0.82 -30.91
CA ARG B 158 43.85 0.31 -30.16
C ARG B 158 42.70 0.95 -30.92
N ALA B 159 42.85 1.08 -32.25
CA ALA B 159 41.86 1.78 -33.06
C ALA B 159 40.56 0.99 -33.15
N ILE B 160 40.64 -0.34 -33.13
CA ILE B 160 39.43 -1.13 -32.94
C ILE B 160 38.90 -0.99 -31.52
N LEU B 161 39.78 -1.01 -30.51
CA LEU B 161 39.34 -0.91 -29.12
C LEU B 161 38.80 0.48 -28.80
N ASP B 162 39.31 1.51 -29.47
CA ASP B 162 38.68 2.83 -29.37
C ASP B 162 37.34 2.86 -30.06
N LEU B 163 37.19 2.10 -31.15
CA LEU B 163 35.99 2.20 -31.97
C LEU B 163 34.81 1.50 -31.31
N VAL B 164 35.07 0.42 -30.56
CA VAL B 164 33.98 -0.30 -29.92
C VAL B 164 33.47 0.46 -28.70
N GLN B 165 34.26 1.41 -28.20
CA GLN B 165 33.83 2.22 -27.07
C GLN B 165 33.02 3.42 -27.56
N PHE B 166 33.28 3.83 -28.80
CA PHE B 166 32.51 4.91 -29.41
C PHE B 166 31.07 4.44 -29.63
N PHE B 167 30.90 3.20 -30.07
CA PHE B 167 29.58 2.62 -30.27
C PHE B 167 29.05 1.97 -29.00
N LYS B 168 29.85 1.98 -27.93
CA LYS B 168 29.50 1.55 -26.58
C LYS B 168 29.05 0.10 -26.52
N TRP B 169 29.86 -0.80 -27.06
CA TRP B 169 29.48 -2.21 -27.10
C TRP B 169 29.80 -2.92 -25.80
N LYS B 170 29.10 -4.03 -25.57
CA LYS B 170 29.30 -4.88 -24.40
C LYS B 170 29.24 -6.34 -24.79
N THR B 171 28.96 -6.62 -26.07
CA THR B 171 28.68 -7.99 -26.48
C THR B 171 29.49 -8.27 -27.75
N VAL B 172 30.79 -7.97 -27.70
CA VAL B 172 31.67 -8.06 -28.85
C VAL B 172 32.02 -9.51 -29.16
N THR B 173 31.92 -9.88 -30.44
CA THR B 173 32.36 -11.19 -30.89
C THR B 173 33.47 -11.07 -31.93
N VAL B 174 34.67 -11.51 -31.59
CA VAL B 174 35.78 -11.52 -32.53
C VAL B 174 35.72 -12.78 -33.36
N VAL B 175 35.83 -12.65 -34.68
CA VAL B 175 35.89 -13.80 -35.57
C VAL B 175 37.17 -13.70 -36.39
N TYR B 176 38.09 -14.64 -36.21
CA TYR B 176 39.32 -14.63 -36.98
C TYR B 176 39.31 -15.79 -37.97
N ASP B 177 40.40 -15.93 -38.72
CA ASP B 177 40.44 -16.91 -39.79
C ASP B 177 41.49 -18.00 -39.58
N ASP B 178 42.65 -17.63 -39.05
CA ASP B 178 43.67 -18.61 -38.70
C ASP B 178 44.28 -18.21 -37.37
N SER B 179 44.96 -19.17 -36.73
CA SER B 179 45.44 -19.07 -35.35
C SER B 179 46.44 -17.95 -35.11
N THR B 180 47.05 -17.40 -36.16
CA THR B 180 47.88 -16.21 -36.07
C THR B 180 47.06 -14.98 -35.68
N GLY B 181 45.76 -14.98 -35.93
CA GLY B 181 44.95 -13.80 -35.67
C GLY B 181 44.74 -13.50 -34.19
N LEU B 182 45.05 -14.46 -33.32
CA LEU B 182 45.03 -14.18 -31.89
C LEU B 182 46.24 -13.35 -31.47
N ILE B 183 47.36 -13.52 -32.17
CA ILE B 183 48.51 -12.66 -31.95
C ILE B 183 48.21 -11.24 -32.40
N ARG B 184 47.59 -11.08 -33.56
CA ARG B 184 47.33 -9.78 -34.17
C ARG B 184 46.34 -8.95 -33.37
N LEU B 185 45.21 -9.52 -32.97
CA LEU B 185 44.30 -8.78 -32.11
C LEU B 185 44.50 -9.09 -30.63
N GLN B 186 45.73 -9.09 -30.11
CA GLN B 186 45.90 -9.54 -28.74
C GLN B 186 45.55 -8.43 -27.76
N GLU B 187 45.65 -7.17 -28.19
CA GLU B 187 45.23 -6.07 -27.33
C GLU B 187 43.73 -5.92 -27.31
N LEU B 188 43.03 -6.68 -28.15
CA LEU B 188 41.57 -6.69 -28.11
C LEU B 188 41.06 -7.83 -27.25
N ILE B 189 41.72 -8.99 -27.32
CA ILE B 189 41.45 -10.10 -26.40
C ILE B 189 41.79 -9.72 -24.96
N LYS B 190 42.82 -8.91 -24.74
CA LYS B 190 43.22 -8.52 -23.39
C LYS B 190 42.40 -7.37 -22.82
N ALA B 191 41.21 -7.09 -23.32
CA ALA B 191 40.45 -6.02 -22.69
C ALA B 191 38.98 -6.28 -22.33
N PRO B 192 38.60 -7.39 -21.70
CA PRO B 192 37.51 -7.32 -20.71
C PRO B 192 37.99 -7.09 -19.29
N SER B 193 39.30 -7.04 -19.08
CA SER B 193 39.90 -6.81 -17.76
C SER B 193 39.87 -5.34 -17.35
N ARG B 194 39.98 -4.44 -18.31
CA ARG B 194 39.95 -2.99 -18.02
C ARG B 194 38.54 -2.46 -18.26
N TYR B 195 37.97 -2.76 -19.43
CA TYR B 195 36.65 -2.28 -19.80
C TYR B 195 35.60 -3.37 -19.64
N ASN B 196 34.37 -3.12 -20.08
CA ASN B 196 33.24 -3.98 -19.77
C ASN B 196 32.70 -4.72 -21.00
N LEU B 197 33.44 -4.72 -22.11
CA LEU B 197 33.03 -5.50 -23.26
C LEU B 197 33.35 -6.97 -23.06
N ARG B 198 32.36 -7.82 -23.35
CA ARG B 198 32.40 -9.24 -23.04
C ARG B 198 32.68 -10.01 -24.34
N LEU B 199 33.94 -10.46 -24.46
CA LEU B 199 34.43 -11.06 -25.69
C LEU B 199 33.96 -12.49 -25.83
N LYS B 200 33.66 -12.92 -27.06
CA LYS B 200 33.18 -14.27 -27.31
C LYS B 200 33.86 -14.82 -28.57
N ILE B 201 35.19 -14.83 -28.56
CA ILE B 201 36.09 -15.19 -29.67
C ILE B 201 35.69 -16.49 -30.36
N ARG B 202 35.48 -16.44 -31.68
CA ARG B 202 35.17 -17.61 -32.49
C ARG B 202 36.19 -17.70 -33.61
N GLN B 203 36.09 -18.76 -34.41
CA GLN B 203 37.00 -18.98 -35.51
C GLN B 203 36.24 -19.43 -36.75
N LEU B 204 36.61 -18.88 -37.90
CA LEU B 204 36.10 -19.33 -39.18
C LEU B 204 36.56 -20.75 -39.45
N PRO B 205 35.76 -21.60 -40.07
CA PRO B 205 36.19 -22.98 -40.33
C PRO B 205 37.25 -23.06 -41.41
N ALA B 206 38.31 -23.82 -41.14
CA ALA B 206 39.34 -24.05 -42.13
C ALA B 206 38.92 -25.15 -43.09
N ASP B 207 39.72 -25.32 -44.16
CA ASP B 207 39.59 -26.33 -45.21
C ASP B 207 38.26 -26.13 -45.96
N THR B 208 37.74 -24.90 -45.94
CA THR B 208 36.49 -24.51 -46.56
C THR B 208 36.34 -22.99 -46.52
N LYS B 209 35.34 -22.48 -47.22
CA LYS B 209 34.89 -21.10 -47.04
C LYS B 209 33.38 -21.06 -46.77
N ASP B 210 32.82 -22.20 -46.38
CA ASP B 210 31.40 -22.31 -46.09
C ASP B 210 31.17 -22.17 -44.57
N ALA B 211 30.98 -20.93 -44.15
CA ALA B 211 30.79 -20.63 -42.74
C ALA B 211 29.31 -20.55 -42.39
N LYS B 212 28.49 -21.36 -43.07
CA LYS B 212 27.10 -21.52 -42.66
C LYS B 212 26.94 -22.05 -41.23
N PRO B 213 27.68 -23.06 -40.74
CA PRO B 213 27.49 -23.45 -39.33
C PRO B 213 27.94 -22.43 -38.31
N LEU B 214 28.90 -21.57 -38.67
CA LEU B 214 29.32 -20.52 -37.75
C LEU B 214 28.25 -19.47 -37.58
N LEU B 215 27.64 -19.02 -38.68
CA LEU B 215 26.68 -17.95 -38.60
C LEU B 215 25.32 -18.42 -38.08
N LYS B 216 25.07 -19.73 -38.09
CA LYS B 216 23.92 -20.27 -37.36
C LYS B 216 24.09 -20.06 -35.87
N GLU B 217 25.30 -20.32 -35.35
CA GLU B 217 25.56 -20.19 -33.93
C GLU B 217 25.52 -18.74 -33.49
N MET B 218 25.99 -17.83 -34.34
CA MET B 218 26.06 -16.43 -33.98
C MET B 218 24.70 -15.75 -34.06
N LYS B 219 23.86 -16.15 -35.01
CA LYS B 219 22.49 -15.65 -35.09
C LYS B 219 21.65 -16.19 -33.94
N ARG B 220 21.81 -17.47 -33.61
CA ARG B 220 21.11 -18.04 -32.46
C ARG B 220 21.67 -17.50 -31.16
N GLY B 221 22.95 -17.17 -31.12
CA GLY B 221 23.60 -16.60 -29.96
C GLY B 221 23.38 -15.13 -29.76
N LYS B 222 22.53 -14.49 -30.56
CA LYS B 222 22.10 -13.09 -30.43
C LYS B 222 23.29 -12.13 -30.56
N GLU B 223 24.26 -12.54 -31.35
CA GLU B 223 25.53 -11.82 -31.49
C GLU B 223 25.33 -10.75 -32.56
N PHE B 224 25.14 -9.51 -32.11
CA PHE B 224 24.76 -8.44 -33.00
C PHE B 224 25.90 -7.49 -33.33
N HIS B 225 27.08 -7.68 -32.74
CA HIS B 225 28.19 -6.76 -32.90
C HIS B 225 29.45 -7.57 -33.12
N VAL B 226 29.88 -7.68 -34.37
CA VAL B 226 30.88 -8.67 -34.78
C VAL B 226 32.13 -7.96 -35.26
N ILE B 227 33.30 -8.43 -34.85
CA ILE B 227 34.54 -7.93 -35.42
C ILE B 227 35.22 -9.05 -36.19
N PHE B 228 35.20 -8.97 -37.52
CA PHE B 228 35.96 -9.96 -38.28
C PHE B 228 37.43 -9.64 -38.29
N ASP B 229 38.25 -10.67 -38.53
CA ASP B 229 39.67 -10.50 -38.78
C ASP B 229 40.00 -11.36 -40.01
N CYS B 230 39.82 -10.77 -41.19
CA CYS B 230 39.84 -11.52 -42.42
C CYS B 230 40.70 -10.76 -43.43
N SER B 231 41.23 -11.49 -44.40
CA SER B 231 41.66 -10.83 -45.61
C SER B 231 40.43 -10.42 -46.41
N HIS B 232 40.60 -9.43 -47.29
CA HIS B 232 39.46 -8.83 -47.96
C HIS B 232 38.82 -9.77 -48.97
N GLU B 233 39.54 -10.79 -49.42
CA GLU B 233 38.90 -11.86 -50.18
C GLU B 233 37.94 -12.66 -49.31
N MET B 234 38.41 -13.09 -48.13
CA MET B 234 37.56 -13.86 -47.23
C MET B 234 36.58 -12.97 -46.49
N ALA B 235 36.84 -11.66 -46.41
CA ALA B 235 35.86 -10.74 -45.85
C ALA B 235 34.75 -10.45 -46.84
N ALA B 236 34.98 -10.74 -48.12
CA ALA B 236 33.90 -10.62 -49.11
C ALA B 236 33.05 -11.88 -49.14
N GLY B 237 33.69 -13.04 -49.06
CA GLY B 237 32.96 -14.28 -49.14
C GLY B 237 32.19 -14.61 -47.88
N ILE B 238 32.51 -13.92 -46.79
CA ILE B 238 31.77 -14.13 -45.55
C ILE B 238 30.44 -13.37 -45.59
N LEU B 239 30.35 -12.36 -46.44
CA LEU B 239 29.14 -11.53 -46.42
C LEU B 239 28.04 -12.11 -47.28
N LYS B 240 28.39 -12.76 -48.39
CA LYS B 240 27.38 -13.43 -49.20
C LYS B 240 26.77 -14.61 -48.45
N GLN B 241 27.56 -15.23 -47.58
CA GLN B 241 27.00 -16.24 -46.70
C GLN B 241 26.30 -15.62 -45.50
N ALA B 242 26.59 -14.37 -45.18
CA ALA B 242 25.83 -13.67 -44.16
C ALA B 242 24.58 -13.05 -44.74
N LEU B 243 24.57 -12.79 -46.05
CA LEU B 243 23.37 -12.25 -46.69
C LEU B 243 22.33 -13.34 -46.87
N ALA B 244 22.77 -14.51 -47.33
CA ALA B 244 21.85 -15.61 -47.60
C ALA B 244 21.34 -16.26 -46.33
N MET B 245 21.84 -15.87 -45.17
CA MET B 245 21.28 -16.32 -43.90
C MET B 245 20.51 -15.21 -43.22
N GLY B 246 20.23 -14.14 -43.96
CA GLY B 246 19.41 -13.04 -43.50
C GLY B 246 19.97 -12.32 -42.29
N MET B 247 21.28 -12.18 -42.25
CA MET B 247 21.98 -11.78 -41.04
C MET B 247 22.59 -10.38 -41.18
N MET B 248 22.42 -9.74 -42.34
CA MET B 248 22.86 -8.36 -42.51
C MET B 248 21.63 -7.46 -42.55
N THR B 249 21.17 -7.07 -41.36
CA THR B 249 19.94 -6.30 -41.18
C THR B 249 20.24 -5.02 -40.40
N GLU B 250 19.20 -4.32 -39.95
CA GLU B 250 19.38 -3.06 -39.25
C GLU B 250 19.98 -3.21 -37.86
N TYR B 251 19.95 -4.40 -37.27
CA TYR B 251 20.40 -4.60 -35.89
C TYR B 251 21.65 -5.49 -35.88
N TYR B 252 22.52 -5.28 -36.85
CA TYR B 252 23.86 -5.88 -36.86
C TYR B 252 24.89 -4.80 -37.19
N HIS B 253 26.13 -5.00 -36.74
CA HIS B 253 27.19 -4.04 -37.00
C HIS B 253 28.52 -4.79 -37.01
N TYR B 254 29.21 -4.69 -38.15
CA TYR B 254 30.41 -5.48 -38.43
C TYR B 254 31.60 -4.54 -38.46
N ILE B 255 32.65 -4.85 -37.70
CA ILE B 255 33.89 -4.13 -37.84
C ILE B 255 34.92 -5.00 -38.54
N PHE B 256 35.35 -4.60 -39.72
CA PHE B 256 36.39 -5.32 -40.42
C PHE B 256 37.76 -4.74 -40.07
N THR B 257 38.69 -5.62 -39.72
CA THR B 257 40.04 -5.20 -39.36
C THR B 257 40.97 -5.30 -40.55
N THR B 258 40.42 -5.27 -41.75
CA THR B 258 41.22 -5.21 -42.97
C THR B 258 41.48 -3.73 -43.24
N LEU B 259 42.56 -3.45 -43.96
CA LEU B 259 42.84 -2.08 -44.37
C LEU B 259 42.48 -1.95 -45.84
N ASP B 260 41.60 -2.84 -46.30
CA ASP B 260 41.25 -2.91 -47.70
C ASP B 260 39.75 -3.12 -47.85
N LEU B 261 38.95 -2.53 -46.96
CA LEU B 261 37.51 -2.69 -47.00
C LEU B 261 36.90 -1.98 -48.21
N PHE B 262 37.58 -0.96 -48.71
CA PHE B 262 37.14 -0.15 -49.84
C PHE B 262 37.03 -0.97 -51.13
N ALA B 263 37.76 -2.09 -51.22
CA ALA B 263 37.72 -2.90 -52.43
C ALA B 263 36.57 -3.91 -52.42
N LEU B 264 35.70 -3.88 -51.42
CA LEU B 264 34.54 -4.76 -51.40
C LEU B 264 33.38 -4.15 -52.17
N ASP B 265 32.83 -4.93 -53.10
CA ASP B 265 31.63 -4.54 -53.83
C ASP B 265 30.46 -4.59 -52.85
N VAL B 266 30.04 -3.41 -52.44
CA VAL B 266 29.10 -3.27 -51.32
C VAL B 266 27.71 -2.97 -51.89
N GLU B 267 27.61 -2.96 -53.22
CA GLU B 267 26.37 -2.78 -53.97
C GLU B 267 25.21 -3.69 -53.56
N PRO B 268 25.40 -5.00 -53.22
CA PRO B 268 24.25 -5.74 -52.69
C PRO B 268 23.84 -5.35 -51.28
N TYR B 269 24.68 -4.60 -50.56
CA TYR B 269 24.47 -4.39 -49.14
C TYR B 269 24.18 -2.95 -48.77
N ARG B 270 24.16 -2.03 -49.72
CA ARG B 270 24.05 -0.60 -49.45
C ARG B 270 22.68 -0.22 -48.92
N TYR B 271 21.64 -0.89 -49.40
CA TYR B 271 20.29 -0.56 -48.99
C TYR B 271 19.81 -1.46 -47.87
N SER B 272 20.67 -2.35 -47.41
CA SER B 272 20.27 -3.47 -46.59
C SER B 272 19.87 -3.08 -45.18
N GLY B 273 20.53 -2.10 -44.59
CA GLY B 273 20.29 -1.80 -43.20
C GLY B 273 21.51 -2.10 -42.38
N VAL B 274 22.48 -2.77 -42.97
CA VAL B 274 23.62 -3.29 -42.24
C VAL B 274 24.63 -2.17 -41.99
N ASN B 275 25.29 -2.21 -40.85
CA ASN B 275 26.38 -1.29 -40.53
C ASN B 275 27.71 -1.99 -40.68
N MET B 276 28.54 -1.47 -41.57
CA MET B 276 29.85 -2.03 -41.91
C MET B 276 30.89 -0.94 -41.68
N THR B 277 31.52 -0.94 -40.51
CA THR B 277 32.51 0.08 -40.21
C THR B 277 33.90 -0.51 -40.37
N GLY B 278 34.83 0.22 -40.96
CA GLY B 278 36.17 -0.30 -41.14
C GLY B 278 37.18 0.82 -41.16
N PHE B 279 38.42 0.44 -41.42
CA PHE B 279 39.51 1.40 -41.50
C PHE B 279 40.15 1.35 -42.88
N ARG B 280 40.71 2.49 -43.29
CA ARG B 280 41.38 2.59 -44.57
C ARG B 280 42.56 3.51 -44.41
N ILE B 281 43.74 3.06 -44.82
CA ILE B 281 44.92 3.90 -44.67
C ILE B 281 45.24 4.51 -46.04
N LEU B 282 44.66 3.96 -47.09
CA LEU B 282 44.96 4.42 -48.45
C LEU B 282 44.35 5.79 -48.69
N ASN B 283 45.22 6.81 -48.76
CA ASN B 283 44.80 8.20 -48.74
C ASN B 283 44.24 8.63 -50.09
N THR B 284 43.05 8.15 -50.44
CA THR B 284 42.48 8.33 -51.77
C THR B 284 42.00 9.76 -52.04
N GLU B 285 41.89 10.60 -51.02
CA GLU B 285 41.38 11.96 -51.22
C GLU B 285 42.40 12.86 -51.90
N ASN B 286 43.69 12.55 -51.76
CA ASN B 286 44.72 13.35 -52.39
C ASN B 286 44.76 13.03 -53.89
N THR B 287 44.74 14.08 -54.72
CA THR B 287 44.70 13.89 -56.17
C THR B 287 46.00 13.33 -56.72
N GLN B 288 47.13 13.62 -56.08
CA GLN B 288 48.39 13.00 -56.47
C GLN B 288 48.36 11.51 -56.19
N VAL B 289 47.71 11.12 -55.09
CA VAL B 289 47.51 9.70 -54.79
C VAL B 289 46.51 9.09 -55.76
N SER B 290 45.37 9.75 -55.95
CA SER B 290 44.25 9.16 -56.70
C SER B 290 44.57 9.09 -58.19
N SER B 291 45.57 9.84 -58.65
CA SER B 291 46.06 9.67 -60.01
C SER B 291 46.78 8.33 -60.18
N ILE B 292 47.42 7.84 -59.11
CA ILE B 292 48.25 6.65 -59.22
C ILE B 292 47.38 5.39 -59.33
N ILE B 293 46.30 5.33 -58.55
CA ILE B 293 45.32 4.23 -58.63
C ILE B 293 44.68 4.24 -60.01
N GLU B 294 44.43 5.44 -60.55
CA GLU B 294 43.97 5.57 -61.93
C GLU B 294 45.02 5.06 -62.90
N LYS B 295 46.30 5.35 -62.62
CA LYS B 295 47.36 4.84 -63.49
C LYS B 295 47.63 3.36 -63.21
N TRP B 296 47.26 2.88 -62.02
CA TRP B 296 47.46 1.47 -61.69
C TRP B 296 46.51 0.58 -62.46
N SER B 297 45.21 0.91 -62.43
CA SER B 297 44.15 0.09 -63.00
C SER B 297 44.28 -0.09 -64.51
N MET B 298 44.87 0.90 -65.19
CA MET B 298 45.02 0.80 -66.63
C MET B 298 46.18 -0.12 -67.00
N GLU B 299 47.25 -0.12 -66.21
CA GLU B 299 48.48 -0.77 -66.64
C GLU B 299 48.54 -2.22 -66.20
N ARG B 300 47.57 -2.69 -65.41
CA ARG B 300 47.55 -4.09 -64.98
C ARG B 300 47.33 -5.05 -66.13
N LEU B 301 46.14 -4.99 -66.73
CA LEU B 301 45.64 -5.90 -67.77
C LEU B 301 45.79 -7.33 -67.26
N GLN B 302 45.02 -7.68 -66.23
CA GLN B 302 45.19 -8.96 -65.53
C GLN B 302 43.90 -9.75 -65.71
N ALA B 303 43.84 -10.92 -65.04
CA ALA B 303 42.70 -11.81 -65.01
C ALA B 303 41.51 -11.12 -64.34
N PRO B 304 40.30 -11.32 -64.87
CA PRO B 304 39.14 -10.57 -64.35
C PRO B 304 38.63 -11.16 -63.05
N PRO B 305 38.41 -10.31 -62.03
CA PRO B 305 37.71 -10.73 -60.80
C PRO B 305 36.21 -10.91 -61.06
N LYS B 306 35.84 -12.12 -61.48
CA LYS B 306 34.47 -12.57 -61.79
C LYS B 306 33.51 -12.31 -60.63
N PRO B 307 32.19 -12.12 -60.90
CA PRO B 307 31.26 -11.75 -59.82
C PRO B 307 31.00 -12.81 -58.76
N ASP B 308 31.62 -13.98 -58.86
CA ASP B 308 31.58 -14.94 -57.76
C ASP B 308 32.55 -14.54 -56.66
N SER B 309 33.50 -13.64 -56.96
CA SER B 309 34.46 -13.17 -55.98
C SER B 309 33.80 -12.21 -55.00
N GLY B 310 33.12 -11.19 -55.51
CA GLY B 310 32.53 -10.15 -54.69
C GLY B 310 33.39 -8.92 -54.53
N LEU B 311 34.46 -8.80 -55.31
CA LEU B 311 35.36 -7.66 -55.22
C LEU B 311 35.19 -6.75 -56.42
N LEU B 312 35.58 -5.48 -56.25
CA LEU B 312 35.56 -4.54 -57.36
C LEU B 312 36.76 -4.81 -58.26
N ASP B 313 36.79 -4.19 -59.45
CA ASP B 313 37.66 -4.71 -60.49
C ASP B 313 39.06 -4.12 -60.42
N GLY B 314 39.21 -2.82 -60.67
CA GLY B 314 40.54 -2.25 -60.62
C GLY B 314 40.82 -1.27 -59.51
N PHE B 315 41.48 -1.74 -58.44
CA PHE B 315 41.90 -0.94 -57.31
C PHE B 315 43.35 -1.31 -56.98
N MET B 316 43.91 -0.60 -56.02
CA MET B 316 45.16 -1.01 -55.37
C MET B 316 44.78 -1.63 -54.05
N THR B 317 45.11 -2.91 -53.88
CA THR B 317 45.02 -3.53 -52.57
C THR B 317 46.04 -2.91 -51.64
N THR B 318 45.74 -2.92 -50.33
CA THR B 318 46.66 -2.33 -49.37
C THR B 318 47.93 -3.15 -49.19
N ASP B 319 47.94 -4.40 -49.65
CA ASP B 319 49.19 -5.15 -49.70
C ASP B 319 50.09 -4.62 -50.80
N ALA B 320 49.49 -4.14 -51.91
CA ALA B 320 50.29 -3.65 -53.01
C ALA B 320 50.54 -2.15 -52.91
N ALA B 321 49.78 -1.45 -52.08
CA ALA B 321 50.03 -0.04 -51.86
C ALA B 321 51.29 0.18 -51.05
N LEU B 322 51.53 -0.71 -50.07
CA LEU B 322 52.70 -0.58 -49.22
C LEU B 322 53.98 -0.93 -49.95
N MET B 323 53.92 -1.84 -50.92
CA MET B 323 55.09 -2.15 -51.71
C MET B 323 55.47 -0.97 -52.62
N TYR B 324 54.48 -0.16 -52.99
CA TYR B 324 54.77 1.09 -53.67
C TYR B 324 55.50 2.05 -52.75
N ASP B 325 55.12 2.07 -51.47
CA ASP B 325 55.81 2.91 -50.52
C ASP B 325 57.17 2.33 -50.14
N ALA B 326 57.36 1.03 -50.33
CA ALA B 326 58.60 0.38 -49.93
C ALA B 326 59.76 0.86 -50.78
N VAL B 327 59.51 1.16 -52.04
CA VAL B 327 60.58 1.64 -52.91
C VAL B 327 60.94 3.07 -52.53
N HIS B 328 59.91 3.91 -52.28
CA HIS B 328 60.13 5.33 -52.06
C HIS B 328 60.85 5.62 -50.75
N VAL B 329 60.50 4.90 -49.68
CA VAL B 329 61.12 5.16 -48.38
C VAL B 329 62.59 4.78 -48.41
N VAL B 330 62.94 3.75 -49.17
CA VAL B 330 64.36 3.45 -49.41
C VAL B 330 64.94 4.46 -50.39
N SER B 331 64.13 4.94 -51.34
CA SER B 331 64.63 5.88 -52.34
C SER B 331 64.90 7.25 -51.73
N VAL B 332 64.23 7.57 -50.62
CA VAL B 332 64.61 8.75 -49.85
C VAL B 332 65.97 8.52 -49.20
N ALA B 333 66.23 7.28 -48.77
CA ALA B 333 67.46 7.01 -48.03
C ALA B 333 68.68 6.95 -48.94
N VAL B 334 68.48 6.61 -50.21
CA VAL B 334 69.62 6.53 -51.12
C VAL B 334 69.94 7.93 -51.63
N GLN B 335 69.01 8.87 -51.45
CA GLN B 335 69.22 10.25 -51.85
C GLN B 335 70.19 10.93 -50.90
N GLN B 336 70.06 10.63 -49.61
CA GLN B 336 70.85 11.31 -48.59
C GLN B 336 72.23 10.70 -48.45
N PHE B 337 72.48 9.59 -49.14
CA PHE B 337 73.75 8.87 -49.04
C PHE B 337 74.22 8.49 -50.44
N PRO B 338 74.85 9.44 -51.16
CA PRO B 338 75.14 9.21 -52.58
C PRO B 338 76.40 8.38 -52.83
N GLN B 339 77.20 8.15 -51.79
CA GLN B 339 78.47 7.45 -51.94
C GLN B 339 78.26 5.94 -52.10
N MET B 340 77.04 5.49 -51.83
CA MET B 340 76.62 4.09 -51.82
C MET B 340 76.89 3.34 -53.12
N THR B 341 77.62 2.23 -53.04
CA THR B 341 77.87 1.36 -54.18
C THR B 341 77.52 -0.06 -53.76
N VAL B 342 77.42 -0.95 -54.73
CA VAL B 342 76.92 -2.30 -54.48
C VAL B 342 78.07 -3.30 -54.47
N SER B 343 78.10 -4.19 -53.47
CA SER B 343 79.14 -5.20 -53.35
C SER B 343 78.59 -6.58 -53.71
N SER B 344 79.38 -7.62 -53.50
CA SER B 344 79.11 -8.97 -53.99
C SER B 344 79.10 -9.98 -52.85
N LEU B 345 78.27 -9.68 -51.83
CA LEU B 345 78.26 -10.44 -50.57
C LEU B 345 77.88 -11.89 -50.76
N GLN B 346 78.77 -12.78 -50.36
CA GLN B 346 78.56 -14.22 -50.46
C GLN B 346 78.24 -14.75 -49.07
N CYS B 347 77.24 -15.63 -48.97
CA CYS B 347 76.63 -15.99 -47.69
C CYS B 347 77.47 -16.90 -46.81
N ASN B 348 78.29 -17.77 -47.40
CA ASN B 348 79.08 -18.71 -46.60
C ASN B 348 80.20 -18.01 -45.83
N ARG B 349 81.06 -17.28 -46.54
CA ARG B 349 82.14 -16.53 -45.90
C ARG B 349 81.68 -15.10 -45.64
N HIS B 350 80.61 -14.99 -44.84
CA HIS B 350 79.87 -13.75 -44.73
C HIS B 350 80.60 -12.71 -43.89
N LYS B 351 80.51 -11.45 -44.31
CA LYS B 351 81.01 -10.29 -43.59
C LYS B 351 79.94 -9.21 -43.67
N PRO B 352 79.88 -8.27 -42.73
CA PRO B 352 78.92 -7.17 -42.86
C PRO B 352 79.26 -6.25 -44.03
N TRP B 353 78.25 -5.90 -44.83
CA TRP B 353 78.39 -4.94 -45.91
C TRP B 353 78.62 -3.57 -45.31
N ARG B 354 79.71 -2.92 -45.73
CA ARG B 354 80.30 -1.82 -44.97
C ARG B 354 79.42 -0.57 -45.02
N PHE B 355 78.50 -0.51 -45.98
CA PHE B 355 77.55 0.60 -46.01
C PHE B 355 76.30 0.26 -45.23
N GLY B 356 76.12 -1.01 -44.86
CA GLY B 356 74.93 -1.50 -44.21
C GLY B 356 74.65 -0.94 -42.83
N THR B 357 75.68 -0.47 -42.14
CA THR B 357 75.49 0.14 -40.83
C THR B 357 74.94 1.55 -41.01
N ARG B 358 75.50 2.29 -41.96
CA ARG B 358 75.10 3.67 -42.19
C ARG B 358 73.73 3.75 -42.84
N PHE B 359 73.49 2.88 -43.83
CA PHE B 359 72.31 2.99 -44.69
C PHE B 359 71.03 2.59 -43.97
N MET B 360 71.14 1.84 -42.88
CA MET B 360 69.96 1.45 -42.13
C MET B 360 69.40 2.63 -41.35
N SER B 361 70.27 3.57 -40.96
CA SER B 361 69.82 4.74 -40.24
C SER B 361 68.94 5.63 -41.11
N LEU B 362 69.33 5.83 -42.37
CA LEU B 362 68.59 6.76 -43.22
C LEU B 362 67.25 6.17 -43.66
N ILE B 363 67.10 4.85 -43.57
CA ILE B 363 65.77 4.25 -43.74
C ILE B 363 64.90 4.54 -42.52
N LYS B 364 65.47 4.41 -41.32
CA LYS B 364 64.66 4.60 -40.13
C LYS B 364 64.40 6.07 -39.81
N GLU B 365 65.40 6.93 -39.88
CA GLU B 365 65.16 8.39 -39.93
C GLU B 365 64.76 8.74 -41.36
N ALA B 366 63.49 8.54 -41.69
CA ALA B 366 62.95 8.94 -42.98
C ALA B 366 61.47 9.24 -42.82
N HIS B 367 61.00 10.23 -43.59
CA HIS B 367 59.60 10.60 -43.63
C HIS B 367 59.20 10.79 -45.09
N TRP B 368 58.08 10.18 -45.45
CA TRP B 368 57.60 10.29 -46.83
C TRP B 368 56.09 10.14 -46.91
N GLU B 369 55.41 11.14 -47.48
CA GLU B 369 53.99 11.05 -47.70
C GLU B 369 53.69 10.17 -48.90
N GLY B 370 53.47 8.88 -48.64
CA GLY B 370 53.19 7.93 -49.70
C GLY B 370 51.70 7.80 -49.89
N LEU B 371 51.29 6.67 -50.45
CA LEU B 371 49.88 6.44 -50.74
C LEU B 371 49.11 6.20 -49.45
N THR B 372 49.79 5.64 -48.45
CA THR B 372 49.14 5.34 -47.18
C THR B 372 49.39 6.41 -46.14
N GLY B 373 49.58 7.64 -46.57
CA GLY B 373 49.81 8.72 -45.65
C GLY B 373 51.31 8.94 -45.50
N ARG B 374 51.70 9.41 -44.32
CA ARG B 374 53.11 9.52 -43.98
C ARG B 374 53.63 8.16 -43.54
N ILE B 375 54.89 7.88 -43.87
CA ILE B 375 55.58 6.70 -43.37
C ILE B 375 56.64 7.21 -42.41
N THR B 376 56.44 6.95 -41.12
CA THR B 376 57.42 7.25 -40.10
C THR B 376 57.65 5.99 -39.29
N PHE B 377 58.92 5.66 -39.09
CA PHE B 377 59.28 4.45 -38.37
C PHE B 377 59.44 4.73 -36.89
N ASN B 378 59.97 3.74 -36.18
CA ASN B 378 60.13 3.81 -34.74
C ASN B 378 61.61 3.53 -34.44
N LYS B 379 62.18 4.30 -33.51
CA LYS B 379 63.62 4.35 -33.30
C LYS B 379 64.13 3.06 -32.67
N THR B 380 63.23 2.32 -32.03
CA THR B 380 63.40 0.96 -31.55
C THR B 380 63.17 0.05 -32.77
N ASN B 381 62.65 -1.16 -32.58
CA ASN B 381 62.12 -2.03 -33.64
C ASN B 381 61.41 -1.29 -34.77
N GLY B 382 61.74 -1.65 -36.01
CA GLY B 382 61.31 -0.90 -37.18
C GLY B 382 59.85 -1.03 -37.58
N LEU B 383 58.98 -1.35 -36.62
CA LEU B 383 57.55 -1.41 -36.83
C LEU B 383 56.98 -0.03 -37.12
N ARG B 384 56.14 0.08 -38.13
CA ARG B 384 55.41 1.32 -38.41
C ARG B 384 54.33 1.43 -37.35
N THR B 385 54.42 2.47 -36.52
CA THR B 385 53.59 2.62 -35.33
C THR B 385 52.77 3.91 -35.37
N ASP B 386 53.32 4.98 -35.94
CA ASP B 386 52.59 6.24 -36.11
C ASP B 386 52.15 6.29 -37.58
N PHE B 387 50.84 6.35 -37.78
CA PHE B 387 50.20 6.33 -39.09
C PHE B 387 48.83 7.00 -39.03
N ASP B 388 48.09 6.92 -40.14
CA ASP B 388 46.88 7.73 -40.34
C ASP B 388 45.75 6.87 -40.90
N LEU B 389 44.94 6.30 -40.01
CA LEU B 389 43.72 5.65 -40.46
C LEU B 389 42.60 6.65 -40.70
N ASP B 390 41.91 6.46 -41.81
CA ASP B 390 40.64 7.08 -42.09
C ASP B 390 39.53 6.07 -41.82
N VAL B 391 38.69 6.35 -40.85
CA VAL B 391 37.63 5.38 -40.52
C VAL B 391 36.44 5.56 -41.45
N ILE B 392 36.21 4.56 -42.29
CA ILE B 392 35.11 4.62 -43.24
C ILE B 392 33.99 3.71 -42.76
N SER B 393 32.78 3.93 -43.25
CA SER B 393 31.64 3.12 -42.85
C SER B 393 30.64 3.09 -43.99
N LEU B 394 29.58 2.31 -43.79
CA LEU B 394 28.60 2.07 -44.85
C LEU B 394 27.33 2.85 -44.56
N LYS B 395 27.05 3.83 -45.42
CA LYS B 395 25.77 4.49 -45.49
C LYS B 395 25.14 4.18 -46.84
N GLU B 396 24.01 4.81 -47.14
CA GLU B 396 23.26 4.44 -48.33
C GLU B 396 23.81 5.07 -49.62
N GLU B 397 25.04 5.57 -49.59
CA GLU B 397 25.71 6.05 -50.78
C GLU B 397 27.02 5.33 -51.04
N GLY B 398 27.30 4.25 -50.32
CA GLY B 398 28.55 3.52 -50.48
C GLY B 398 29.39 3.57 -49.23
N LEU B 399 30.68 3.26 -49.34
CA LEU B 399 31.60 3.48 -48.23
C LEU B 399 31.83 4.98 -48.08
N GLU B 400 31.91 5.46 -46.85
CA GLU B 400 31.97 6.89 -46.60
C GLU B 400 32.75 7.20 -45.33
N LYS B 401 33.68 8.15 -45.40
CA LYS B 401 34.48 8.55 -44.25
C LYS B 401 33.64 9.19 -43.15
N ILE B 402 33.77 8.69 -41.93
CA ILE B 402 33.04 9.28 -40.80
C ILE B 402 34.00 9.71 -39.71
N GLY B 403 35.28 9.90 -40.06
CA GLY B 403 36.22 10.40 -39.08
C GLY B 403 37.66 10.12 -39.47
N THR B 404 38.54 10.14 -38.47
CA THR B 404 39.97 9.94 -38.67
C THR B 404 40.60 9.46 -37.35
N TRP B 405 41.45 8.43 -37.39
CA TRP B 405 42.11 7.93 -36.21
C TRP B 405 43.59 8.34 -36.28
N ASP B 406 44.21 8.52 -35.13
CA ASP B 406 45.64 8.78 -35.02
C ASP B 406 46.14 8.11 -33.76
N PRO B 407 47.40 7.66 -33.67
CA PRO B 407 47.87 7.06 -32.41
C PRO B 407 48.03 8.06 -31.28
N ALA B 408 48.53 9.25 -31.59
CA ALA B 408 48.75 10.30 -30.59
C ALA B 408 47.42 10.80 -30.05
N SER B 409 46.50 11.14 -30.96
CA SER B 409 45.15 11.53 -30.57
C SER B 409 44.27 10.31 -30.39
N GLY B 410 42.96 10.52 -30.33
CA GLY B 410 42.01 9.42 -30.31
C GLY B 410 41.23 9.40 -31.61
N LEU B 411 40.03 8.84 -31.54
CA LEU B 411 39.09 8.89 -32.65
C LEU B 411 38.60 10.32 -32.82
N ASN B 412 39.05 10.97 -33.89
CA ASN B 412 38.49 12.26 -34.26
C ASN B 412 37.22 12.10 -35.08
N MET B 413 36.17 11.52 -34.48
CA MET B 413 34.93 11.26 -35.19
C MET B 413 34.00 12.45 -35.05
N THR B 414 32.71 12.22 -35.34
CA THR B 414 31.64 13.22 -35.38
C THR B 414 32.02 14.24 -36.45
N GLU B 415 32.54 13.73 -37.57
CA GLU B 415 32.86 14.56 -38.72
C GLU B 415 31.75 14.38 -39.74
N SER B 416 31.16 13.19 -39.77
CA SER B 416 29.94 12.96 -40.54
C SER B 416 28.73 13.18 -39.63
N GLN B 417 28.88 12.80 -38.36
CA GLN B 417 27.84 13.06 -37.38
C GLN B 417 27.76 14.55 -37.05
N LYS B 418 26.54 15.07 -36.97
CA LYS B 418 26.32 16.46 -36.59
C LYS B 418 24.99 16.54 -35.84
N GLY B 419 24.96 17.32 -34.76
CA GLY B 419 23.76 17.41 -33.95
C GLY B 419 24.01 17.27 -32.46
N LYS B 420 23.47 16.19 -31.88
CA LYS B 420 23.39 15.90 -30.45
C LYS B 420 22.72 17.08 -29.74
N PRO B 421 21.37 17.21 -29.84
CA PRO B 421 20.69 18.39 -29.26
C PRO B 421 20.76 18.46 -27.75
N ALA B 422 20.29 17.41 -27.08
CA ALA B 422 20.21 17.26 -25.63
C ALA B 422 19.45 18.40 -24.96
N ASN B 423 18.15 18.56 -25.26
CA ASN B 423 17.34 19.59 -24.62
C ASN B 423 16.72 19.11 -23.30
N ILE B 424 17.35 19.51 -22.19
CA ILE B 424 17.00 19.01 -20.87
C ILE B 424 16.11 20.00 -20.12
N THR B 425 15.56 20.97 -20.84
CA THR B 425 14.74 22.02 -20.23
C THR B 425 13.26 21.62 -20.17
N ASP B 426 13.00 20.44 -19.61
CA ASP B 426 11.68 19.83 -19.71
C ASP B 426 11.16 19.17 -18.44
N SER B 427 10.09 18.39 -18.62
CA SER B 427 9.49 17.39 -17.73
C SER B 427 8.68 17.95 -16.55
N LEU B 428 8.82 19.24 -16.24
CA LEU B 428 7.80 20.11 -15.62
C LEU B 428 7.21 19.61 -14.28
N SER B 429 7.79 18.56 -13.69
CA SER B 429 7.14 17.74 -12.67
C SER B 429 6.82 18.46 -11.37
N ASN B 430 7.85 18.90 -10.65
CA ASN B 430 7.68 19.51 -9.34
C ASN B 430 8.89 20.40 -9.08
N ARG B 431 8.65 21.66 -8.70
CA ARG B 431 9.78 22.47 -8.30
C ARG B 431 10.19 22.07 -6.89
N SER B 432 9.40 22.47 -5.89
CA SER B 432 9.31 21.74 -4.64
C SER B 432 7.95 21.86 -3.96
N LEU B 433 6.99 22.60 -4.53
CA LEU B 433 5.77 23.08 -3.86
C LEU B 433 6.09 23.74 -2.52
N ILE B 434 6.71 24.91 -2.64
CA ILE B 434 7.11 25.75 -1.51
C ILE B 434 5.91 26.06 -0.63
N VAL B 435 5.99 25.67 0.64
CA VAL B 435 4.91 25.86 1.60
C VAL B 435 5.33 26.95 2.57
N THR B 436 4.68 28.11 2.49
CA THR B 436 4.91 29.17 3.44
C THR B 436 4.09 28.94 4.70
N THR B 437 4.76 28.95 5.85
CA THR B 437 4.15 28.64 7.13
C THR B 437 4.71 29.64 8.14
N ILE B 438 4.03 29.82 9.26
CA ILE B 438 4.46 30.75 10.30
C ILE B 438 4.34 30.08 11.66
N LEU B 439 5.36 30.24 12.50
CA LEU B 439 5.49 29.45 13.72
C LEU B 439 4.48 29.91 14.77
N GLU B 440 3.52 29.04 15.08
CA GLU B 440 2.53 29.23 16.13
C GLU B 440 2.22 27.88 16.76
N GLU B 441 2.32 27.81 18.07
CA GLU B 441 1.98 26.58 18.76
C GLU B 441 0.47 26.45 18.90
N PRO B 442 -0.07 25.23 18.87
CA PRO B 442 0.57 23.93 18.62
C PRO B 442 0.47 23.52 17.18
N TYR B 443 0.52 24.49 16.26
CA TYR B 443 0.27 24.19 14.87
C TYR B 443 1.56 23.80 14.15
N VAL B 444 2.54 24.70 14.13
CA VAL B 444 3.92 24.34 13.80
C VAL B 444 4.84 24.88 14.87
N LEU B 445 5.90 24.12 15.17
CA LEU B 445 6.91 24.52 16.14
C LEU B 445 8.16 23.68 15.88
N PHE B 446 9.29 24.20 16.37
CA PHE B 446 10.57 23.53 16.13
C PHE B 446 10.68 22.28 16.97
N LYS B 447 11.20 21.22 16.37
CA LYS B 447 11.40 19.95 17.04
C LYS B 447 12.68 20.02 17.87
N LYS B 448 12.55 19.83 19.18
CA LYS B 448 13.69 19.88 20.07
C LYS B 448 14.31 18.49 20.23
N SER B 449 15.64 18.48 20.34
CA SER B 449 16.41 17.25 20.44
C SER B 449 17.80 17.60 20.97
N ASP B 450 18.73 16.65 20.89
CA ASP B 450 20.12 16.92 21.21
C ASP B 450 20.87 17.45 19.99
N LYS B 451 20.87 16.68 18.90
CA LYS B 451 21.48 17.10 17.64
C LYS B 451 20.53 18.04 16.90
N PRO B 452 21.05 19.14 16.35
CA PRO B 452 20.20 20.01 15.54
C PRO B 452 19.86 19.37 14.19
N LEU B 453 18.60 19.48 13.81
CA LEU B 453 18.10 18.91 12.56
C LEU B 453 18.10 19.99 11.47
N TYR B 454 17.96 19.54 10.23
CA TYR B 454 18.12 20.42 9.07
C TYR B 454 17.08 20.08 8.02
N GLY B 455 16.19 21.02 7.74
CA GLY B 455 15.26 20.90 6.63
C GLY B 455 13.82 20.81 7.11
N ASN B 456 13.04 19.95 6.44
CA ASN B 456 11.64 19.78 6.77
C ASN B 456 11.44 19.06 8.10
N ASP B 457 12.43 18.30 8.55
CA ASP B 457 12.36 17.62 9.83
C ASP B 457 12.61 18.53 11.02
N ARG B 458 12.96 19.80 10.78
CA ARG B 458 13.09 20.78 11.85
C ARG B 458 11.75 21.11 12.49
N PHE B 459 10.65 20.92 11.77
CA PHE B 459 9.34 21.38 12.18
C PHE B 459 8.46 20.21 12.61
N GLU B 460 7.56 20.50 13.54
CA GLU B 460 6.58 19.52 14.01
C GLU B 460 5.36 20.29 14.48
N GLY B 461 4.28 19.55 14.75
CA GLY B 461 3.06 20.15 15.20
C GLY B 461 1.88 19.61 14.41
N TYR B 462 0.77 20.35 14.46
CA TYR B 462 -0.43 19.91 13.77
C TYR B 462 -0.32 20.07 12.26
N CYS B 463 0.08 21.26 11.81
CA CYS B 463 0.10 21.54 10.38
C CYS B 463 1.22 20.79 9.66
N ILE B 464 2.27 20.39 10.37
CA ILE B 464 3.26 19.50 9.76
C ILE B 464 2.69 18.10 9.60
N ASP B 465 1.96 17.63 10.61
CA ASP B 465 1.32 16.32 10.50
C ASP B 465 0.18 16.32 9.49
N LEU B 466 -0.43 17.48 9.27
CA LEU B 466 -1.44 17.57 8.21
C LEU B 466 -0.80 17.52 6.84
N LEU B 467 0.28 18.30 6.64
CA LEU B 467 0.92 18.39 5.34
C LEU B 467 1.62 17.09 4.97
N ARG B 468 2.03 16.29 5.96
CA ARG B 468 2.49 14.93 5.68
C ARG B 468 1.35 14.08 5.12
N GLU B 469 0.14 14.24 5.66
CA GLU B 469 -1.00 13.46 5.18
C GLU B 469 -1.46 13.93 3.81
N LEU B 470 -1.34 15.22 3.52
CA LEU B 470 -1.64 15.69 2.18
C LEU B 470 -0.60 15.20 1.18
N SER B 471 0.65 15.11 1.61
CA SER B 471 1.70 14.61 0.73
CA SER B 471 1.70 14.60 0.73
C SER B 471 1.64 13.09 0.57
N THR B 472 1.01 12.39 1.51
CA THR B 472 0.86 10.95 1.37
C THR B 472 -0.24 10.62 0.37
N ILE B 473 -1.37 11.32 0.46
CA ILE B 473 -2.51 11.01 -0.40
C ILE B 473 -2.26 11.49 -1.83
N LEU B 474 -1.94 12.77 -1.98
CA LEU B 474 -1.76 13.32 -3.32
C LEU B 474 -0.42 12.89 -3.92
N GLY B 475 0.66 13.12 -3.18
CA GLY B 475 1.98 12.72 -3.64
C GLY B 475 2.74 13.89 -4.24
N PHE B 476 3.59 14.50 -3.43
CA PHE B 476 4.38 15.67 -3.82
C PHE B 476 5.42 15.95 -2.74
N THR B 477 6.58 16.43 -3.18
CA THR B 477 7.58 16.96 -2.26
C THR B 477 7.08 18.28 -1.68
N TYR B 478 7.64 18.65 -0.53
CA TYR B 478 7.27 19.90 0.11
C TYR B 478 8.47 20.46 0.87
N GLU B 479 8.71 21.75 0.71
CA GLU B 479 9.80 22.46 1.36
C GLU B 479 9.20 23.53 2.26
N ILE B 480 9.36 23.37 3.58
CA ILE B 480 8.88 24.37 4.51
C ILE B 480 9.76 25.60 4.39
N ARG B 481 9.14 26.74 4.11
CA ARG B 481 9.85 28.00 3.82
C ARG B 481 9.20 29.10 4.64
N LEU B 482 9.30 28.95 5.97
CA LEU B 482 8.82 29.86 7.01
C LEU B 482 8.93 31.34 6.66
N VAL B 483 7.85 32.08 6.90
CA VAL B 483 7.61 33.36 6.26
C VAL B 483 8.59 34.41 6.75
N GLU B 484 8.97 35.32 5.85
CA GLU B 484 9.96 36.34 6.18
C GLU B 484 9.34 37.47 7.00
N ASP B 485 8.30 38.10 6.46
CA ASP B 485 7.71 39.31 7.06
C ASP B 485 6.77 39.02 8.23
N GLY B 486 6.71 37.77 8.69
CA GLY B 486 6.25 37.43 10.03
C GLY B 486 4.80 37.71 10.41
N LYS B 487 3.95 37.99 9.45
CA LYS B 487 2.53 38.19 9.71
C LYS B 487 1.74 37.08 9.04
N TYR B 488 0.41 37.15 9.10
CA TYR B 488 -0.37 36.25 8.28
C TYR B 488 -0.78 36.93 6.99
N GLY B 489 -1.54 38.01 7.10
CA GLY B 489 -2.01 38.74 5.94
C GLY B 489 -2.90 39.89 6.34
N ALA B 490 -2.67 41.05 5.73
CA ALA B 490 -3.42 42.25 6.08
C ALA B 490 -3.47 43.19 4.90
N GLN B 491 -4.67 43.44 4.39
CA GLN B 491 -4.88 44.49 3.40
C GLN B 491 -4.66 45.84 4.08
N ASP B 492 -3.58 46.53 3.72
CA ASP B 492 -3.24 47.77 4.38
C ASP B 492 -4.10 48.92 3.86
N ASP B 493 -3.77 50.13 4.33
CA ASP B 493 -4.38 51.36 3.84
C ASP B 493 -3.73 51.79 2.54
N VAL B 494 -3.93 53.06 2.16
CA VAL B 494 -3.97 53.64 0.80
C VAL B 494 -3.03 53.00 -0.21
N ASN B 495 -1.82 52.64 0.23
CA ASN B 495 -0.84 51.94 -0.59
C ASN B 495 -1.02 50.42 -0.57
N GLY B 496 -2.26 49.94 -0.43
CA GLY B 496 -2.65 48.58 -0.10
C GLY B 496 -1.96 47.42 -0.78
N GLN B 497 -1.18 46.70 0.02
CA GLN B 497 -0.45 45.52 -0.41
C GLN B 497 -0.52 44.51 0.72
N TRP B 498 -0.87 43.27 0.38
CA TRP B 498 -0.89 42.21 1.36
C TRP B 498 0.53 41.88 1.80
N ASN B 499 0.62 41.28 2.99
CA ASN B 499 1.89 40.87 3.56
C ASN B 499 1.71 39.53 4.24
N GLY B 500 2.72 39.10 4.98
CA GLY B 500 2.60 37.84 5.69
C GLY B 500 2.63 36.66 4.76
N MET B 501 1.72 35.72 4.98
CA MET B 501 1.63 34.56 4.10
C MET B 501 0.80 34.82 2.86
N VAL B 502 -0.05 35.86 2.88
CA VAL B 502 -0.91 36.14 1.74
C VAL B 502 -0.10 36.71 0.58
N ARG B 503 0.90 37.54 0.88
CA ARG B 503 1.79 38.04 -0.17
C ARG B 503 2.70 36.95 -0.70
N GLU B 504 2.98 35.93 0.13
CA GLU B 504 3.69 34.75 -0.34
C GLU B 504 2.86 33.93 -1.31
N LEU B 505 1.54 34.10 -1.32
CA LEU B 505 0.67 33.38 -2.23
C LEU B 505 0.30 34.20 -3.46
N ILE B 506 0.17 35.52 -3.31
CA ILE B 506 -0.21 36.37 -4.45
C ILE B 506 0.93 36.43 -5.47
N ASP B 507 2.16 36.62 -5.00
CA ASP B 507 3.31 36.73 -5.88
C ASP B 507 3.93 35.38 -6.21
N HIS B 508 3.23 34.28 -5.91
CA HIS B 508 3.61 32.90 -6.25
C HIS B 508 4.95 32.48 -5.64
N LYS B 509 5.38 33.14 -4.56
CA LYS B 509 6.58 32.71 -3.86
C LYS B 509 6.34 31.40 -3.14
N ALA B 510 5.12 31.14 -2.72
CA ALA B 510 4.72 29.85 -2.20
C ALA B 510 3.83 29.16 -3.23
N ASP B 511 3.37 27.96 -2.87
CA ASP B 511 2.36 27.26 -3.63
C ASP B 511 1.23 26.86 -2.71
N LEU B 512 1.55 26.62 -1.44
CA LEU B 512 0.57 26.32 -0.41
C LEU B 512 0.82 27.22 0.79
N ALA B 513 -0.10 27.20 1.73
CA ALA B 513 0.01 27.98 2.97
C ALA B 513 -0.51 27.19 4.15
N VAL B 514 -0.08 25.93 4.29
CA VAL B 514 -0.60 25.04 5.32
C VAL B 514 -0.15 25.55 6.68
N ALA B 515 -1.07 26.21 7.39
CA ALA B 515 -0.83 27.05 8.55
C ALA B 515 -2.20 27.52 9.05
N PRO B 516 -2.31 28.11 10.24
CA PRO B 516 -3.59 28.74 10.61
C PRO B 516 -3.90 29.98 9.81
N LEU B 517 -4.30 29.82 8.56
CA LEU B 517 -4.67 30.94 7.70
C LEU B 517 -6.18 30.88 7.54
N ALA B 518 -6.89 31.68 8.32
CA ALA B 518 -8.33 31.54 8.44
C ALA B 518 -9.06 32.16 7.26
N ILE B 519 -10.12 31.49 6.82
CA ILE B 519 -10.93 31.98 5.71
C ILE B 519 -11.70 33.21 6.17
N THR B 520 -11.38 34.36 5.60
CA THR B 520 -12.18 35.56 5.79
C THR B 520 -12.65 36.07 4.44
N TYR B 521 -13.39 37.16 4.47
CA TYR B 521 -13.97 37.71 3.24
C TYR B 521 -12.90 38.37 2.37
N VAL B 522 -12.11 39.27 2.94
CA VAL B 522 -11.18 40.04 2.13
C VAL B 522 -9.96 39.23 1.69
N ARG B 523 -9.65 38.14 2.37
CA ARG B 523 -8.55 37.30 1.92
C ARG B 523 -8.98 36.44 0.74
N GLU B 524 -10.16 35.86 0.79
CA GLU B 524 -10.58 34.89 -0.22
C GLU B 524 -10.97 35.58 -1.53
N LYS B 525 -11.08 36.91 -1.52
CA LYS B 525 -11.23 37.63 -2.78
C LYS B 525 -9.93 37.65 -3.57
N VAL B 526 -8.78 37.61 -2.91
CA VAL B 526 -7.50 37.82 -3.57
C VAL B 526 -6.62 36.58 -3.55
N ILE B 527 -6.79 35.69 -2.59
CA ILE B 527 -6.24 34.35 -2.67
C ILE B 527 -7.40 33.37 -2.67
N ASP B 528 -7.09 32.08 -2.73
CA ASP B 528 -8.11 31.09 -3.09
C ASP B 528 -7.98 29.93 -2.13
N PHE B 529 -8.71 29.99 -1.02
CA PHE B 529 -8.60 29.00 0.05
C PHE B 529 -9.15 27.66 -0.36
N SER B 530 -8.68 26.62 0.32
CA SER B 530 -9.27 25.30 0.22
C SER B 530 -10.46 25.24 1.16
N LYS B 531 -10.99 24.05 1.37
CA LYS B 531 -12.20 23.88 2.14
C LYS B 531 -11.81 23.43 3.54
N PRO B 532 -12.39 24.01 4.60
CA PRO B 532 -11.71 24.06 5.91
C PRO B 532 -11.46 22.71 6.57
N PHE B 533 -10.42 22.67 7.39
CA PHE B 533 -10.06 21.45 8.10
C PHE B 533 -10.23 21.51 9.61
N MET B 534 -10.60 22.66 10.19
CA MET B 534 -10.88 22.72 11.61
C MET B 534 -11.77 23.93 11.90
N THR B 535 -12.76 23.73 12.78
CA THR B 535 -13.78 24.75 13.08
C THR B 535 -13.30 25.59 14.24
N LEU B 536 -13.57 26.89 14.19
CA LEU B 536 -13.19 27.82 15.23
C LEU B 536 -14.05 29.08 15.19
N GLY B 537 -13.64 30.08 15.97
CA GLY B 537 -14.30 31.37 16.04
C GLY B 537 -13.56 32.29 16.98
N ILE B 538 -13.84 33.58 16.93
CA ILE B 538 -13.16 34.51 17.82
C ILE B 538 -13.77 34.39 19.22
N SER B 539 -12.91 34.30 20.23
CA SER B 539 -13.36 34.19 21.61
C SER B 539 -12.42 35.01 22.49
N ILE B 540 -12.64 34.96 23.80
CA ILE B 540 -11.99 35.84 24.75
C ILE B 540 -11.16 35.00 25.71
N LEU B 541 -9.89 35.32 25.84
CA LEU B 541 -9.01 34.65 26.79
C LEU B 541 -8.77 35.60 27.97
N TYR B 542 -8.90 35.07 29.19
CA TYR B 542 -8.85 35.90 30.39
C TYR B 542 -8.56 35.00 31.58
N ARG B 543 -7.96 35.60 32.61
CA ARG B 543 -7.52 34.84 33.78
C ARG B 543 -8.71 34.29 34.57
N LYS B 544 -8.48 33.14 35.20
CA LYS B 544 -9.48 32.61 36.12
C LYS B 544 -9.49 33.45 37.39
N PRO B 545 -10.67 33.79 37.91
CA PRO B 545 -10.72 34.45 39.22
C PRO B 545 -10.32 33.48 40.32
N ASN B 546 -9.44 33.95 41.21
CA ASN B 546 -8.80 33.06 42.17
C ASN B 546 -9.54 33.08 43.51
N GLY B 547 -9.80 34.28 44.03
CA GLY B 547 -10.49 34.40 45.29
C GLY B 547 -11.92 33.92 45.22
N THR B 548 -12.46 33.59 46.37
CA THR B 548 -13.79 33.00 46.46
C THR B 548 -14.84 34.05 46.68
N ASN B 549 -16.01 33.83 46.10
CA ASN B 549 -17.23 34.42 46.60
C ASN B 549 -17.37 33.90 48.03
N PRO B 550 -17.34 34.76 49.05
CA PRO B 550 -17.26 34.26 50.44
C PRO B 550 -18.47 33.46 50.87
N GLY B 551 -19.66 34.01 50.71
CA GLY B 551 -20.83 33.38 51.30
C GLY B 551 -20.69 33.46 52.80
N VAL B 552 -20.83 34.66 53.35
CA VAL B 552 -20.51 34.90 54.76
C VAL B 552 -21.46 34.13 55.66
N PHE B 553 -22.70 33.88 55.23
CA PHE B 553 -23.56 32.93 55.95
C PHE B 553 -23.32 31.51 55.45
N SER B 554 -23.74 31.23 54.21
CA SER B 554 -23.58 29.95 53.53
C SER B 554 -24.15 28.72 54.25
N PHE B 555 -24.91 28.91 55.32
CA PHE B 555 -25.50 27.81 56.06
C PHE B 555 -27.02 27.78 55.95
N LEU B 556 -27.63 28.84 55.45
CA LEU B 556 -29.06 28.82 55.17
C LEU B 556 -29.36 28.03 53.91
N ASN B 557 -28.35 27.81 53.09
CA ASN B 557 -28.51 27.18 51.78
C ASN B 557 -29.11 25.76 51.72
N PRO B 558 -28.89 24.83 52.68
CA PRO B 558 -29.51 23.50 52.52
C PRO B 558 -31.03 23.45 52.60
N LEU B 559 -31.69 24.55 52.97
CA LEU B 559 -33.14 24.63 52.86
C LEU B 559 -33.48 25.86 52.04
N SER B 560 -34.51 25.76 51.21
CA SER B 560 -34.94 26.91 50.42
C SER B 560 -35.56 27.96 51.35
N PRO B 561 -35.54 29.24 50.95
CA PRO B 561 -36.18 30.28 51.78
C PRO B 561 -37.68 30.15 51.92
N ASP B 562 -38.34 29.33 51.10
CA ASP B 562 -39.70 28.92 51.40
C ASP B 562 -39.75 28.07 52.67
N ILE B 563 -38.78 27.16 52.83
CA ILE B 563 -38.77 26.27 53.98
C ILE B 563 -38.40 27.02 55.25
N TRP B 564 -37.45 27.96 55.14
CA TRP B 564 -37.00 28.69 56.33
C TRP B 564 -38.08 29.59 56.89
N MET B 565 -38.96 30.14 56.07
CA MET B 565 -40.03 30.94 56.62
C MET B 565 -41.18 30.09 57.14
N TYR B 566 -41.33 28.87 56.64
CA TYR B 566 -42.45 28.03 57.08
C TYR B 566 -42.20 27.43 58.45
N VAL B 567 -40.94 27.17 58.81
CA VAL B 567 -40.66 26.64 60.14
C VAL B 567 -40.85 27.71 61.21
N LEU B 568 -40.77 28.99 60.86
CA LEU B 568 -41.18 30.02 61.81
C LEU B 568 -42.70 30.06 61.92
N LEU B 569 -43.41 30.06 60.79
CA LEU B 569 -44.88 29.99 60.83
C LEU B 569 -45.40 28.67 61.38
N ALA B 570 -44.57 27.63 61.39
CA ALA B 570 -44.87 26.48 62.23
C ALA B 570 -44.62 26.79 63.70
N CYS B 571 -43.47 27.39 64.02
CA CYS B 571 -43.12 27.67 65.41
C CYS B 571 -43.94 28.83 65.99
N LEU B 572 -44.26 29.83 65.18
CA LEU B 572 -45.29 30.79 65.58
C LEU B 572 -46.67 30.16 65.63
N GLY B 573 -46.89 29.11 64.85
CA GLY B 573 -48.19 28.48 64.79
C GLY B 573 -48.44 27.45 65.89
N VAL B 574 -47.46 26.58 66.12
CA VAL B 574 -47.64 25.51 67.11
C VAL B 574 -47.63 26.08 68.52
N SER B 575 -46.82 27.12 68.75
CA SER B 575 -46.77 27.74 70.07
C SER B 575 -48.05 28.49 70.42
N CYS B 576 -48.83 28.91 69.43
CA CYS B 576 -50.14 29.46 69.75
C CYS B 576 -51.14 28.36 70.08
N VAL B 577 -51.20 27.31 69.25
CA VAL B 577 -52.20 26.27 69.46
C VAL B 577 -51.84 25.40 70.67
N LEU B 578 -50.57 25.37 71.08
CA LEU B 578 -50.26 24.75 72.36
C LEU B 578 -50.77 25.59 73.51
N PHE B 579 -50.71 26.92 73.38
CA PHE B 579 -51.23 27.80 74.41
C PHE B 579 -52.75 27.77 74.47
N VAL B 580 -53.41 27.59 73.33
CA VAL B 580 -54.87 27.50 73.32
C VAL B 580 -55.32 26.24 74.04
N ILE B 581 -54.65 25.10 73.78
CA ILE B 581 -55.04 23.85 74.43
C ILE B 581 -54.68 23.87 75.91
N ALA B 582 -53.50 24.39 76.25
CA ALA B 582 -53.07 24.38 77.65
C ALA B 582 -53.82 25.38 78.51
N ARG B 583 -54.56 26.31 77.90
CA ARG B 583 -55.51 27.12 78.63
C ARG B 583 -56.94 26.64 78.42
N PHE B 584 -57.12 25.41 77.93
CA PHE B 584 -58.45 24.85 77.76
C PHE B 584 -58.51 23.44 78.33
N SER B 585 -57.38 22.76 78.36
CA SER B 585 -57.32 21.39 78.87
C SER B 585 -57.50 21.37 80.37
N PRO B 586 -58.49 20.65 80.91
CA PRO B 586 -58.66 20.60 82.36
C PRO B 586 -57.82 19.53 83.02
N TYR B 587 -56.56 19.40 82.59
CA TYR B 587 -55.58 18.61 83.33
C TYR B 587 -54.23 19.29 83.41
N GLU B 588 -53.97 20.33 82.61
CA GLU B 588 -52.76 21.12 82.78
C GLU B 588 -52.81 21.98 84.03
N TRP B 589 -53.99 22.28 84.54
CA TRP B 589 -54.11 23.09 85.75
C TRP B 589 -53.67 22.25 86.94
N TYR B 590 -52.41 22.42 87.35
CA TYR B 590 -51.82 21.58 88.37
C TYR B 590 -51.40 22.42 89.57
N ASN B 591 -51.53 21.84 90.75
CA ASN B 591 -50.98 22.40 91.96
C ASN B 591 -49.51 22.07 92.13
N PRO B 592 -48.61 23.06 92.20
CA PRO B 592 -47.20 22.75 92.53
C PRO B 592 -47.07 22.15 93.91
N HIS B 593 -47.35 22.97 94.95
CA HIS B 593 -47.84 22.72 96.32
C HIS B 593 -47.46 21.35 96.85
N PRO B 594 -46.18 21.05 97.05
CA PRO B 594 -45.75 19.64 97.14
C PRO B 594 -46.08 18.96 98.46
N CYS B 595 -46.29 19.71 99.54
CA CYS B 595 -46.47 19.12 100.86
C CYS B 595 -47.75 18.30 101.01
N ASN B 596 -48.91 18.96 101.04
CA ASN B 596 -50.20 18.29 101.10
C ASN B 596 -51.32 19.16 100.55
N PRO B 597 -51.83 18.83 99.36
CA PRO B 597 -52.70 19.74 98.59
C PRO B 597 -54.04 19.97 99.29
N ASP B 598 -54.31 21.23 99.63
CA ASP B 598 -55.53 21.54 100.35
C ASP B 598 -56.65 21.97 99.41
N SER B 599 -56.48 23.11 98.75
CA SER B 599 -57.42 23.73 97.81
C SER B 599 -56.79 25.02 97.28
N ASP B 600 -57.34 25.50 96.16
CA ASP B 600 -57.16 26.85 95.64
C ASP B 600 -55.70 27.15 95.29
N VAL B 601 -55.10 26.26 94.50
CA VAL B 601 -53.69 26.36 94.13
C VAL B 601 -53.49 26.42 92.62
N VAL B 602 -54.21 25.58 91.87
CA VAL B 602 -53.72 25.08 90.58
C VAL B 602 -53.63 26.19 89.53
N GLU B 603 -52.61 26.09 88.67
CA GLU B 603 -52.25 27.16 87.75
C GLU B 603 -51.33 26.58 86.66
N ASN B 604 -51.52 27.04 85.43
CA ASN B 604 -50.74 26.54 84.31
C ASN B 604 -49.33 27.11 84.33
N ASN B 605 -48.38 26.29 83.93
CA ASN B 605 -47.04 26.78 83.63
C ASN B 605 -46.90 27.23 82.17
N PHE B 606 -47.93 27.02 81.36
CA PHE B 606 -47.92 27.45 79.96
C PHE B 606 -48.53 28.84 79.85
N THR B 607 -47.72 29.85 80.17
CA THR B 607 -48.04 31.19 79.70
C THR B 607 -47.70 31.28 78.22
N LEU B 608 -48.18 32.35 77.57
CA LEU B 608 -47.94 32.50 76.14
C LEU B 608 -46.48 32.80 75.85
N LEU B 609 -45.76 33.38 76.80
CA LEU B 609 -44.30 33.47 76.70
C LEU B 609 -43.65 32.10 76.79
N ASN B 610 -44.22 31.21 77.60
CA ASN B 610 -43.63 29.89 77.80
C ASN B 610 -43.84 28.96 76.61
N SER B 611 -44.93 29.13 75.88
CA SER B 611 -45.24 28.20 74.80
C SER B 611 -44.35 28.39 73.58
N PHE B 612 -43.84 29.61 73.36
CA PHE B 612 -42.77 29.75 72.37
C PHE B 612 -41.50 29.06 72.82
N TRP B 613 -41.24 29.06 74.13
CA TRP B 613 -40.01 28.49 74.66
C TRP B 613 -40.03 26.97 74.62
N PHE B 614 -41.21 26.35 74.56
CA PHE B 614 -41.26 24.94 74.22
C PHE B 614 -41.12 24.74 72.72
N GLY B 615 -41.63 25.68 71.92
CA GLY B 615 -41.53 25.55 70.48
C GLY B 615 -40.11 25.76 69.98
N VAL B 616 -39.44 26.79 70.51
CA VAL B 616 -38.05 27.03 70.15
C VAL B 616 -37.14 26.01 70.84
N GLY B 617 -37.48 25.64 72.08
CA GLY B 617 -36.64 24.74 72.83
C GLY B 617 -36.63 23.33 72.28
N ALA B 618 -37.69 22.95 71.58
CA ALA B 618 -37.69 21.66 70.91
C ALA B 618 -37.09 21.75 69.51
N LEU B 619 -37.24 22.90 68.85
CA LEU B 619 -36.71 23.07 67.51
C LEU B 619 -35.19 23.08 67.51
N MET B 620 -34.57 23.55 68.59
CA MET B 620 -33.12 23.66 68.67
C MET B 620 -32.48 22.44 69.31
N GLN B 621 -33.23 21.33 69.44
CA GLN B 621 -32.78 20.03 69.95
C GLN B 621 -32.27 20.06 71.38
N GLN B 622 -32.57 21.10 72.15
CA GLN B 622 -32.01 21.23 73.49
C GLN B 622 -32.99 20.92 74.61
N GLY B 623 -34.29 21.06 74.38
CA GLY B 623 -35.25 20.75 75.42
C GLY B 623 -35.41 21.84 76.46
N SER B 624 -36.58 21.92 77.07
CA SER B 624 -36.90 22.98 78.01
C SER B 624 -37.13 22.41 79.40
N GLU B 625 -37.24 23.32 80.38
CA GLU B 625 -37.77 22.93 81.68
C GLU B 625 -39.25 22.60 81.61
N LEU B 626 -39.95 23.13 80.61
CA LEU B 626 -41.33 22.78 80.39
C LEU B 626 -41.42 21.38 79.83
N MET B 627 -42.24 20.54 80.45
CA MET B 627 -42.58 19.27 79.87
C MET B 627 -44.09 19.10 80.05
N PRO B 628 -44.83 18.84 78.99
CA PRO B 628 -46.29 18.82 79.11
C PRO B 628 -46.79 17.63 79.91
N LYS B 629 -47.98 17.79 80.44
CA LYS B 629 -48.80 16.75 81.03
C LYS B 629 -50.01 16.69 80.10
N ALA B 630 -51.09 16.00 80.50
CA ALA B 630 -52.41 16.26 79.94
C ALA B 630 -52.56 15.99 78.44
N LEU B 631 -52.70 14.71 78.05
CA LEU B 631 -52.49 14.10 76.72
C LEU B 631 -52.73 14.98 75.49
N SER B 632 -53.73 15.85 75.53
CA SER B 632 -53.96 16.80 74.45
C SER B 632 -52.78 17.74 74.24
N THR B 633 -52.03 18.07 75.30
CA THR B 633 -50.81 18.82 75.11
C THR B 633 -49.61 17.91 74.85
N ARG B 634 -49.71 16.63 75.19
CA ARG B 634 -48.66 15.68 74.84
C ARG B 634 -48.60 15.45 73.34
N ILE B 635 -49.75 15.43 72.67
CA ILE B 635 -49.81 15.14 71.24
C ILE B 635 -49.24 16.31 70.45
N VAL B 636 -49.46 17.55 70.91
CA VAL B 636 -48.80 18.70 70.31
C VAL B 636 -47.29 18.60 70.52
N GLY B 637 -46.86 18.24 71.73
CA GLY B 637 -45.45 18.01 71.96
C GLY B 637 -44.94 16.76 71.25
N GLY B 638 -45.83 15.80 71.00
CA GLY B 638 -45.41 14.62 70.27
C GLY B 638 -45.19 14.88 68.80
N ILE B 639 -46.07 15.66 68.17
CA ILE B 639 -45.96 15.89 66.74
C ILE B 639 -44.96 16.99 66.42
N TRP B 640 -44.72 17.93 67.34
CA TRP B 640 -43.70 18.95 67.10
C TRP B 640 -42.31 18.38 67.26
N TRP B 641 -42.14 17.38 68.10
CA TRP B 641 -40.85 16.68 68.18
C TRP B 641 -40.55 15.91 66.92
N PHE B 642 -41.54 15.20 66.38
CA PHE B 642 -41.30 14.46 65.14
C PHE B 642 -41.18 15.41 63.95
N PHE B 643 -41.79 16.59 64.04
CA PHE B 643 -41.52 17.63 63.05
C PHE B 643 -40.06 18.06 63.09
N THR B 644 -39.58 18.47 64.26
CA THR B 644 -38.22 18.96 64.34
C THR B 644 -37.18 17.85 64.33
N LEU B 645 -37.60 16.59 64.45
CA LEU B 645 -36.65 15.51 64.24
C LEU B 645 -36.24 15.42 62.79
N ILE B 646 -37.19 15.64 61.88
CA ILE B 646 -36.93 15.48 60.45
C ILE B 646 -36.25 16.71 59.87
N ILE B 647 -36.63 17.91 60.34
CA ILE B 647 -36.07 19.14 59.80
C ILE B 647 -34.59 19.26 60.15
N ILE B 648 -34.20 18.90 61.37
CA ILE B 648 -32.79 18.88 61.73
C ILE B 648 -32.06 17.77 61.01
N SER B 649 -32.72 16.62 60.83
CA SER B 649 -32.09 15.51 60.12
C SER B 649 -31.97 15.80 58.63
N SER B 650 -32.93 16.52 58.05
CA SER B 650 -32.79 16.90 56.64
C SER B 650 -31.79 18.02 56.46
N TYR B 651 -31.60 18.86 57.48
CA TYR B 651 -30.63 19.95 57.37
C TYR B 651 -29.21 19.44 57.40
N THR B 652 -28.94 18.43 58.22
CA THR B 652 -27.59 17.89 58.30
C THR B 652 -27.22 17.01 57.11
N ALA B 653 -28.17 16.63 56.28
CA ALA B 653 -27.87 15.79 55.13
C ALA B 653 -27.22 16.60 54.02
N ASN B 654 -27.85 17.70 53.61
CA ASN B 654 -27.31 18.51 52.53
C ASN B 654 -26.22 19.46 52.96
N LEU B 655 -25.97 19.59 54.26
CA LEU B 655 -25.02 20.59 54.75
C LEU B 655 -23.58 20.21 54.40
N ALA B 656 -23.31 18.94 54.16
CA ALA B 656 -22.00 18.53 53.65
C ALA B 656 -21.77 19.04 52.23
N ALA B 657 -22.85 19.20 51.45
CA ALA B 657 -22.69 19.65 50.08
C ALA B 657 -22.50 21.16 49.98
N PHE B 658 -23.25 21.92 50.77
CA PHE B 658 -23.22 23.38 50.65
C PHE B 658 -22.07 24.05 51.38
N LEU B 659 -21.20 23.30 52.05
CA LEU B 659 -19.98 23.89 52.59
C LEU B 659 -18.80 23.72 51.64
N THR B 660 -19.01 24.12 50.39
CA THR B 660 -17.95 24.25 49.40
C THR B 660 -17.94 25.68 48.91
N VAL B 661 -16.76 26.29 48.89
CA VAL B 661 -16.64 27.67 48.43
C VAL B 661 -16.86 27.74 46.93
N GLU B 662 -17.41 28.85 46.47
CA GLU B 662 -17.48 29.18 45.06
C GLU B 662 -16.51 30.31 44.79
N ARG B 663 -15.64 30.12 43.80
CA ARG B 663 -14.77 31.19 43.37
C ARG B 663 -15.59 32.29 42.69
N MET B 664 -15.00 33.48 42.64
CA MET B 664 -15.72 34.66 42.15
C MET B 664 -16.04 34.51 40.67
N GLU B 665 -17.23 34.95 40.30
CA GLU B 665 -17.60 35.01 38.89
C GLU B 665 -16.76 36.09 38.23
N SER B 666 -16.36 35.85 36.99
CA SER B 666 -15.57 36.82 36.27
C SER B 666 -16.41 38.06 35.98
N PRO B 667 -15.82 39.26 36.02
CA PRO B 667 -16.59 40.48 35.74
C PRO B 667 -17.04 40.60 34.29
N ILE B 668 -16.53 39.76 33.40
CA ILE B 668 -17.01 39.67 32.03
C ILE B 668 -17.54 38.26 31.80
N ASP B 669 -18.55 38.14 30.95
CA ASP B 669 -19.11 36.83 30.61
C ASP B 669 -19.41 36.73 29.13
N SER B 670 -19.27 37.80 28.36
CA SER B 670 -19.56 37.80 26.94
C SER B 670 -18.78 38.94 26.29
N ALA B 671 -18.94 39.07 24.98
CA ALA B 671 -18.30 40.16 24.26
C ALA B 671 -18.91 41.51 24.57
N ASP B 672 -20.16 41.54 25.01
CA ASP B 672 -20.81 42.79 25.38
C ASP B 672 -20.23 43.36 26.67
N ASP B 673 -19.71 42.49 27.55
CA ASP B 673 -19.24 42.95 28.85
C ASP B 673 -17.94 43.73 28.75
N LEU B 674 -17.07 43.39 27.79
CA LEU B 674 -15.86 44.18 27.59
C LEU B 674 -16.18 45.53 26.97
N ALA B 675 -17.29 45.64 26.24
CA ALA B 675 -17.67 46.92 25.67
C ALA B 675 -18.14 47.88 26.75
N LYS B 676 -18.85 47.37 27.76
CA LYS B 676 -19.37 48.21 28.83
C LYS B 676 -18.43 48.29 30.03
N GLN B 677 -17.15 48.54 29.77
CA GLN B 677 -16.12 48.73 30.80
C GLN B 677 -14.87 49.28 30.14
N THR B 678 -14.05 49.96 30.95
CA THR B 678 -12.70 50.33 30.54
C THR B 678 -11.66 49.93 31.57
N LYS B 679 -12.04 49.15 32.58
CA LYS B 679 -11.08 48.72 33.60
C LYS B 679 -10.15 47.64 33.05
N ILE B 680 -10.68 46.71 32.28
CA ILE B 680 -9.91 45.65 31.66
C ILE B 680 -9.59 46.07 30.24
N GLU B 681 -8.31 46.28 29.93
CA GLU B 681 -7.91 46.50 28.56
C GLU B 681 -8.08 45.21 27.77
N TYR B 682 -8.51 45.34 26.52
CA TYR B 682 -8.77 44.18 25.68
C TYR B 682 -8.32 44.45 24.26
N GLY B 683 -7.75 43.43 23.64
CA GLY B 683 -7.27 43.56 22.29
C GLY B 683 -7.00 42.22 21.64
N ALA B 684 -6.32 42.28 20.49
CA ALA B 684 -6.17 41.12 19.63
C ALA B 684 -4.79 41.14 19.00
N VAL B 685 -4.55 40.17 18.11
CA VAL B 685 -3.31 40.15 17.36
C VAL B 685 -3.37 41.19 16.26
N GLU B 686 -2.33 42.03 16.18
CA GLU B 686 -2.25 43.01 15.12
C GLU B 686 -1.97 42.31 13.79
N ASP B 687 -2.70 42.72 12.75
CA ASP B 687 -2.66 42.16 11.40
C ASP B 687 -2.99 40.67 11.39
N GLY B 688 -4.21 40.38 11.81
CA GLY B 688 -4.75 39.04 11.75
C GLY B 688 -6.19 39.06 11.33
N ALA B 689 -6.89 37.93 11.45
CA ALA B 689 -8.32 37.91 11.13
C ALA B 689 -9.14 38.64 12.18
N THR B 690 -8.69 38.61 13.44
CA THR B 690 -9.49 39.15 14.53
C THR B 690 -9.42 40.67 14.56
N MET B 691 -8.27 41.25 14.26
CA MET B 691 -8.20 42.70 14.11
C MET B 691 -9.00 43.14 12.89
N THR B 692 -8.99 42.32 11.84
CA THR B 692 -9.73 42.65 10.63
C THR B 692 -11.23 42.51 10.85
N PHE B 693 -11.64 41.56 11.70
CA PHE B 693 -13.06 41.33 11.95
C PHE B 693 -13.70 42.50 12.69
N PHE B 694 -13.04 43.03 13.70
CA PHE B 694 -13.59 44.19 14.38
C PHE B 694 -13.41 45.48 13.60
N LYS B 695 -12.46 45.50 12.65
CA LYS B 695 -12.24 46.70 11.86
C LYS B 695 -13.41 46.97 10.92
N LYS B 696 -13.98 45.91 10.35
CA LYS B 696 -15.05 46.01 9.37
C LYS B 696 -16.32 45.39 9.90
N SER B 697 -16.62 45.62 11.17
CA SER B 697 -17.86 45.17 11.78
C SER B 697 -18.85 46.31 11.86
N LYS B 698 -20.11 45.99 11.63
CA LYS B 698 -21.19 46.97 11.74
C LYS B 698 -22.18 46.59 12.84
N ILE B 699 -21.78 45.67 13.71
CA ILE B 699 -22.53 45.41 14.94
C ILE B 699 -22.18 46.49 15.94
N SER B 700 -23.21 47.04 16.61
CA SER B 700 -23.00 48.16 17.52
C SER B 700 -22.19 47.76 18.75
N THR B 701 -22.25 46.49 19.15
CA THR B 701 -21.39 46.02 20.22
C THR B 701 -19.93 45.97 19.78
N TYR B 702 -19.69 45.52 18.55
CA TYR B 702 -18.33 45.24 18.09
C TYR B 702 -17.67 46.47 17.50
N ASP B 703 -18.46 47.43 17.02
CA ASP B 703 -17.89 48.69 16.54
C ASP B 703 -17.39 49.53 17.71
N LYS B 704 -18.05 49.45 18.86
CA LYS B 704 -17.53 50.07 20.07
C LYS B 704 -16.25 49.40 20.52
N MET B 705 -16.13 48.09 20.32
CA MET B 705 -14.91 47.38 20.69
C MET B 705 -13.74 47.71 19.78
N TRP B 706 -13.97 48.21 18.58
CA TRP B 706 -12.90 48.71 17.74
C TRP B 706 -12.60 50.18 17.95
N ALA B 707 -13.62 50.97 18.32
CA ALA B 707 -13.37 52.35 18.73
C ALA B 707 -12.50 52.43 19.97
N PHE B 708 -12.56 51.41 20.83
CA PHE B 708 -11.59 51.27 21.91
C PHE B 708 -10.21 50.95 21.35
N MET B 709 -10.09 49.86 20.58
CA MET B 709 -8.79 49.33 20.15
C MET B 709 -8.05 50.30 19.24
N SER B 710 -8.76 51.09 18.45
CA SER B 710 -8.09 51.97 17.50
C SER B 710 -7.41 53.15 18.17
N SER B 711 -7.91 53.57 19.33
CA SER B 711 -7.34 54.71 20.03
C SER B 711 -5.99 54.35 20.64
N ARG B 712 -5.99 53.41 21.58
CA ARG B 712 -4.74 52.96 22.22
C ARG B 712 -4.16 51.74 21.51
N ARG B 713 -4.00 51.89 20.19
CA ARG B 713 -3.53 50.81 19.32
C ARG B 713 -2.11 50.38 19.64
N GLN B 714 -1.27 51.30 20.10
CA GLN B 714 0.11 50.98 20.45
C GLN B 714 0.22 50.16 21.74
N SER B 715 -0.86 50.06 22.52
CA SER B 715 -0.79 49.43 23.82
C SER B 715 -1.66 48.19 23.98
N VAL B 716 -2.76 48.06 23.25
CA VAL B 716 -3.64 46.92 23.44
C VAL B 716 -3.67 46.00 22.21
N LEU B 717 -2.82 46.25 21.23
CA LEU B 717 -2.67 45.30 20.12
C LEU B 717 -1.25 44.74 20.13
N VAL B 718 -1.14 43.49 20.56
CA VAL B 718 0.10 42.76 20.63
C VAL B 718 0.52 42.32 19.23
N LYS B 719 1.73 41.80 19.09
CA LYS B 719 2.28 41.42 17.80
C LYS B 719 2.09 39.95 17.46
N SER B 720 1.77 39.10 18.43
CA SER B 720 1.62 37.67 18.19
C SER B 720 0.75 37.06 19.28
N ASN B 721 0.47 35.77 19.15
CA ASN B 721 -0.25 35.06 20.20
C ASN B 721 0.58 34.92 21.46
N GLU B 722 1.91 34.79 21.31
CA GLU B 722 2.77 34.60 22.47
C GLU B 722 2.79 35.84 23.37
N GLU B 723 2.75 37.02 22.78
CA GLU B 723 2.60 38.24 23.58
C GLU B 723 1.18 38.41 24.10
N GLY B 724 0.21 37.70 23.52
CA GLY B 724 -1.14 37.71 24.02
C GLY B 724 -1.29 37.04 25.37
N ILE B 725 -0.89 35.78 25.49
CA ILE B 725 -0.98 35.06 26.76
C ILE B 725 -0.07 35.70 27.81
N GLN B 726 1.14 36.11 27.42
CA GLN B 726 2.07 36.68 28.39
C GLN B 726 1.70 38.10 28.81
N ARG B 727 0.66 38.70 28.24
CA ARG B 727 0.11 39.92 28.79
C ARG B 727 -1.24 39.71 29.46
N VAL B 728 -1.88 38.56 29.29
CA VAL B 728 -3.04 38.26 30.14
C VAL B 728 -2.56 37.88 31.53
N LEU B 729 -1.50 37.07 31.59
CA LEU B 729 -0.96 36.63 32.87
C LEU B 729 -0.33 37.80 33.63
N THR B 730 0.68 38.43 33.04
CA THR B 730 1.41 39.48 33.75
C THR B 730 0.85 40.87 33.49
N SER B 731 -0.48 41.01 33.54
CA SER B 731 -1.21 42.28 33.61
C SER B 731 -2.69 41.97 33.83
N ASP B 732 -3.53 43.00 33.78
CA ASP B 732 -4.98 42.85 33.73
C ASP B 732 -5.43 43.06 32.29
N TYR B 733 -5.82 41.98 31.62
CA TYR B 733 -5.99 42.03 30.18
C TYR B 733 -6.85 40.86 29.73
N ALA B 734 -7.70 41.09 28.74
CA ALA B 734 -8.58 40.07 28.17
C ALA B 734 -8.34 40.01 26.67
N PHE B 735 -7.92 38.84 26.19
CA PHE B 735 -7.35 38.76 24.85
C PHE B 735 -8.34 38.15 23.87
N LEU B 736 -8.57 38.86 22.76
CA LEU B 736 -9.54 38.47 21.74
C LEU B 736 -8.82 37.62 20.70
N MET B 737 -8.98 36.31 20.78
CA MET B 737 -8.20 35.41 19.95
C MET B 737 -9.11 34.30 19.44
N GLU B 738 -8.50 33.34 18.75
CA GLU B 738 -9.24 32.30 18.07
C GLU B 738 -9.68 31.24 19.07
N SER B 739 -10.59 30.36 18.63
CA SER B 739 -11.17 29.38 19.55
C SER B 739 -10.24 28.20 19.80
N THR B 740 -9.66 27.64 18.74
CA THR B 740 -8.91 26.40 18.88
C THR B 740 -7.58 26.59 19.60
N THR B 741 -7.01 27.79 19.57
CA THR B 741 -5.77 28.00 20.29
C THR B 741 -6.04 28.14 21.78
N ILE B 742 -7.22 28.68 22.15
CA ILE B 742 -7.68 28.64 23.53
C ILE B 742 -7.84 27.20 24.00
N GLU B 743 -8.29 26.32 23.11
CA GLU B 743 -8.43 24.91 23.46
C GLU B 743 -7.09 24.24 23.73
N PHE B 744 -5.99 24.80 23.24
CA PHE B 744 -4.67 24.30 23.63
C PHE B 744 -4.15 24.98 24.89
N VAL B 745 -4.36 26.30 25.00
CA VAL B 745 -3.78 27.05 26.11
C VAL B 745 -4.49 26.71 27.42
N THR B 746 -5.82 26.78 27.43
CA THR B 746 -6.57 26.52 28.65
C THR B 746 -6.56 25.04 29.03
N GLN B 747 -6.25 24.14 28.09
CA GLN B 747 -6.02 22.76 28.47
C GLN B 747 -4.65 22.58 29.10
N ARG B 748 -3.63 23.22 28.54
CA ARG B 748 -2.28 23.15 29.07
C ARG B 748 -2.12 23.93 30.36
N ASN B 749 -2.72 25.12 30.43
CA ASN B 749 -2.49 26.05 31.52
C ASN B 749 -3.77 26.17 32.35
N CYS B 750 -3.62 26.22 33.67
CA CYS B 750 -4.77 26.24 34.57
C CYS B 750 -4.95 27.58 35.28
N ASN B 751 -4.23 28.61 34.86
CA ASN B 751 -4.36 29.94 35.47
C ASN B 751 -5.38 30.75 34.69
N LEU B 752 -6.04 30.11 33.72
CA LEU B 752 -6.48 30.83 32.54
C LEU B 752 -7.61 30.11 31.82
N THR B 753 -8.68 30.84 31.48
CA THR B 753 -9.90 30.24 30.97
C THR B 753 -10.47 31.03 29.81
N GLN B 754 -11.51 30.46 29.20
CA GLN B 754 -12.23 31.09 28.10
C GLN B 754 -13.46 31.82 28.64
N ILE B 755 -13.73 33.00 28.10
CA ILE B 755 -14.87 33.82 28.52
C ILE B 755 -15.90 33.82 27.39
N GLY B 756 -17.07 33.26 27.67
CA GLY B 756 -18.19 33.36 26.76
C GLY B 756 -18.09 32.42 25.59
N GLY B 757 -19.12 32.48 24.74
CA GLY B 757 -19.20 31.67 23.55
C GLY B 757 -18.46 32.29 22.39
N LEU B 758 -18.58 31.63 21.25
CA LEU B 758 -17.88 32.07 20.05
C LEU B 758 -18.55 33.31 19.48
N ILE B 759 -17.75 34.31 19.13
CA ILE B 759 -18.27 35.52 18.53
C ILE B 759 -18.78 35.25 17.12
N ASP B 760 -17.93 34.69 16.28
CA ASP B 760 -18.32 34.25 14.94
C ASP B 760 -17.92 32.80 14.74
N SER B 761 -18.03 32.33 13.51
CA SER B 761 -17.61 30.98 13.15
C SER B 761 -16.86 31.04 11.83
N LYS B 762 -15.68 30.43 11.80
CA LYS B 762 -14.86 30.39 10.60
C LYS B 762 -13.98 29.16 10.66
N GLY B 763 -13.20 28.95 9.60
CA GLY B 763 -12.37 27.77 9.50
C GLY B 763 -10.95 28.14 9.13
N TYR B 764 -10.07 27.16 9.31
CA TYR B 764 -8.70 27.22 8.80
C TYR B 764 -8.63 26.49 7.46
N GLY B 765 -8.03 27.12 6.47
CA GLY B 765 -7.94 26.51 5.15
C GLY B 765 -6.56 26.66 4.55
N VAL B 766 -6.14 25.61 3.85
CA VAL B 766 -4.90 25.61 3.09
C VAL B 766 -4.99 26.63 1.97
N GLY B 767 -4.21 27.69 2.06
CA GLY B 767 -4.25 28.71 1.04
C GLY B 767 -3.54 28.26 -0.23
N THR B 768 -4.08 28.67 -1.36
CA THR B 768 -3.49 28.50 -2.68
C THR B 768 -3.50 29.85 -3.36
N PRO B 769 -2.68 30.05 -4.41
CA PRO B 769 -2.77 31.31 -5.16
C PRO B 769 -4.06 31.47 -5.94
N MET B 770 -4.22 32.60 -6.63
CA MET B 770 -5.49 32.98 -7.22
C MET B 770 -5.79 32.11 -8.43
N GLY B 771 -6.21 30.87 -8.18
CA GLY B 771 -6.43 29.93 -9.24
C GLY B 771 -5.27 28.95 -9.30
N SER B 772 -5.47 27.76 -8.75
CA SER B 772 -4.37 26.82 -8.63
C SER B 772 -4.85 25.41 -8.96
N PRO B 773 -3.99 24.58 -9.54
CA PRO B 773 -4.36 23.18 -9.75
C PRO B 773 -4.15 22.31 -8.52
N TYR B 774 -3.99 22.91 -7.34
CA TYR B 774 -3.82 22.17 -6.11
C TYR B 774 -4.88 22.46 -5.06
N ARG B 775 -5.84 23.35 -5.33
CA ARG B 775 -6.93 23.55 -4.39
C ARG B 775 -7.83 22.32 -4.32
N ASP B 776 -8.38 21.92 -5.47
CA ASP B 776 -9.37 20.85 -5.50
C ASP B 776 -8.76 19.52 -5.15
N LYS B 777 -7.46 19.33 -5.39
CA LYS B 777 -6.79 18.11 -4.98
C LYS B 777 -6.71 18.01 -3.46
N ILE B 778 -6.56 19.15 -2.78
CA ILE B 778 -6.54 19.16 -1.32
C ILE B 778 -7.97 19.18 -0.76
N THR B 779 -8.90 19.81 -1.48
CA THR B 779 -10.30 19.90 -1.05
C THR B 779 -10.91 18.51 -0.91
N ILE B 780 -10.68 17.64 -1.90
CA ILE B 780 -11.03 16.23 -1.75
C ILE B 780 -10.17 15.56 -0.68
N ALA B 781 -8.90 15.95 -0.55
CA ALA B 781 -8.00 15.24 0.37
C ALA B 781 -8.31 15.54 1.84
N ILE B 782 -8.77 16.75 2.16
CA ILE B 782 -9.16 17.06 3.54
C ILE B 782 -10.40 16.28 3.92
N LEU B 783 -11.34 16.13 2.98
CA LEU B 783 -12.57 15.39 3.24
C LEU B 783 -12.32 13.91 3.47
N GLN B 784 -11.23 13.37 2.91
CA GLN B 784 -10.85 11.99 3.17
C GLN B 784 -10.38 11.81 4.60
N LEU B 785 -9.65 12.80 5.13
CA LEU B 785 -9.01 12.64 6.43
C LEU B 785 -10.01 12.71 7.58
N GLN B 786 -11.03 13.55 7.46
CA GLN B 786 -12.06 13.59 8.51
C GLN B 786 -13.06 12.46 8.36
N GLU B 787 -13.17 11.86 7.18
CA GLU B 787 -13.95 10.65 7.06
C GLU B 787 -13.26 9.48 7.73
N GLU B 788 -11.94 9.37 7.53
CA GLU B 788 -11.15 8.38 8.24
C GLU B 788 -11.01 8.72 9.71
N GLY B 789 -11.14 9.99 10.06
CA GLY B 789 -11.01 10.43 11.43
C GLY B 789 -9.64 10.94 11.81
N LYS B 790 -8.71 11.02 10.85
CA LYS B 790 -7.35 11.43 11.17
C LYS B 790 -7.25 12.90 11.52
N LEU B 791 -8.17 13.74 11.02
CA LEU B 791 -8.23 15.11 11.50
C LEU B 791 -8.68 15.18 12.96
N HIS B 792 -9.46 14.19 13.40
CA HIS B 792 -9.78 14.12 14.82
C HIS B 792 -8.68 13.44 15.62
N MET B 793 -7.97 12.49 15.01
CA MET B 793 -6.85 11.85 15.69
C MET B 793 -5.70 12.83 15.90
N MET B 794 -5.41 13.68 14.91
CA MET B 794 -4.38 14.70 15.09
C MET B 794 -4.86 15.83 15.99
N LYS B 795 -6.18 16.04 16.07
CA LYS B 795 -6.75 16.99 17.02
C LYS B 795 -6.47 16.57 18.45
N GLU B 796 -6.75 15.30 18.76
CA GLU B 796 -6.52 14.79 20.12
C GLU B 796 -5.05 14.54 20.39
N LYS B 797 -4.19 14.62 19.37
CA LYS B 797 -2.79 14.34 19.59
C LYS B 797 -2.05 15.58 20.12
N TRP B 798 -2.47 16.77 19.71
CA TRP B 798 -1.77 17.98 20.11
C TRP B 798 -2.52 18.83 21.12
N TRP B 799 -3.84 19.04 20.95
CA TRP B 799 -4.59 19.84 21.91
C TRP B 799 -4.82 19.14 23.24
N ARG B 800 -4.78 17.82 23.27
CA ARG B 800 -4.86 17.13 24.55
C ARG B 800 -3.50 17.16 25.23
N GLY B 801 -3.46 17.82 26.37
CA GLY B 801 -2.25 17.92 27.17
C GLY B 801 -2.55 17.35 28.53
N ASN B 802 -2.02 18.01 29.57
CA ASN B 802 -2.37 17.64 30.93
C ASN B 802 -3.84 17.94 31.17
N GLY B 803 -4.46 17.16 32.06
CA GLY B 803 -5.89 17.22 32.27
C GLY B 803 -6.40 18.49 32.92
N CYS B 804 -5.49 19.34 33.45
CA CYS B 804 -5.76 20.58 34.17
C CYS B 804 -6.71 20.29 35.32
N PRO B 805 -6.20 19.70 36.44
CA PRO B 805 -7.05 19.16 37.53
C PRO B 805 -8.13 20.08 38.06
N GLU B 806 -9.35 19.58 38.03
CA GLU B 806 -10.54 20.41 37.93
C GLU B 806 -10.87 21.09 39.26
N GLU B 807 -11.94 21.88 39.21
CA GLU B 807 -12.44 22.55 40.41
C GLU B 807 -13.10 21.57 41.36
N GLU B 808 -13.55 20.42 40.86
CA GLU B 808 -14.10 19.37 41.71
C GLU B 808 -12.98 18.38 42.07
N SER B 809 -11.99 18.93 42.77
CA SER B 809 -10.85 18.19 43.31
C SER B 809 -10.58 18.64 44.74
N LYS B 810 -11.64 18.68 45.54
CA LYS B 810 -11.64 19.27 46.87
C LYS B 810 -10.70 18.56 47.83
N GLU B 811 -10.99 17.30 48.13
CA GLU B 811 -10.14 16.31 48.82
C GLU B 811 -9.95 16.60 50.31
N ALA B 812 -10.28 17.81 50.75
CA ALA B 812 -10.16 18.29 52.12
C ALA B 812 -10.84 19.65 52.20
N SER B 813 -11.61 19.86 53.26
CA SER B 813 -12.18 21.19 53.49
C SER B 813 -12.34 21.37 55.00
N ALA B 814 -11.32 21.96 55.62
CA ALA B 814 -11.43 22.38 57.01
C ALA B 814 -12.23 23.67 57.05
N LEU B 815 -13.31 23.68 57.83
CA LEU B 815 -14.23 24.82 57.82
C LEU B 815 -13.61 26.01 58.52
N GLY B 816 -13.50 27.11 57.80
CA GLY B 816 -12.89 28.31 58.34
C GLY B 816 -13.89 29.43 58.53
N VAL B 817 -13.38 30.65 58.69
CA VAL B 817 -14.23 31.80 58.93
C VAL B 817 -14.95 32.22 57.64
N GLN B 818 -14.44 31.84 56.47
CA GLN B 818 -15.16 32.09 55.23
C GLN B 818 -16.31 31.12 55.04
N ASN B 819 -16.20 29.91 55.59
CA ASN B 819 -17.19 28.87 55.33
C ASN B 819 -18.46 29.08 56.16
N ILE B 820 -18.35 29.01 57.48
CA ILE B 820 -19.54 29.16 58.31
C ILE B 820 -19.82 30.63 58.63
N GLY B 821 -18.93 31.30 59.36
CA GLY B 821 -18.88 32.75 59.37
C GLY B 821 -20.05 33.51 59.99
N GLY B 822 -21.24 33.33 59.40
CA GLY B 822 -22.40 34.15 59.70
C GLY B 822 -23.13 33.80 60.97
N ILE B 823 -22.87 32.63 61.54
CA ILE B 823 -23.44 32.31 62.85
C ILE B 823 -22.77 33.13 63.94
N PHE B 824 -21.53 33.58 63.72
CA PHE B 824 -20.92 34.52 64.64
C PHE B 824 -21.51 35.91 64.50
N ILE B 825 -22.03 36.23 63.32
CA ILE B 825 -22.70 37.51 63.12
C ILE B 825 -24.03 37.54 63.86
N VAL B 826 -24.83 36.49 63.71
CA VAL B 826 -26.11 36.45 64.40
C VAL B 826 -25.95 36.16 65.88
N LEU B 827 -24.82 35.58 66.29
CA LEU B 827 -24.52 35.53 67.72
C LEU B 827 -24.21 36.92 68.25
N ALA B 828 -23.51 37.73 67.46
CA ALA B 828 -23.30 39.13 67.81
C ALA B 828 -24.57 39.95 67.61
N ALA B 829 -25.53 39.45 66.83
CA ALA B 829 -26.75 40.21 66.62
C ALA B 829 -27.77 39.97 67.73
N GLY B 830 -27.93 38.72 68.15
CA GLY B 830 -28.93 38.41 69.16
C GLY B 830 -28.57 38.90 70.55
N LEU B 831 -27.28 38.86 70.89
CA LEU B 831 -26.86 39.31 72.21
C LEU B 831 -26.95 40.82 72.36
N VAL B 832 -26.64 41.57 71.30
CA VAL B 832 -26.89 43.01 71.33
C VAL B 832 -28.38 43.29 71.36
N LEU B 833 -29.18 42.45 70.69
CA LEU B 833 -30.64 42.52 70.82
C LEU B 833 -31.08 42.17 72.23
N SER B 834 -30.37 41.26 72.90
CA SER B 834 -30.78 40.84 74.23
C SER B 834 -30.44 41.87 75.30
N VAL B 835 -29.38 42.66 75.10
CA VAL B 835 -29.09 43.74 76.04
C VAL B 835 -30.15 44.83 75.92
N PHE B 836 -30.68 45.03 74.71
CA PHE B 836 -31.73 46.02 74.49
C PHE B 836 -33.02 45.65 75.23
N VAL B 837 -33.42 44.39 75.14
CA VAL B 837 -34.64 43.96 75.82
C VAL B 837 -34.40 43.80 77.33
N ALA B 838 -33.15 43.67 77.76
CA ALA B 838 -32.86 43.61 79.18
C ALA B 838 -33.05 44.96 79.84
N VAL B 839 -32.70 46.05 79.14
CA VAL B 839 -32.92 47.38 79.67
C VAL B 839 -34.41 47.71 79.66
N GLY B 840 -35.13 47.27 78.62
CA GLY B 840 -36.55 47.57 78.52
C GLY B 840 -37.39 46.87 79.57
N GLU B 841 -36.94 45.71 80.05
CA GLU B 841 -37.60 45.09 81.19
C GLU B 841 -37.19 45.76 82.50
N PHE B 842 -35.94 46.23 82.58
CA PHE B 842 -35.52 46.99 83.74
C PHE B 842 -36.28 48.30 83.85
N LEU B 843 -36.53 48.96 82.72
CA LEU B 843 -37.33 50.17 82.73
C LEU B 843 -38.82 49.89 82.87
N TYR B 844 -39.23 48.62 82.71
CA TYR B 844 -40.64 48.28 82.92
C TYR B 844 -40.95 48.08 84.39
N LYS B 845 -40.02 47.48 85.15
CA LYS B 845 -40.18 47.44 86.60
C LYS B 845 -39.91 48.79 87.25
N SER B 846 -39.27 49.72 86.54
CA SER B 846 -39.26 51.10 87.00
C SER B 846 -40.56 51.82 86.63
N LYS B 847 -41.35 51.21 85.74
CA LYS B 847 -42.61 51.81 85.31
C LYS B 847 -43.78 51.34 86.18
N LYS B 848 -43.80 50.06 86.56
CA LYS B 848 -44.85 49.61 87.47
C LYS B 848 -44.59 50.08 88.89
N ASN B 849 -43.33 50.36 89.23
CA ASN B 849 -43.04 51.00 90.51
C ASN B 849 -43.07 52.51 90.42
N ALA B 850 -43.38 53.07 89.24
CA ALA B 850 -43.48 54.52 89.11
C ALA B 850 -44.76 55.05 89.77
N GLN B 851 -45.75 54.19 89.93
CA GLN B 851 -46.95 54.57 90.68
C GLN B 851 -46.76 54.43 92.19
N LEU B 852 -45.59 53.99 92.64
CA LEU B 852 -45.38 53.77 94.07
C LEU B 852 -44.70 54.98 94.71
N GLU B 853 -43.47 55.29 94.29
CA GLU B 853 -42.65 56.27 95.01
C GLU B 853 -42.32 57.51 94.18
N LYS B 854 -41.63 57.36 93.05
CA LYS B 854 -41.18 58.48 92.23
C LYS B 854 -41.39 58.09 90.77
N ARG B 855 -40.79 58.83 89.84
CA ARG B 855 -41.01 58.51 88.43
C ARG B 855 -39.98 57.50 87.90
N SER B 856 -38.69 57.80 88.03
CA SER B 856 -37.66 56.87 87.58
C SER B 856 -36.68 56.51 88.67
N PHE B 857 -36.12 57.52 89.34
CA PHE B 857 -34.91 57.34 90.13
C PHE B 857 -35.12 56.58 91.44
N CYS B 858 -36.37 56.41 91.87
CA CYS B 858 -36.63 55.58 93.04
C CYS B 858 -36.38 54.12 92.70
N SER B 859 -37.15 53.59 91.74
CA SER B 859 -37.01 52.19 91.35
C SER B 859 -35.75 51.91 90.55
N ALA B 860 -35.13 52.93 89.96
CA ALA B 860 -33.86 52.73 89.28
C ALA B 860 -32.73 52.47 90.27
N MET B 861 -32.50 53.44 91.17
CA MET B 861 -31.32 53.41 92.03
C MET B 861 -31.36 52.28 93.03
N VAL B 862 -32.56 51.92 93.51
CA VAL B 862 -32.70 50.75 94.38
C VAL B 862 -32.40 49.47 93.61
N GLU B 863 -32.82 49.39 92.36
CA GLU B 863 -32.53 48.21 91.54
C GLU B 863 -31.24 48.32 90.75
N GLU B 864 -30.64 49.51 90.65
CA GLU B 864 -29.25 49.58 90.24
C GLU B 864 -28.29 49.11 91.32
N LEU B 865 -28.71 49.16 92.59
CA LEU B 865 -27.93 48.51 93.63
C LEU B 865 -27.97 47.00 93.49
N ARG B 866 -29.05 46.46 92.91
CA ARG B 866 -29.24 45.02 92.82
C ARG B 866 -28.20 44.37 91.93
N MET B 867 -27.70 45.09 90.92
CA MET B 867 -26.55 44.60 90.16
C MET B 867 -25.27 44.74 90.97
N SER B 868 -25.24 45.67 91.92
CA SER B 868 -24.02 45.94 92.68
C SER B 868 -23.93 45.16 93.99
N LEU B 869 -25.04 44.64 94.51
CA LEU B 869 -24.99 43.75 95.67
C LEU B 869 -24.23 42.46 95.40
N LYS B 870 -24.77 41.61 94.52
CA LYS B 870 -24.21 40.33 94.04
C LYS B 870 -24.06 39.26 95.12
N CYS B 871 -24.38 39.56 96.38
CA CYS B 871 -24.28 38.60 97.47
C CYS B 871 -25.54 38.57 98.32
N GLN B 872 -26.15 39.72 98.58
CA GLN B 872 -27.33 39.79 99.42
C GLN B 872 -28.58 39.60 98.57
N ARG B 873 -29.53 38.82 99.10
CA ARG B 873 -30.69 38.38 98.34
C ARG B 873 -31.71 39.50 98.20
N ARG B 874 -32.25 39.97 99.34
CA ARG B 874 -33.24 41.04 99.35
C ARG B 874 -33.31 41.71 100.72
N THR C 33 -24.20 22.17 -97.37
CA THR C 33 -22.74 22.25 -97.49
C THR C 33 -22.11 20.88 -97.32
N HIS C 34 -21.92 20.47 -96.08
CA HIS C 34 -21.36 19.15 -95.75
C HIS C 34 -22.35 18.38 -94.88
N VAL C 35 -22.30 17.06 -95.00
CA VAL C 35 -23.32 16.17 -94.46
C VAL C 35 -22.62 15.35 -93.38
N LEU C 36 -21.76 16.02 -92.61
CA LEU C 36 -20.98 15.43 -91.53
C LEU C 36 -21.86 14.68 -90.53
N ARG C 37 -21.50 13.41 -90.27
CA ARG C 37 -22.36 12.52 -89.50
C ARG C 37 -21.63 12.03 -88.25
N PHE C 38 -22.37 11.82 -87.17
CA PHE C 38 -21.79 11.33 -85.90
C PHE C 38 -22.33 9.92 -85.63
N GLY C 39 -21.50 9.11 -84.99
CA GLY C 39 -21.90 7.77 -84.57
C GLY C 39 -22.63 7.79 -83.25
N GLY C 40 -23.64 6.92 -83.09
CA GLY C 40 -24.58 7.07 -82.01
C GLY C 40 -24.99 5.82 -81.25
N ILE C 41 -24.07 4.90 -80.98
CA ILE C 41 -24.41 3.62 -80.38
C ILE C 41 -24.87 3.78 -78.94
N PHE C 42 -26.14 3.46 -78.67
CA PHE C 42 -26.70 3.51 -77.33
C PHE C 42 -27.37 2.20 -76.94
N GLU C 43 -27.99 2.23 -75.76
CA GLU C 43 -28.69 1.10 -75.18
C GLU C 43 -30.04 0.89 -75.89
N TYR C 44 -30.52 -0.35 -75.94
CA TYR C 44 -31.79 -0.68 -76.59
C TYR C 44 -32.86 -0.93 -75.54
N VAL C 45 -33.82 -0.03 -75.46
CA VAL C 45 -35.00 -0.22 -74.62
C VAL C 45 -36.21 -0.26 -75.54
N GLU C 46 -37.26 -0.97 -75.14
CA GLU C 46 -38.43 -1.14 -76.00
C GLU C 46 -39.73 -0.75 -75.29
N SER C 47 -39.74 -0.83 -73.97
CA SER C 47 -40.97 -0.57 -73.21
C SER C 47 -41.17 0.93 -73.02
N GLY C 48 -40.23 1.57 -72.35
CA GLY C 48 -40.28 3.01 -72.13
C GLY C 48 -39.84 3.78 -73.36
N PRO C 49 -39.76 5.11 -73.23
CA PRO C 49 -39.24 5.93 -74.33
C PRO C 49 -37.72 5.81 -74.46
N MET C 50 -37.12 6.59 -75.37
CA MET C 50 -35.68 6.57 -75.61
C MET C 50 -34.90 6.98 -74.36
N GLY C 51 -33.70 6.47 -74.22
CA GLY C 51 -32.95 6.59 -72.97
C GLY C 51 -32.49 8.01 -72.67
N ALA C 52 -31.80 8.12 -71.53
CA ALA C 52 -31.33 9.42 -71.08
C ALA C 52 -30.24 9.96 -71.98
N GLU C 53 -29.26 9.12 -72.31
CA GLU C 53 -28.12 9.62 -73.09
C GLU C 53 -28.47 9.75 -74.57
N GLU C 54 -29.56 9.15 -75.02
CA GLU C 54 -29.88 9.25 -76.43
C GLU C 54 -30.50 10.60 -76.75
N LEU C 55 -31.42 11.07 -75.90
CA LEU C 55 -31.95 12.43 -76.04
C LEU C 55 -30.86 13.47 -75.86
N ALA C 56 -29.93 13.22 -74.93
CA ALA C 56 -28.82 14.14 -74.71
C ALA C 56 -27.89 14.20 -75.91
N PHE C 57 -27.91 13.18 -76.75
CA PHE C 57 -27.28 13.27 -78.07
C PHE C 57 -28.22 13.92 -79.08
N ARG C 58 -29.52 13.64 -78.99
CA ARG C 58 -30.47 14.20 -79.94
C ARG C 58 -30.72 15.69 -79.68
N PHE C 59 -30.90 16.07 -78.42
CA PHE C 59 -31.15 17.46 -78.05
C PHE C 59 -29.92 18.34 -78.30
N ALA C 60 -28.73 17.73 -78.26
CA ALA C 60 -27.51 18.49 -78.50
C ALA C 60 -27.32 18.80 -79.96
N VAL C 61 -27.53 17.81 -80.84
CA VAL C 61 -27.35 18.02 -82.27
C VAL C 61 -28.44 18.95 -82.80
N ASN C 62 -29.64 18.87 -82.21
CA ASN C 62 -30.72 19.78 -82.58
C ASN C 62 -30.45 21.20 -82.07
N THR C 63 -29.68 21.32 -81.00
CA THR C 63 -29.31 22.65 -80.49
C THR C 63 -28.28 23.31 -81.39
N ILE C 64 -27.25 22.55 -81.81
CA ILE C 64 -26.09 23.14 -82.45
C ILE C 64 -26.38 23.59 -83.88
N ASN C 65 -27.15 22.81 -84.64
CA ASN C 65 -27.29 23.10 -86.06
C ASN C 65 -28.22 24.27 -86.37
N ARG C 66 -28.93 24.81 -85.36
CA ARG C 66 -29.75 25.99 -85.60
C ARG C 66 -28.97 27.27 -85.32
N ASN C 67 -27.84 27.13 -84.63
CA ASN C 67 -26.98 28.24 -84.20
C ASN C 67 -25.86 28.52 -85.19
N ARG C 68 -26.05 29.53 -86.05
CA ARG C 68 -25.02 29.97 -87.00
C ARG C 68 -23.95 30.78 -86.27
N THR C 69 -23.17 30.06 -85.47
CA THR C 69 -22.34 30.50 -84.35
C THR C 69 -21.38 29.32 -84.28
N LEU C 70 -21.05 28.83 -83.08
CA LEU C 70 -20.49 27.49 -82.91
C LEU C 70 -21.09 26.47 -83.88
N LEU C 71 -20.23 25.87 -84.71
CA LEU C 71 -20.56 25.08 -85.90
C LEU C 71 -21.49 25.87 -86.83
N PRO C 72 -20.95 26.82 -87.59
CA PRO C 72 -21.82 27.73 -88.38
C PRO C 72 -22.27 27.22 -89.74
N ASN C 73 -21.48 26.39 -90.42
CA ASN C 73 -21.63 26.25 -91.86
C ASN C 73 -21.67 24.80 -92.31
N THR C 74 -22.00 23.87 -91.43
CA THR C 74 -22.03 22.44 -91.73
C THR C 74 -23.34 21.86 -91.20
N THR C 75 -23.92 20.92 -91.94
CA THR C 75 -25.12 20.22 -91.51
C THR C 75 -24.69 18.96 -90.78
N LEU C 76 -24.89 18.93 -89.46
CA LEU C 76 -24.64 17.72 -88.69
C LEU C 76 -25.73 16.71 -88.95
N THR C 77 -25.36 15.44 -88.93
CA THR C 77 -26.28 14.33 -89.11
C THR C 77 -26.12 13.39 -87.93
N TYR C 78 -27.22 13.11 -87.24
CA TYR C 78 -27.15 12.18 -86.13
C TYR C 78 -27.66 10.81 -86.56
N ASP C 79 -27.01 9.77 -86.03
CA ASP C 79 -27.33 8.41 -86.44
C ASP C 79 -27.19 7.47 -85.26
N THR C 80 -28.29 7.17 -84.59
CA THR C 80 -28.24 6.30 -83.43
C THR C 80 -28.35 4.84 -83.85
N GLN C 81 -27.64 3.98 -83.11
CA GLN C 81 -27.83 2.54 -83.19
C GLN C 81 -28.05 2.01 -81.78
N LYS C 82 -28.79 0.91 -81.67
CA LYS C 82 -29.12 0.41 -80.35
C LYS C 82 -28.57 -1.00 -80.14
N ILE C 83 -27.81 -1.17 -79.06
CA ILE C 83 -27.27 -2.47 -78.71
C ILE C 83 -27.86 -2.91 -77.37
N ASN C 84 -27.55 -4.13 -76.97
CA ASN C 84 -28.08 -4.66 -75.71
C ASN C 84 -27.21 -4.22 -74.54
N LEU C 85 -26.08 -3.55 -74.85
CA LEU C 85 -25.21 -2.80 -73.94
C LEU C 85 -24.36 -3.73 -73.06
N TYR C 86 -24.64 -5.03 -73.12
CA TYR C 86 -23.80 -6.06 -72.51
C TYR C 86 -23.37 -7.07 -73.54
N ASP C 87 -23.56 -6.72 -74.81
CA ASP C 87 -23.28 -7.61 -75.94
C ASP C 87 -22.20 -6.92 -76.77
N SER C 88 -20.94 -7.21 -76.45
CA SER C 88 -19.84 -6.47 -77.07
C SER C 88 -19.56 -6.93 -78.49
N PHE C 89 -20.25 -7.96 -78.98
CA PHE C 89 -20.18 -8.27 -80.40
C PHE C 89 -21.22 -7.51 -81.19
N GLU C 90 -22.40 -7.29 -80.60
CA GLU C 90 -23.42 -6.50 -81.29
C GLU C 90 -23.01 -5.04 -81.37
N ALA C 91 -22.23 -4.57 -80.39
CA ALA C 91 -21.61 -3.26 -80.50
C ALA C 91 -20.58 -3.23 -81.63
N SER C 92 -19.86 -4.33 -81.82
CA SER C 92 -18.86 -4.37 -82.88
C SER C 92 -19.50 -4.55 -84.25
N LYS C 93 -20.76 -5.01 -84.29
CA LYS C 93 -21.48 -5.03 -85.56
C LYS C 93 -22.01 -3.64 -85.90
N LYS C 94 -22.60 -2.96 -84.93
CA LYS C 94 -23.14 -1.63 -85.16
C LYS C 94 -22.03 -0.61 -85.40
N ALA C 95 -20.82 -0.86 -84.86
CA ALA C 95 -19.69 -0.03 -85.21
C ALA C 95 -19.31 -0.18 -86.67
N CYS C 96 -19.12 -1.42 -87.13
CA CYS C 96 -18.76 -1.66 -88.53
C CYS C 96 -19.91 -1.34 -89.49
N ASP C 97 -21.12 -1.13 -88.97
CA ASP C 97 -22.18 -0.54 -89.80
C ASP C 97 -21.99 0.96 -89.93
N GLN C 98 -21.67 1.64 -88.82
CA GLN C 98 -21.55 3.09 -88.83
C GLN C 98 -20.26 3.55 -89.50
N LEU C 99 -19.16 2.83 -89.28
CA LEU C 99 -17.93 3.15 -89.99
C LEU C 99 -18.03 2.88 -91.49
N SER C 100 -18.80 1.88 -91.91
CA SER C 100 -19.02 1.65 -93.33
C SER C 100 -19.92 2.72 -93.93
N LEU C 101 -20.87 3.23 -93.15
CA LEU C 101 -21.71 4.33 -93.60
C LEU C 101 -20.93 5.63 -93.52
N GLY C 102 -20.00 5.70 -92.59
CA GLY C 102 -19.14 6.86 -92.45
C GLY C 102 -19.61 7.86 -91.42
N VAL C 103 -18.88 7.96 -90.31
CA VAL C 103 -19.20 8.91 -89.25
C VAL C 103 -17.96 9.72 -88.91
N ALA C 104 -18.08 10.57 -87.90
CA ALA C 104 -16.95 11.37 -87.45
C ALA C 104 -16.55 11.00 -86.03
N ALA C 105 -17.54 10.61 -85.22
CA ALA C 105 -17.28 10.30 -83.82
C ALA C 105 -18.33 9.36 -83.25
N ILE C 106 -17.90 8.20 -82.74
CA ILE C 106 -18.85 7.29 -82.11
C ILE C 106 -18.97 7.62 -80.64
N PHE C 107 -20.17 8.01 -80.25
CA PHE C 107 -20.41 8.55 -78.92
C PHE C 107 -20.76 7.47 -77.92
N GLY C 108 -19.79 6.61 -77.60
CA GLY C 108 -19.75 5.96 -76.32
C GLY C 108 -20.78 4.90 -76.03
N PRO C 109 -20.64 3.70 -76.60
CA PRO C 109 -21.31 2.54 -76.00
C PRO C 109 -20.90 2.44 -74.54
N SER C 110 -21.85 2.72 -73.66
CA SER C 110 -21.53 3.27 -72.34
C SER C 110 -21.54 2.17 -71.28
N HIS C 111 -20.68 1.18 -71.48
CA HIS C 111 -20.43 0.16 -70.48
C HIS C 111 -19.07 -0.47 -70.71
N SER C 112 -18.42 -0.94 -69.63
CA SER C 112 -17.04 -1.43 -69.64
C SER C 112 -16.80 -2.58 -70.60
N SER C 113 -17.80 -3.44 -70.79
CA SER C 113 -17.66 -4.54 -71.74
C SER C 113 -17.85 -4.04 -73.16
N SER C 114 -18.77 -3.11 -73.36
CA SER C 114 -19.11 -2.67 -74.70
C SER C 114 -18.16 -1.58 -75.20
N ALA C 115 -17.45 -0.94 -74.28
CA ALA C 115 -16.55 0.14 -74.66
C ALA C 115 -15.25 -0.42 -75.23
N ASN C 116 -14.65 -1.40 -74.54
CA ASN C 116 -13.40 -2.03 -74.95
C ASN C 116 -13.45 -2.68 -76.34
N ALA C 117 -14.65 -3.04 -76.80
CA ALA C 117 -14.78 -3.48 -78.18
C ALA C 117 -14.63 -2.29 -79.13
N VAL C 118 -15.49 -1.28 -78.97
CA VAL C 118 -15.59 -0.21 -79.96
C VAL C 118 -14.39 0.73 -79.89
N GLN C 119 -13.77 0.85 -78.70
CA GLN C 119 -12.54 1.63 -78.55
C GLN C 119 -11.41 1.09 -79.41
N SER C 120 -11.21 -0.23 -79.40
CA SER C 120 -10.15 -0.81 -80.21
C SER C 120 -10.53 -0.88 -81.68
N ILE C 121 -11.84 -0.79 -81.98
CA ILE C 121 -12.26 -0.60 -83.37
C ILE C 121 -11.84 0.80 -83.84
N CYS C 122 -12.12 1.80 -83.00
CA CYS C 122 -11.82 3.17 -83.38
C CYS C 122 -10.33 3.46 -83.39
N ASN C 123 -9.57 2.78 -82.53
CA ASN C 123 -8.12 2.87 -82.61
C ASN C 123 -7.59 2.26 -83.91
N ALA C 124 -8.26 1.23 -84.41
CA ALA C 124 -7.81 0.55 -85.62
C ALA C 124 -8.05 1.39 -86.86
N LEU C 125 -9.30 1.84 -87.05
CA LEU C 125 -9.65 2.47 -88.32
C LEU C 125 -9.54 3.98 -88.25
N GLY C 126 -9.38 4.54 -87.05
CA GLY C 126 -8.89 5.91 -86.96
C GLY C 126 -9.79 6.94 -86.33
N VAL C 127 -11.11 6.72 -86.38
CA VAL C 127 -12.07 7.78 -86.00
C VAL C 127 -12.07 7.96 -84.49
N PRO C 128 -12.36 9.17 -83.97
CA PRO C 128 -12.34 9.39 -82.51
C PRO C 128 -13.52 8.72 -81.83
N HIS C 129 -13.26 8.16 -80.66
CA HIS C 129 -14.28 7.47 -79.86
C HIS C 129 -14.52 8.30 -78.61
N ILE C 130 -15.71 8.90 -78.51
CA ILE C 130 -15.98 9.89 -77.48
C ILE C 130 -16.68 9.19 -76.33
N GLN C 131 -15.90 8.68 -75.37
CA GLN C 131 -16.47 7.97 -74.24
C GLN C 131 -17.15 8.96 -73.30
N THR C 132 -18.34 8.60 -72.81
CA THR C 132 -19.02 9.50 -71.87
C THR C 132 -19.34 8.83 -70.54
N ARG C 133 -18.70 7.73 -70.17
CA ARG C 133 -18.81 7.19 -68.82
C ARG C 133 -17.50 6.48 -68.53
N TRP C 134 -17.10 6.51 -67.27
CA TRP C 134 -15.85 5.91 -66.80
C TRP C 134 -15.82 4.42 -67.08
N LYS C 135 -14.72 3.97 -67.66
CA LYS C 135 -14.45 2.56 -67.85
C LYS C 135 -13.09 2.25 -67.24
N HIS C 136 -12.67 1.00 -67.29
CA HIS C 136 -11.37 0.65 -66.75
C HIS C 136 -10.30 0.74 -67.83
N GLN C 137 -9.48 1.79 -67.78
CA GLN C 137 -8.33 1.89 -68.66
C GLN C 137 -7.28 0.88 -68.24
N VAL C 138 -7.07 -0.14 -69.07
CA VAL C 138 -6.05 -1.14 -68.80
C VAL C 138 -4.68 -0.49 -69.02
N SER C 139 -3.77 -0.69 -68.06
CA SER C 139 -2.48 0.00 -68.03
C SER C 139 -1.59 -0.32 -69.23
N ASP C 140 -1.71 -1.52 -69.80
CA ASP C 140 -0.96 -1.88 -70.99
C ASP C 140 -1.79 -1.83 -72.26
N ASN C 141 -2.96 -1.20 -72.21
CA ASN C 141 -3.78 -1.06 -73.41
C ASN C 141 -3.34 0.18 -74.16
N LYS C 142 -2.33 0.04 -75.03
CA LYS C 142 -1.76 1.20 -75.71
C LYS C 142 -2.68 1.71 -76.79
N ASP C 143 -3.67 2.51 -76.40
CA ASP C 143 -4.59 3.15 -77.31
C ASP C 143 -4.58 4.66 -77.05
N SER C 144 -4.60 5.44 -78.13
CA SER C 144 -5.06 6.82 -78.04
C SER C 144 -5.69 7.26 -79.35
N PHE C 145 -7.00 7.05 -79.47
CA PHE C 145 -7.95 7.67 -80.38
C PHE C 145 -9.27 7.88 -79.64
N TYR C 146 -9.20 8.14 -78.33
CA TYR C 146 -10.42 8.17 -77.54
C TYR C 146 -10.29 9.30 -76.53
N VAL C 147 -11.42 9.93 -76.20
CA VAL C 147 -11.47 10.79 -75.02
C VAL C 147 -12.57 10.29 -74.10
N SER C 148 -12.46 10.61 -72.82
CA SER C 148 -13.36 10.10 -71.80
C SER C 148 -13.83 11.25 -70.92
N LEU C 149 -15.02 11.77 -71.21
CA LEU C 149 -15.52 12.98 -70.57
C LEU C 149 -16.10 12.74 -69.19
N TYR C 150 -15.99 11.53 -68.65
CA TYR C 150 -16.38 11.35 -67.27
C TYR C 150 -15.19 11.76 -66.44
N PRO C 151 -15.37 12.45 -65.32
CA PRO C 151 -14.23 12.80 -64.47
C PRO C 151 -13.54 11.59 -63.88
N ASP C 152 -12.22 11.49 -64.08
CA ASP C 152 -11.45 10.31 -63.70
C ASP C 152 -11.51 10.11 -62.20
N PHE C 153 -11.59 8.84 -61.81
CA PHE C 153 -11.54 8.47 -60.40
C PHE C 153 -10.13 8.43 -59.83
N SER C 154 -9.12 8.77 -60.63
CA SER C 154 -7.82 9.09 -60.04
C SER C 154 -7.87 10.47 -59.40
N SER C 155 -8.73 11.34 -59.90
CA SER C 155 -8.87 12.66 -59.31
C SER C 155 -9.96 12.68 -58.24
N LEU C 156 -11.10 12.04 -58.54
CA LEU C 156 -12.22 12.02 -57.60
C LEU C 156 -11.90 11.30 -56.30
N SER C 157 -11.14 10.21 -56.34
CA SER C 157 -10.81 9.49 -55.12
C SER C 157 -9.82 10.26 -54.26
N ARG C 158 -9.15 11.28 -54.83
CA ARG C 158 -8.43 12.23 -53.99
C ARG C 158 -9.38 13.26 -53.38
N ALA C 159 -10.47 13.56 -54.05
CA ALA C 159 -11.41 14.56 -53.54
C ALA C 159 -12.21 14.02 -52.36
N ILE C 160 -12.67 12.77 -52.43
CA ILE C 160 -13.23 12.12 -51.24
C ILE C 160 -12.15 11.95 -50.16
N LEU C 161 -10.90 11.74 -50.58
CA LEU C 161 -9.80 11.73 -49.62
C LEU C 161 -9.56 13.12 -49.03
N ASP C 162 -9.91 14.18 -49.76
CA ASP C 162 -9.79 15.52 -49.20
C ASP C 162 -10.83 15.79 -48.12
N LEU C 163 -12.06 15.28 -48.31
CA LEU C 163 -13.12 15.54 -47.35
C LEU C 163 -12.94 14.75 -46.06
N VAL C 164 -12.38 13.55 -46.14
CA VAL C 164 -12.20 12.75 -44.93
C VAL C 164 -11.01 13.26 -44.13
N GLN C 165 -10.17 14.10 -44.77
CA GLN C 165 -9.16 14.85 -44.03
C GLN C 165 -9.73 16.15 -43.49
N PHE C 166 -10.70 16.71 -44.19
CA PHE C 166 -11.29 17.98 -43.80
C PHE C 166 -12.31 17.77 -42.68
N PHE C 167 -12.99 16.62 -42.71
CA PHE C 167 -13.97 16.29 -41.66
C PHE C 167 -13.31 15.45 -40.59
N LYS C 168 -12.04 15.09 -40.82
CA LYS C 168 -11.13 14.52 -39.82
C LYS C 168 -11.65 13.20 -39.27
N TRP C 169 -12.16 12.36 -40.16
CA TRP C 169 -12.67 11.06 -39.76
C TRP C 169 -11.51 10.11 -39.48
N LYS C 170 -11.79 9.05 -38.73
CA LYS C 170 -10.80 8.01 -38.49
C LYS C 170 -11.44 6.64 -38.50
N THR C 171 -12.75 6.58 -38.74
CA THR C 171 -13.46 5.32 -38.76
C THR C 171 -14.39 5.32 -39.97
N VAL C 172 -13.82 5.61 -41.14
CA VAL C 172 -14.56 5.66 -42.40
C VAL C 172 -15.05 4.27 -42.78
N THR C 173 -16.06 4.22 -43.65
CA THR C 173 -16.62 2.94 -44.10
C THR C 173 -17.10 3.05 -45.54
N VAL C 174 -16.48 2.32 -46.45
CA VAL C 174 -16.87 2.33 -47.85
C VAL C 174 -17.92 1.27 -48.12
N VAL C 175 -19.04 1.68 -48.70
CA VAL C 175 -20.06 0.79 -49.21
C VAL C 175 -20.09 1.01 -50.72
N TYR C 176 -19.68 0.00 -51.49
CA TYR C 176 -19.64 0.16 -52.93
C TYR C 176 -20.70 -0.73 -53.56
N ASP C 177 -20.76 -0.77 -54.89
CA ASP C 177 -21.81 -1.51 -55.59
C ASP C 177 -21.31 -2.67 -56.43
N ASP C 178 -20.38 -2.47 -57.35
CA ASP C 178 -19.88 -3.53 -58.22
C ASP C 178 -18.42 -3.82 -57.87
N SER C 179 -17.94 -4.97 -58.33
CA SER C 179 -16.53 -5.32 -58.20
C SER C 179 -15.61 -4.35 -58.91
N THR C 180 -16.11 -3.65 -59.94
CA THR C 180 -15.40 -2.55 -60.55
C THR C 180 -15.20 -1.39 -59.57
N GLY C 181 -16.07 -1.25 -58.57
CA GLY C 181 -16.06 -0.13 -57.66
C GLY C 181 -14.85 0.05 -56.76
N LEU C 182 -13.98 -0.94 -56.66
CA LEU C 182 -12.73 -0.72 -55.93
C LEU C 182 -11.70 0.00 -56.79
N ILE C 183 -11.89 -0.04 -58.11
CA ILE C 183 -11.01 0.74 -59.00
C ILE C 183 -11.44 2.21 -58.98
N ARG C 184 -12.73 2.46 -58.73
CA ARG C 184 -13.21 3.82 -58.57
C ARG C 184 -12.61 4.47 -57.34
N LEU C 185 -12.45 3.70 -56.27
CA LEU C 185 -11.74 4.21 -55.10
C LEU C 185 -10.34 3.61 -54.98
N GLN C 186 -9.43 3.92 -55.90
CA GLN C 186 -8.05 3.48 -55.74
C GLN C 186 -7.40 4.17 -54.56
N GLU C 187 -7.35 5.50 -54.58
CA GLU C 187 -6.57 6.25 -53.59
C GLU C 187 -7.19 6.19 -52.20
N LEU C 188 -8.47 5.87 -52.10
CA LEU C 188 -9.13 5.86 -50.80
C LEU C 188 -8.81 4.57 -50.03
N ILE C 189 -8.86 3.42 -50.72
CA ILE C 189 -8.43 2.17 -50.09
C ILE C 189 -6.92 2.15 -49.87
N LYS C 190 -6.14 2.79 -50.74
CA LYS C 190 -4.70 2.81 -50.56
C LYS C 190 -4.20 3.80 -49.51
N ALA C 191 -5.09 4.47 -48.77
CA ALA C 191 -4.55 5.44 -47.81
C ALA C 191 -4.97 5.29 -46.34
N PRO C 192 -4.89 4.11 -45.70
CA PRO C 192 -4.59 4.11 -44.26
C PRO C 192 -3.09 4.00 -44.04
N SER C 193 -2.36 3.76 -45.13
CA SER C 193 -0.91 3.63 -45.07
C SER C 193 -0.27 4.99 -44.83
N ARG C 194 -0.84 6.02 -45.45
CA ARG C 194 -0.28 7.36 -45.42
C ARG C 194 -0.87 8.22 -44.31
N TYR C 195 -1.92 7.76 -43.64
CA TYR C 195 -2.64 8.53 -42.64
C TYR C 195 -3.15 7.61 -41.54
N ASN C 196 -4.11 8.06 -40.75
CA ASN C 196 -4.60 7.23 -39.66
C ASN C 196 -6.01 6.68 -39.88
N LEU C 197 -6.44 6.43 -41.11
CA LEU C 197 -7.79 5.92 -41.37
C LEU C 197 -7.90 4.44 -41.05
N ARG C 198 -9.14 3.97 -40.93
CA ARG C 198 -9.43 2.56 -40.65
C ARG C 198 -10.55 2.12 -41.60
N LEU C 199 -10.28 2.22 -42.91
CA LEU C 199 -11.19 1.75 -43.95
C LEU C 199 -11.68 0.33 -43.68
N LYS C 200 -12.98 0.20 -43.43
CA LYS C 200 -13.65 -1.08 -43.33
C LYS C 200 -14.63 -1.20 -44.49
N ILE C 201 -14.22 -1.95 -45.51
CA ILE C 201 -14.85 -1.91 -46.81
C ILE C 201 -15.98 -2.92 -46.86
N ARG C 202 -17.16 -2.49 -47.30
CA ARG C 202 -18.34 -3.36 -47.36
C ARG C 202 -18.95 -3.27 -48.74
N GLN C 203 -19.67 -4.32 -49.13
CA GLN C 203 -20.28 -4.40 -50.45
C GLN C 203 -21.78 -4.62 -50.29
N LEU C 204 -22.57 -3.89 -51.08
CA LEU C 204 -24.00 -4.18 -51.20
C LEU C 204 -24.19 -5.53 -51.84
N PRO C 205 -25.11 -6.36 -51.33
CA PRO C 205 -25.46 -7.60 -52.04
C PRO C 205 -26.12 -7.31 -53.38
N ALA C 206 -25.75 -8.07 -54.41
CA ALA C 206 -26.27 -7.88 -55.73
C ALA C 206 -27.68 -8.43 -55.83
N ASP C 207 -28.40 -8.04 -56.88
CA ASP C 207 -29.74 -8.48 -57.23
C ASP C 207 -30.78 -8.20 -56.15
N THR C 208 -30.52 -7.18 -55.33
CA THR C 208 -31.45 -6.80 -54.26
C THR C 208 -31.24 -5.34 -53.88
N LYS C 209 -32.08 -4.85 -52.96
CA LYS C 209 -31.94 -3.48 -52.47
C LYS C 209 -31.99 -3.49 -50.94
N ASP C 210 -32.05 -4.69 -50.35
CA ASP C 210 -32.08 -4.82 -48.90
C ASP C 210 -30.73 -4.52 -48.28
N ALA C 211 -30.61 -3.35 -47.67
CA ALA C 211 -29.46 -3.06 -46.83
C ALA C 211 -29.78 -3.42 -45.39
N LYS C 212 -30.99 -3.96 -45.18
CA LYS C 212 -31.43 -4.54 -43.92
C LYS C 212 -30.49 -5.63 -43.38
N PRO C 213 -29.83 -6.48 -44.22
CA PRO C 213 -28.70 -7.24 -43.67
C PRO C 213 -27.50 -6.36 -43.39
N LEU C 214 -27.25 -5.38 -44.26
CA LEU C 214 -26.02 -4.60 -44.16
C LEU C 214 -26.10 -3.57 -43.03
N LEU C 215 -27.15 -2.75 -43.02
CA LEU C 215 -27.24 -1.66 -42.05
C LEU C 215 -27.47 -2.17 -40.64
N LYS C 216 -27.98 -3.39 -40.50
CA LYS C 216 -28.04 -4.04 -39.19
C LYS C 216 -26.63 -4.29 -38.68
N GLU C 217 -25.70 -4.64 -39.57
CA GLU C 217 -24.34 -4.91 -39.16
C GLU C 217 -23.54 -3.62 -39.02
N MET C 218 -23.93 -2.58 -39.77
CA MET C 218 -23.20 -1.32 -39.70
C MET C 218 -23.56 -0.54 -38.45
N LYS C 219 -24.81 -0.68 -37.99
CA LYS C 219 -25.18 -0.15 -36.69
C LYS C 219 -24.48 -0.94 -35.57
N ARG C 220 -24.25 -2.24 -35.81
CA ARG C 220 -23.63 -3.11 -34.81
C ARG C 220 -22.17 -2.76 -34.58
N GLY C 221 -21.44 -2.45 -35.64
CA GLY C 221 -20.05 -2.08 -35.55
C GLY C 221 -19.78 -0.63 -35.21
N LYS C 222 -20.83 0.14 -34.88
CA LYS C 222 -20.78 1.56 -34.56
C LYS C 222 -20.11 2.38 -35.67
N GLU C 223 -20.55 2.18 -36.90
CA GLU C 223 -20.01 2.88 -38.06
C GLU C 223 -20.97 4.02 -38.39
N PHE C 224 -20.48 5.25 -38.30
CA PHE C 224 -21.34 6.42 -38.43
C PHE C 224 -20.88 7.34 -39.56
N HIS C 225 -19.84 6.93 -40.28
CA HIS C 225 -19.12 7.80 -41.19
C HIS C 225 -19.03 7.18 -42.59
N VAL C 226 -20.16 6.76 -43.13
CA VAL C 226 -20.25 5.87 -44.29
C VAL C 226 -19.91 6.63 -45.56
N ILE C 227 -19.13 6.00 -46.45
CA ILE C 227 -18.85 6.56 -47.77
C ILE C 227 -19.48 5.67 -48.82
N PHE C 228 -20.64 6.07 -49.36
CA PHE C 228 -21.29 5.23 -50.36
C PHE C 228 -20.65 5.38 -51.73
N ASP C 229 -20.86 4.38 -52.59
CA ASP C 229 -20.39 4.42 -53.96
C ASP C 229 -21.49 3.86 -54.88
N CYS C 230 -22.72 4.28 -54.66
CA CYS C 230 -23.85 3.75 -55.41
C CYS C 230 -24.03 4.58 -56.68
N SER C 231 -25.08 4.30 -57.44
CA SER C 231 -25.61 5.25 -58.40
C SER C 231 -26.63 6.10 -57.69
N HIS C 232 -27.27 7.02 -58.42
CA HIS C 232 -28.22 7.90 -57.77
C HIS C 232 -29.57 7.21 -57.60
N GLU C 233 -29.81 6.14 -58.36
CA GLU C 233 -30.96 5.29 -58.11
C GLU C 233 -30.77 4.52 -56.82
N MET C 234 -29.61 3.86 -56.68
CA MET C 234 -29.36 3.05 -55.50
C MET C 234 -28.88 3.89 -54.31
N ALA C 235 -28.75 5.20 -54.48
CA ALA C 235 -28.47 6.05 -53.34
C ALA C 235 -29.72 6.22 -52.48
N ALA C 236 -30.82 6.61 -53.11
CA ALA C 236 -32.06 6.87 -52.39
C ALA C 236 -32.70 5.59 -51.89
N GLY C 237 -32.39 4.47 -52.53
CA GLY C 237 -32.90 3.19 -52.06
C GLY C 237 -32.29 2.77 -50.74
N ILE C 238 -31.04 3.16 -50.49
CA ILE C 238 -30.40 2.85 -49.22
C ILE C 238 -30.75 3.90 -48.17
N LEU C 239 -30.91 5.16 -48.61
CA LEU C 239 -31.31 6.23 -47.69
C LEU C 239 -32.71 6.01 -47.12
N LYS C 240 -33.60 5.41 -47.90
CA LYS C 240 -34.91 5.05 -47.37
C LYS C 240 -34.79 3.94 -46.34
N GLN C 241 -33.85 3.02 -46.55
CA GLN C 241 -33.63 1.96 -45.57
C GLN C 241 -32.90 2.46 -44.34
N ALA C 242 -32.09 3.52 -44.47
CA ALA C 242 -31.41 4.08 -43.31
C ALA C 242 -32.40 4.83 -42.41
N LEU C 243 -33.50 5.29 -42.99
CA LEU C 243 -34.60 5.87 -42.24
C LEU C 243 -35.30 4.79 -41.43
N ALA C 244 -35.68 3.70 -42.11
CA ALA C 244 -36.44 2.62 -41.50
C ALA C 244 -35.62 1.82 -40.49
N MET C 245 -34.32 1.72 -40.71
CA MET C 245 -33.43 1.07 -39.75
C MET C 245 -33.30 1.93 -38.50
N GLY C 246 -33.33 3.24 -38.68
CA GLY C 246 -33.13 4.16 -37.59
C GLY C 246 -31.72 4.69 -37.54
N MET C 247 -30.99 4.52 -38.64
CA MET C 247 -29.66 5.08 -38.79
C MET C 247 -29.65 6.49 -39.37
N MET C 248 -30.78 7.19 -39.33
CA MET C 248 -30.77 8.63 -39.55
C MET C 248 -30.98 9.39 -38.24
N THR C 249 -29.92 9.44 -37.42
CA THR C 249 -29.89 10.41 -36.35
C THR C 249 -28.96 11.55 -36.75
N GLU C 250 -28.65 12.44 -35.82
CA GLU C 250 -27.73 13.52 -36.12
C GLU C 250 -26.27 13.11 -36.17
N TYR C 251 -25.88 12.01 -35.52
CA TYR C 251 -24.50 11.54 -35.56
C TYR C 251 -24.34 10.43 -36.60
N TYR C 252 -24.74 10.78 -37.83
CA TYR C 252 -24.46 10.01 -39.04
C TYR C 252 -24.04 10.96 -40.14
N HIS C 253 -23.14 10.51 -41.02
CA HIS C 253 -22.73 11.35 -42.13
C HIS C 253 -22.31 10.49 -43.32
N TYR C 254 -22.96 10.74 -44.46
CA TYR C 254 -22.93 9.89 -45.65
C TYR C 254 -22.27 10.65 -46.80
N ILE C 255 -20.98 10.42 -47.03
CA ILE C 255 -20.34 10.98 -48.22
C ILE C 255 -20.71 10.12 -49.43
N PHE C 256 -21.34 10.75 -50.43
CA PHE C 256 -21.76 10.03 -51.63
C PHE C 256 -20.76 10.27 -52.73
N THR C 257 -20.08 9.22 -53.17
CA THR C 257 -19.24 9.27 -54.35
C THR C 257 -20.15 9.11 -55.56
N THR C 258 -20.80 10.20 -55.95
CA THR C 258 -21.67 10.24 -57.13
C THR C 258 -21.74 11.68 -57.61
N LEU C 259 -22.19 11.87 -58.84
CA LEU C 259 -22.24 13.21 -59.40
C LEU C 259 -23.69 13.61 -59.63
N ASP C 260 -24.62 12.91 -58.99
CA ASP C 260 -26.05 13.19 -59.08
C ASP C 260 -26.70 13.15 -57.72
N LEU C 261 -26.12 13.82 -56.73
CA LEU C 261 -26.79 13.89 -55.43
C LEU C 261 -27.87 14.96 -55.45
N PHE C 262 -27.78 15.88 -56.40
CA PHE C 262 -28.72 16.98 -56.54
C PHE C 262 -30.07 16.54 -57.10
N ALA C 263 -30.13 15.34 -57.65
CA ALA C 263 -31.36 14.85 -58.26
C ALA C 263 -32.16 14.00 -57.29
N LEU C 264 -32.04 14.27 -55.99
CA LEU C 264 -32.77 13.54 -54.96
C LEU C 264 -33.83 14.43 -54.34
N ASP C 265 -34.97 13.82 -54.00
CA ASP C 265 -35.97 14.48 -53.16
C ASP C 265 -35.53 14.36 -51.70
N VAL C 266 -34.80 15.36 -51.22
CA VAL C 266 -34.14 15.32 -49.92
C VAL C 266 -35.05 15.95 -48.85
N GLU C 267 -36.29 16.27 -49.22
CA GLU C 267 -37.22 16.94 -48.30
C GLU C 267 -37.61 16.11 -47.08
N PRO C 268 -37.83 14.74 -47.16
CA PRO C 268 -37.95 13.98 -45.91
C PRO C 268 -36.64 13.90 -45.14
N TYR C 269 -35.52 14.16 -45.81
CA TYR C 269 -34.22 14.06 -45.16
C TYR C 269 -33.74 15.41 -44.66
N ARG C 270 -34.56 16.45 -44.77
CA ARG C 270 -34.12 17.83 -44.57
C ARG C 270 -34.01 18.21 -43.10
N TYR C 271 -34.84 17.61 -42.24
CA TYR C 271 -35.03 18.16 -40.91
C TYR C 271 -34.38 17.36 -39.81
N SER C 272 -33.97 16.11 -40.06
CA SER C 272 -33.36 15.30 -39.01
C SER C 272 -31.84 15.35 -39.03
N GLY C 273 -31.23 15.99 -40.02
CA GLY C 273 -29.81 16.25 -40.01
C GLY C 273 -28.89 15.05 -40.15
N VAL C 274 -28.82 14.45 -41.33
CA VAL C 274 -27.97 13.29 -41.54
C VAL C 274 -26.65 13.76 -42.16
N ASN C 275 -26.45 15.08 -42.20
CA ASN C 275 -25.21 15.76 -42.60
C ASN C 275 -24.76 15.52 -44.03
N MET C 276 -25.54 14.76 -44.85
CA MET C 276 -25.11 14.03 -46.05
C MET C 276 -24.44 14.95 -47.08
N THR C 277 -23.28 14.51 -47.57
CA THR C 277 -22.41 15.33 -48.40
C THR C 277 -22.10 14.59 -49.70
N GLY C 278 -22.01 15.32 -50.81
CA GLY C 278 -21.63 14.69 -52.06
C GLY C 278 -20.75 15.56 -52.92
N PHE C 279 -20.97 15.53 -54.22
CA PHE C 279 -20.29 16.41 -55.16
C PHE C 279 -21.26 16.77 -56.27
N ARG C 280 -20.80 17.64 -57.16
CA ARG C 280 -21.53 17.98 -58.37
C ARG C 280 -20.54 18.63 -59.32
N ILE C 281 -20.67 18.31 -60.61
CA ILE C 281 -19.84 18.97 -61.62
C ILE C 281 -20.76 19.82 -62.48
N LEU C 282 -22.06 19.57 -62.41
CA LEU C 282 -23.06 20.28 -63.18
C LEU C 282 -23.22 21.67 -62.58
N ASN C 283 -23.23 22.69 -63.44
CA ASN C 283 -23.47 24.05 -62.96
C ASN C 283 -24.97 24.28 -62.73
N THR C 284 -25.34 24.65 -61.51
CA THR C 284 -26.72 24.98 -61.21
C THR C 284 -26.84 26.49 -60.96
N GLU C 285 -25.77 27.19 -61.34
CA GLU C 285 -25.71 28.62 -61.10
C GLU C 285 -25.94 29.44 -62.37
N ASN C 286 -25.16 29.16 -63.41
CA ASN C 286 -25.05 30.02 -64.59
C ASN C 286 -26.35 30.10 -65.38
N THR C 287 -26.70 31.30 -65.82
CA THR C 287 -27.99 31.51 -66.48
C THR C 287 -28.01 30.89 -67.87
N GLN C 288 -26.86 30.83 -68.54
CA GLN C 288 -26.77 30.11 -69.80
C GLN C 288 -26.89 28.61 -69.57
N VAL C 289 -26.33 28.12 -68.47
CA VAL C 289 -26.36 26.69 -68.18
C VAL C 289 -27.72 26.27 -67.64
N SER C 290 -28.27 27.05 -66.71
CA SER C 290 -29.52 26.66 -66.07
C SER C 290 -30.73 26.87 -66.98
N SER C 291 -30.56 27.57 -68.09
CA SER C 291 -31.62 27.64 -69.08
C SER C 291 -31.71 26.35 -69.88
N ILE C 292 -30.60 25.62 -70.00
CA ILE C 292 -30.58 24.38 -70.75
C ILE C 292 -31.31 23.28 -69.98
N ILE C 293 -31.11 23.25 -68.65
CA ILE C 293 -31.76 22.26 -67.80
C ILE C 293 -33.27 22.48 -67.78
N GLU C 294 -33.70 23.75 -67.82
CA GLU C 294 -35.13 24.03 -67.86
C GLU C 294 -35.71 23.75 -69.24
N LYS C 295 -34.87 23.86 -70.27
CA LYS C 295 -35.32 23.52 -71.62
C LYS C 295 -35.35 22.01 -71.80
N TRP C 296 -34.49 21.30 -71.06
CA TRP C 296 -34.40 19.83 -71.08
C TRP C 296 -35.68 19.13 -70.66
N SER C 297 -36.21 19.48 -69.49
CA SER C 297 -37.40 18.83 -68.95
C SER C 297 -38.64 19.19 -69.76
N MET C 298 -38.58 20.27 -70.52
CA MET C 298 -39.62 20.57 -71.49
C MET C 298 -39.56 19.58 -72.65
N GLU C 299 -38.36 19.09 -72.97
CA GLU C 299 -38.21 18.15 -74.07
C GLU C 299 -38.47 16.71 -73.64
N ARG C 300 -38.04 16.33 -72.43
CA ARG C 300 -38.38 15.02 -71.89
C ARG C 300 -39.88 14.91 -71.67
N LEU C 301 -40.38 15.60 -70.64
CA LEU C 301 -41.80 15.92 -70.41
C LEU C 301 -42.73 14.70 -70.28
N GLN C 302 -42.18 13.47 -70.31
CA GLN C 302 -43.00 12.28 -70.47
C GLN C 302 -42.71 11.17 -69.47
N ALA C 303 -41.51 11.06 -68.93
CA ALA C 303 -41.20 9.89 -68.11
C ALA C 303 -41.53 10.14 -66.65
N PRO C 304 -42.37 9.31 -66.02
CA PRO C 304 -42.70 9.50 -64.62
C PRO C 304 -41.72 8.78 -63.71
N PRO C 305 -41.36 9.38 -62.58
CA PRO C 305 -40.58 8.63 -61.58
C PRO C 305 -41.48 7.83 -60.68
N LYS C 306 -40.94 6.76 -60.08
CA LYS C 306 -41.70 6.02 -59.08
C LYS C 306 -41.80 6.84 -57.80
N PRO C 307 -43.00 7.04 -57.25
CA PRO C 307 -43.12 7.91 -56.07
C PRO C 307 -42.83 7.22 -54.76
N ASP C 308 -41.80 6.37 -54.73
CA ASP C 308 -41.27 5.75 -53.52
C ASP C 308 -39.76 5.83 -53.56
N SER C 309 -39.24 6.34 -54.68
CA SER C 309 -37.82 6.42 -54.95
C SER C 309 -37.10 7.37 -54.00
N GLY C 310 -37.46 8.64 -54.07
CA GLY C 310 -36.66 9.68 -53.45
C GLY C 310 -36.04 10.52 -54.55
N LEU C 311 -36.39 10.19 -55.80
CA LEU C 311 -35.89 10.91 -56.96
C LEU C 311 -36.87 12.01 -57.31
N LEU C 312 -36.35 13.19 -57.62
CA LEU C 312 -37.19 14.28 -58.10
C LEU C 312 -37.60 14.02 -59.55
N ASP C 313 -38.57 14.80 -60.03
CA ASP C 313 -39.10 14.55 -61.37
C ASP C 313 -38.24 15.22 -62.44
N GLY C 314 -38.13 16.54 -62.40
CA GLY C 314 -37.44 17.28 -63.45
C GLY C 314 -35.99 17.53 -63.11
N PHE C 315 -35.11 16.85 -63.85
CA PHE C 315 -33.66 16.93 -63.63
C PHE C 315 -32.91 16.42 -64.85
N MET C 316 -31.61 16.69 -64.90
CA MET C 316 -30.70 15.95 -65.76
C MET C 316 -29.85 15.07 -64.85
N THR C 317 -29.44 13.91 -65.36
CA THR C 317 -28.38 13.19 -64.70
C THR C 317 -27.05 13.83 -65.07
N THR C 318 -25.99 13.38 -64.40
CA THR C 318 -24.67 13.76 -64.86
C THR C 318 -24.33 13.05 -66.17
N ASP C 319 -24.95 11.90 -66.43
CA ASP C 319 -24.63 11.14 -67.63
C ASP C 319 -25.30 11.76 -68.85
N ALA C 320 -26.48 12.35 -68.67
CA ALA C 320 -27.08 13.12 -69.75
C ALA C 320 -26.42 14.48 -69.87
N ALA C 321 -25.77 14.95 -68.81
CA ALA C 321 -25.04 16.21 -68.91
C ALA C 321 -23.78 16.04 -69.74
N LEU C 322 -23.07 14.93 -69.54
CA LEU C 322 -21.79 14.73 -70.22
C LEU C 322 -21.98 14.45 -71.70
N MET C 323 -23.12 13.91 -72.10
CA MET C 323 -23.37 13.72 -73.53
C MET C 323 -23.69 15.05 -74.21
N TYR C 324 -24.34 15.96 -73.49
CA TYR C 324 -24.61 17.27 -74.06
C TYR C 324 -23.33 18.08 -74.20
N ASP C 325 -22.36 17.81 -73.33
CA ASP C 325 -21.05 18.41 -73.50
C ASP C 325 -20.28 17.77 -74.66
N ALA C 326 -20.39 16.44 -74.78
CA ALA C 326 -19.49 15.70 -75.67
C ALA C 326 -19.79 15.96 -77.14
N VAL C 327 -21.04 16.35 -77.44
CA VAL C 327 -21.35 16.74 -78.81
C VAL C 327 -20.72 18.10 -79.10
N HIS C 328 -20.68 18.98 -78.09
CA HIS C 328 -20.09 20.29 -78.28
C HIS C 328 -18.57 20.23 -78.35
N VAL C 329 -17.95 19.28 -77.63
CA VAL C 329 -16.50 19.14 -77.65
C VAL C 329 -16.02 18.72 -79.04
N VAL C 330 -16.80 17.85 -79.70
CA VAL C 330 -16.51 17.53 -81.09
C VAL C 330 -16.89 18.70 -81.99
N SER C 331 -17.89 19.48 -81.58
CA SER C 331 -18.34 20.61 -82.40
C SER C 331 -17.35 21.76 -82.36
N VAL C 332 -16.45 21.79 -81.39
CA VAL C 332 -15.38 22.78 -81.41
C VAL C 332 -14.33 22.39 -82.44
N ALA C 333 -13.96 21.11 -82.48
CA ALA C 333 -12.83 20.70 -83.31
C ALA C 333 -13.22 20.55 -84.78
N VAL C 334 -14.50 20.71 -85.12
CA VAL C 334 -14.85 20.72 -86.55
C VAL C 334 -14.78 22.13 -87.10
N GLN C 335 -14.76 23.15 -86.23
CA GLN C 335 -14.42 24.50 -86.65
C GLN C 335 -12.97 24.59 -87.06
N GLN C 336 -12.09 24.24 -86.12
CA GLN C 336 -10.65 24.48 -86.21
C GLN C 336 -10.01 23.67 -87.32
N PHE C 337 -10.66 22.58 -87.72
CA PHE C 337 -10.22 21.85 -88.90
C PHE C 337 -11.34 21.86 -89.95
N PRO C 338 -11.28 22.73 -90.95
CA PRO C 338 -12.19 22.62 -92.09
C PRO C 338 -11.78 21.52 -93.05
N GLN C 339 -12.43 21.48 -94.23
CA GLN C 339 -12.23 20.57 -95.36
C GLN C 339 -12.22 19.09 -94.98
N MET C 340 -12.87 18.74 -93.87
CA MET C 340 -12.96 17.34 -93.48
C MET C 340 -14.23 16.72 -94.06
N THR C 341 -14.09 15.52 -94.61
CA THR C 341 -15.21 14.88 -95.30
C THR C 341 -15.54 13.56 -94.60
N VAL C 342 -16.65 12.97 -95.03
CA VAL C 342 -17.11 11.68 -94.52
C VAL C 342 -16.62 10.58 -95.45
N SER C 343 -15.87 9.61 -94.92
CA SER C 343 -15.28 8.56 -95.75
C SER C 343 -15.88 7.22 -95.29
N SER C 344 -16.51 6.52 -96.25
CA SER C 344 -16.97 5.16 -96.03
C SER C 344 -15.78 4.23 -95.88
N LEU C 345 -15.69 3.52 -94.75
CA LEU C 345 -14.50 2.78 -94.41
C LEU C 345 -14.88 1.43 -93.81
N GLN C 346 -14.30 0.35 -94.34
CA GLN C 346 -14.72 -1.01 -94.02
C GLN C 346 -13.77 -1.64 -93.02
N CYS C 347 -14.31 -2.45 -92.11
CA CYS C 347 -13.54 -3.13 -91.09
C CYS C 347 -12.67 -4.24 -91.68
N ASN C 348 -13.26 -5.05 -92.57
CA ASN C 348 -12.54 -6.15 -93.19
C ASN C 348 -11.55 -5.65 -94.23
N ARG C 349 -11.78 -4.45 -94.76
CA ARG C 349 -10.90 -3.80 -95.71
C ARG C 349 -10.03 -2.78 -94.99
N HIS C 350 -9.53 -3.17 -93.80
CA HIS C 350 -8.85 -2.35 -92.81
C HIS C 350 -7.78 -1.40 -93.35
N LYS C 351 -8.03 -0.10 -93.17
CA LYS C 351 -7.17 0.97 -93.66
C LYS C 351 -7.47 2.19 -92.79
N PRO C 352 -6.47 2.73 -92.08
CA PRO C 352 -6.71 3.87 -91.19
C PRO C 352 -7.15 5.13 -91.92
N TRP C 353 -8.09 5.85 -91.32
CA TRP C 353 -8.69 7.04 -91.94
C TRP C 353 -7.71 8.20 -91.91
N ARG C 354 -7.73 9.03 -92.95
CA ARG C 354 -6.66 9.99 -93.22
C ARG C 354 -6.72 11.21 -92.33
N PHE C 355 -7.91 11.79 -92.18
CA PHE C 355 -8.03 13.03 -91.41
C PHE C 355 -8.03 12.80 -89.91
N GLY C 356 -7.98 11.54 -89.46
CA GLY C 356 -8.15 11.17 -88.07
C GLY C 356 -7.14 11.73 -87.09
N THR C 357 -5.84 11.55 -87.36
CA THR C 357 -4.77 11.96 -86.46
C THR C 357 -4.73 13.48 -86.29
N ARG C 358 -5.10 14.21 -87.34
CA ARG C 358 -5.28 15.65 -87.21
C ARG C 358 -6.52 15.97 -86.40
N PHE C 359 -7.63 15.29 -86.70
CA PHE C 359 -8.90 15.59 -86.03
C PHE C 359 -8.92 15.06 -84.61
N MET C 360 -8.12 14.04 -84.31
CA MET C 360 -8.03 13.57 -82.92
C MET C 360 -7.23 14.55 -82.07
N SER C 361 -6.23 15.20 -82.68
CA SER C 361 -5.36 16.10 -81.94
C SER C 361 -6.09 17.37 -81.51
N LEU C 362 -7.07 17.80 -82.30
CA LEU C 362 -7.78 19.03 -81.97
C LEU C 362 -8.86 18.78 -80.93
N ILE C 363 -9.32 17.54 -80.83
CA ILE C 363 -10.28 17.18 -79.78
C ILE C 363 -9.54 17.15 -78.44
N LYS C 364 -8.34 16.59 -78.44
CA LYS C 364 -7.53 16.49 -77.23
C LYS C 364 -7.05 17.86 -76.75
N GLU C 365 -7.01 18.84 -77.64
CA GLU C 365 -6.66 20.22 -77.29
C GLU C 365 -7.86 21.10 -77.02
N ALA C 366 -9.07 20.58 -77.17
CA ALA C 366 -10.28 21.42 -77.14
C ALA C 366 -10.64 21.86 -75.72
N HIS C 367 -11.28 23.02 -75.61
CA HIS C 367 -11.77 23.56 -74.35
C HIS C 367 -13.20 24.02 -74.55
N TRP C 368 -14.00 23.89 -73.49
CA TRP C 368 -15.42 24.20 -73.59
C TRP C 368 -15.98 24.45 -72.20
N GLU C 369 -17.00 25.31 -72.15
CA GLU C 369 -17.63 25.75 -70.91
C GLU C 369 -19.11 25.36 -70.92
N GLY C 370 -19.39 24.09 -71.18
CA GLY C 370 -20.75 23.63 -71.28
C GLY C 370 -21.42 23.38 -69.94
N LEU C 371 -22.11 22.25 -69.82
CA LEU C 371 -22.87 21.99 -68.60
C LEU C 371 -21.98 21.62 -67.42
N THR C 372 -21.01 20.74 -67.61
CA THR C 372 -20.21 20.29 -66.48
C THR C 372 -18.92 21.09 -66.32
N GLY C 373 -19.04 22.42 -66.28
CA GLY C 373 -17.88 23.25 -65.99
C GLY C 373 -16.93 23.33 -67.16
N ARG C 374 -15.63 23.23 -66.84
CA ARG C 374 -14.57 23.37 -67.83
C ARG C 374 -14.21 21.99 -68.37
N ILE C 375 -13.99 21.92 -69.67
CA ILE C 375 -13.67 20.65 -70.32
C ILE C 375 -12.25 20.73 -70.87
N THR C 376 -11.29 20.27 -70.10
CA THR C 376 -9.90 20.24 -70.55
C THR C 376 -9.33 18.83 -70.37
N PHE C 377 -8.78 18.29 -71.45
CA PHE C 377 -8.34 16.90 -71.48
C PHE C 377 -6.92 16.79 -70.95
N ASN C 378 -6.28 15.65 -71.15
CA ASN C 378 -5.12 15.29 -70.36
C ASN C 378 -3.82 15.33 -71.16
N LYS C 379 -3.88 15.24 -72.51
CA LYS C 379 -2.79 15.32 -73.48
C LYS C 379 -1.87 14.10 -73.47
N THR C 380 -2.05 13.24 -72.49
CA THR C 380 -1.61 11.85 -72.43
C THR C 380 -2.85 11.09 -72.93
N ASN C 381 -3.09 9.87 -72.46
CA ASN C 381 -4.41 9.24 -72.51
C ASN C 381 -5.58 10.23 -72.28
N GLY C 382 -6.57 10.18 -73.16
CA GLY C 382 -7.48 11.30 -73.37
C GLY C 382 -8.56 11.53 -72.33
N LEU C 383 -8.27 11.19 -71.07
CA LEU C 383 -9.23 11.35 -69.98
C LEU C 383 -9.38 12.82 -69.60
N ARG C 384 -10.19 13.10 -68.58
CA ARG C 384 -10.17 14.44 -67.98
C ARG C 384 -9.89 14.29 -66.49
N THR C 385 -8.81 14.92 -66.05
CA THR C 385 -8.43 14.97 -64.66
C THR C 385 -8.36 16.39 -64.13
N ASP C 386 -8.83 17.36 -64.91
CA ASP C 386 -8.83 18.78 -64.56
C ASP C 386 -10.24 19.32 -64.79
N PHE C 387 -10.94 19.60 -63.69
CA PHE C 387 -12.36 19.88 -63.69
C PHE C 387 -12.76 20.62 -62.42
N ASP C 388 -13.98 21.15 -62.43
CA ASP C 388 -14.43 22.05 -61.39
C ASP C 388 -15.64 21.48 -60.67
N LEU C 389 -15.41 20.87 -59.50
CA LEU C 389 -16.49 20.32 -58.71
C LEU C 389 -17.12 21.42 -57.85
N ASP C 390 -18.32 21.15 -57.33
CA ASP C 390 -18.99 22.02 -56.38
C ASP C 390 -19.41 21.16 -55.19
N VAL C 391 -18.61 21.12 -54.14
CA VAL C 391 -18.85 20.18 -53.04
C VAL C 391 -20.06 20.63 -52.20
N ILE C 392 -21.17 19.91 -52.39
CA ILE C 392 -22.43 20.26 -51.75
C ILE C 392 -22.74 19.31 -50.61
N SER C 393 -23.60 19.74 -49.69
CA SER C 393 -23.98 18.94 -48.54
C SER C 393 -25.37 19.33 -48.09
N LEU C 394 -25.80 18.76 -46.97
CA LEU C 394 -27.16 18.91 -46.48
C LEU C 394 -27.18 20.03 -45.43
N LYS C 395 -28.06 21.01 -45.65
CA LYS C 395 -28.18 22.15 -44.76
C LYS C 395 -29.62 22.28 -44.28
N GLU C 396 -29.95 23.41 -43.65
CA GLU C 396 -31.31 23.70 -43.18
C GLU C 396 -32.27 23.79 -44.37
N GLU C 397 -31.86 24.51 -45.41
CA GLU C 397 -32.58 24.51 -46.68
C GLU C 397 -32.46 23.15 -47.35
N GLY C 398 -31.28 22.53 -47.23
CA GLY C 398 -31.01 21.29 -47.93
C GLY C 398 -29.67 21.33 -48.64
N LEU C 399 -29.68 21.24 -49.96
CA LEU C 399 -28.44 21.19 -50.71
C LEU C 399 -27.98 22.59 -51.10
N GLU C 400 -26.67 22.79 -50.99
CA GLU C 400 -26.06 24.12 -51.11
C GLU C 400 -24.57 23.99 -51.44
N LYS C 401 -24.08 24.82 -52.37
CA LYS C 401 -22.66 24.85 -52.68
C LYS C 401 -21.86 25.43 -51.53
N ILE C 402 -21.21 24.56 -50.74
CA ILE C 402 -20.46 25.01 -49.58
C ILE C 402 -18.96 24.90 -49.83
N GLY C 403 -18.56 24.89 -51.10
CA GLY C 403 -17.16 24.93 -51.43
C GLY C 403 -16.88 24.70 -52.90
N THR C 404 -15.61 24.44 -53.23
CA THR C 404 -15.19 24.18 -54.60
C THR C 404 -13.90 23.37 -54.62
N TRP C 405 -13.92 22.20 -55.24
CA TRP C 405 -12.70 21.41 -55.37
C TRP C 405 -12.13 21.61 -56.76
N ASP C 406 -10.81 21.64 -56.84
CA ASP C 406 -10.08 21.91 -58.07
C ASP C 406 -8.75 21.20 -57.91
N PRO C 407 -8.39 20.25 -58.82
CA PRO C 407 -7.20 19.40 -58.61
C PRO C 407 -5.88 20.13 -58.46
N ALA C 408 -5.75 21.29 -59.10
CA ALA C 408 -4.58 22.14 -58.92
C ALA C 408 -4.55 22.72 -57.52
N SER C 409 -5.65 23.33 -57.10
CA SER C 409 -5.72 24.02 -55.82
C SER C 409 -5.90 23.06 -54.65
N GLY C 410 -6.91 22.22 -54.72
CA GLY C 410 -7.30 21.42 -53.56
C GLY C 410 -8.67 21.88 -53.09
N LEU C 411 -9.03 21.58 -51.84
CA LEU C 411 -10.28 22.12 -51.31
C LEU C 411 -10.16 23.61 -51.05
N ASN C 412 -11.03 24.39 -51.69
CA ASN C 412 -11.25 25.77 -51.28
C ASN C 412 -12.60 25.80 -50.58
N MET C 413 -12.88 24.76 -49.80
CA MET C 413 -14.10 24.68 -49.01
C MET C 413 -13.99 25.65 -47.84
N THR C 414 -14.57 26.84 -48.01
CA THR C 414 -14.37 27.94 -47.08
C THR C 414 -15.27 27.82 -45.85
N GLU C 415 -16.58 27.83 -46.10
CA GLU C 415 -17.72 27.66 -45.20
C GLU C 415 -17.98 28.88 -44.31
N SER C 416 -16.97 29.75 -44.09
CA SER C 416 -17.05 31.22 -44.04
C SER C 416 -18.37 31.89 -43.65
N GLN C 417 -19.02 31.46 -42.58
CA GLN C 417 -20.35 31.97 -42.25
C GLN C 417 -20.37 32.30 -40.76
N LYS C 418 -21.48 32.87 -40.29
CA LYS C 418 -21.71 33.32 -38.91
C LYS C 418 -21.45 32.23 -37.88
N GLY C 419 -21.19 32.65 -36.64
CA GLY C 419 -20.52 31.81 -35.68
C GLY C 419 -20.01 32.66 -34.54
N LYS C 420 -18.70 32.60 -34.29
CA LYS C 420 -18.00 33.55 -33.42
C LYS C 420 -18.31 35.03 -33.67
N PRO C 421 -18.60 35.51 -34.90
CA PRO C 421 -19.16 36.86 -35.00
C PRO C 421 -20.63 36.97 -34.60
N ALA C 422 -21.38 35.86 -34.61
CA ALA C 422 -22.83 35.95 -34.47
C ALA C 422 -23.31 36.13 -33.04
N ASN C 423 -22.98 35.19 -32.15
CA ASN C 423 -23.66 35.08 -30.87
C ASN C 423 -22.86 35.66 -29.71
N ILE C 424 -21.53 35.56 -29.75
CA ILE C 424 -20.59 35.68 -28.62
C ILE C 424 -20.76 36.95 -27.77
N THR C 425 -21.30 38.02 -28.38
CA THR C 425 -21.58 39.27 -27.67
C THR C 425 -22.54 39.11 -26.49
N ASP C 426 -23.47 38.17 -26.58
CA ASP C 426 -24.30 37.81 -25.44
C ASP C 426 -24.47 36.29 -25.33
N SER C 427 -24.41 35.78 -24.10
CA SER C 427 -24.51 34.34 -23.90
C SER C 427 -25.50 34.03 -22.80
N LEU C 428 -26.79 33.89 -23.17
CA LEU C 428 -27.91 33.55 -22.30
C LEU C 428 -28.01 34.40 -21.04
N SER C 429 -27.67 35.69 -21.15
CA SER C 429 -27.73 36.61 -20.03
C SER C 429 -29.16 36.86 -19.56
N ASN C 430 -29.30 37.31 -18.30
CA ASN C 430 -30.57 37.49 -17.59
C ASN C 430 -31.40 36.21 -17.53
N ARG C 431 -30.76 35.04 -17.54
CA ARG C 431 -31.46 33.79 -17.37
C ARG C 431 -31.77 33.53 -15.91
N SER C 432 -33.01 33.17 -15.63
CA SER C 432 -33.39 32.76 -14.29
C SER C 432 -32.87 31.36 -14.02
N LEU C 433 -32.26 31.17 -12.84
CA LEU C 433 -31.71 29.88 -12.51
C LEU C 433 -32.82 28.91 -12.09
N ILE C 434 -32.45 27.65 -11.97
CA ILE C 434 -33.34 26.60 -11.49
C ILE C 434 -32.66 26.03 -10.25
N VAL C 435 -33.26 26.25 -9.09
CA VAL C 435 -32.65 25.86 -7.82
C VAL C 435 -33.36 24.63 -7.29
N THR C 436 -32.66 23.50 -7.25
CA THR C 436 -33.25 22.32 -6.64
C THR C 436 -33.13 22.44 -5.13
N THR C 437 -34.02 21.75 -4.42
CA THR C 437 -34.09 21.76 -2.97
C THR C 437 -34.99 20.61 -2.55
N ILE C 438 -35.24 20.50 -1.25
CA ILE C 438 -36.04 19.42 -0.70
C ILE C 438 -36.64 19.89 0.61
N LEU C 439 -37.85 19.41 0.90
CA LEU C 439 -38.49 19.68 2.18
C LEU C 439 -37.72 19.06 3.32
N GLU C 440 -37.25 19.92 4.23
CA GLU C 440 -36.74 19.48 5.52
C GLU C 440 -36.89 20.62 6.49
N GLU C 441 -37.55 20.35 7.59
CA GLU C 441 -37.85 21.35 8.59
C GLU C 441 -36.62 21.61 9.44
N PRO C 442 -36.24 22.86 9.70
CA PRO C 442 -36.87 24.13 9.30
C PRO C 442 -36.20 24.77 8.10
N TYR C 443 -35.51 23.99 7.28
CA TYR C 443 -34.72 24.59 6.21
C TYR C 443 -35.62 25.07 5.08
N VAL C 444 -36.34 24.15 4.45
CA VAL C 444 -37.32 24.47 3.43
C VAL C 444 -38.62 23.79 3.80
N LEU C 445 -39.71 24.56 3.83
CA LEU C 445 -41.02 24.03 4.17
C LEU C 445 -42.07 24.92 3.52
N PHE C 446 -43.26 24.35 3.30
CA PHE C 446 -44.33 25.10 2.66
C PHE C 446 -44.88 26.20 3.56
N LYS C 447 -45.19 27.33 2.94
CA LYS C 447 -45.73 28.46 3.66
C LYS C 447 -47.21 28.24 3.95
N LYS C 448 -47.63 28.62 5.16
CA LYS C 448 -49.02 28.44 5.58
C LYS C 448 -49.83 29.64 5.10
N SER C 449 -50.57 29.45 4.02
CA SER C 449 -51.44 30.49 3.48
C SER C 449 -52.59 29.84 2.75
N ASP C 450 -53.74 30.53 2.76
CA ASP C 450 -54.94 29.98 2.14
C ASP C 450 -54.97 30.23 0.64
N LYS C 451 -54.21 31.24 0.18
CA LYS C 451 -54.27 31.69 -1.21
C LYS C 451 -53.68 30.66 -2.16
N PRO C 452 -54.03 30.73 -3.46
CA PRO C 452 -53.39 29.86 -4.45
C PRO C 452 -51.96 30.25 -4.70
N LEU C 453 -51.04 29.69 -3.89
CA LEU C 453 -49.63 30.07 -3.90
C LEU C 453 -48.96 29.76 -5.23
N TYR C 454 -48.20 30.72 -5.74
CA TYR C 454 -47.66 30.69 -7.10
C TYR C 454 -46.14 30.77 -7.10
N GLY C 455 -45.51 29.79 -7.74
CA GLY C 455 -44.11 29.94 -8.11
C GLY C 455 -43.18 29.74 -6.94
N ASN C 456 -42.65 30.84 -6.43
CA ASN C 456 -41.77 30.83 -5.28
C ASN C 456 -42.45 31.29 -4.01
N ASP C 457 -43.76 31.58 -4.07
CA ASP C 457 -44.47 32.15 -2.92
C ASP C 457 -44.66 31.10 -1.83
N ARG C 458 -44.91 29.85 -2.24
CA ARG C 458 -45.25 28.80 -1.29
C ARG C 458 -44.11 28.35 -0.39
N PHE C 459 -42.88 28.76 -0.66
CA PHE C 459 -41.73 28.32 0.11
C PHE C 459 -41.30 29.34 1.15
N GLU C 460 -40.99 28.85 2.34
CA GLU C 460 -40.41 29.67 3.40
C GLU C 460 -39.47 28.79 4.21
N GLY C 461 -38.57 29.42 4.93
CA GLY C 461 -37.66 28.69 5.79
C GLY C 461 -36.30 29.35 5.81
N TYR C 462 -35.32 28.59 6.29
CA TYR C 462 -33.96 29.11 6.39
C TYR C 462 -33.32 29.24 5.02
N CYS C 463 -33.28 28.13 4.26
CA CYS C 463 -32.44 28.07 3.07
C CYS C 463 -32.97 28.92 1.94
N ILE C 464 -34.29 29.10 1.84
CA ILE C 464 -34.76 30.07 0.85
C ILE C 464 -34.47 31.49 1.32
N ASP C 465 -34.54 31.76 2.63
CA ASP C 465 -34.20 33.09 3.11
C ASP C 465 -32.70 33.34 3.05
N LEU C 466 -31.90 32.27 3.04
CA LEU C 466 -30.51 32.39 2.58
C LEU C 466 -30.47 32.81 1.11
N LEU C 467 -31.23 32.13 0.26
CA LEU C 467 -31.22 32.40 -1.16
C LEU C 467 -31.92 33.72 -1.50
N ARG C 468 -32.81 34.20 -0.64
CA ARG C 468 -33.32 35.56 -0.80
C ARG C 468 -32.23 36.60 -0.62
N GLU C 469 -31.23 36.30 0.22
CA GLU C 469 -30.13 37.23 0.42
C GLU C 469 -28.99 37.01 -0.56
N LEU C 470 -28.79 35.77 -1.03
CA LEU C 470 -27.79 35.55 -2.08
C LEU C 470 -28.25 36.18 -3.39
N SER C 471 -29.55 36.24 -3.64
CA SER C 471 -30.05 36.85 -4.86
CA SER C 471 -30.05 36.85 -4.86
C SER C 471 -29.89 38.36 -4.85
N THR C 472 -29.93 38.97 -3.66
CA THR C 472 -29.72 40.41 -3.56
C THR C 472 -28.26 40.76 -3.80
N ILE C 473 -27.34 39.90 -3.34
CA ILE C 473 -25.91 40.16 -3.49
C ILE C 473 -25.48 39.95 -4.93
N LEU C 474 -25.68 38.73 -5.45
CA LEU C 474 -25.17 38.39 -6.77
C LEU C 474 -26.04 38.95 -7.89
N GLY C 475 -27.27 39.33 -7.61
CA GLY C 475 -28.12 39.97 -8.60
C GLY C 475 -28.63 39.06 -9.68
N PHE C 476 -29.12 37.88 -9.30
CA PHE C 476 -29.71 36.95 -10.25
C PHE C 476 -31.18 36.73 -9.86
N THR C 477 -31.83 35.82 -10.57
CA THR C 477 -33.25 35.50 -10.33
C THR C 477 -33.35 33.99 -10.12
N TYR C 478 -33.65 33.57 -8.89
CA TYR C 478 -33.83 32.16 -8.64
C TYR C 478 -35.27 31.75 -8.94
N GLU C 479 -35.48 30.45 -9.06
CA GLU C 479 -36.80 29.91 -9.32
C GLU C 479 -36.84 28.52 -8.69
N ILE C 480 -37.46 28.42 -7.51
CA ILE C 480 -37.37 27.22 -6.69
C ILE C 480 -38.11 26.07 -7.37
N ARG C 481 -37.46 24.91 -7.40
CA ARG C 481 -38.07 23.69 -7.92
C ARG C 481 -37.66 22.57 -6.99
N LEU C 482 -38.57 21.65 -6.71
CA LEU C 482 -38.24 20.57 -5.79
C LEU C 482 -37.34 19.55 -6.48
N VAL C 483 -36.78 18.67 -5.67
CA VAL C 483 -36.16 17.47 -6.22
C VAL C 483 -37.27 16.49 -6.55
N GLU C 484 -37.08 15.70 -7.61
CA GLU C 484 -38.16 14.85 -8.09
C GLU C 484 -38.29 13.56 -7.27
N ASP C 485 -37.19 12.83 -7.11
CA ASP C 485 -37.24 11.54 -6.43
C ASP C 485 -37.32 11.65 -4.91
N GLY C 486 -37.26 12.85 -4.36
CA GLY C 486 -37.44 13.03 -2.93
C GLY C 486 -36.29 12.59 -2.05
N LYS C 487 -35.14 12.27 -2.63
CA LYS C 487 -33.95 11.94 -1.85
C LYS C 487 -32.98 13.11 -1.81
N TYR C 488 -31.98 13.00 -0.94
CA TYR C 488 -30.93 14.01 -0.86
C TYR C 488 -29.88 13.74 -1.93
N GLY C 489 -29.17 12.62 -1.80
CA GLY C 489 -28.23 12.18 -2.81
C GLY C 489 -27.39 11.03 -2.30
N ALA C 490 -27.26 9.97 -3.09
CA ALA C 490 -26.54 8.78 -2.67
C ALA C 490 -26.13 8.01 -3.91
N GLN C 491 -25.08 7.20 -3.75
CA GLN C 491 -24.57 6.37 -4.83
C GLN C 491 -25.22 5.00 -4.72
N ASP C 492 -25.97 4.61 -5.76
CA ASP C 492 -26.73 3.37 -5.72
C ASP C 492 -25.86 2.13 -5.90
N ASP C 493 -24.58 2.31 -6.26
CA ASP C 493 -23.46 1.37 -6.39
C ASP C 493 -23.82 0.00 -6.96
N VAL C 494 -24.79 -0.03 -7.87
CA VAL C 494 -25.10 -1.18 -8.68
C VAL C 494 -24.84 -0.76 -10.12
N ASN C 495 -25.55 0.28 -10.55
CA ASN C 495 -25.21 1.00 -11.77
C ASN C 495 -24.13 2.04 -11.55
N GLY C 496 -23.75 2.31 -10.30
CA GLY C 496 -22.80 3.35 -10.00
C GLY C 496 -23.31 4.75 -10.16
N GLN C 497 -24.62 4.93 -10.27
CA GLN C 497 -25.21 6.23 -10.53
C GLN C 497 -25.63 6.90 -9.23
N TRP C 498 -26.34 8.01 -9.36
CA TRP C 498 -26.75 8.85 -8.24
C TRP C 498 -28.26 9.03 -8.24
N ASN C 499 -28.77 9.44 -7.08
CA ASN C 499 -30.16 9.84 -6.93
C ASN C 499 -30.20 11.19 -6.24
N GLY C 500 -31.42 11.70 -6.01
CA GLY C 500 -31.57 12.88 -5.19
C GLY C 500 -31.15 14.16 -5.91
N MET C 501 -30.75 15.15 -5.10
CA MET C 501 -30.33 16.43 -5.65
C MET C 501 -28.97 16.36 -6.33
N VAL C 502 -28.15 15.38 -5.92
CA VAL C 502 -26.85 15.19 -6.57
C VAL C 502 -27.04 14.76 -8.02
N ARG C 503 -28.02 13.88 -8.27
CA ARG C 503 -28.35 13.51 -9.63
C ARG C 503 -28.98 14.66 -10.40
N GLU C 504 -29.66 15.57 -9.70
CA GLU C 504 -30.21 16.76 -10.34
C GLU C 504 -29.13 17.74 -10.78
N LEU C 505 -27.95 17.69 -10.16
CA LEU C 505 -26.88 18.62 -10.50
C LEU C 505 -25.95 18.09 -11.58
N ILE C 506 -25.64 16.79 -11.53
CA ILE C 506 -24.72 16.19 -12.49
C ILE C 506 -25.33 16.22 -13.89
N ASP C 507 -26.63 16.00 -13.98
CA ASP C 507 -27.33 16.05 -15.25
C ASP C 507 -27.72 17.46 -15.67
N HIS C 508 -27.30 18.47 -14.88
CA HIS C 508 -27.51 19.90 -15.15
C HIS C 508 -28.99 20.26 -15.29
N LYS C 509 -29.87 19.54 -14.59
CA LYS C 509 -31.28 19.89 -14.62
C LYS C 509 -31.55 21.16 -13.83
N ALA C 510 -30.92 21.30 -12.67
CA ALA C 510 -31.08 22.46 -11.82
C ALA C 510 -29.72 23.03 -11.49
N ASP C 511 -29.64 24.37 -11.44
CA ASP C 511 -28.36 25.04 -11.42
C ASP C 511 -27.77 25.19 -10.02
N LEU C 512 -28.61 25.36 -9.00
CA LEU C 512 -28.12 25.40 -7.64
C LEU C 512 -28.67 24.21 -6.86
N ALA C 513 -28.23 24.07 -5.62
CA ALA C 513 -28.74 23.05 -4.72
C ALA C 513 -28.87 23.62 -3.31
N VAL C 514 -29.49 24.79 -3.21
CA VAL C 514 -29.62 25.49 -1.94
C VAL C 514 -30.53 24.68 -1.01
N ALA C 515 -29.92 24.04 -0.03
CA ALA C 515 -30.52 22.91 0.67
C ALA C 515 -29.71 22.54 1.89
N PRO C 516 -30.17 21.59 2.74
CA PRO C 516 -29.26 20.99 3.73
C PRO C 516 -28.36 19.89 3.17
N LEU C 517 -28.06 19.93 1.87
CA LEU C 517 -27.09 19.04 1.25
C LEU C 517 -25.72 19.16 1.91
N ALA C 518 -25.28 18.10 2.57
CA ALA C 518 -24.05 18.15 3.36
C ALA C 518 -22.82 18.09 2.47
N ILE C 519 -21.66 18.24 3.09
CA ILE C 519 -20.37 18.17 2.40
C ILE C 519 -19.67 16.91 2.83
N THR C 520 -19.54 15.94 1.92
CA THR C 520 -18.84 14.69 2.19
C THR C 520 -17.78 14.46 1.12
N TYR C 521 -17.03 13.39 1.33
CA TYR C 521 -15.95 13.02 0.42
C TYR C 521 -16.47 12.49 -0.90
N VAL C 522 -17.51 11.67 -0.87
CA VAL C 522 -18.02 11.06 -2.09
C VAL C 522 -18.88 12.00 -2.93
N ARG C 523 -19.29 13.14 -2.38
CA ARG C 523 -20.07 14.10 -3.14
C ARG C 523 -19.23 15.16 -3.79
N GLU C 524 -18.10 15.52 -3.18
CA GLU C 524 -17.24 16.56 -3.73
C GLU C 524 -16.57 16.15 -5.03
N LYS C 525 -16.42 14.84 -5.26
CA LYS C 525 -15.78 14.37 -6.48
C LYS C 525 -16.63 14.58 -7.73
N VAL C 526 -17.94 14.73 -7.60
CA VAL C 526 -18.81 14.78 -8.77
C VAL C 526 -19.46 16.15 -8.95
N ILE C 527 -19.65 16.90 -7.87
CA ILE C 527 -20.24 18.24 -7.93
C ILE C 527 -19.37 19.20 -7.15
N ASP C 528 -19.64 20.49 -7.32
CA ASP C 528 -18.83 21.55 -6.72
C ASP C 528 -19.64 22.24 -5.64
N PHE C 529 -19.15 22.15 -4.41
CA PHE C 529 -19.73 22.84 -3.27
C PHE C 529 -19.13 24.24 -3.11
N SER C 530 -19.86 25.08 -2.41
CA SER C 530 -19.32 26.35 -1.96
C SER C 530 -18.74 26.15 -0.56
N LYS C 531 -18.34 27.23 0.08
CA LYS C 531 -17.98 27.16 1.49
C LYS C 531 -19.23 26.94 2.30
N PRO C 532 -19.11 26.35 3.49
CA PRO C 532 -20.30 26.11 4.31
C PRO C 532 -20.94 27.39 4.80
N PHE C 533 -22.27 27.35 4.91
CA PHE C 533 -23.00 28.37 5.64
C PHE C 533 -23.49 27.89 6.99
N MET C 534 -23.13 26.66 7.39
CA MET C 534 -23.54 26.09 8.65
C MET C 534 -22.63 24.91 8.92
N THR C 535 -22.32 24.67 10.19
CA THR C 535 -21.45 23.58 10.59
CA THR C 535 -21.45 23.58 10.59
C THR C 535 -22.27 22.51 11.30
N LEU C 536 -22.10 21.27 10.88
CA LEU C 536 -22.87 20.14 11.37
C LEU C 536 -22.16 19.38 12.48
N GLY C 537 -22.72 18.21 12.77
CA GLY C 537 -22.12 17.16 13.58
C GLY C 537 -23.12 16.04 13.71
N ILE C 538 -22.70 14.80 13.51
CA ILE C 538 -23.62 13.68 13.64
C ILE C 538 -23.75 13.32 15.11
N SER C 539 -24.98 13.17 15.59
CA SER C 539 -25.21 12.80 16.97
C SER C 539 -26.52 12.02 17.08
N ILE C 540 -26.94 11.77 18.31
CA ILE C 540 -28.02 10.83 18.61
C ILE C 540 -29.20 11.58 19.19
N LEU C 541 -30.35 11.47 18.55
CA LEU C 541 -31.61 11.98 19.08
C LEU C 541 -32.27 10.87 19.88
N TYR C 542 -32.61 11.14 21.13
CA TYR C 542 -33.18 10.14 22.02
C TYR C 542 -33.98 10.83 23.10
N ARG C 543 -34.94 10.10 23.67
CA ARG C 543 -35.83 10.68 24.68
C ARG C 543 -35.11 10.95 25.98
N LYS C 544 -35.49 12.02 26.65
CA LYS C 544 -35.02 12.25 28.01
C LYS C 544 -35.73 11.29 28.95
N PRO C 545 -35.01 10.61 29.84
CA PRO C 545 -35.67 9.80 30.85
C PRO C 545 -36.40 10.66 31.86
N ASN C 546 -37.58 10.19 32.25
CA ASN C 546 -38.48 10.99 33.07
C ASN C 546 -38.04 10.99 34.52
N GLY C 547 -37.68 12.16 35.02
CA GLY C 547 -37.23 12.36 36.37
C GLY C 547 -38.38 12.45 37.35
N THR C 548 -38.91 11.29 37.73
CA THR C 548 -39.99 11.21 38.71
C THR C 548 -39.58 11.85 40.03
N ASN C 549 -40.36 12.83 40.46
CA ASN C 549 -39.97 13.68 41.57
C ASN C 549 -40.02 12.92 42.90
N PRO C 550 -39.13 13.26 43.84
CA PRO C 550 -39.25 12.69 45.18
C PRO C 550 -40.39 13.34 45.96
N GLY C 551 -41.60 12.81 45.76
CA GLY C 551 -42.84 13.31 46.34
C GLY C 551 -42.82 13.55 47.84
N VAL C 552 -43.77 14.34 48.33
CA VAL C 552 -43.68 15.06 49.60
C VAL C 552 -43.61 14.15 50.83
N PHE C 553 -43.88 12.86 50.68
CA PHE C 553 -43.54 11.90 51.72
C PHE C 553 -42.20 11.23 51.44
N SER C 554 -41.18 12.05 51.19
CA SER C 554 -39.87 11.54 50.81
C SER C 554 -39.03 11.11 52.00
N PHE C 555 -39.27 11.69 53.17
CA PHE C 555 -38.42 11.41 54.33
C PHE C 555 -38.72 10.06 54.98
N LEU C 556 -39.77 9.37 54.56
CA LEU C 556 -40.01 8.02 55.07
C LEU C 556 -39.18 6.98 54.33
N ASN C 557 -38.59 7.35 53.21
CA ASN C 557 -37.80 6.44 52.39
C ASN C 557 -36.56 5.80 53.05
N PRO C 558 -35.75 6.45 53.91
CA PRO C 558 -34.53 5.78 54.41
C PRO C 558 -34.77 4.58 55.33
N LEU C 559 -36.01 4.30 55.73
CA LEU C 559 -36.31 3.04 56.40
C LEU C 559 -37.43 2.34 55.66
N SER C 560 -37.42 1.01 55.73
CA SER C 560 -38.40 0.20 55.04
C SER C 560 -39.76 0.31 55.76
N PRO C 561 -40.87 0.17 55.02
CA PRO C 561 -42.20 0.34 55.63
C PRO C 561 -42.55 -0.68 56.71
N ASP C 562 -41.86 -1.81 56.80
CA ASP C 562 -42.05 -2.69 57.93
C ASP C 562 -41.18 -2.30 59.13
N ILE C 563 -40.12 -1.52 58.91
CA ILE C 563 -39.27 -1.09 60.02
C ILE C 563 -39.94 0.04 60.77
N TRP C 564 -40.64 0.92 60.07
CA TRP C 564 -41.42 1.97 60.72
C TRP C 564 -42.53 1.37 61.59
N MET C 565 -43.06 0.21 61.19
CA MET C 565 -43.98 -0.49 62.07
C MET C 565 -43.23 -1.11 63.24
N TYR C 566 -42.03 -1.64 62.99
CA TYR C 566 -41.27 -2.29 64.06
C TYR C 566 -40.79 -1.28 65.10
N VAL C 567 -40.51 -0.04 64.69
CA VAL C 567 -40.23 1.03 65.65
C VAL C 567 -41.50 1.39 66.41
N LEU C 568 -42.64 1.45 65.71
CA LEU C 568 -43.90 1.80 66.35
C LEU C 568 -44.37 0.71 67.31
N LEU C 569 -44.19 -0.55 66.94
CA LEU C 569 -44.46 -1.62 67.89
C LEU C 569 -43.41 -1.70 69.00
N ALA C 570 -42.24 -1.12 68.80
CA ALA C 570 -41.27 -1.06 69.89
C ALA C 570 -41.71 -0.03 70.93
N CYS C 571 -41.99 1.20 70.51
CA CYS C 571 -42.43 2.24 71.44
C CYS C 571 -43.84 2.02 71.98
N LEU C 572 -44.62 1.14 71.36
CA LEU C 572 -45.82 0.62 71.99
C LEU C 572 -45.53 -0.60 72.86
N GLY C 573 -44.42 -1.28 72.61
CA GLY C 573 -44.05 -2.44 73.38
C GLY C 573 -43.23 -2.11 74.61
N VAL C 574 -42.12 -1.39 74.41
CA VAL C 574 -41.20 -1.06 75.49
C VAL C 574 -41.85 -0.15 76.52
N SER C 575 -42.77 0.72 76.07
CA SER C 575 -43.54 1.54 76.99
C SER C 575 -44.49 0.69 77.84
N CYS C 576 -45.02 -0.39 77.27
CA CYS C 576 -45.86 -1.28 78.04
C CYS C 576 -45.05 -2.13 79.01
N VAL C 577 -43.83 -2.51 78.62
CA VAL C 577 -42.96 -3.28 79.51
C VAL C 577 -42.52 -2.42 80.69
N LEU C 578 -42.24 -1.14 80.43
CA LEU C 578 -41.84 -0.23 81.49
C LEU C 578 -42.94 0.00 82.51
N PHE C 579 -44.21 -0.04 82.09
CA PHE C 579 -45.30 0.07 83.05
C PHE C 579 -45.43 -1.19 83.90
N VAL C 580 -45.16 -2.37 83.31
CA VAL C 580 -45.22 -3.61 84.05
C VAL C 580 -44.16 -3.64 85.14
N ILE C 581 -42.95 -3.21 84.80
CA ILE C 581 -41.82 -3.30 85.73
C ILE C 581 -41.95 -2.25 86.82
N ALA C 582 -42.41 -1.04 86.48
CA ALA C 582 -42.48 0.05 87.46
C ALA C 582 -43.53 -0.20 88.53
N ARG C 583 -44.63 -0.86 88.19
CA ARG C 583 -45.58 -1.26 89.22
C ARG C 583 -45.10 -2.48 89.99
N PHE C 584 -44.19 -3.26 89.40
CA PHE C 584 -43.72 -4.48 90.04
C PHE C 584 -42.46 -4.22 90.87
N SER C 585 -41.66 -3.24 90.47
CA SER C 585 -40.45 -2.91 91.22
C SER C 585 -40.81 -2.20 92.50
N PRO C 586 -40.26 -2.61 93.65
CA PRO C 586 -40.55 -1.94 94.92
C PRO C 586 -39.74 -0.67 95.19
N TYR C 587 -38.96 -0.19 94.22
CA TYR C 587 -38.15 1.00 94.44
C TYR C 587 -38.64 2.22 93.66
N GLU C 588 -39.40 2.02 92.59
CA GLU C 588 -40.03 3.15 91.90
C GLU C 588 -41.14 3.78 92.74
N TRP C 589 -41.62 3.07 93.76
CA TRP C 589 -42.53 3.63 94.75
C TRP C 589 -41.75 4.59 95.62
N TYR C 590 -41.98 5.89 95.45
CA TYR C 590 -41.31 6.90 96.25
C TYR C 590 -42.32 7.94 96.72
N ASN C 591 -42.07 8.50 97.90
CA ASN C 591 -42.83 9.63 98.38
C ASN C 591 -42.24 10.94 97.86
N PRO C 592 -42.97 11.69 97.00
CA PRO C 592 -42.36 12.87 96.36
C PRO C 592 -41.99 14.00 97.32
N HIS C 593 -42.99 14.69 97.93
CA HIS C 593 -43.09 15.33 99.25
C HIS C 593 -41.74 15.73 99.85
N PRO C 594 -41.08 16.79 99.37
CA PRO C 594 -39.71 17.07 99.85
C PRO C 594 -39.60 17.51 101.31
N CYS C 595 -40.69 17.60 102.08
CA CYS C 595 -40.65 18.08 103.47
C CYS C 595 -41.40 17.14 104.41
N ASN C 596 -40.70 16.11 104.92
CA ASN C 596 -41.03 15.32 106.11
C ASN C 596 -42.41 14.68 106.06
N PRO C 597 -42.59 13.55 105.35
CA PRO C 597 -43.93 12.92 105.26
C PRO C 597 -44.49 12.44 106.59
N ASP C 598 -43.69 11.69 107.33
CA ASP C 598 -43.90 11.13 108.67
C ASP C 598 -44.91 9.98 108.74
N SER C 599 -45.74 9.77 107.72
CA SER C 599 -46.32 8.45 107.62
C SER C 599 -46.18 7.80 106.25
N ASP C 600 -46.95 8.28 105.27
CA ASP C 600 -47.17 7.59 103.99
C ASP C 600 -47.73 8.51 102.90
N VAL C 601 -46.90 8.94 101.95
CA VAL C 601 -47.37 9.62 100.74
C VAL C 601 -46.73 9.02 99.49
N VAL C 602 -46.42 7.72 99.56
CA VAL C 602 -45.56 7.07 98.55
C VAL C 602 -46.31 6.92 97.23
N GLU C 603 -45.70 7.41 96.14
CA GLU C 603 -46.32 7.40 94.82
C GLU C 603 -45.45 6.67 93.80
N ASN C 604 -46.06 6.39 92.64
CA ASN C 604 -45.46 5.58 91.57
C ASN C 604 -45.72 6.22 90.21
N ASN C 605 -45.21 7.45 90.02
CA ASN C 605 -45.52 8.37 88.92
C ASN C 605 -45.60 7.82 87.49
N PHE C 606 -44.99 6.67 87.22
CA PHE C 606 -45.17 5.98 85.94
C PHE C 606 -46.59 5.44 85.83
N THR C 607 -47.42 6.13 85.06
CA THR C 607 -48.71 5.60 84.64
C THR C 607 -48.55 4.96 83.27
N LEU C 608 -49.66 4.65 82.60
CA LEU C 608 -49.58 4.35 81.17
C LEU C 608 -49.15 5.59 80.39
N LEU C 609 -49.88 6.69 80.57
CA LEU C 609 -49.66 7.94 79.83
C LEU C 609 -48.28 8.53 80.09
N ASN C 610 -47.66 8.20 81.22
CA ASN C 610 -46.28 8.59 81.44
C ASN C 610 -45.30 7.62 80.80
N SER C 611 -45.66 6.33 80.71
CA SER C 611 -44.74 5.34 80.18
C SER C 611 -44.59 5.44 78.67
N PHE C 612 -45.66 5.79 77.95
CA PHE C 612 -45.53 6.05 76.52
C PHE C 612 -44.72 7.30 76.26
N TRP C 613 -44.85 8.29 77.14
CA TRP C 613 -44.18 9.57 76.95
C TRP C 613 -42.69 9.47 77.18
N PHE C 614 -42.24 8.56 78.04
CA PHE C 614 -40.82 8.29 78.14
C PHE C 614 -40.33 7.55 76.89
N GLY C 615 -41.17 6.71 76.31
CA GLY C 615 -40.77 6.01 75.10
C GLY C 615 -40.74 6.92 73.89
N VAL C 616 -41.77 7.76 73.74
CA VAL C 616 -41.79 8.70 72.63
C VAL C 616 -40.77 9.81 72.85
N GLY C 617 -40.60 10.24 74.10
CA GLY C 617 -39.67 11.32 74.39
C GLY C 617 -38.22 10.94 74.20
N ALA C 618 -37.91 9.66 74.27
CA ALA C 618 -36.57 9.19 73.94
C ALA C 618 -36.43 8.80 72.48
N LEU C 619 -37.54 8.49 71.81
CA LEU C 619 -37.47 8.20 70.38
C LEU C 619 -37.20 9.46 69.57
N MET C 620 -37.68 10.60 70.04
CA MET C 620 -37.55 11.86 69.32
C MET C 620 -36.32 12.65 69.75
N GLN C 621 -35.40 12.01 70.47
CA GLN C 621 -34.14 12.56 70.97
C GLN C 621 -34.31 13.75 71.90
N GLN C 622 -35.49 13.96 72.46
CA GLN C 622 -35.72 15.13 73.30
C GLN C 622 -35.59 14.84 74.78
N GLY C 623 -36.05 13.68 75.23
CA GLY C 623 -35.95 13.33 76.63
C GLY C 623 -37.07 13.95 77.44
N SER C 624 -37.73 13.14 78.27
CA SER C 624 -38.85 13.62 79.05
C SER C 624 -38.36 14.25 80.36
N GLU C 625 -39.30 14.68 81.18
CA GLU C 625 -38.99 15.11 82.53
C GLU C 625 -38.95 13.95 83.51
N LEU C 626 -39.42 12.77 83.10
CA LEU C 626 -39.54 11.62 83.98
C LEU C 626 -38.37 10.70 83.78
N MET C 627 -37.69 10.36 84.87
CA MET C 627 -36.51 9.55 84.79
C MET C 627 -36.65 8.31 85.66
N PRO C 628 -36.18 7.15 85.19
CA PRO C 628 -36.28 5.93 85.99
C PRO C 628 -35.37 6.00 87.21
N LYS C 629 -35.88 5.46 88.31
CA LYS C 629 -35.13 5.50 89.56
C LYS C 629 -34.62 4.14 89.99
N ALA C 630 -35.45 3.10 89.94
CA ALA C 630 -35.01 1.75 90.25
C ALA C 630 -34.17 1.18 89.11
N LEU C 631 -33.20 0.34 89.48
CA LEU C 631 -32.39 -0.36 88.48
C LEU C 631 -33.24 -1.32 87.64
N SER C 632 -34.39 -1.75 88.16
CA SER C 632 -35.36 -2.52 87.39
C SER C 632 -35.84 -1.77 86.16
N THR C 633 -35.88 -0.44 86.23
CA THR C 633 -36.29 0.38 85.10
C THR C 633 -35.16 1.15 84.44
N ARG C 634 -33.94 1.10 84.98
CA ARG C 634 -32.82 1.76 84.32
C ARG C 634 -32.41 1.02 83.05
N ILE C 635 -32.40 -0.31 83.08
CA ILE C 635 -32.04 -1.10 81.90
C ILE C 635 -33.07 -0.91 80.79
N VAL C 636 -34.36 -0.81 81.14
CA VAL C 636 -35.36 -0.43 80.15
C VAL C 636 -35.09 0.98 79.65
N GLY C 637 -34.72 1.89 80.54
CA GLY C 637 -34.28 3.20 80.11
C GLY C 637 -32.96 3.18 79.39
N GLY C 638 -32.12 2.21 79.67
CA GLY C 638 -30.80 2.15 79.06
C GLY C 638 -30.81 1.56 77.67
N ILE C 639 -31.53 0.45 77.48
CA ILE C 639 -31.57 -0.21 76.19
C ILE C 639 -32.37 0.60 75.19
N TRP C 640 -33.47 1.21 75.65
CA TRP C 640 -34.30 2.02 74.76
C TRP C 640 -33.58 3.29 74.31
N TRP C 641 -32.68 3.82 75.14
CA TRP C 641 -31.83 4.91 74.65
C TRP C 641 -30.84 4.43 73.61
N PHE C 642 -30.29 3.23 73.79
CA PHE C 642 -29.38 2.69 72.79
C PHE C 642 -30.13 2.27 71.53
N PHE C 643 -31.39 1.85 71.67
CA PHE C 643 -32.18 1.53 70.50
C PHE C 643 -32.48 2.78 69.67
N THR C 644 -32.93 3.85 70.32
CA THR C 644 -33.24 5.07 69.60
C THR C 644 -32.00 5.86 69.23
N LEU C 645 -30.83 5.49 69.75
CA LEU C 645 -29.61 6.07 69.23
C LEU C 645 -29.27 5.52 67.85
N ILE C 646 -29.46 4.22 67.65
CA ILE C 646 -29.07 3.60 66.38
C ILE C 646 -30.12 3.85 65.30
N ILE C 647 -31.40 3.93 65.68
CA ILE C 647 -32.47 4.27 64.73
C ILE C 647 -32.25 5.64 64.12
N ILE C 648 -32.01 6.66 64.95
CA ILE C 648 -31.85 8.01 64.44
C ILE C 648 -30.53 8.16 63.70
N SER C 649 -29.48 7.47 64.18
CA SER C 649 -28.20 7.55 63.49
C SER C 649 -28.23 6.84 62.15
N SER C 650 -28.94 5.71 62.05
CA SER C 650 -29.09 5.06 60.75
C SER C 650 -30.04 5.84 59.86
N TYR C 651 -30.95 6.61 60.45
CA TYR C 651 -31.85 7.44 59.66
C TYR C 651 -31.10 8.60 59.02
N THR C 652 -30.31 9.32 59.80
CA THR C 652 -29.57 10.47 59.27
C THR C 652 -28.50 10.06 58.28
N ALA C 653 -27.85 8.91 58.50
CA ALA C 653 -26.78 8.49 57.60
C ALA C 653 -27.33 8.02 56.26
N ASN C 654 -28.55 7.49 56.24
CA ASN C 654 -29.12 7.03 54.98
C ASN C 654 -29.78 8.17 54.23
N LEU C 655 -30.39 9.12 54.94
CA LEU C 655 -31.12 10.22 54.31
C LEU C 655 -30.21 11.21 53.59
N ALA C 656 -28.90 11.17 53.84
CA ALA C 656 -27.97 11.92 52.99
C ALA C 656 -27.96 11.39 51.57
N ALA C 657 -28.19 10.08 51.40
CA ALA C 657 -28.19 9.50 50.07
C ALA C 657 -29.47 9.81 49.32
N PHE C 658 -30.59 9.93 50.03
CA PHE C 658 -31.88 10.09 49.37
C PHE C 658 -32.24 11.54 49.09
N LEU C 659 -31.64 12.50 49.78
CA LEU C 659 -31.86 13.89 49.38
C LEU C 659 -30.91 14.29 48.27
N THR C 660 -29.67 13.83 48.32
CA THR C 660 -28.73 13.97 47.21
C THR C 660 -29.13 12.94 46.15
N VAL C 661 -30.16 13.30 45.37
CA VAL C 661 -30.75 12.40 44.39
C VAL C 661 -29.78 12.27 43.22
N GLU C 662 -29.34 11.05 42.95
CA GLU C 662 -28.56 10.79 41.75
C GLU C 662 -29.49 10.93 40.55
N ARG C 663 -29.05 11.71 39.56
CA ARG C 663 -29.95 12.20 38.52
C ARG C 663 -30.30 11.10 37.52
N MET C 664 -31.05 11.51 36.50
CA MET C 664 -31.43 10.57 35.44
C MET C 664 -30.22 10.17 34.62
N GLU C 665 -30.05 8.86 34.46
CA GLU C 665 -28.83 8.26 33.92
C GLU C 665 -29.17 7.16 32.92
N SER C 666 -29.99 7.51 31.92
CA SER C 666 -30.33 6.69 30.75
C SER C 666 -29.07 6.06 30.15
N PRO C 667 -29.00 4.73 30.05
CA PRO C 667 -27.68 4.07 29.91
C PRO C 667 -27.05 4.14 28.53
N ILE C 668 -27.12 5.31 27.89
CA ILE C 668 -26.36 5.62 26.69
C ILE C 668 -25.72 6.99 26.93
N ASP C 669 -24.40 7.05 26.81
CA ASP C 669 -23.71 8.31 27.07
C ASP C 669 -22.88 8.78 25.89
N SER C 670 -22.40 7.87 25.03
CA SER C 670 -21.62 8.25 23.87
C SER C 670 -21.86 7.21 22.78
N ALA C 671 -21.09 7.34 21.70
CA ALA C 671 -21.18 6.35 20.62
C ALA C 671 -20.50 5.04 20.99
N ASP C 672 -19.55 5.07 21.92
CA ASP C 672 -18.93 3.84 22.38
C ASP C 672 -19.92 2.98 23.15
N ASP C 673 -20.80 3.61 23.92
CA ASP C 673 -21.81 2.85 24.65
C ASP C 673 -22.86 2.29 23.71
N LEU C 674 -23.39 3.14 22.82
CA LEU C 674 -24.57 2.81 22.02
C LEU C 674 -24.33 1.70 21.02
N ALA C 675 -23.07 1.39 20.69
CA ALA C 675 -22.79 0.28 19.79
C ALA C 675 -22.91 -1.07 20.47
N LYS C 676 -22.89 -1.12 21.81
CA LYS C 676 -22.77 -2.37 22.52
C LYS C 676 -24.02 -2.78 23.29
N GLN C 677 -25.19 -2.22 22.95
CA GLN C 677 -26.46 -2.76 23.44
C GLN C 677 -27.44 -2.88 22.28
N THR C 678 -27.92 -4.09 22.06
CA THR C 678 -28.99 -4.35 21.11
C THR C 678 -30.37 -4.17 21.71
N LYS C 679 -30.45 -3.68 22.95
CA LYS C 679 -31.75 -3.39 23.56
C LYS C 679 -32.43 -2.20 22.89
N ILE C 680 -31.65 -1.18 22.53
CA ILE C 680 -32.16 0.02 21.88
C ILE C 680 -31.87 -0.10 20.39
N GLU C 681 -32.92 -0.02 19.58
CA GLU C 681 -32.75 0.04 18.14
C GLU C 681 -32.12 1.36 17.75
N TYR C 682 -31.24 1.33 16.76
CA TYR C 682 -30.64 2.55 16.25
C TYR C 682 -30.32 2.40 14.77
N GLY C 683 -30.65 3.43 14.01
CA GLY C 683 -30.34 3.45 12.60
C GLY C 683 -29.98 4.84 12.11
N ALA C 684 -30.48 5.21 10.96
CA ALA C 684 -30.21 6.49 10.31
C ALA C 684 -31.31 6.74 9.30
N VAL C 685 -31.10 7.70 8.44
CA VAL C 685 -32.02 7.97 7.33
C VAL C 685 -31.43 7.34 6.08
N GLU C 686 -32.29 6.83 5.21
CA GLU C 686 -31.82 6.16 4.01
C GLU C 686 -31.54 7.17 2.91
N ASP C 687 -30.55 6.84 2.07
CA ASP C 687 -29.92 7.72 1.08
C ASP C 687 -29.49 9.04 1.72
N GLY C 688 -28.61 8.91 2.72
CA GLY C 688 -28.15 10.06 3.47
C GLY C 688 -26.69 9.92 3.85
N ALA C 689 -26.13 11.02 4.34
CA ALA C 689 -24.72 11.09 4.67
C ALA C 689 -24.39 10.52 6.04
N THR C 690 -25.40 10.21 6.87
CA THR C 690 -25.10 9.58 8.15
C THR C 690 -24.69 8.12 7.96
N MET C 691 -25.52 7.32 7.28
CA MET C 691 -25.15 5.92 7.10
C MET C 691 -24.03 5.75 6.10
N THR C 692 -23.83 6.74 5.21
CA THR C 692 -22.69 6.72 4.30
C THR C 692 -21.39 6.89 5.07
N PHE C 693 -21.43 7.63 6.17
CA PHE C 693 -20.28 7.72 7.06
C PHE C 693 -19.97 6.37 7.71
N PHE C 694 -21.00 5.67 8.17
CA PHE C 694 -20.76 4.37 8.80
C PHE C 694 -20.46 3.29 7.76
N LYS C 695 -20.95 3.45 6.53
CA LYS C 695 -20.71 2.46 5.49
C LYS C 695 -19.25 2.43 5.08
N LYS C 696 -18.58 3.58 5.15
CA LYS C 696 -17.20 3.70 4.71
C LYS C 696 -16.21 3.78 5.85
N SER C 697 -16.66 3.79 7.10
CA SER C 697 -15.76 3.94 8.23
C SER C 697 -15.02 2.64 8.50
N LYS C 698 -13.83 2.78 9.09
CA LYS C 698 -13.00 1.63 9.44
C LYS C 698 -12.60 1.61 10.91
N ILE C 699 -12.95 2.64 11.68
CA ILE C 699 -12.71 2.59 13.12
C ILE C 699 -13.67 1.58 13.75
N SER C 700 -13.23 1.01 14.89
CA SER C 700 -13.87 -0.20 15.42
C SER C 700 -15.28 0.07 15.96
N THR C 701 -15.50 1.24 16.54
CA THR C 701 -16.81 1.52 17.12
C THR C 701 -17.85 1.79 16.04
N TYR C 702 -17.49 2.57 15.03
CA TYR C 702 -18.48 3.01 14.05
C TYR C 702 -18.74 1.92 13.01
N ASP C 703 -17.75 1.07 12.75
CA ASP C 703 -18.00 -0.12 11.94
C ASP C 703 -18.88 -1.11 12.67
N LYS C 704 -18.78 -1.16 14.00
CA LYS C 704 -19.64 -2.03 14.79
C LYS C 704 -21.09 -1.59 14.70
N MET C 705 -21.34 -0.28 14.62
CA MET C 705 -22.69 0.20 14.35
C MET C 705 -23.14 -0.18 12.95
N TRP C 706 -22.24 -0.11 11.97
CA TRP C 706 -22.63 -0.52 10.63
C TRP C 706 -22.69 -2.03 10.51
N ALA C 707 -21.96 -2.77 11.34
CA ALA C 707 -22.17 -4.21 11.44
C ALA C 707 -23.54 -4.52 12.03
N PHE C 708 -24.01 -3.66 12.93
CA PHE C 708 -25.37 -3.79 13.44
C PHE C 708 -26.40 -3.40 12.40
N MET C 709 -26.26 -2.21 11.83
CA MET C 709 -27.30 -1.63 10.98
C MET C 709 -27.43 -2.31 9.63
N SER C 710 -26.40 -2.98 9.14
CA SER C 710 -26.51 -3.65 7.85
C SER C 710 -27.39 -4.88 7.91
N SER C 711 -27.55 -5.48 9.10
CA SER C 711 -28.36 -6.68 9.23
C SER C 711 -29.84 -6.35 9.14
N ARG C 712 -30.34 -5.51 10.04
CA ARG C 712 -31.73 -5.03 10.00
C ARG C 712 -31.85 -3.72 9.23
N ARG C 713 -31.39 -3.78 7.98
CA ARG C 713 -31.20 -2.60 7.15
C ARG C 713 -32.51 -1.91 6.81
N GLN C 714 -33.61 -2.66 6.75
CA GLN C 714 -34.90 -2.02 6.55
C GLN C 714 -35.55 -1.63 7.87
N SER C 715 -35.23 -2.34 8.95
CA SER C 715 -35.93 -2.17 10.22
C SER C 715 -35.59 -0.83 10.87
N VAL C 716 -34.33 -0.39 10.78
CA VAL C 716 -33.92 0.80 11.49
C VAL C 716 -33.73 2.02 10.59
N LEU C 717 -33.45 1.82 9.31
CA LEU C 717 -33.16 2.95 8.42
C LEU C 717 -34.49 3.53 7.93
N VAL C 718 -34.88 4.67 8.48
CA VAL C 718 -36.16 5.29 8.19
C VAL C 718 -36.08 6.07 6.88
N LYS C 719 -37.24 6.51 6.38
CA LYS C 719 -37.29 7.15 5.06
C LYS C 719 -36.80 8.58 5.11
N SER C 720 -37.34 9.40 5.99
CA SER C 720 -36.93 10.80 6.12
C SER C 720 -36.56 11.07 7.58
N ASN C 721 -36.11 12.30 7.85
CA ASN C 721 -35.79 12.67 9.22
C ASN C 721 -37.03 12.78 10.09
N GLU C 722 -38.19 13.08 9.49
CA GLU C 722 -39.41 13.24 10.25
C GLU C 722 -39.90 11.92 10.83
N GLU C 723 -39.74 10.82 10.08
CA GLU C 723 -39.96 9.50 10.65
C GLU C 723 -38.86 9.09 11.61
N GLY C 724 -37.67 9.67 11.47
CA GLY C 724 -36.63 9.46 12.47
C GLY C 724 -36.95 10.15 13.77
N ILE C 725 -37.69 11.26 13.72
CA ILE C 725 -38.16 11.91 14.94
C ILE C 725 -39.26 11.08 15.60
N GLN C 726 -40.21 10.61 14.79
CA GLN C 726 -41.44 10.02 15.33
C GLN C 726 -41.20 8.65 15.94
N ARG C 727 -40.31 7.84 15.35
CA ARG C 727 -40.03 6.52 15.92
C ARG C 727 -39.18 6.58 17.18
N VAL C 728 -38.59 7.74 17.51
CA VAL C 728 -38.02 7.91 18.84
C VAL C 728 -39.12 8.27 19.83
N LEU C 729 -40.11 9.04 19.38
CA LEU C 729 -41.23 9.43 20.24
C LEU C 729 -42.10 8.24 20.62
N THR C 730 -42.10 7.19 19.80
CA THR C 730 -42.94 6.02 20.07
C THR C 730 -42.15 4.87 20.67
N SER C 731 -41.11 4.40 19.99
CA SER C 731 -40.46 3.16 20.36
C SER C 731 -39.17 3.45 21.14
N ASP C 732 -38.42 2.38 21.44
CA ASP C 732 -37.12 2.49 22.11
C ASP C 732 -36.04 2.59 21.04
N TYR C 733 -36.04 3.73 20.37
CA TYR C 733 -35.20 3.96 19.19
C TYR C 733 -34.35 5.20 19.41
N ALA C 734 -33.07 5.10 19.02
CA ALA C 734 -32.10 6.19 19.15
C ALA C 734 -31.64 6.54 17.74
N PHE C 735 -32.03 7.71 17.26
CA PHE C 735 -31.86 8.05 15.86
C PHE C 735 -30.60 8.87 15.64
N LEU C 736 -29.75 8.40 14.72
CA LEU C 736 -28.52 9.10 14.34
C LEU C 736 -28.86 10.17 13.31
N MET C 737 -28.45 11.40 13.57
CA MET C 737 -28.79 12.53 12.70
C MET C 737 -27.84 13.67 12.98
N GLU C 738 -28.06 14.78 12.29
CA GLU C 738 -27.18 15.93 12.32
C GLU C 738 -27.49 16.85 13.48
N SER C 739 -26.49 17.62 13.90
CA SER C 739 -26.62 18.45 15.09
C SER C 739 -27.57 19.62 14.87
N THR C 740 -27.54 20.24 13.68
CA THR C 740 -28.31 21.45 13.46
C THR C 740 -29.80 21.20 13.34
N THR C 741 -30.21 19.96 13.10
CA THR C 741 -31.63 19.64 13.11
C THR C 741 -32.06 19.17 14.49
N ILE C 742 -31.15 18.55 15.26
CA ILE C 742 -31.38 18.33 16.68
C ILE C 742 -31.57 19.65 17.42
N GLU C 743 -30.85 20.70 17.00
CA GLU C 743 -31.04 22.03 17.57
C GLU C 743 -32.43 22.59 17.32
N PHE C 744 -33.13 22.12 16.29
CA PHE C 744 -34.50 22.57 16.10
C PHE C 744 -35.51 21.65 16.75
N VAL C 745 -35.21 20.36 16.86
CA VAL C 745 -36.13 19.42 17.48
C VAL C 745 -36.20 19.63 18.98
N THR C 746 -35.05 19.67 19.64
CA THR C 746 -35.02 19.75 21.10
C THR C 746 -35.47 21.10 21.63
N GLN C 747 -35.52 22.13 20.79
CA GLN C 747 -36.15 23.37 21.20
C GLN C 747 -37.64 23.40 20.93
N ARG C 748 -38.19 22.32 20.37
CA ARG C 748 -39.63 22.19 20.17
C ARG C 748 -40.21 21.11 21.08
N ASN C 749 -39.66 19.90 21.01
CA ASN C 749 -40.08 18.79 21.86
C ASN C 749 -39.18 18.77 23.09
N CYS C 750 -39.75 19.05 24.26
CA CYS C 750 -38.99 19.11 25.51
C CYS C 750 -38.93 17.78 26.22
N ASN C 751 -39.02 16.66 25.50
CA ASN C 751 -38.69 15.36 26.05
C ASN C 751 -37.58 14.66 25.27
N LEU C 752 -37.07 15.27 24.21
CA LEU C 752 -35.99 14.74 23.39
C LEU C 752 -34.71 15.52 23.68
N THR C 753 -33.58 14.87 23.43
CA THR C 753 -32.29 15.49 23.72
C THR C 753 -31.22 14.94 22.80
N GLN C 754 -30.04 15.54 22.91
CA GLN C 754 -28.87 15.13 22.15
C GLN C 754 -27.99 14.26 23.03
N ILE C 755 -28.16 12.96 22.93
CA ILE C 755 -27.33 12.02 23.68
C ILE C 755 -25.96 11.94 23.03
N GLY C 756 -24.92 12.22 23.80
CA GLY C 756 -23.56 12.12 23.33
C GLY C 756 -23.11 13.39 22.61
N GLY C 757 -21.83 13.40 22.27
CA GLY C 757 -21.22 14.52 21.60
C GLY C 757 -21.27 14.36 20.08
N LEU C 758 -20.61 15.30 19.41
CA LEU C 758 -20.54 15.28 17.96
C LEU C 758 -19.61 14.17 17.50
N ILE C 759 -20.10 13.33 16.59
CA ILE C 759 -19.28 12.25 16.04
C ILE C 759 -18.20 12.83 15.13
N ASP C 760 -18.59 13.67 14.18
CA ASP C 760 -17.66 14.27 13.25
C ASP C 760 -18.07 15.72 13.01
N SER C 761 -17.49 16.33 11.99
CA SER C 761 -17.86 17.69 11.60
C SER C 761 -18.05 17.74 10.10
N LYS C 762 -19.14 18.36 9.67
CA LYS C 762 -19.46 18.48 8.25
C LYS C 762 -19.97 19.90 8.05
N GLY C 763 -20.58 20.15 6.90
CA GLY C 763 -21.14 21.46 6.64
C GLY C 763 -22.14 21.41 5.52
N TYR C 764 -22.94 22.46 5.44
CA TYR C 764 -23.94 22.62 4.39
C TYR C 764 -23.37 23.52 3.30
N GLY C 765 -23.12 22.95 2.12
CA GLY C 765 -22.66 23.71 0.98
C GLY C 765 -23.79 23.94 -0.01
N VAL C 766 -23.78 25.13 -0.61
CA VAL C 766 -24.67 25.40 -1.74
C VAL C 766 -24.14 24.62 -2.92
N GLY C 767 -24.79 23.52 -3.28
CA GLY C 767 -24.27 22.65 -4.31
C GLY C 767 -24.43 23.25 -5.69
N THR C 768 -23.36 23.19 -6.46
CA THR C 768 -23.28 23.65 -7.84
C THR C 768 -22.74 22.51 -8.69
N PRO C 769 -23.01 22.49 -9.99
CA PRO C 769 -22.49 21.42 -10.84
C PRO C 769 -20.97 21.49 -10.99
N MET C 770 -20.42 20.43 -11.58
CA MET C 770 -18.98 20.30 -11.71
C MET C 770 -18.44 21.31 -12.71
N GLY C 771 -17.62 22.24 -12.24
CA GLY C 771 -17.11 23.28 -13.09
C GLY C 771 -18.13 24.35 -13.41
N SER C 772 -18.55 25.10 -12.40
CA SER C 772 -19.54 26.15 -12.57
C SER C 772 -18.93 27.51 -12.24
N PRO C 773 -19.42 28.58 -12.87
CA PRO C 773 -18.98 29.93 -12.46
C PRO C 773 -19.66 30.44 -11.21
N TYR C 774 -20.69 29.77 -10.72
CA TYR C 774 -21.37 30.17 -9.50
C TYR C 774 -20.80 29.53 -8.24
N ARG C 775 -19.73 28.74 -8.37
CA ARG C 775 -19.08 28.22 -7.17
C ARG C 775 -18.40 29.33 -6.40
N ASP C 776 -17.65 30.18 -7.10
CA ASP C 776 -16.84 31.19 -6.44
C ASP C 776 -17.65 32.42 -6.05
N LYS C 777 -18.69 32.76 -6.80
CA LYS C 777 -19.49 33.93 -6.47
C LYS C 777 -20.38 33.70 -5.27
N ILE C 778 -20.78 32.47 -5.00
CA ILE C 778 -21.49 32.16 -3.76
C ILE C 778 -20.51 31.99 -2.61
N THR C 779 -19.30 31.50 -2.91
CA THR C 779 -18.21 31.44 -1.94
C THR C 779 -17.89 32.82 -1.38
N ILE C 780 -17.92 33.85 -2.24
CA ILE C 780 -17.87 35.23 -1.78
C ILE C 780 -19.09 35.56 -0.93
N ALA C 781 -20.27 35.31 -1.47
CA ALA C 781 -21.52 35.82 -0.89
C ALA C 781 -21.97 35.06 0.35
N ILE C 782 -21.31 33.97 0.73
CA ILE C 782 -21.54 33.38 2.05
C ILE C 782 -20.62 34.01 3.08
N LEU C 783 -19.37 34.29 2.70
CA LEU C 783 -18.44 34.96 3.60
C LEU C 783 -18.85 36.39 3.87
N GLN C 784 -19.48 37.05 2.91
CA GLN C 784 -19.97 38.40 3.14
C GLN C 784 -21.14 38.41 4.11
N LEU C 785 -22.00 37.39 4.03
CA LEU C 785 -23.10 37.30 4.98
C LEU C 785 -22.65 36.87 6.36
N GLN C 786 -21.48 36.27 6.49
CA GLN C 786 -21.07 35.76 7.78
C GLN C 786 -20.34 36.80 8.61
N GLU C 787 -19.57 37.70 7.98
CA GLU C 787 -18.85 38.70 8.74
C GLU C 787 -19.76 39.78 9.30
N GLU C 788 -20.93 39.99 8.70
CA GLU C 788 -21.89 40.97 9.19
C GLU C 788 -23.07 40.31 9.91
N GLY C 789 -22.92 39.05 10.31
CA GLY C 789 -23.87 38.41 11.20
C GLY C 789 -25.17 37.98 10.56
N LYS C 790 -25.28 38.01 9.24
CA LYS C 790 -26.55 37.63 8.60
C LYS C 790 -26.82 36.14 8.74
N LEU C 791 -25.78 35.31 8.68
CA LEU C 791 -25.95 33.88 8.86
C LEU C 791 -26.20 33.48 10.30
N HIS C 792 -26.08 34.41 11.25
CA HIS C 792 -26.48 34.14 12.63
C HIS C 792 -27.83 34.75 12.98
N MET C 793 -28.18 35.89 12.38
CA MET C 793 -29.51 36.45 12.57
C MET C 793 -30.58 35.59 11.92
N MET C 794 -30.24 34.85 10.87
CA MET C 794 -31.21 33.94 10.29
C MET C 794 -31.33 32.64 11.07
N LYS C 795 -30.24 32.15 11.65
CA LYS C 795 -30.31 30.94 12.45
C LYS C 795 -31.07 31.16 13.75
N GLU C 796 -30.89 32.34 14.36
CA GLU C 796 -31.67 32.67 15.55
C GLU C 796 -33.15 32.81 15.24
N LYS C 797 -33.49 33.21 14.01
CA LYS C 797 -34.90 33.35 13.66
C LYS C 797 -35.54 31.98 13.40
N TRP C 798 -34.93 31.16 12.55
CA TRP C 798 -35.58 29.93 12.13
C TRP C 798 -35.37 28.76 13.08
N TRP C 799 -34.66 28.96 14.19
CA TRP C 799 -34.59 27.92 15.20
C TRP C 799 -35.36 28.26 16.48
N ARG C 800 -35.55 29.55 16.75
CA ARG C 800 -36.58 30.15 17.63
C ARG C 800 -36.83 29.37 18.93
N GLY C 801 -35.79 29.32 19.76
CA GLY C 801 -35.65 28.46 20.93
C GLY C 801 -36.83 28.20 21.86
N ASN C 802 -37.79 29.16 21.90
CA ASN C 802 -39.18 29.00 22.32
C ASN C 802 -39.35 28.83 23.83
N GLY C 803 -38.27 28.64 24.56
CA GLY C 803 -38.39 28.35 25.98
C GLY C 803 -38.59 26.86 26.19
N CYS C 804 -37.74 26.26 27.01
CA CYS C 804 -37.79 24.83 27.26
C CYS C 804 -37.00 24.56 28.52
N PRO C 805 -37.41 23.62 29.38
CA PRO C 805 -36.56 23.24 30.51
C PRO C 805 -35.25 22.63 30.05
N GLU C 806 -34.16 23.36 30.28
CA GLU C 806 -32.88 23.00 29.68
C GLU C 806 -32.25 21.79 30.38
N GLU C 807 -32.34 21.75 31.71
CA GLU C 807 -31.65 20.77 32.56
C GLU C 807 -32.14 21.06 33.98
N GLU C 808 -31.98 20.09 34.86
CA GLU C 808 -32.11 20.34 36.29
C GLU C 808 -30.97 21.19 36.82
N SER C 809 -29.88 21.31 36.06
CA SER C 809 -28.61 21.96 36.45
C SER C 809 -28.05 21.28 37.70
N LYS C 810 -27.61 20.02 37.48
CA LYS C 810 -27.05 19.12 38.48
C LYS C 810 -25.96 19.78 39.30
N GLU C 811 -26.22 19.95 40.59
CA GLU C 811 -25.49 20.79 41.51
C GLU C 811 -26.08 20.43 42.87
N ALA C 812 -25.66 21.14 43.92
CA ALA C 812 -26.30 21.00 45.22
C ALA C 812 -27.77 21.39 45.14
N SER C 813 -28.60 20.68 45.90
CA SER C 813 -30.02 20.49 45.59
C SER C 813 -30.89 20.91 46.77
N ALA C 814 -30.74 22.19 47.17
CA ALA C 814 -31.46 22.86 48.24
C ALA C 814 -32.93 22.53 48.29
N LEU C 815 -33.38 22.07 49.47
CA LEU C 815 -34.69 21.45 49.62
C LEU C 815 -35.79 22.50 49.54
N GLY C 816 -36.66 22.37 48.53
CA GLY C 816 -37.85 23.17 48.45
C GLY C 816 -39.00 22.50 49.18
N VAL C 817 -40.20 23.02 48.91
CA VAL C 817 -41.41 22.44 49.48
C VAL C 817 -41.72 21.09 48.84
N GLN C 818 -41.31 20.90 47.59
CA GLN C 818 -41.68 19.70 46.83
C GLN C 818 -41.04 18.42 47.34
N ASN C 819 -40.02 18.51 48.19
CA ASN C 819 -39.33 17.32 48.67
C ASN C 819 -39.11 17.29 50.17
N ILE C 820 -39.75 18.17 50.94
CA ILE C 820 -39.88 17.94 52.37
C ILE C 820 -41.35 17.76 52.66
N GLY C 821 -42.13 18.83 52.48
CA GLY C 821 -43.53 18.76 52.13
C GLY C 821 -44.48 18.18 53.15
N GLY C 822 -44.28 16.90 53.44
CA GLY C 822 -45.21 16.13 54.24
C GLY C 822 -45.02 16.21 55.71
N ILE C 823 -43.88 16.74 56.16
CA ILE C 823 -43.70 16.94 57.59
C ILE C 823 -44.55 18.11 58.07
N PHE C 824 -44.92 19.03 57.17
CA PHE C 824 -45.92 20.04 57.50
C PHE C 824 -47.32 19.46 57.43
N ILE C 825 -47.51 18.40 56.65
CA ILE C 825 -48.82 17.76 56.55
C ILE C 825 -49.14 17.01 57.83
N VAL C 826 -48.18 16.25 58.35
CA VAL C 826 -48.41 15.53 59.60
C VAL C 826 -48.41 16.50 60.78
N LEU C 827 -47.73 17.64 60.66
CA LEU C 827 -47.83 18.66 61.68
C LEU C 827 -49.19 19.32 61.68
N ALA C 828 -49.75 19.58 60.48
CA ALA C 828 -51.09 20.13 60.40
C ALA C 828 -52.13 19.09 60.84
N ALA C 829 -51.96 17.84 60.41
CA ALA C 829 -52.90 16.80 60.80
C ALA C 829 -52.75 16.42 62.27
N GLY C 830 -51.54 16.61 62.84
CA GLY C 830 -51.35 16.32 64.24
C GLY C 830 -52.04 17.32 65.15
N LEU C 831 -52.06 18.59 64.75
CA LEU C 831 -52.75 19.60 65.54
C LEU C 831 -54.27 19.51 65.39
N VAL C 832 -54.74 19.03 64.23
CA VAL C 832 -56.17 18.74 64.08
C VAL C 832 -56.58 17.57 64.97
N LEU C 833 -55.76 16.52 65.00
CA LEU C 833 -56.06 15.38 65.87
C LEU C 833 -55.89 15.73 67.35
N SER C 834 -55.12 16.77 67.67
CA SER C 834 -54.90 17.11 69.07
C SER C 834 -56.12 17.80 69.67
N VAL C 835 -56.73 18.73 68.93
CA VAL C 835 -57.80 19.55 69.51
C VAL C 835 -59.07 18.75 69.76
N PHE C 836 -59.25 17.62 69.08
CA PHE C 836 -60.36 16.74 69.43
C PHE C 836 -60.06 15.90 70.66
N VAL C 837 -58.79 15.75 71.02
CA VAL C 837 -58.47 15.16 72.31
C VAL C 837 -58.69 16.22 73.40
N ALA C 838 -58.54 17.51 73.07
CA ALA C 838 -58.74 18.57 74.04
C ALA C 838 -60.21 18.71 74.42
N VAL C 839 -61.12 18.60 73.45
CA VAL C 839 -62.53 18.52 73.80
C VAL C 839 -62.87 17.15 74.38
N GLY C 840 -62.07 16.12 74.08
CA GLY C 840 -62.23 14.84 74.75
C GLY C 840 -61.79 14.90 76.20
N GLU C 841 -60.73 15.65 76.49
CA GLU C 841 -60.36 15.89 77.89
C GLU C 841 -61.35 16.81 78.56
N PHE C 842 -62.00 17.68 77.80
CA PHE C 842 -62.98 18.58 78.39
C PHE C 842 -64.25 17.85 78.77
N LEU C 843 -64.78 17.04 77.85
CA LEU C 843 -66.05 16.37 78.10
C LEU C 843 -65.93 15.24 79.11
N TYR C 844 -64.77 14.57 79.15
CA TYR C 844 -64.57 13.55 80.19
C TYR C 844 -64.44 14.19 81.56
N LYS C 845 -63.93 15.41 81.64
CA LYS C 845 -63.92 16.13 82.91
C LYS C 845 -65.30 16.68 83.23
N SER C 846 -66.00 17.23 82.22
CA SER C 846 -67.30 17.86 82.46
C SER C 846 -68.39 16.85 82.74
N LYS C 847 -68.20 15.58 82.38
CA LYS C 847 -69.14 14.54 82.79
C LYS C 847 -68.79 13.98 84.16
N LYS C 848 -67.54 14.09 84.58
CA LYS C 848 -67.12 13.49 85.85
C LYS C 848 -67.49 14.38 87.03
N ASN C 849 -67.18 15.67 86.94
CA ASN C 849 -67.47 16.58 88.04
C ASN C 849 -68.95 16.90 88.18
N ALA C 850 -69.74 16.68 87.13
CA ALA C 850 -71.17 16.96 87.15
C ALA C 850 -72.00 15.82 87.73
N GLN C 851 -71.35 14.79 88.29
CA GLN C 851 -72.09 13.73 88.97
C GLN C 851 -72.74 14.25 90.24
N LEU C 852 -72.09 15.18 90.93
CA LEU C 852 -72.56 15.69 92.20
C LEU C 852 -72.61 17.21 92.28
N GLU C 853 -71.78 17.93 91.53
CA GLU C 853 -71.67 19.37 91.70
C GLU C 853 -72.78 20.11 90.96
N LYS C 854 -72.79 20.01 89.63
CA LYS C 854 -73.73 20.76 88.80
C LYS C 854 -74.33 19.80 87.78
N ARG C 855 -75.04 20.36 86.80
CA ARG C 855 -75.71 19.54 85.81
C ARG C 855 -74.83 19.33 84.57
N SER C 856 -75.43 18.74 83.54
CA SER C 856 -74.65 18.22 82.42
C SER C 856 -74.14 19.33 81.51
N PHE C 857 -75.05 20.11 80.92
CA PHE C 857 -74.64 21.09 79.93
C PHE C 857 -74.12 22.38 80.57
N CYS C 858 -74.63 22.74 81.75
CA CYS C 858 -74.25 24.01 82.37
C CYS C 858 -72.83 23.99 82.91
N SER C 859 -72.42 22.88 83.54
CA SER C 859 -71.09 22.79 84.15
C SER C 859 -69.97 22.79 83.11
N ALA C 860 -70.28 22.46 81.86
CA ALA C 860 -69.33 22.71 80.79
C ALA C 860 -69.12 24.21 80.60
N MET C 861 -70.22 24.98 80.59
CA MET C 861 -70.12 26.42 80.44
C MET C 861 -69.56 27.10 81.68
N VAL C 862 -69.65 26.44 82.84
CA VAL C 862 -69.03 26.97 84.05
C VAL C 862 -67.51 26.96 83.92
N GLU C 863 -66.96 25.87 83.38
CA GLU C 863 -65.52 25.79 83.18
C GLU C 863 -65.07 26.64 82.00
N GLU C 864 -66.00 27.02 81.11
CA GLU C 864 -65.69 28.01 80.08
C GLU C 864 -65.42 29.38 80.70
N LEU C 865 -66.07 29.69 81.82
CA LEU C 865 -65.77 30.92 82.54
C LEU C 865 -64.40 30.85 83.20
N ARG C 866 -63.96 29.64 83.56
CA ARG C 866 -62.61 29.46 84.08
C ARG C 866 -61.55 29.68 83.00
N MET C 867 -61.75 29.09 81.82
CA MET C 867 -60.72 29.12 80.80
C MET C 867 -60.63 30.47 80.12
N SER C 868 -61.75 31.20 80.03
CA SER C 868 -61.75 32.52 79.43
C SER C 868 -61.18 33.59 80.36
N LEU C 869 -60.90 33.25 81.61
CA LEU C 869 -60.27 34.21 82.53
C LEU C 869 -58.83 34.46 82.10
N LYS C 870 -58.45 35.74 82.07
CA LYS C 870 -57.11 36.15 81.65
C LYS C 870 -56.12 36.19 82.81
N CYS C 871 -56.40 35.46 83.89
CA CYS C 871 -55.60 35.54 85.11
C CYS C 871 -55.37 34.14 85.66
N GLN C 872 -54.50 34.06 86.67
CA GLN C 872 -54.38 32.86 87.47
C GLN C 872 -55.46 32.87 88.54
N ARG C 873 -55.88 31.67 88.95
CA ARG C 873 -57.05 31.53 89.80
C ARG C 873 -56.77 30.29 90.67
N ARG C 874 -57.82 29.68 91.23
CA ARG C 874 -57.68 28.45 92.01
C ARG C 874 -57.11 27.34 91.14
N THR D 33 -10.20 -40.67 -88.85
CA THR D 33 -11.30 -40.71 -89.81
C THR D 33 -12.11 -39.42 -89.76
N HIS D 34 -12.76 -39.17 -88.63
CA HIS D 34 -13.58 -37.99 -88.46
C HIS D 34 -12.70 -36.79 -88.12
N VAL D 35 -12.96 -35.67 -88.78
CA VAL D 35 -12.20 -34.45 -88.54
C VAL D 35 -12.84 -33.66 -87.41
N LEU D 36 -12.01 -32.96 -86.64
CA LEU D 36 -12.48 -32.15 -85.53
C LEU D 36 -11.47 -31.06 -85.23
N ARG D 37 -11.75 -29.84 -85.69
CA ARG D 37 -10.77 -28.74 -85.64
C ARG D 37 -11.05 -27.86 -84.42
N PHE D 38 -10.02 -27.69 -83.60
CA PHE D 38 -10.08 -26.72 -82.52
C PHE D 38 -9.50 -25.38 -82.96
N GLY D 39 -10.00 -24.30 -82.38
CA GLY D 39 -9.43 -23.00 -82.59
C GLY D 39 -8.33 -22.70 -81.60
N GLY D 40 -7.68 -21.56 -81.81
CA GLY D 40 -6.63 -21.14 -80.91
C GLY D 40 -6.17 -19.73 -81.17
N ILE D 41 -6.16 -18.90 -80.12
CA ILE D 41 -5.69 -17.53 -80.22
C ILE D 41 -4.63 -17.31 -79.15
N PHE D 42 -3.46 -16.86 -79.57
CA PHE D 42 -2.34 -16.76 -78.65
C PHE D 42 -1.58 -15.47 -78.92
N GLU D 43 -0.64 -15.18 -78.02
CA GLU D 43 0.16 -13.97 -78.12
C GLU D 43 1.16 -14.12 -79.27
N TYR D 44 1.42 -13.01 -79.98
CA TYR D 44 2.27 -13.00 -81.17
C TYR D 44 3.70 -12.67 -80.77
N VAL D 45 4.53 -13.70 -80.65
CA VAL D 45 5.97 -13.51 -80.50
C VAL D 45 6.58 -13.45 -81.90
N GLU D 46 7.24 -12.34 -82.21
CA GLU D 46 7.63 -12.06 -83.59
C GLU D 46 8.98 -12.65 -83.96
N SER D 47 9.85 -12.90 -82.97
CA SER D 47 11.20 -13.35 -83.28
C SER D 47 11.54 -14.68 -82.62
N GLY D 48 11.17 -14.82 -81.35
CA GLY D 48 11.52 -16.00 -80.59
C GLY D 48 10.54 -17.14 -80.81
N PRO D 49 10.62 -18.16 -79.97
CA PRO D 49 9.62 -19.24 -80.02
C PRO D 49 8.28 -18.75 -79.52
N MET D 50 7.24 -19.56 -79.75
CA MET D 50 5.89 -19.17 -79.38
C MET D 50 5.69 -19.24 -77.87
N GLY D 51 4.57 -18.71 -77.38
CA GLY D 51 4.32 -18.62 -75.95
C GLY D 51 4.14 -19.95 -75.27
N ALA D 52 4.19 -19.94 -73.93
CA ALA D 52 4.04 -21.18 -73.17
C ALA D 52 2.64 -21.73 -73.28
N GLU D 53 1.64 -20.87 -73.46
CA GLU D 53 0.27 -21.33 -73.65
C GLU D 53 0.10 -21.95 -75.04
N GLU D 54 0.81 -21.42 -76.03
CA GLU D 54 0.64 -21.93 -77.39
C GLU D 54 1.36 -23.26 -77.57
N LEU D 55 2.53 -23.43 -76.95
CA LEU D 55 3.21 -24.71 -76.99
C LEU D 55 2.44 -25.77 -76.21
N ALA D 56 1.75 -25.37 -75.14
CA ALA D 56 0.98 -26.35 -74.37
C ALA D 56 -0.23 -26.82 -75.14
N PHE D 57 -0.79 -25.96 -75.99
CA PHE D 57 -1.89 -26.37 -76.84
C PHE D 57 -1.40 -27.30 -77.95
N ARG D 58 -0.24 -26.98 -78.55
CA ARG D 58 0.34 -27.84 -79.57
C ARG D 58 0.79 -29.18 -78.98
N PHE D 59 1.19 -29.17 -77.71
CA PHE D 59 1.58 -30.40 -77.04
C PHE D 59 0.38 -31.29 -76.76
N ALA D 60 -0.70 -30.70 -76.24
CA ALA D 60 -1.84 -31.48 -75.77
C ALA D 60 -2.65 -32.02 -76.94
N VAL D 61 -2.58 -31.36 -78.10
CA VAL D 61 -3.12 -31.94 -79.32
C VAL D 61 -2.33 -33.19 -79.70
N ASN D 62 -0.99 -33.08 -79.69
CA ASN D 62 -0.14 -34.16 -80.18
C ASN D 62 -0.13 -35.35 -79.23
N THR D 63 -0.35 -35.11 -77.93
CA THR D 63 -0.42 -36.20 -76.97
C THR D 63 -1.69 -37.03 -77.17
N ILE D 64 -2.82 -36.35 -77.36
CA ILE D 64 -4.08 -37.05 -77.60
C ILE D 64 -4.11 -37.66 -79.00
N ASN D 65 -3.38 -37.05 -79.94
CA ASN D 65 -3.40 -37.55 -81.32
C ASN D 65 -2.65 -38.87 -81.44
N ARG D 66 -1.67 -39.10 -80.57
CA ARG D 66 -0.87 -40.32 -80.68
C ARG D 66 -1.39 -41.41 -79.75
N ASN D 67 -2.49 -41.15 -79.04
CA ASN D 67 -3.08 -42.16 -78.16
C ASN D 67 -4.52 -42.40 -78.61
N ARG D 68 -4.83 -43.67 -78.87
CA ARG D 68 -6.11 -44.06 -79.44
C ARG D 68 -7.09 -44.47 -78.33
N THR D 69 -6.57 -44.79 -77.14
CA THR D 69 -7.37 -45.23 -76.00
C THR D 69 -8.35 -44.14 -75.57
N LEU D 70 -7.85 -42.93 -75.40
CA LEU D 70 -8.72 -41.77 -75.37
C LEU D 70 -8.94 -41.28 -76.81
N LEU D 71 -10.22 -41.14 -77.18
CA LEU D 71 -10.67 -40.70 -78.51
C LEU D 71 -10.15 -41.53 -79.68
N PRO D 72 -10.73 -42.71 -79.93
CA PRO D 72 -10.30 -43.55 -81.07
C PRO D 72 -10.42 -42.88 -82.45
N ASN D 73 -11.62 -42.45 -82.87
CA ASN D 73 -11.70 -41.60 -84.06
C ASN D 73 -11.79 -40.13 -83.70
N THR D 74 -10.65 -39.51 -83.42
CA THR D 74 -10.48 -38.08 -83.60
C THR D 74 -9.20 -37.82 -84.38
N THR D 75 -9.20 -36.78 -85.20
CA THR D 75 -8.02 -36.34 -85.92
C THR D 75 -7.80 -34.87 -85.63
N LEU D 76 -7.79 -34.52 -84.34
CA LEU D 76 -7.70 -33.16 -83.81
C LEU D 76 -6.62 -32.32 -84.45
N THR D 77 -7.03 -31.29 -85.18
CA THR D 77 -6.13 -30.37 -85.85
C THR D 77 -6.34 -28.98 -85.27
N TYR D 78 -5.31 -28.15 -85.36
CA TYR D 78 -5.36 -26.85 -84.71
C TYR D 78 -5.49 -25.73 -85.74
N ASP D 79 -5.96 -24.59 -85.28
CA ASP D 79 -6.08 -23.40 -86.11
C ASP D 79 -5.53 -22.22 -85.32
N THR D 80 -4.32 -22.38 -84.77
CA THR D 80 -3.74 -21.36 -83.90
C THR D 80 -3.42 -20.09 -84.66
N GLN D 81 -4.21 -19.05 -84.39
CA GLN D 81 -3.93 -17.71 -84.91
C GLN D 81 -3.22 -16.90 -83.84
N LYS D 82 -2.58 -15.80 -84.25
CA LYS D 82 -1.85 -14.98 -83.31
C LYS D 82 -2.32 -13.54 -83.36
N ILE D 83 -2.58 -12.95 -82.20
CA ILE D 83 -2.99 -11.56 -82.12
C ILE D 83 -1.96 -10.80 -81.27
N ASN D 84 -2.08 -9.48 -81.28
CA ASN D 84 -1.23 -8.62 -80.47
C ASN D 84 -1.63 -8.61 -79.00
N LEU D 85 -2.74 -9.28 -78.65
CA LEU D 85 -3.18 -9.64 -77.30
C LEU D 85 -3.72 -8.44 -76.52
N TYR D 86 -3.58 -7.23 -77.09
CA TYR D 86 -4.06 -6.01 -76.47
C TYR D 86 -5.00 -5.26 -77.40
N ASP D 87 -5.59 -5.99 -78.35
CA ASP D 87 -6.45 -5.42 -79.40
C ASP D 87 -7.73 -6.24 -79.46
N SER D 88 -8.85 -5.64 -79.03
CA SER D 88 -10.11 -6.37 -79.03
C SER D 88 -10.73 -6.42 -80.42
N PHE D 89 -10.25 -5.57 -81.33
CA PHE D 89 -10.71 -5.65 -82.72
C PHE D 89 -9.97 -6.74 -83.47
N GLU D 90 -8.66 -6.87 -83.22
CA GLU D 90 -7.88 -7.90 -83.89
C GLU D 90 -8.28 -9.28 -83.41
N ALA D 91 -8.69 -9.38 -82.14
CA ALA D 91 -9.17 -10.65 -81.61
C ALA D 91 -10.52 -11.04 -82.21
N SER D 92 -11.29 -10.06 -82.67
CA SER D 92 -12.58 -10.37 -83.28
C SER D 92 -12.42 -10.83 -84.72
N LYS D 93 -11.34 -10.42 -85.40
CA LYS D 93 -11.08 -10.97 -86.73
C LYS D 93 -10.66 -12.43 -86.65
N LYS D 94 -9.64 -12.73 -85.85
CA LYS D 94 -9.08 -14.08 -85.82
C LYS D 94 -10.03 -15.06 -85.12
N ALA D 95 -11.01 -14.56 -84.38
CA ALA D 95 -12.09 -15.43 -83.95
C ALA D 95 -12.98 -15.82 -85.12
N CYS D 96 -13.37 -14.83 -85.93
CA CYS D 96 -14.21 -15.10 -87.09
C CYS D 96 -13.44 -15.80 -88.20
N ASP D 97 -12.13 -15.54 -88.32
CA ASP D 97 -11.33 -16.19 -89.36
C ASP D 97 -11.18 -17.68 -89.09
N GLN D 98 -11.10 -18.05 -87.81
CA GLN D 98 -11.14 -19.46 -87.46
C GLN D 98 -12.55 -20.03 -87.64
N LEU D 99 -13.56 -19.27 -87.22
CA LEU D 99 -14.93 -19.78 -87.20
C LEU D 99 -15.55 -19.83 -88.59
N SER D 100 -15.12 -18.98 -89.51
CA SER D 100 -15.51 -19.13 -90.91
C SER D 100 -14.85 -20.37 -91.52
N LEU D 101 -13.62 -20.66 -91.10
CA LEU D 101 -12.93 -21.86 -91.54
C LEU D 101 -13.55 -23.07 -90.84
N GLY D 102 -14.06 -22.86 -89.63
CA GLY D 102 -14.76 -23.91 -88.92
C GLY D 102 -13.99 -24.45 -87.73
N VAL D 103 -14.52 -24.23 -86.52
CA VAL D 103 -13.90 -24.73 -85.30
C VAL D 103 -14.90 -25.52 -84.49
N ALA D 104 -14.48 -25.95 -83.30
CA ALA D 104 -15.32 -26.71 -82.40
C ALA D 104 -15.35 -26.03 -81.04
N ALA D 105 -14.25 -25.32 -80.72
CA ALA D 105 -14.11 -24.56 -79.50
C ALA D 105 -12.95 -23.58 -79.65
N ILE D 106 -13.11 -22.35 -79.17
CA ILE D 106 -12.03 -21.38 -79.24
C ILE D 106 -11.41 -21.22 -77.87
N PHE D 107 -10.11 -21.47 -77.78
CA PHE D 107 -9.40 -21.52 -76.52
C PHE D 107 -8.93 -20.16 -76.03
N GLY D 108 -9.25 -19.09 -76.76
CA GLY D 108 -9.27 -17.76 -76.20
C GLY D 108 -7.94 -17.10 -76.00
N PRO D 109 -7.94 -15.76 -75.98
CA PRO D 109 -6.72 -15.03 -75.62
C PRO D 109 -6.49 -15.04 -74.12
N SER D 110 -5.42 -14.39 -73.67
CA SER D 110 -5.17 -14.37 -72.23
C SER D 110 -5.28 -12.96 -71.64
N HIS D 111 -6.01 -12.04 -72.26
CA HIS D 111 -6.13 -10.70 -71.72
C HIS D 111 -7.51 -10.58 -71.08
N SER D 112 -7.84 -9.43 -70.51
CA SER D 112 -9.19 -9.16 -70.04
C SER D 112 -9.96 -8.40 -71.11
N SER D 113 -9.24 -7.69 -71.96
CA SER D 113 -9.88 -6.91 -73.01
C SER D 113 -10.27 -7.78 -74.20
N SER D 114 -9.39 -8.74 -74.55
CA SER D 114 -9.67 -9.56 -75.72
C SER D 114 -10.60 -10.71 -75.40
N ALA D 115 -10.60 -11.18 -74.16
CA ALA D 115 -11.44 -12.32 -73.80
C ALA D 115 -12.90 -11.92 -73.70
N ASN D 116 -13.17 -10.70 -73.23
CA ASN D 116 -14.55 -10.18 -73.22
C ASN D 116 -15.08 -10.00 -74.63
N ALA D 117 -14.21 -9.77 -75.61
CA ALA D 117 -14.66 -9.69 -76.98
C ALA D 117 -15.01 -11.07 -77.52
N VAL D 118 -14.04 -11.99 -77.52
CA VAL D 118 -14.16 -13.28 -78.22
C VAL D 118 -15.25 -14.14 -77.59
N GLN D 119 -15.49 -13.99 -76.29
CA GLN D 119 -16.64 -14.61 -75.62
C GLN D 119 -17.95 -14.19 -76.26
N SER D 120 -18.08 -12.92 -76.64
CA SER D 120 -19.33 -12.47 -77.23
C SER D 120 -19.43 -12.87 -78.70
N ILE D 121 -18.29 -13.15 -79.34
CA ILE D 121 -18.37 -13.85 -80.62
C ILE D 121 -18.82 -15.27 -80.42
N CYS D 122 -18.26 -15.96 -79.43
CA CYS D 122 -18.61 -17.37 -79.17
C CYS D 122 -20.04 -17.52 -78.66
N ASN D 123 -20.51 -16.58 -77.85
CA ASN D 123 -21.88 -16.62 -77.38
C ASN D 123 -22.88 -16.35 -78.51
N ALA D 124 -22.50 -15.52 -79.48
CA ALA D 124 -23.39 -15.17 -80.57
C ALA D 124 -23.58 -16.32 -81.55
N LEU D 125 -22.48 -16.97 -81.97
CA LEU D 125 -22.60 -17.95 -83.04
C LEU D 125 -22.71 -19.36 -82.52
N GLY D 126 -22.35 -19.61 -81.26
CA GLY D 126 -22.69 -20.89 -80.67
C GLY D 126 -21.56 -21.71 -80.07
N VAL D 127 -20.37 -21.65 -80.66
CA VAL D 127 -19.26 -22.52 -80.28
C VAL D 127 -18.76 -22.16 -78.90
N PRO D 128 -18.33 -23.12 -78.08
CA PRO D 128 -17.93 -22.81 -76.70
C PRO D 128 -16.60 -22.08 -76.65
N HIS D 129 -16.42 -21.28 -75.60
CA HIS D 129 -15.18 -20.54 -75.40
C HIS D 129 -14.48 -21.09 -74.16
N ILE D 130 -13.21 -21.41 -74.29
CA ILE D 130 -12.50 -22.12 -73.24
C ILE D 130 -11.42 -21.23 -72.65
N GLN D 131 -11.71 -20.60 -71.51
CA GLN D 131 -10.77 -19.65 -70.91
C GLN D 131 -9.76 -20.38 -70.03
N THR D 132 -8.52 -19.92 -70.02
CA THR D 132 -7.48 -20.56 -69.22
C THR D 132 -6.81 -19.56 -68.31
N ARG D 133 -7.29 -18.32 -68.32
CA ARG D 133 -6.70 -17.28 -67.49
C ARG D 133 -7.84 -16.41 -67.01
N TRP D 134 -7.68 -15.86 -65.79
CA TRP D 134 -8.74 -15.17 -65.08
C TRP D 134 -9.21 -13.93 -65.83
N LYS D 135 -10.52 -13.72 -65.78
CA LYS D 135 -11.15 -12.56 -66.40
C LYS D 135 -12.14 -11.96 -65.41
N HIS D 136 -12.26 -10.64 -65.36
CA HIS D 136 -13.36 -10.03 -64.63
C HIS D 136 -14.66 -10.27 -65.38
N GLN D 137 -15.44 -11.25 -64.93
CA GLN D 137 -16.79 -11.45 -65.43
C GLN D 137 -17.64 -10.31 -64.88
N VAL D 138 -18.20 -9.51 -65.77
CA VAL D 138 -19.17 -8.49 -65.39
C VAL D 138 -20.42 -9.21 -64.90
N SER D 139 -20.94 -8.80 -63.75
CA SER D 139 -22.06 -9.47 -63.10
C SER D 139 -23.35 -9.39 -63.89
N ASP D 140 -23.45 -8.40 -64.78
CA ASP D 140 -24.64 -8.34 -65.64
C ASP D 140 -24.36 -8.79 -67.06
N ASN D 141 -23.38 -9.68 -67.29
CA ASN D 141 -23.11 -10.22 -68.62
C ASN D 141 -23.74 -11.61 -68.74
N LYS D 142 -24.96 -11.64 -69.27
CA LYS D 142 -25.71 -12.87 -69.37
C LYS D 142 -25.17 -13.75 -70.49
N ASP D 143 -24.17 -14.56 -70.18
CA ASP D 143 -23.54 -15.44 -71.16
C ASP D 143 -23.59 -16.89 -70.71
N SER D 144 -23.94 -17.76 -71.65
CA SER D 144 -23.54 -19.15 -71.59
C SER D 144 -22.21 -19.26 -72.33
N PHE D 145 -21.80 -20.48 -72.66
CA PHE D 145 -20.77 -20.77 -73.65
C PHE D 145 -19.38 -20.28 -73.22
N TYR D 146 -19.12 -20.25 -71.92
CA TYR D 146 -17.76 -19.96 -71.47
C TYR D 146 -17.47 -20.77 -70.22
N VAL D 147 -16.28 -21.37 -70.15
CA VAL D 147 -15.78 -21.97 -68.93
C VAL D 147 -14.38 -21.46 -68.66
N SER D 148 -14.06 -21.26 -67.39
CA SER D 148 -12.81 -20.64 -66.97
C SER D 148 -12.04 -21.64 -66.15
N LEU D 149 -11.09 -22.35 -66.77
CA LEU D 149 -10.33 -23.38 -66.08
C LEU D 149 -9.32 -22.82 -65.10
N TYR D 150 -9.12 -21.50 -65.08
CA TYR D 150 -8.25 -20.90 -64.06
C TYR D 150 -9.02 -20.94 -62.76
N PRO D 151 -8.38 -21.24 -61.64
CA PRO D 151 -9.09 -21.24 -60.36
C PRO D 151 -9.54 -19.85 -59.97
N ASP D 152 -10.85 -19.67 -59.84
CA ASP D 152 -11.43 -18.34 -59.68
C ASP D 152 -11.04 -17.71 -58.35
N PHE D 153 -10.63 -16.45 -58.43
CA PHE D 153 -10.07 -15.75 -57.27
C PHE D 153 -11.07 -15.49 -56.16
N SER D 154 -12.37 -15.70 -56.37
CA SER D 154 -13.28 -15.66 -55.24
C SER D 154 -13.04 -16.85 -54.31
N SER D 155 -12.77 -18.02 -54.88
CA SER D 155 -12.53 -19.19 -54.06
C SER D 155 -11.07 -19.24 -53.60
N LEU D 156 -10.16 -18.61 -54.33
CA LEU D 156 -8.79 -18.53 -53.86
C LEU D 156 -8.68 -17.59 -52.67
N SER D 157 -9.42 -16.49 -52.68
CA SER D 157 -9.36 -15.51 -51.61
C SER D 157 -9.92 -16.01 -50.29
N ARG D 158 -10.75 -17.05 -50.29
CA ARG D 158 -11.03 -17.74 -49.03
C ARG D 158 -9.79 -18.44 -48.51
N ALA D 159 -9.01 -19.06 -49.41
CA ALA D 159 -7.86 -19.84 -49.00
C ALA D 159 -6.75 -18.95 -48.46
N ILE D 160 -6.61 -17.74 -48.98
CA ILE D 160 -5.76 -16.76 -48.32
C ILE D 160 -6.36 -16.31 -46.99
N LEU D 161 -7.68 -16.05 -46.97
CA LEU D 161 -8.32 -15.57 -45.74
C LEU D 161 -8.35 -16.66 -44.67
N ASP D 162 -8.43 -17.93 -45.07
CA ASP D 162 -8.25 -19.01 -44.11
C ASP D 162 -6.81 -19.08 -43.63
N LEU D 163 -5.86 -18.76 -44.50
CA LEU D 163 -4.46 -18.97 -44.16
C LEU D 163 -3.95 -17.91 -43.18
N VAL D 164 -4.48 -16.69 -43.27
CA VAL D 164 -4.03 -15.63 -42.37
C VAL D 164 -4.61 -15.82 -40.98
N GLN D 165 -5.66 -16.63 -40.85
CA GLN D 165 -6.24 -16.91 -39.55
C GLN D 165 -5.51 -18.05 -38.89
N PHE D 166 -4.90 -18.93 -39.70
CA PHE D 166 -4.10 -20.02 -39.19
C PHE D 166 -2.86 -19.46 -38.51
N PHE D 167 -2.25 -18.44 -39.12
CA PHE D 167 -1.08 -17.79 -38.56
C PHE D 167 -1.47 -16.66 -37.62
N LYS D 168 -2.78 -16.40 -37.48
CA LYS D 168 -3.37 -15.46 -36.53
C LYS D 168 -2.86 -14.04 -36.71
N TRP D 169 -2.94 -13.52 -37.93
CA TRP D 169 -2.43 -12.19 -38.21
C TRP D 169 -3.44 -11.12 -37.85
N LYS D 170 -2.93 -9.91 -37.62
CA LYS D 170 -3.74 -8.74 -37.32
C LYS D 170 -3.20 -7.51 -38.05
N THR D 171 -2.09 -7.67 -38.77
CA THR D 171 -1.40 -6.52 -39.34
C THR D 171 -1.09 -6.84 -40.80
N VAL D 172 -2.10 -7.29 -41.54
CA VAL D 172 -1.93 -7.76 -42.91
C VAL D 172 -1.75 -6.59 -43.87
N THR D 173 -0.75 -6.68 -44.75
CA THR D 173 -0.56 -5.70 -45.81
C THR D 173 -0.66 -6.36 -47.18
N VAL D 174 -1.70 -6.01 -47.95
CA VAL D 174 -1.84 -6.51 -49.30
C VAL D 174 -1.06 -5.63 -50.25
N VAL D 175 -0.26 -6.24 -51.12
CA VAL D 175 0.48 -5.52 -52.14
C VAL D 175 0.11 -6.10 -53.50
N TYR D 176 -0.53 -5.30 -54.34
CA TYR D 176 -0.89 -5.77 -55.66
C TYR D 176 -0.04 -5.05 -56.71
N ASP D 177 -0.28 -5.36 -57.99
CA ASP D 177 0.57 -4.84 -59.04
C ASP D 177 -0.17 -3.92 -60.02
N ASP D 178 -1.42 -4.25 -60.33
CA ASP D 178 -2.24 -3.37 -61.16
C ASP D 178 -3.65 -3.34 -60.58
N SER D 179 -4.42 -2.32 -60.98
CA SER D 179 -5.71 -1.99 -60.39
C SER D 179 -6.76 -3.09 -60.51
N THR D 180 -6.56 -4.06 -61.41
CA THR D 180 -7.41 -5.24 -61.49
C THR D 180 -7.27 -6.12 -60.25
N GLY D 181 -6.17 -6.01 -59.52
CA GLY D 181 -5.94 -6.88 -58.37
C GLY D 181 -6.85 -6.60 -57.19
N LEU D 182 -7.52 -5.46 -57.18
CA LEU D 182 -8.52 -5.19 -56.14
C LEU D 182 -9.79 -5.98 -56.40
N ILE D 183 -10.10 -6.25 -57.67
CA ILE D 183 -11.19 -7.14 -58.01
C ILE D 183 -10.89 -8.56 -57.58
N ARG D 184 -9.67 -9.04 -57.84
CA ARG D 184 -9.27 -10.41 -57.58
C ARG D 184 -9.24 -10.73 -56.11
N LEU D 185 -8.61 -9.91 -55.29
CA LEU D 185 -8.66 -10.13 -53.85
C LEU D 185 -9.76 -9.35 -53.16
N GLN D 186 -11.00 -9.34 -53.66
CA GLN D 186 -11.98 -8.46 -53.06
C GLN D 186 -12.58 -9.09 -51.81
N GLU D 187 -12.54 -10.41 -51.69
CA GLU D 187 -12.99 -11.05 -50.47
C GLU D 187 -11.95 -10.96 -49.38
N LEU D 188 -10.75 -10.47 -49.71
CA LEU D 188 -9.73 -10.22 -48.70
C LEU D 188 -9.79 -8.78 -48.21
N ILE D 189 -10.03 -7.82 -49.12
CA ILE D 189 -10.31 -6.44 -48.73
C ILE D 189 -11.59 -6.32 -47.92
N LYS D 190 -12.60 -7.15 -48.19
CA LYS D 190 -13.85 -7.07 -47.46
C LYS D 190 -13.83 -7.81 -46.13
N ALA D 191 -12.68 -8.07 -45.54
CA ALA D 191 -12.73 -8.72 -44.23
C ALA D 191 -11.88 -8.13 -43.09
N PRO D 192 -11.86 -6.82 -42.83
CA PRO D 192 -11.77 -6.37 -41.44
C PRO D 192 -13.12 -6.14 -40.77
N SER D 193 -14.21 -6.31 -41.51
CA SER D 193 -15.56 -6.13 -40.99
C SER D 193 -16.04 -7.33 -40.18
N ARG D 194 -15.60 -8.53 -40.55
CA ARG D 194 -15.99 -9.74 -39.83
C ARG D 194 -14.91 -10.12 -38.83
N TYR D 195 -13.66 -10.17 -39.29
CA TYR D 195 -12.54 -10.56 -38.45
C TYR D 195 -11.72 -9.34 -38.03
N ASN D 196 -10.57 -9.55 -37.38
CA ASN D 196 -9.84 -8.48 -36.73
C ASN D 196 -8.52 -8.16 -37.41
N LEU D 197 -8.30 -8.66 -38.61
CA LEU D 197 -7.09 -8.30 -39.35
C LEU D 197 -7.24 -6.92 -39.97
N ARG D 198 -6.20 -6.10 -39.78
CA ARG D 198 -6.23 -4.68 -40.13
C ARG D 198 -5.44 -4.49 -41.41
N LEU D 199 -6.18 -4.30 -42.50
CA LEU D 199 -5.60 -4.27 -43.85
C LEU D 199 -4.96 -2.92 -44.15
N LYS D 200 -3.84 -2.94 -44.86
CA LYS D 200 -3.12 -1.70 -45.19
C LYS D 200 -2.67 -1.75 -46.66
N ILE D 201 -3.64 -1.94 -47.56
CA ILE D 201 -3.46 -2.14 -49.00
C ILE D 201 -2.52 -1.13 -49.65
N ARG D 202 -1.47 -1.62 -50.32
CA ARG D 202 -0.53 -0.80 -51.04
C ARG D 202 -0.48 -1.26 -52.49
N GLN D 203 0.30 -0.56 -53.31
CA GLN D 203 0.43 -0.88 -54.72
C GLN D 203 1.90 -0.81 -55.15
N LEU D 204 2.32 -1.78 -55.94
CA LEU D 204 3.63 -1.75 -56.57
C LEU D 204 3.69 -0.61 -57.56
N PRO D 205 4.82 0.07 -57.72
CA PRO D 205 4.89 1.18 -58.67
C PRO D 205 4.88 0.72 -60.12
N ALA D 206 4.05 1.35 -60.94
CA ALA D 206 4.02 1.04 -62.35
C ALA D 206 5.15 1.78 -63.08
N ASP D 207 5.32 1.44 -64.37
CA ASP D 207 6.29 2.00 -65.30
C ASP D 207 7.71 1.75 -64.81
N THR D 208 7.88 0.70 -64.00
CA THR D 208 9.15 0.30 -63.40
C THR D 208 8.99 -1.06 -62.73
N LYS D 209 10.11 -1.64 -62.30
CA LYS D 209 10.11 -2.77 -61.40
C LYS D 209 10.99 -2.49 -60.19
N ASP D 210 11.30 -1.22 -59.95
CA ASP D 210 12.14 -0.80 -58.84
C ASP D 210 11.25 -0.35 -57.68
N ALA D 211 10.92 -1.32 -56.82
CA ALA D 211 10.05 -1.05 -55.69
C ALA D 211 10.86 -0.78 -54.43
N LYS D 212 12.03 -0.15 -54.60
CA LYS D 212 12.78 0.34 -53.44
C LYS D 212 12.00 1.38 -52.61
N PRO D 213 11.29 2.37 -53.18
CA PRO D 213 10.52 3.27 -52.29
C PRO D 213 9.35 2.61 -51.58
N LEU D 214 8.78 1.56 -52.14
CA LEU D 214 7.69 0.87 -51.46
C LEU D 214 8.19 0.12 -50.24
N LEU D 215 9.29 -0.60 -50.38
CA LEU D 215 9.78 -1.42 -49.28
C LEU D 215 10.46 -0.60 -48.21
N LYS D 216 10.85 0.66 -48.51
CA LYS D 216 11.26 1.57 -47.45
C LYS D 216 10.09 1.90 -46.54
N GLU D 217 8.91 2.13 -47.13
CA GLU D 217 7.74 2.50 -46.34
C GLU D 217 7.25 1.32 -45.52
N MET D 218 7.35 0.11 -46.06
CA MET D 218 6.85 -1.08 -45.37
C MET D 218 7.77 -1.51 -44.25
N LYS D 219 9.09 -1.37 -44.43
CA LYS D 219 10.05 -1.64 -43.37
C LYS D 219 9.95 -0.62 -42.25
N ARG D 220 9.80 0.66 -42.61
CA ARG D 220 9.61 1.71 -41.61
C ARG D 220 8.24 1.58 -40.96
N GLY D 221 7.25 1.11 -41.71
CA GLY D 221 5.91 0.91 -41.19
C GLY D 221 5.70 -0.35 -40.39
N LYS D 222 6.76 -1.10 -40.10
CA LYS D 222 6.77 -2.27 -39.21
C LYS D 222 5.86 -3.38 -39.75
N GLU D 223 5.76 -3.43 -41.07
CA GLU D 223 4.84 -4.33 -41.76
C GLU D 223 5.55 -5.67 -41.92
N PHE D 224 5.19 -6.63 -41.08
CA PHE D 224 5.91 -7.88 -41.00
C PHE D 224 5.16 -9.04 -41.64
N HIS D 225 3.95 -8.83 -42.13
CA HIS D 225 3.12 -9.90 -42.66
C HIS D 225 2.50 -9.41 -43.96
N VAL D 226 3.06 -9.83 -45.08
CA VAL D 226 2.77 -9.21 -46.37
C VAL D 226 2.10 -10.23 -47.28
N ILE D 227 1.04 -9.82 -47.98
CA ILE D 227 0.46 -10.67 -49.01
C ILE D 227 0.67 -10.02 -50.38
N PHE D 228 1.57 -10.57 -51.17
CA PHE D 228 1.71 -10.04 -52.52
C PHE D 228 0.61 -10.55 -53.43
N ASP D 229 0.34 -9.82 -54.50
CA ASP D 229 -0.54 -10.27 -55.59
C ASP D 229 0.19 -9.97 -56.89
N CYS D 230 1.04 -10.91 -57.30
CA CYS D 230 1.98 -10.67 -58.38
C CYS D 230 1.92 -11.85 -59.33
N SER D 231 2.32 -11.61 -60.58
CA SER D 231 2.73 -12.73 -61.41
C SER D 231 4.09 -13.20 -60.93
N HIS D 232 4.42 -14.46 -61.25
CA HIS D 232 5.61 -15.09 -60.69
C HIS D 232 6.89 -14.48 -61.23
N GLU D 233 6.84 -13.82 -62.38
CA GLU D 233 7.98 -13.01 -62.81
C GLU D 233 8.19 -11.82 -61.88
N MET D 234 7.12 -11.07 -61.61
CA MET D 234 7.23 -9.91 -60.74
C MET D 234 7.30 -10.32 -59.27
N ALA D 235 6.86 -11.53 -58.94
CA ALA D 235 7.03 -12.03 -57.59
C ALA D 235 8.47 -12.50 -57.35
N ALA D 236 9.23 -12.72 -58.42
CA ALA D 236 10.64 -13.03 -58.28
C ALA D 236 11.46 -11.76 -58.17
N GLY D 237 11.12 -10.75 -58.98
CA GLY D 237 11.90 -9.52 -58.98
C GLY D 237 11.63 -8.66 -57.76
N ILE D 238 10.55 -8.95 -57.04
CA ILE D 238 10.28 -8.19 -55.81
C ILE D 238 11.14 -8.71 -54.67
N LEU D 239 11.64 -9.94 -54.77
CA LEU D 239 12.36 -10.51 -53.64
C LEU D 239 13.83 -10.13 -53.66
N LYS D 240 14.43 -9.99 -54.84
CA LYS D 240 15.80 -9.50 -54.92
C LYS D 240 15.90 -8.06 -54.43
N GLN D 241 14.85 -7.28 -54.63
CA GLN D 241 14.80 -5.95 -54.06
C GLN D 241 14.40 -6.00 -52.60
N ALA D 242 13.77 -7.07 -52.14
CA ALA D 242 13.52 -7.23 -50.72
C ALA D 242 14.73 -7.83 -50.01
N LEU D 243 15.58 -8.54 -50.75
CA LEU D 243 16.79 -9.09 -50.15
C LEU D 243 17.83 -8.01 -49.95
N ALA D 244 18.00 -7.15 -50.96
CA ALA D 244 19.00 -6.10 -50.90
C ALA D 244 18.61 -4.96 -49.98
N MET D 245 17.40 -4.98 -49.43
CA MET D 245 17.00 -4.03 -48.41
C MET D 245 16.93 -4.69 -47.05
N GLY D 246 17.48 -5.90 -46.95
CA GLY D 246 17.58 -6.63 -45.69
C GLY D 246 16.25 -6.93 -45.04
N MET D 247 15.26 -7.24 -45.86
CA MET D 247 13.87 -7.29 -45.42
C MET D 247 13.33 -8.71 -45.43
N MET D 248 14.14 -9.69 -45.82
CA MET D 248 13.73 -11.10 -45.73
C MET D 248 14.51 -11.75 -44.60
N THR D 249 13.96 -11.61 -43.38
CA THR D 249 14.61 -12.08 -42.16
C THR D 249 13.68 -13.03 -41.41
N GLU D 250 14.00 -13.34 -40.15
CA GLU D 250 13.20 -14.28 -39.38
C GLU D 250 11.85 -13.72 -38.95
N TYR D 251 11.64 -12.41 -38.99
CA TYR D 251 10.42 -11.80 -38.49
C TYR D 251 9.65 -11.17 -39.65
N TYR D 252 9.66 -11.84 -40.80
CA TYR D 252 8.81 -11.49 -41.91
C TYR D 252 8.12 -12.75 -42.44
N HIS D 253 6.96 -12.59 -43.07
CA HIS D 253 6.23 -13.72 -43.63
C HIS D 253 5.39 -13.24 -44.81
N TYR D 254 5.66 -13.84 -45.96
CA TYR D 254 5.11 -13.39 -47.24
C TYR D 254 4.13 -14.45 -47.73
N ILE D 255 2.91 -14.04 -48.07
CA ILE D 255 2.00 -14.95 -48.75
C ILE D 255 1.87 -14.54 -50.21
N PHE D 256 2.31 -15.40 -51.10
CA PHE D 256 2.14 -15.15 -52.52
C PHE D 256 0.84 -15.75 -53.02
N THR D 257 0.06 -14.96 -53.75
CA THR D 257 -1.21 -15.42 -54.29
C THR D 257 -1.05 -15.89 -55.72
N THR D 258 0.15 -16.27 -56.11
CA THR D 258 0.39 -16.88 -57.40
C THR D 258 0.18 -18.37 -57.23
N LEU D 259 -0.15 -19.06 -58.31
CA LEU D 259 -0.28 -20.50 -58.27
C LEU D 259 0.96 -21.11 -58.92
N ASP D 260 2.04 -20.32 -58.94
CA ASP D 260 3.26 -20.70 -59.62
C ASP D 260 4.47 -20.34 -58.77
N LEU D 261 4.33 -20.45 -57.44
CA LEU D 261 5.43 -20.10 -56.54
C LEU D 261 6.58 -21.09 -56.65
N PHE D 262 6.28 -22.33 -57.07
CA PHE D 262 7.24 -23.40 -57.19
C PHE D 262 8.32 -23.11 -58.23
N ALA D 263 8.03 -22.22 -59.18
CA ALA D 263 9.00 -21.90 -60.22
C ALA D 263 9.97 -20.80 -59.79
N LEU D 264 9.91 -20.34 -58.56
CA LEU D 264 10.86 -19.34 -58.07
C LEU D 264 12.12 -20.02 -57.55
N ASP D 265 13.27 -19.54 -58.06
CA ASP D 265 14.57 -19.98 -57.56
C ASP D 265 14.75 -19.41 -56.15
N VAL D 266 14.59 -20.30 -55.17
CA VAL D 266 14.49 -19.88 -53.78
C VAL D 266 15.82 -20.16 -53.09
N GLU D 267 16.79 -20.62 -53.87
CA GLU D 267 18.17 -20.88 -53.44
C GLU D 267 18.86 -19.72 -52.71
N PRO D 268 18.69 -18.42 -53.09
CA PRO D 268 19.26 -17.37 -52.23
C PRO D 268 18.54 -17.18 -50.92
N TYR D 269 17.34 -17.73 -50.76
CA TYR D 269 16.49 -17.37 -49.64
C TYR D 269 16.22 -18.53 -48.68
N ARG D 270 16.75 -19.72 -48.94
CA ARG D 270 16.43 -20.92 -48.19
C ARG D 270 16.99 -20.87 -46.78
N TYR D 271 18.17 -20.27 -46.62
CA TYR D 271 18.81 -20.23 -45.31
C TYR D 271 18.52 -18.92 -44.59
N SER D 272 17.73 -18.08 -45.22
CA SER D 272 17.62 -16.68 -44.82
C SER D 272 16.89 -16.47 -43.50
N GLY D 273 15.87 -17.27 -43.23
CA GLY D 273 15.05 -17.01 -42.07
C GLY D 273 13.65 -16.62 -42.48
N VAL D 274 13.47 -16.35 -43.77
CA VAL D 274 12.23 -15.77 -44.27
C VAL D 274 11.18 -16.88 -44.38
N ASN D 275 9.93 -16.53 -44.12
CA ASN D 275 8.79 -17.42 -44.33
C ASN D 275 8.05 -17.01 -45.59
N MET D 276 7.97 -17.95 -46.53
CA MET D 276 7.35 -17.75 -47.84
C MET D 276 6.29 -18.82 -48.01
N THR D 277 5.04 -18.49 -47.69
CA THR D 277 3.97 -19.47 -47.81
C THR D 277 3.17 -19.19 -49.07
N GLY D 278 2.79 -20.21 -49.82
CA GLY D 278 2.04 -20.00 -51.03
C GLY D 278 1.16 -21.19 -51.32
N PHE D 279 0.51 -21.12 -52.48
CA PHE D 279 -0.37 -22.18 -52.92
C PHE D 279 0.11 -22.73 -54.26
N ARG D 280 -0.16 -24.01 -54.49
CA ARG D 280 0.20 -24.67 -55.73
C ARG D 280 -0.90 -25.64 -56.10
N ILE D 281 -1.40 -25.54 -57.33
CA ILE D 281 -2.47 -26.43 -57.74
C ILE D 281 -1.86 -27.53 -58.60
N LEU D 282 -0.64 -27.32 -59.10
CA LEU D 282 0.00 -28.27 -59.99
C LEU D 282 0.40 -29.54 -59.24
N ASN D 283 -0.33 -30.63 -59.50
CA ASN D 283 -0.26 -31.84 -58.70
C ASN D 283 1.00 -32.64 -59.03
N THR D 284 2.16 -32.14 -58.61
CA THR D 284 3.45 -32.71 -59.00
C THR D 284 3.76 -34.05 -58.34
N GLU D 285 3.01 -34.44 -57.31
CA GLU D 285 3.31 -35.69 -56.60
C GLU D 285 2.90 -36.92 -57.42
N ASN D 286 1.94 -36.76 -58.31
CA ASN D 286 1.51 -37.89 -59.13
C ASN D 286 2.55 -38.14 -60.22
N THR D 287 2.97 -39.40 -60.37
CA THR D 287 4.01 -39.75 -61.33
C THR D 287 3.53 -39.62 -62.77
N GLN D 288 2.25 -39.83 -63.03
CA GLN D 288 1.71 -39.58 -64.36
C GLN D 288 1.75 -38.09 -64.69
N VAL D 289 1.53 -37.25 -63.69
CA VAL D 289 1.68 -35.81 -63.87
C VAL D 289 3.16 -35.45 -64.03
N SER D 290 4.00 -35.95 -63.13
CA SER D 290 5.40 -35.52 -63.06
C SER D 290 6.21 -36.03 -64.26
N SER D 291 5.68 -37.04 -64.97
CA SER D 291 6.28 -37.44 -66.23
C SER D 291 6.08 -36.38 -67.30
N ILE D 292 4.98 -35.63 -67.23
CA ILE D 292 4.63 -34.70 -68.30
C ILE D 292 5.53 -33.46 -68.23
N ILE D 293 5.78 -32.95 -67.02
CA ILE D 293 6.69 -31.83 -66.79
C ILE D 293 8.09 -32.24 -67.24
N GLU D 294 8.46 -33.50 -66.98
CA GLU D 294 9.71 -34.05 -67.50
C GLU D 294 9.70 -34.09 -69.02
N LYS D 295 8.55 -34.45 -69.61
CA LYS D 295 8.45 -34.44 -71.07
C LYS D 295 8.30 -33.02 -71.61
N TRP D 296 7.82 -32.10 -70.77
CA TRP D 296 7.66 -30.71 -71.19
C TRP D 296 9.00 -30.02 -71.36
N SER D 297 9.86 -30.12 -70.34
CA SER D 297 11.14 -29.41 -70.27
C SER D 297 12.09 -29.82 -71.39
N MET D 298 11.99 -31.06 -71.86
CA MET D 298 12.87 -31.52 -72.93
C MET D 298 12.44 -30.97 -74.28
N GLU D 299 11.13 -30.84 -74.50
CA GLU D 299 10.64 -30.57 -75.85
C GLU D 299 10.51 -29.09 -76.14
N ARG D 300 10.75 -28.23 -75.14
CA ARG D 300 10.67 -26.79 -75.34
C ARG D 300 11.76 -26.29 -76.28
N LEU D 301 13.02 -26.38 -75.84
CA LEU D 301 14.21 -25.84 -76.48
C LEU D 301 13.98 -24.36 -76.77
N GLN D 302 13.87 -23.56 -75.72
CA GLN D 302 13.48 -22.15 -75.85
C GLN D 302 14.63 -21.29 -75.36
N ALA D 303 14.40 -19.97 -75.32
CA ALA D 303 15.34 -18.97 -74.84
C ALA D 303 15.64 -19.18 -73.36
N PRO D 304 16.89 -19.01 -72.94
CA PRO D 304 17.25 -19.34 -71.56
C PRO D 304 16.81 -18.25 -70.58
N PRO D 305 16.17 -18.64 -69.49
CA PRO D 305 15.89 -17.69 -68.38
C PRO D 305 17.16 -17.41 -67.58
N LYS D 306 17.90 -16.39 -68.03
CA LYS D 306 19.15 -15.88 -67.46
C LYS D 306 19.02 -15.56 -65.97
N PRO D 307 20.12 -15.65 -65.18
CA PRO D 307 19.99 -15.45 -63.72
C PRO D 307 19.62 -14.06 -63.25
N ASP D 308 19.42 -13.10 -64.16
CA ASP D 308 18.84 -11.82 -63.77
C ASP D 308 17.33 -11.94 -63.58
N SER D 309 16.74 -13.01 -64.10
CA SER D 309 15.30 -13.23 -63.95
C SER D 309 14.96 -13.66 -62.53
N GLY D 310 15.65 -14.69 -62.04
CA GLY D 310 15.35 -15.26 -60.74
C GLY D 310 14.45 -16.47 -60.78
N LEU D 311 14.18 -17.02 -61.96
CA LEU D 311 13.31 -18.17 -62.10
C LEU D 311 14.11 -19.42 -62.43
N LEU D 312 13.53 -20.58 -62.13
CA LEU D 312 14.15 -21.84 -62.49
C LEU D 312 13.95 -22.10 -63.97
N ASP D 313 14.64 -23.10 -64.53
CA ASP D 313 14.80 -23.13 -65.98
C ASP D 313 13.66 -23.85 -66.67
N GLY D 314 13.52 -25.16 -66.46
CA GLY D 314 12.46 -25.87 -67.14
C GLY D 314 11.35 -26.41 -66.27
N PHE D 315 10.23 -25.68 -66.20
CA PHE D 315 9.03 -26.09 -65.48
C PHE D 315 7.83 -25.83 -66.38
N MET D 316 6.65 -26.23 -65.90
CA MET D 316 5.39 -25.80 -66.49
C MET D 316 4.84 -24.70 -65.61
N THR D 317 4.69 -23.51 -66.19
CA THR D 317 3.96 -22.45 -65.51
C THR D 317 2.49 -22.85 -65.39
N THR D 318 1.82 -22.31 -64.36
CA THR D 318 0.42 -22.65 -64.16
C THR D 318 -0.49 -22.01 -65.20
N ASP D 319 0.00 -21.04 -65.95
CA ASP D 319 -0.73 -20.54 -67.10
C ASP D 319 -0.71 -21.57 -68.23
N ALA D 320 0.39 -22.31 -68.35
CA ALA D 320 0.50 -23.29 -69.43
C ALA D 320 0.02 -24.66 -68.99
N ALA D 321 -0.11 -24.89 -67.69
CA ALA D 321 -0.63 -26.16 -67.22
C ALA D 321 -2.13 -26.25 -67.47
N LEU D 322 -2.83 -25.12 -67.35
CA LEU D 322 -4.27 -25.10 -67.54
C LEU D 322 -4.65 -25.23 -69.00
N MET D 323 -3.80 -24.74 -69.91
CA MET D 323 -4.06 -24.91 -71.34
C MET D 323 -3.88 -26.37 -71.74
N TYR D 324 -3.05 -27.11 -71.02
CA TYR D 324 -2.98 -28.56 -71.20
C TYR D 324 -4.28 -29.21 -70.77
N ASP D 325 -4.88 -28.70 -69.68
CA ASP D 325 -6.15 -29.24 -69.24
C ASP D 325 -7.30 -28.77 -70.12
N ALA D 326 -7.10 -27.67 -70.84
CA ALA D 326 -8.17 -27.11 -71.67
C ALA D 326 -8.50 -28.02 -72.83
N VAL D 327 -7.50 -28.72 -73.36
CA VAL D 327 -7.76 -29.64 -74.46
C VAL D 327 -8.47 -30.88 -73.96
N HIS D 328 -8.03 -31.40 -72.81
CA HIS D 328 -8.56 -32.67 -72.29
C HIS D 328 -10.01 -32.57 -71.84
N VAL D 329 -10.39 -31.46 -71.19
CA VAL D 329 -11.75 -31.33 -70.69
C VAL D 329 -12.73 -31.21 -71.84
N VAL D 330 -12.30 -30.58 -72.94
CA VAL D 330 -13.11 -30.61 -74.15
C VAL D 330 -13.02 -31.98 -74.82
N SER D 331 -11.86 -32.63 -74.70
CA SER D 331 -11.67 -33.94 -75.33
C SER D 331 -12.50 -35.02 -74.64
N VAL D 332 -12.81 -34.82 -73.36
CA VAL D 332 -13.80 -35.69 -72.70
C VAL D 332 -15.18 -35.45 -73.30
N ALA D 333 -15.48 -34.19 -73.65
CA ALA D 333 -16.81 -33.84 -74.11
C ALA D 333 -17.06 -34.30 -75.54
N VAL D 334 -16.00 -34.42 -76.35
CA VAL D 334 -16.19 -34.85 -77.72
C VAL D 334 -16.28 -36.37 -77.77
N GLN D 335 -15.88 -37.02 -76.69
CA GLN D 335 -15.96 -38.47 -76.58
C GLN D 335 -17.40 -38.90 -76.39
N GLN D 336 -18.15 -38.15 -75.59
CA GLN D 336 -19.51 -38.51 -75.23
C GLN D 336 -20.51 -38.11 -76.31
N PHE D 337 -20.05 -37.37 -77.31
CA PHE D 337 -20.92 -36.86 -78.38
C PHE D 337 -20.24 -37.09 -79.72
N PRO D 338 -20.34 -38.31 -80.27
CA PRO D 338 -19.55 -38.64 -81.46
C PRO D 338 -20.16 -38.16 -82.77
N GLN D 339 -21.41 -37.70 -82.74
CA GLN D 339 -22.11 -37.29 -83.95
C GLN D 339 -21.63 -35.93 -84.45
N MET D 340 -20.85 -35.23 -83.61
CA MET D 340 -20.36 -33.88 -83.82
C MET D 340 -19.56 -33.70 -85.10
N THR D 341 -19.97 -32.75 -85.94
CA THR D 341 -19.24 -32.41 -87.15
C THR D 341 -19.06 -30.90 -87.16
N VAL D 342 -18.20 -30.40 -88.04
CA VAL D 342 -17.81 -29.00 -88.01
C VAL D 342 -18.48 -28.25 -89.15
N SER D 343 -19.05 -27.08 -88.85
CA SER D 343 -19.72 -26.26 -89.85
C SER D 343 -18.87 -25.04 -90.20
N SER D 344 -19.43 -24.11 -90.98
CA SER D 344 -18.71 -23.01 -91.60
C SER D 344 -19.32 -21.67 -91.21
N LEU D 345 -19.46 -21.45 -89.90
CA LEU D 345 -20.19 -20.31 -89.35
C LEU D 345 -19.57 -18.96 -89.74
N GLN D 346 -20.36 -18.14 -90.42
CA GLN D 346 -19.92 -16.81 -90.85
C GLN D 346 -20.56 -15.79 -89.93
N CYS D 347 -19.76 -14.79 -89.51
CA CYS D 347 -20.16 -13.91 -88.40
C CYS D 347 -21.22 -12.87 -88.74
N ASN D 348 -21.27 -12.40 -89.99
CA ASN D 348 -22.24 -11.37 -90.36
C ASN D 348 -23.67 -11.91 -90.37
N ARG D 349 -23.92 -12.96 -91.15
CA ARG D 349 -25.24 -13.58 -91.21
C ARG D 349 -25.30 -14.74 -90.21
N HIS D 350 -25.09 -14.39 -88.94
CA HIS D 350 -24.83 -15.38 -87.91
C HIS D 350 -26.08 -16.15 -87.51
N LYS D 351 -25.92 -17.44 -87.26
CA LYS D 351 -26.94 -18.33 -86.72
C LYS D 351 -26.28 -19.19 -85.66
N PRO D 352 -27.02 -19.71 -84.69
CA PRO D 352 -26.41 -20.63 -83.72
C PRO D 352 -26.00 -21.95 -84.36
N TRP D 353 -24.79 -22.40 -84.06
CA TRP D 353 -24.29 -23.69 -84.49
C TRP D 353 -25.08 -24.77 -83.78
N ARG D 354 -25.67 -25.69 -84.56
CA ARG D 354 -26.77 -26.52 -84.08
C ARG D 354 -26.30 -27.56 -83.06
N PHE D 355 -24.99 -27.82 -83.02
CA PHE D 355 -24.46 -28.71 -82.00
C PHE D 355 -24.03 -27.93 -80.76
N GLY D 356 -23.98 -26.60 -80.87
CA GLY D 356 -23.48 -25.74 -79.81
C GLY D 356 -24.31 -25.72 -78.55
N THR D 357 -25.59 -26.06 -78.64
CA THR D 357 -26.42 -26.12 -77.45
C THR D 357 -26.13 -27.40 -76.68
N ARG D 358 -26.00 -28.51 -77.41
CA ARG D 358 -25.76 -29.80 -76.78
C ARG D 358 -24.34 -29.90 -76.25
N PHE D 359 -23.37 -29.42 -77.02
CA PHE D 359 -21.96 -29.65 -76.73
C PHE D 359 -21.47 -28.84 -75.54
N MET D 360 -22.18 -27.77 -75.20
CA MET D 360 -21.78 -26.97 -74.05
C MET D 360 -22.10 -27.70 -72.74
N SER D 361 -23.12 -28.55 -72.76
CA SER D 361 -23.46 -29.30 -71.56
C SER D 361 -22.37 -30.30 -71.20
N LEU D 362 -21.83 -31.00 -72.19
CA LEU D 362 -20.86 -32.05 -71.90
C LEU D 362 -19.51 -31.47 -71.49
N ILE D 363 -19.27 -30.20 -71.80
CA ILE D 363 -18.11 -29.52 -71.21
C ILE D 363 -18.36 -29.21 -69.75
N LYS D 364 -19.55 -28.75 -69.41
CA LYS D 364 -19.82 -28.37 -68.03
C LYS D 364 -20.08 -29.56 -67.11
N GLU D 365 -20.87 -30.54 -67.53
CA GLU D 365 -20.88 -31.86 -66.90
C GLU D 365 -19.68 -32.64 -67.41
N ALA D 366 -18.51 -32.39 -66.81
CA ALA D 366 -17.30 -33.14 -67.12
C ALA D 366 -16.40 -33.14 -65.90
N HIS D 367 -15.69 -34.25 -65.73
CA HIS D 367 -14.71 -34.39 -64.67
C HIS D 367 -13.46 -35.05 -65.25
N TRP D 368 -12.32 -34.45 -64.94
CA TRP D 368 -11.06 -34.98 -65.45
C TRP D 368 -9.89 -34.64 -64.53
N GLU D 369 -9.18 -35.67 -64.08
CA GLU D 369 -7.98 -35.46 -63.27
C GLU D 369 -6.82 -35.03 -64.15
N GLY D 370 -6.64 -33.72 -64.30
CA GLY D 370 -5.58 -33.19 -65.13
C GLY D 370 -4.36 -32.92 -64.28
N LEU D 371 -3.52 -32.02 -64.77
CA LEU D 371 -2.28 -31.69 -64.07
C LEU D 371 -2.57 -30.89 -62.81
N THR D 372 -3.65 -30.12 -62.83
CA THR D 372 -4.00 -29.29 -61.69
C THR D 372 -5.05 -29.94 -60.81
N GLY D 373 -5.08 -31.25 -60.77
CA GLY D 373 -6.03 -31.96 -59.96
C GLY D 373 -7.24 -32.31 -60.80
N ARG D 374 -8.40 -32.38 -60.14
CA ARG D 374 -9.65 -32.57 -60.85
C ARG D 374 -10.13 -31.24 -61.41
N ILE D 375 -10.76 -31.29 -62.58
CA ILE D 375 -11.41 -30.13 -63.16
C ILE D 375 -12.91 -30.40 -63.09
N THR D 376 -13.60 -29.67 -62.22
CA THR D 376 -15.05 -29.73 -62.12
C THR D 376 -15.58 -28.31 -62.22
N PHE D 377 -16.57 -28.11 -63.07
CA PHE D 377 -17.13 -26.80 -63.30
C PHE D 377 -18.30 -26.55 -62.36
N ASN D 378 -19.01 -25.46 -62.62
CA ASN D 378 -20.12 -25.02 -61.79
C ASN D 378 -21.34 -24.89 -62.71
N LYS D 379 -22.50 -25.34 -62.22
CA LYS D 379 -23.69 -25.51 -63.05
C LYS D 379 -24.29 -24.18 -63.46
N THR D 380 -23.96 -23.14 -62.70
CA THR D 380 -24.21 -21.73 -63.01
C THR D 380 -23.07 -21.31 -63.96
N ASN D 381 -22.65 -20.04 -63.91
CA ASN D 381 -21.43 -19.56 -64.54
C ASN D 381 -20.24 -20.53 -64.52
N GLY D 382 -19.58 -20.70 -65.66
CA GLY D 382 -18.59 -21.75 -65.83
C GLY D 382 -17.26 -21.54 -65.14
N LEU D 383 -17.24 -20.78 -64.06
CA LEU D 383 -16.05 -20.59 -63.24
C LEU D 383 -15.66 -21.89 -62.55
N ARG D 384 -14.38 -22.22 -62.57
CA ARG D 384 -13.86 -23.35 -61.81
C ARG D 384 -13.82 -22.92 -60.35
N THR D 385 -14.61 -23.59 -59.51
CA THR D 385 -14.85 -23.18 -58.14
C THR D 385 -14.43 -24.25 -57.14
N ASP D 386 -14.60 -25.52 -57.49
CA ASP D 386 -14.14 -26.64 -56.66
C ASP D 386 -12.85 -27.16 -57.28
N PHE D 387 -11.77 -27.08 -56.49
CA PHE D 387 -10.43 -27.45 -56.90
C PHE D 387 -9.59 -27.83 -55.68
N ASP D 388 -8.28 -28.06 -55.92
CA ASP D 388 -7.41 -28.68 -54.93
C ASP D 388 -6.08 -27.94 -54.82
N LEU D 389 -6.01 -26.97 -53.91
CA LEU D 389 -4.74 -26.34 -53.60
C LEU D 389 -3.93 -27.20 -52.63
N ASP D 390 -2.65 -27.31 -52.93
CA ASP D 390 -1.64 -27.81 -52.02
C ASP D 390 -0.87 -26.61 -51.47
N VAL D 391 -0.97 -26.39 -50.16
CA VAL D 391 -0.30 -25.23 -49.59
C VAL D 391 1.17 -25.54 -49.31
N ILE D 392 2.06 -24.88 -50.04
CA ILE D 392 3.49 -25.12 -49.88
C ILE D 392 4.10 -23.95 -49.14
N SER D 393 5.28 -24.15 -48.56
CA SER D 393 5.93 -23.09 -47.81
C SER D 393 7.43 -23.32 -47.87
N LEU D 394 8.18 -22.39 -47.30
CA LEU D 394 9.63 -22.39 -47.39
C LEU D 394 10.24 -22.82 -46.06
N LYS D 395 10.86 -23.99 -46.07
CA LYS D 395 11.73 -24.44 -44.99
C LYS D 395 13.14 -24.54 -45.54
N GLU D 396 14.07 -25.06 -44.74
CA GLU D 396 15.48 -25.04 -45.13
C GLU D 396 15.87 -26.15 -46.09
N GLU D 397 14.89 -26.79 -46.73
CA GLU D 397 15.15 -27.76 -47.78
C GLU D 397 14.48 -27.39 -49.10
N GLY D 398 13.95 -26.18 -49.21
CA GLY D 398 13.28 -25.74 -50.43
C GLY D 398 11.82 -25.47 -50.19
N LEU D 399 11.02 -25.42 -51.24
CA LEU D 399 9.57 -25.36 -51.08
C LEU D 399 9.07 -26.72 -50.61
N GLU D 400 8.10 -26.72 -49.70
CA GLU D 400 7.68 -27.96 -49.07
C GLU D 400 6.21 -27.91 -48.67
N LYS D 401 5.44 -28.94 -49.01
CA LYS D 401 4.03 -29.02 -48.68
C LYS D 401 3.79 -29.08 -47.18
N ILE D 402 2.94 -28.20 -46.66
CA ILE D 402 2.61 -28.22 -45.24
C ILE D 402 1.11 -28.39 -45.05
N GLY D 403 0.41 -28.87 -46.07
CA GLY D 403 -1.02 -29.12 -45.91
C GLY D 403 -1.74 -29.21 -47.24
N THR D 404 -3.05 -29.00 -47.19
CA THR D 404 -3.92 -29.09 -48.37
C THR D 404 -5.18 -28.28 -48.13
N TRP D 405 -5.60 -27.47 -49.10
CA TRP D 405 -6.82 -26.68 -48.98
C TRP D 405 -7.88 -27.30 -49.89
N ASP D 406 -9.15 -27.14 -49.51
CA ASP D 406 -10.29 -27.56 -50.31
C ASP D 406 -11.41 -26.56 -50.09
N PRO D 407 -12.30 -26.30 -51.05
CA PRO D 407 -13.40 -25.36 -50.79
C PRO D 407 -14.44 -25.90 -49.82
N ALA D 408 -14.76 -27.19 -49.93
CA ALA D 408 -15.76 -27.82 -49.06
C ALA D 408 -15.24 -27.90 -47.63
N SER D 409 -14.02 -28.38 -47.46
CA SER D 409 -13.38 -28.42 -46.16
C SER D 409 -12.68 -27.10 -45.88
N GLY D 410 -11.82 -27.07 -44.87
CA GLY D 410 -10.98 -25.92 -44.60
C GLY D 410 -9.54 -26.24 -44.91
N LEU D 411 -8.64 -25.53 -44.25
CA LEU D 411 -7.21 -25.84 -44.30
C LEU D 411 -6.97 -27.14 -43.57
N ASN D 412 -6.67 -28.19 -44.32
CA ASN D 412 -6.20 -29.42 -43.71
C ASN D 412 -4.70 -29.38 -43.42
N MET D 413 -4.28 -28.47 -42.54
CA MET D 413 -2.87 -28.32 -42.24
C MET D 413 -2.47 -29.22 -41.08
N THR D 414 -1.32 -28.93 -40.48
CA THR D 414 -0.67 -29.70 -39.40
C THR D 414 -0.37 -31.08 -39.99
N GLU D 415 0.09 -31.09 -41.24
CA GLU D 415 0.52 -32.32 -41.89
C GLU D 415 2.05 -32.36 -41.86
N SER D 416 2.67 -31.19 -41.89
CA SER D 416 4.10 -31.07 -41.63
C SER D 416 4.31 -30.76 -40.15
N GLN D 417 3.40 -29.99 -39.58
CA GLN D 417 3.44 -29.71 -38.15
C GLN D 417 3.05 -30.95 -37.35
N LYS D 418 3.79 -31.22 -36.28
CA LYS D 418 3.48 -32.33 -35.40
C LYS D 418 3.90 -31.94 -33.98
N GLY D 419 3.08 -32.27 -32.99
CA GLY D 419 3.37 -31.87 -31.63
C GLY D 419 2.20 -31.25 -30.90
N LYS D 420 2.34 -29.96 -30.55
CA LYS D 420 1.48 -29.17 -29.68
C LYS D 420 1.30 -29.90 -28.34
N PRO D 421 2.32 -29.86 -27.45
CA PRO D 421 2.24 -30.64 -26.20
C PRO D 421 1.15 -30.17 -25.25
N ALA D 422 1.19 -28.89 -24.89
CA ALA D 422 0.28 -28.21 -23.95
C ALA D 422 0.20 -28.91 -22.60
N ASN D 423 1.30 -28.97 -21.86
CA ASN D 423 1.31 -29.56 -20.52
C ASN D 423 0.92 -28.56 -19.42
N ILE D 424 -0.35 -28.62 -19.01
CA ILE D 424 -0.93 -27.63 -18.11
C ILE D 424 -0.94 -28.14 -16.67
N THR D 425 -0.20 -29.21 -16.40
CA THR D 425 -0.19 -29.85 -15.07
C THR D 425 0.89 -29.24 -14.17
N ASP D 426 0.88 -27.91 -14.06
CA ASP D 426 1.99 -27.18 -13.45
C ASP D 426 1.59 -26.04 -12.53
N SER D 427 2.60 -25.22 -12.19
CA SER D 427 2.57 -23.90 -11.56
C SER D 427 2.27 -23.87 -10.07
N LEU D 428 1.76 -24.97 -9.50
CA LEU D 428 1.93 -25.39 -8.10
C LEU D 428 1.53 -24.36 -7.02
N SER D 429 0.86 -23.27 -7.42
CA SER D 429 0.77 -22.05 -6.61
C SER D 429 0.00 -22.20 -5.30
N ASN D 430 -1.30 -22.49 -5.38
CA ASN D 430 -2.17 -22.57 -4.22
C ASN D 430 -3.34 -23.47 -4.56
N ARG D 431 -3.62 -24.44 -3.70
CA ARG D 431 -4.83 -25.22 -3.93
C ARG D 431 -6.02 -24.40 -3.45
N SER D 432 -6.19 -24.30 -2.13
CA SER D 432 -6.86 -23.15 -1.53
C SER D 432 -6.38 -22.83 -0.13
N LEU D 433 -5.41 -23.58 0.42
CA LEU D 433 -5.05 -23.59 1.85
C LEU D 433 -6.30 -23.76 2.73
N ILE D 434 -6.84 -24.98 2.65
CA ILE D 434 -8.02 -25.40 3.41
C ILE D 434 -7.81 -25.19 4.90
N VAL D 435 -8.67 -24.39 5.51
CA VAL D 435 -8.58 -24.05 6.92
C VAL D 435 -9.70 -24.77 7.65
N THR D 436 -9.35 -25.77 8.45
CA THR D 436 -10.34 -26.44 9.29
C THR D 436 -10.56 -25.65 10.58
N THR D 437 -11.83 -25.34 10.85
CA THR D 437 -12.21 -24.51 11.97
C THR D 437 -13.46 -25.16 12.59
N ILE D 438 -13.76 -24.81 13.84
CA ILE D 438 -14.92 -25.37 14.54
C ILE D 438 -15.64 -24.23 15.25
N LEU D 439 -16.98 -24.23 15.15
CA LEU D 439 -17.78 -23.08 15.56
C LEU D 439 -17.84 -22.98 17.08
N GLU D 440 -17.23 -21.92 17.61
CA GLU D 440 -17.27 -21.57 19.03
C GLU D 440 -17.27 -20.06 19.16
N GLU D 441 -18.22 -19.53 19.91
CA GLU D 441 -18.27 -18.10 20.12
C GLU D 441 -17.26 -17.71 21.21
N PRO D 442 -16.66 -16.50 21.10
CA PRO D 442 -16.76 -15.50 20.05
C PRO D 442 -15.63 -15.64 19.04
N TYR D 443 -15.20 -16.86 18.78
CA TYR D 443 -14.03 -17.06 17.95
C TYR D 443 -14.41 -17.14 16.48
N VAL D 444 -15.24 -18.12 16.12
CA VAL D 444 -15.93 -18.11 14.84
C VAL D 444 -17.41 -18.35 15.09
N LEU D 445 -18.25 -17.71 14.29
CA LEU D 445 -19.70 -17.88 14.35
C LEU D 445 -20.30 -17.39 13.04
N PHE D 446 -21.52 -17.86 12.76
CA PHE D 446 -22.17 -17.51 11.51
C PHE D 446 -22.64 -16.06 11.52
N LYS D 447 -22.44 -15.40 10.39
CA LYS D 447 -22.85 -14.01 10.23
C LYS D 447 -24.34 -13.96 9.92
N LYS D 448 -25.11 -13.30 10.77
CA LYS D 448 -26.54 -13.20 10.57
C LYS D 448 -26.89 -11.95 9.76
N SER D 449 -27.91 -12.09 8.92
CA SER D 449 -28.35 -11.04 8.01
C SER D 449 -29.75 -11.39 7.54
N ASP D 450 -30.22 -10.68 6.51
CA ASP D 450 -31.48 -11.01 5.86
C ASP D 450 -31.27 -12.05 4.76
N LYS D 451 -30.42 -11.74 3.79
CA LYS D 451 -30.05 -12.65 2.73
C LYS D 451 -29.02 -13.66 3.24
N PRO D 452 -29.18 -14.95 2.94
CA PRO D 452 -28.13 -15.91 3.31
C PRO D 452 -26.89 -15.75 2.45
N LEU D 453 -25.73 -15.82 3.10
CA LEU D 453 -24.45 -15.67 2.44
C LEU D 453 -23.87 -17.04 2.12
N TYR D 454 -22.85 -17.06 1.27
CA TYR D 454 -22.31 -18.31 0.75
C TYR D 454 -20.80 -18.22 0.65
N GLY D 455 -20.11 -19.06 1.42
CA GLY D 455 -18.67 -19.21 1.31
C GLY D 455 -17.95 -18.74 2.56
N ASN D 456 -16.82 -18.08 2.36
CA ASN D 456 -16.00 -17.59 3.46
C ASN D 456 -16.65 -16.42 4.18
N ASP D 457 -17.56 -15.71 3.52
CA ASP D 457 -18.28 -14.60 4.14
C ASP D 457 -19.40 -15.05 5.07
N ARG D 458 -19.69 -16.36 5.13
CA ARG D 458 -20.65 -16.89 6.07
C ARG D 458 -20.18 -16.76 7.51
N PHE D 459 -18.87 -16.69 7.73
CA PHE D 459 -18.28 -16.77 9.05
C PHE D 459 -17.75 -15.41 9.50
N GLU D 460 -17.79 -15.21 10.81
CA GLU D 460 -17.27 -13.99 11.43
C GLU D 460 -16.83 -14.36 12.84
N GLY D 461 -16.13 -13.42 13.47
CA GLY D 461 -15.64 -13.63 14.82
C GLY D 461 -14.19 -13.23 14.92
N TYR D 462 -13.53 -13.73 15.97
CA TYR D 462 -12.13 -13.40 16.19
C TYR D 462 -11.22 -14.10 15.21
N CYS D 463 -11.36 -15.43 15.08
CA CYS D 463 -10.45 -16.20 14.25
C CYS D 463 -10.64 -15.93 12.77
N ILE D 464 -11.83 -15.46 12.35
CA ILE D 464 -12.00 -15.01 10.98
C ILE D 464 -11.26 -13.70 10.76
N ASP D 465 -11.35 -12.79 11.73
CA ASP D 465 -10.63 -11.53 11.62
C ASP D 465 -9.13 -11.72 11.76
N LEU D 466 -8.70 -12.77 12.45
CA LEU D 466 -7.27 -13.10 12.50
C LEU D 466 -6.79 -13.65 11.16
N LEU D 467 -7.55 -14.59 10.59
CA LEU D 467 -7.14 -15.23 9.34
C LEU D 467 -7.19 -14.27 8.16
N ARG D 468 -8.04 -13.24 8.23
CA ARG D 468 -7.96 -12.16 7.25
C ARG D 468 -6.65 -11.40 7.36
N GLU D 469 -6.17 -11.19 8.59
CA GLU D 469 -4.91 -10.47 8.78
C GLU D 469 -3.72 -11.32 8.39
N LEU D 470 -3.80 -12.64 8.59
CA LEU D 470 -2.73 -13.51 8.11
C LEU D 470 -2.73 -13.58 6.59
N SER D 471 -3.91 -13.52 5.96
CA SER D 471 -3.98 -13.53 4.51
CA SER D 471 -3.98 -13.53 4.51
C SER D 471 -3.61 -12.19 3.91
N THR D 472 -3.68 -11.11 4.69
CA THR D 472 -3.27 -9.81 4.19
C THR D 472 -1.75 -9.69 4.17
N ILE D 473 -1.10 -10.15 5.25
CA ILE D 473 0.35 -10.00 5.37
C ILE D 473 1.06 -10.99 4.46
N LEU D 474 0.74 -12.28 4.61
CA LEU D 474 1.44 -13.29 3.82
C LEU D 474 0.95 -13.31 2.38
N GLY D 475 -0.36 -13.42 2.18
CA GLY D 475 -0.92 -13.41 0.86
C GLY D 475 -1.24 -14.81 0.38
N PHE D 476 -2.50 -15.22 0.53
CA PHE D 476 -2.98 -16.54 0.18
C PHE D 476 -4.49 -16.57 0.25
N THR D 477 -5.10 -17.34 -0.65
CA THR D 477 -6.52 -17.64 -0.54
C THR D 477 -6.76 -18.58 0.63
N TYR D 478 -8.00 -18.59 1.12
CA TYR D 478 -8.36 -19.46 2.23
C TYR D 478 -9.82 -19.87 2.10
N GLU D 479 -10.08 -21.16 2.30
CA GLU D 479 -11.41 -21.74 2.23
C GLU D 479 -11.75 -22.30 3.59
N ILE D 480 -12.74 -21.71 4.26
CA ILE D 480 -13.19 -22.22 5.54
C ILE D 480 -13.92 -23.54 5.31
N ARG D 481 -13.45 -24.60 5.96
CA ARG D 481 -13.95 -25.95 5.75
C ARG D 481 -14.20 -26.59 7.11
N LEU D 482 -15.16 -25.98 7.84
CA LEU D 482 -15.67 -26.36 9.15
C LEU D 482 -15.73 -27.87 9.38
N VAL D 483 -15.24 -28.31 10.54
CA VAL D 483 -14.81 -29.69 10.76
C VAL D 483 -16.01 -30.62 10.77
N GLU D 484 -15.81 -31.84 10.26
CA GLU D 484 -16.90 -32.81 10.18
C GLU D 484 -17.18 -33.46 11.52
N ASP D 485 -16.15 -34.09 12.12
CA ASP D 485 -16.33 -34.88 13.33
C ASP D 485 -16.40 -34.06 14.62
N GLY D 486 -16.49 -32.74 14.50
CA GLY D 486 -17.02 -31.88 15.56
C GLY D 486 -16.28 -31.77 16.88
N LYS D 487 -15.06 -32.25 16.95
CA LYS D 487 -14.25 -32.13 18.15
C LYS D 487 -13.05 -31.23 17.86
N TYR D 488 -12.16 -31.09 18.83
CA TYR D 488 -10.89 -30.43 18.52
C TYR D 488 -9.83 -31.47 18.22
N GLY D 489 -9.52 -32.31 19.19
CA GLY D 489 -8.51 -33.32 19.04
C GLY D 489 -8.32 -34.11 20.31
N ALA D 490 -8.25 -35.44 20.18
CA ALA D 490 -8.12 -36.30 21.35
C ALA D 490 -7.43 -37.59 20.96
N GLN D 491 -6.25 -37.82 21.54
CA GLN D 491 -5.60 -39.12 21.44
C GLN D 491 -6.42 -40.14 22.21
N ASP D 492 -7.04 -41.07 21.49
CA ASP D 492 -7.93 -42.02 22.12
C ASP D 492 -7.13 -43.15 22.79
N ASP D 493 -7.87 -44.14 23.30
CA ASP D 493 -7.29 -45.35 23.85
C ASP D 493 -6.93 -46.31 22.73
N VAL D 494 -6.73 -47.60 23.08
CA VAL D 494 -5.86 -48.61 22.45
C VAL D 494 -5.75 -48.52 20.92
N ASN D 495 -6.86 -48.22 20.25
CA ASN D 495 -6.90 -48.02 18.81
C ASN D 495 -6.56 -46.58 18.40
N GLY D 496 -5.68 -45.91 19.16
CA GLY D 496 -5.44 -44.47 19.15
C GLY D 496 -5.30 -43.75 17.84
N GLN D 497 -6.28 -42.91 17.55
CA GLN D 497 -6.32 -42.09 16.36
C GLN D 497 -6.90 -40.74 16.76
N TRP D 498 -6.22 -39.68 16.33
CA TRP D 498 -6.72 -38.34 16.59
C TRP D 498 -7.99 -38.08 15.79
N ASN D 499 -8.77 -37.12 16.27
CA ASN D 499 -10.01 -36.73 15.62
C ASN D 499 -10.14 -35.22 15.70
N GLY D 500 -11.30 -34.71 15.33
CA GLY D 500 -11.52 -33.27 15.42
C GLY D 500 -10.72 -32.52 14.38
N MET D 501 -10.06 -31.44 14.80
CA MET D 501 -9.23 -30.67 13.88
C MET D 501 -7.83 -31.25 13.75
N VAL D 502 -7.40 -32.07 14.70
CA VAL D 502 -6.05 -32.61 14.67
C VAL D 502 -5.93 -33.67 13.58
N ARG D 503 -6.97 -34.48 13.39
CA ARG D 503 -6.98 -35.45 12.30
C ARG D 503 -7.11 -34.77 10.95
N GLU D 504 -7.71 -33.57 10.92
CA GLU D 504 -7.73 -32.77 9.72
C GLU D 504 -6.35 -32.23 9.36
N LEU D 505 -5.42 -32.20 10.33
CA LEU D 505 -4.07 -31.73 10.08
C LEU D 505 -3.09 -32.88 9.85
N ILE D 506 -3.29 -34.03 10.49
CA ILE D 506 -2.38 -35.15 10.32
C ILE D 506 -2.51 -35.76 8.93
N ASP D 507 -3.74 -35.94 8.46
CA ASP D 507 -3.98 -36.52 7.15
C ASP D 507 -4.00 -35.49 6.03
N HIS D 508 -3.53 -34.27 6.30
CA HIS D 508 -3.37 -33.17 5.34
C HIS D 508 -4.68 -32.77 4.66
N LYS D 509 -5.81 -33.05 5.29
CA LYS D 509 -7.09 -32.59 4.76
C LYS D 509 -7.22 -31.08 4.91
N ALA D 510 -6.59 -30.51 5.92
CA ALA D 510 -6.45 -29.08 6.06
C ALA D 510 -5.01 -28.67 5.76
N ASP D 511 -4.76 -27.38 5.88
CA ASP D 511 -3.40 -26.86 5.83
C ASP D 511 -3.16 -25.99 7.05
N LEU D 512 -4.21 -25.35 7.55
CA LEU D 512 -4.17 -24.56 8.76
C LEU D 512 -5.30 -25.00 9.69
N ALA D 513 -5.29 -24.50 10.91
CA ALA D 513 -6.31 -24.78 11.90
C ALA D 513 -6.62 -23.55 12.73
N VAL D 514 -6.85 -22.41 12.06
CA VAL D 514 -7.04 -21.14 12.76
C VAL D 514 -8.37 -21.19 13.50
N ALA D 515 -8.28 -21.41 14.82
CA ALA D 515 -9.37 -21.80 15.70
C ALA D 515 -8.80 -21.85 17.12
N PRO D 516 -9.62 -21.94 18.17
CA PRO D 516 -9.05 -22.20 19.50
C PRO D 516 -8.47 -23.59 19.65
N LEU D 517 -7.30 -23.83 19.06
CA LEU D 517 -6.63 -25.12 19.17
C LEU D 517 -5.43 -24.89 20.07
N ALA D 518 -5.57 -25.24 21.33
CA ALA D 518 -4.60 -24.85 22.35
C ALA D 518 -3.37 -25.74 22.32
N ILE D 519 -2.20 -25.13 22.52
CA ILE D 519 -0.93 -25.86 22.54
C ILE D 519 -0.88 -26.71 23.80
N THR D 520 -0.90 -28.03 23.63
CA THR D 520 -0.65 -28.94 24.73
C THR D 520 0.54 -29.82 24.36
N TYR D 521 0.89 -30.72 25.28
CA TYR D 521 2.04 -31.58 25.09
C TYR D 521 1.78 -32.65 24.05
N VAL D 522 0.69 -33.40 24.19
CA VAL D 522 0.45 -34.55 23.32
C VAL D 522 0.01 -34.13 21.92
N ARG D 523 -0.52 -32.93 21.75
CA ARG D 523 -0.87 -32.48 20.41
C ARG D 523 0.36 -32.05 19.63
N GLU D 524 1.27 -31.32 20.27
CA GLU D 524 2.41 -30.73 19.56
C GLU D 524 3.47 -31.78 19.24
N LYS D 525 3.35 -32.99 19.80
CA LYS D 525 4.21 -34.08 19.36
C LYS D 525 3.82 -34.58 17.97
N VAL D 526 2.53 -34.47 17.59
CA VAL D 526 2.03 -35.09 16.38
C VAL D 526 1.58 -34.08 15.34
N ILE D 527 1.18 -32.88 15.76
CA ILE D 527 1.04 -31.76 14.84
C ILE D 527 2.02 -30.69 15.28
N ASP D 528 2.04 -29.57 14.57
CA ASP D 528 3.16 -28.63 14.68
C ASP D 528 2.58 -27.23 14.78
N PHE D 529 2.35 -26.78 16.01
CA PHE D 529 1.69 -25.51 16.26
C PHE D 529 2.57 -24.33 15.91
N SER D 530 1.93 -23.21 15.64
CA SER D 530 2.61 -21.93 15.51
C SER D 530 2.84 -21.36 16.90
N LYS D 531 3.26 -20.11 16.95
CA LYS D 531 3.62 -19.49 18.22
C LYS D 531 2.46 -18.63 18.68
N PRO D 532 2.06 -18.71 19.96
CA PRO D 532 0.68 -18.39 20.35
C PRO D 532 0.26 -16.95 20.11
N PHE D 533 -1.05 -16.76 19.92
CA PHE D 533 -1.61 -15.43 19.68
C PHE D 533 -2.52 -14.92 20.79
N MET D 534 -2.81 -15.71 21.82
CA MET D 534 -3.59 -15.22 22.95
C MET D 534 -3.34 -16.09 24.17
N THR D 535 -3.18 -15.46 25.33
CA THR D 535 -2.82 -16.12 26.57
C THR D 535 -4.08 -16.55 27.31
N LEU D 536 -4.05 -17.73 27.91
CA LEU D 536 -5.17 -18.26 28.66
C LEU D 536 -4.72 -19.30 29.67
N GLY D 537 -5.70 -20.01 30.25
CA GLY D 537 -5.46 -21.08 31.19
C GLY D 537 -6.77 -21.70 31.62
N ILE D 538 -6.73 -22.87 32.25
CA ILE D 538 -7.96 -23.50 32.70
C ILE D 538 -8.46 -22.79 33.95
N SER D 539 -9.75 -22.47 33.98
CA SER D 539 -10.35 -21.81 35.13
C SER D 539 -11.75 -22.39 35.35
N ILE D 540 -12.47 -21.84 36.31
CA ILE D 540 -13.72 -22.40 36.79
C ILE D 540 -14.83 -21.40 36.54
N LEU D 541 -15.89 -21.84 35.87
CA LEU D 541 -17.07 -21.02 35.64
C LEU D 541 -18.18 -21.50 36.57
N TYR D 542 -18.83 -20.55 37.25
CA TYR D 542 -19.82 -20.89 38.27
C TYR D 542 -20.70 -19.68 38.52
N ARG D 543 -21.92 -19.94 38.97
CA ARG D 543 -22.92 -18.88 39.16
C ARG D 543 -22.53 -17.92 40.26
N LYS D 544 -22.94 -16.67 40.11
CA LYS D 544 -22.78 -15.70 41.17
C LYS D 544 -23.76 -16.02 42.30
N PRO D 545 -23.32 -15.97 43.55
CA PRO D 545 -24.27 -16.09 44.66
C PRO D 545 -25.16 -14.86 44.74
N ASN D 546 -26.46 -15.10 44.87
CA ASN D 546 -27.45 -14.04 44.74
C ASN D 546 -27.82 -13.46 46.10
N GLY D 547 -28.17 -14.34 47.04
CA GLY D 547 -28.56 -13.89 48.35
C GLY D 547 -27.41 -13.27 49.11
N THR D 548 -27.75 -12.47 50.11
CA THR D 548 -26.78 -11.69 50.84
C THR D 548 -26.34 -12.43 52.09
N ASN D 549 -25.06 -12.26 52.43
CA ASN D 549 -24.62 -12.44 53.79
C ASN D 549 -25.41 -11.43 54.61
N PRO D 550 -26.25 -11.87 55.56
CA PRO D 550 -27.19 -10.91 56.20
C PRO D 550 -26.50 -9.83 57.02
N GLY D 551 -25.61 -10.22 57.93
CA GLY D 551 -25.07 -9.27 58.87
C GLY D 551 -26.21 -8.82 59.76
N VAL D 552 -26.66 -9.70 60.64
CA VAL D 552 -27.89 -9.46 61.40
C VAL D 552 -27.71 -8.27 62.35
N PHE D 553 -26.49 -8.03 62.84
CA PHE D 553 -26.22 -6.77 63.54
C PHE D 553 -25.83 -5.68 62.54
N SER D 554 -24.65 -5.80 61.93
CA SER D 554 -24.11 -4.89 60.93
C SER D 554 -24.00 -3.42 61.34
N PHE D 555 -24.22 -3.09 62.62
CA PHE D 555 -24.12 -1.72 63.08
C PHE D 555 -22.95 -1.51 64.03
N LEU D 556 -22.34 -2.58 64.51
CA LEU D 556 -21.12 -2.44 65.30
C LEU D 556 -19.93 -2.12 64.43
N ASN D 557 -20.06 -2.37 63.13
CA ASN D 557 -18.95 -2.24 62.18
C ASN D 557 -18.28 -0.86 62.04
N PRO D 558 -18.94 0.31 62.17
CA PRO D 558 -18.18 1.57 62.01
C PRO D 558 -17.15 1.87 63.08
N LEU D 559 -17.09 1.09 64.16
CA LEU D 559 -15.99 1.19 65.11
C LEU D 559 -15.37 -0.19 65.26
N SER D 560 -14.06 -0.25 65.40
CA SER D 560 -13.38 -1.52 65.60
C SER D 560 -13.72 -2.06 66.99
N PRO D 561 -13.67 -3.39 67.18
CA PRO D 561 -13.93 -3.95 68.51
C PRO D 561 -12.92 -3.56 69.59
N ASP D 562 -11.76 -3.00 69.21
CA ASP D 562 -10.94 -2.32 70.19
C ASP D 562 -11.64 -1.07 70.72
N ILE D 563 -12.30 -0.32 69.83
CA ILE D 563 -12.96 0.92 70.25
C ILE D 563 -14.21 0.62 71.07
N TRP D 564 -14.96 -0.42 70.70
CA TRP D 564 -16.20 -0.74 71.40
C TRP D 564 -15.95 -1.20 72.83
N MET D 565 -14.84 -1.87 73.09
CA MET D 565 -14.56 -2.25 74.47
C MET D 565 -13.96 -1.11 75.27
N TYR D 566 -13.33 -0.13 74.61
CA TYR D 566 -12.70 0.96 75.35
C TYR D 566 -13.72 1.97 75.86
N VAL D 567 -14.84 2.14 75.13
CA VAL D 567 -15.85 3.08 75.60
C VAL D 567 -16.62 2.50 76.79
N LEU D 568 -16.62 1.19 76.97
CA LEU D 568 -17.12 0.64 78.23
C LEU D 568 -16.12 0.88 79.35
N LEU D 569 -14.84 0.56 79.12
CA LEU D 569 -13.80 0.86 80.11
C LEU D 569 -13.61 2.35 80.34
N ALA D 570 -14.06 3.19 79.41
CA ALA D 570 -14.24 4.59 79.74
C ALA D 570 -15.46 4.80 80.62
N CYS D 571 -16.59 4.19 80.25
CA CYS D 571 -17.83 4.39 81.01
C CYS D 571 -17.81 3.66 82.34
N LEU D 572 -17.18 2.48 82.41
CA LEU D 572 -16.87 1.89 83.70
C LEU D 572 -15.82 2.70 84.45
N GLY D 573 -14.96 3.42 83.73
CA GLY D 573 -13.90 4.17 84.36
C GLY D 573 -14.31 5.55 84.86
N VAL D 574 -15.04 6.30 84.02
CA VAL D 574 -15.42 7.66 84.39
C VAL D 574 -16.48 7.63 85.48
N SER D 575 -17.38 6.64 85.45
CA SER D 575 -18.40 6.54 86.49
C SER D 575 -17.83 6.17 87.84
N CYS D 576 -16.66 5.54 87.91
CA CYS D 576 -16.02 5.34 89.20
C CYS D 576 -15.37 6.62 89.70
N VAL D 577 -14.60 7.30 88.83
CA VAL D 577 -13.87 8.48 89.27
C VAL D 577 -14.82 9.67 89.48
N LEU D 578 -16.00 9.65 88.87
CA LEU D 578 -17.01 10.64 89.24
C LEU D 578 -17.55 10.36 90.64
N PHE D 579 -17.70 9.08 90.98
CA PHE D 579 -18.17 8.72 92.31
C PHE D 579 -17.11 8.98 93.38
N VAL D 580 -15.83 8.84 93.04
CA VAL D 580 -14.77 9.14 93.99
C VAL D 580 -14.73 10.63 94.30
N ILE D 581 -14.88 11.48 93.28
CA ILE D 581 -14.84 12.92 93.50
C ILE D 581 -16.11 13.39 94.20
N ALA D 582 -17.27 12.86 93.81
CA ALA D 582 -18.53 13.31 94.40
C ALA D 582 -18.73 12.80 95.82
N ARG D 583 -17.94 11.84 96.27
CA ARG D 583 -17.85 11.49 97.68
C ARG D 583 -16.62 12.07 98.34
N PHE D 584 -15.97 13.05 97.72
CA PHE D 584 -14.81 13.71 98.30
C PHE D 584 -14.94 15.23 98.21
N SER D 585 -15.69 15.69 97.21
CA SER D 585 -15.87 17.13 97.01
C SER D 585 -16.76 17.71 98.09
N PRO D 586 -16.30 18.71 98.84
CA PRO D 586 -17.16 19.31 99.87
C PRO D 586 -18.05 20.42 99.33
N TYR D 587 -18.64 20.19 98.15
CA TYR D 587 -19.72 21.03 97.67
C TYR D 587 -20.85 20.24 97.04
N GLU D 588 -20.65 18.96 96.73
CA GLU D 588 -21.76 18.11 96.30
C GLU D 588 -22.70 17.78 97.43
N TRP D 589 -22.24 17.86 98.67
CA TRP D 589 -23.10 17.56 99.82
C TRP D 589 -24.10 18.70 99.97
N TYR D 590 -25.31 18.50 99.44
CA TYR D 590 -26.30 19.56 99.39
C TYR D 590 -27.54 19.15 100.17
N ASN D 591 -28.17 20.14 100.80
CA ASN D 591 -29.47 19.97 101.41
C ASN D 591 -30.59 20.12 100.38
N PRO D 592 -31.44 19.10 100.18
CA PRO D 592 -32.61 19.29 99.31
C PRO D 592 -33.56 20.33 99.89
N HIS D 593 -34.19 19.99 101.04
CA HIS D 593 -34.74 20.78 102.16
C HIS D 593 -35.17 22.19 101.75
N PRO D 594 -36.18 22.34 100.89
CA PRO D 594 -36.33 23.61 100.16
C PRO D 594 -36.88 24.76 100.98
N CYS D 595 -37.58 24.49 102.08
CA CYS D 595 -38.26 25.53 102.84
C CYS D 595 -37.32 26.53 103.51
N ASN D 596 -36.62 26.11 104.55
CA ASN D 596 -35.63 26.95 105.22
C ASN D 596 -34.59 26.10 105.95
N PRO D 597 -33.36 26.06 105.41
CA PRO D 597 -32.35 25.07 105.85
C PRO D 597 -31.89 25.30 107.29
N ASP D 598 -32.12 24.31 108.14
CA ASP D 598 -31.79 24.47 109.55
C ASP D 598 -30.41 23.90 109.86
N SER D 599 -30.26 22.58 109.74
CA SER D 599 -29.04 21.81 110.00
C SER D 599 -29.32 20.34 109.70
N ASP D 600 -28.23 19.58 109.53
CA ASP D 600 -28.22 18.11 109.56
C ASP D 600 -29.07 17.50 108.45
N VAL D 601 -28.82 17.95 107.21
CA VAL D 601 -29.61 17.51 106.06
C VAL D 601 -28.72 16.88 104.98
N VAL D 602 -27.57 17.49 104.68
CA VAL D 602 -26.98 17.41 103.34
C VAL D 602 -26.49 15.99 103.02
N GLU D 603 -26.62 15.63 101.74
CA GLU D 603 -26.40 14.27 101.28
C GLU D 603 -26.24 14.27 99.77
N ASN D 604 -25.34 13.43 99.28
CA ASN D 604 -25.06 13.38 97.85
C ASN D 604 -26.17 12.64 97.11
N ASN D 605 -26.46 13.12 95.91
CA ASN D 605 -27.29 12.35 94.98
C ASN D 605 -26.47 11.40 94.12
N PHE D 606 -25.14 11.44 94.22
CA PHE D 606 -24.26 10.54 93.48
C PHE D 606 -23.96 9.30 94.32
N THR D 607 -24.91 8.38 94.34
CA THR D 607 -24.56 7.02 94.74
C THR D 607 -23.81 6.35 93.59
N LEU D 608 -23.19 5.21 93.89
CA LEU D 608 -22.41 4.53 92.87
C LEU D 608 -23.31 3.93 91.79
N LEU D 609 -24.56 3.62 92.12
CA LEU D 609 -25.54 3.29 91.10
C LEU D 609 -25.86 4.49 90.21
N ASN D 610 -25.88 5.69 90.79
CA ASN D 610 -26.24 6.89 90.05
C ASN D 610 -25.13 7.35 89.10
N SER D 611 -23.87 7.09 89.44
CA SER D 611 -22.78 7.61 88.63
C SER D 611 -22.63 6.85 87.31
N PHE D 612 -23.02 5.57 87.25
CA PHE D 612 -23.14 4.92 85.96
C PHE D 612 -24.25 5.54 85.13
N TRP D 613 -25.32 5.97 85.78
CA TRP D 613 -26.48 6.50 85.08
C TRP D 613 -26.22 7.89 84.52
N PHE D 614 -25.23 8.61 85.06
CA PHE D 614 -24.76 9.81 84.37
C PHE D 614 -23.80 9.43 83.25
N GLY D 615 -23.04 8.35 83.43
CA GLY D 615 -22.11 7.94 82.38
C GLY D 615 -22.81 7.34 81.18
N VAL D 616 -23.81 6.49 81.43
CA VAL D 616 -24.60 5.93 80.34
C VAL D 616 -25.56 6.99 79.81
N GLY D 617 -26.10 7.82 80.69
CA GLY D 617 -27.10 8.80 80.27
C GLY D 617 -26.51 9.90 79.41
N ALA D 618 -25.21 10.16 79.55
CA ALA D 618 -24.57 11.10 78.65
C ALA D 618 -24.06 10.42 77.39
N LEU D 619 -23.67 9.15 77.48
CA LEU D 619 -23.18 8.43 76.32
C LEU D 619 -24.26 8.19 75.29
N MET D 620 -25.51 8.06 75.73
CA MET D 620 -26.62 7.78 74.84
C MET D 620 -27.32 9.04 74.37
N GLN D 621 -26.72 10.21 74.56
CA GLN D 621 -27.18 11.52 74.11
C GLN D 621 -28.53 11.94 74.68
N GLN D 622 -28.99 11.31 75.76
CA GLN D 622 -30.33 11.59 76.28
C GLN D 622 -30.34 12.42 77.54
N GLY D 623 -29.28 12.39 78.34
CA GLY D 623 -29.25 13.20 79.54
C GLY D 623 -30.00 12.59 80.70
N SER D 624 -29.59 12.91 81.92
CA SER D 624 -30.16 12.33 83.13
C SER D 624 -30.87 13.38 83.96
N GLU D 625 -31.57 12.92 84.98
CA GLU D 625 -32.04 13.82 86.04
C GLU D 625 -30.87 14.32 86.88
N LEU D 626 -29.77 13.57 86.92
CA LEU D 626 -28.56 14.03 87.59
C LEU D 626 -27.91 15.13 86.78
N MET D 627 -27.62 16.24 87.44
CA MET D 627 -26.79 17.25 86.84
C MET D 627 -25.82 17.70 87.92
N PRO D 628 -24.52 17.68 87.66
CA PRO D 628 -23.55 17.95 88.72
C PRO D 628 -23.56 19.40 89.14
N LYS D 629 -23.08 19.62 90.35
CA LYS D 629 -22.75 20.92 90.91
C LYS D 629 -21.24 20.82 91.12
N ALA D 630 -20.63 21.76 91.86
CA ALA D 630 -19.34 21.51 92.50
C ALA D 630 -18.18 21.24 91.55
N LEU D 631 -17.61 22.30 90.94
CA LEU D 631 -16.77 22.34 89.73
C LEU D 631 -15.89 21.14 89.42
N SER D 632 -15.33 20.50 90.44
CA SER D 632 -14.57 19.26 90.24
C SER D 632 -15.41 18.14 89.64
N THR D 633 -16.71 18.11 89.93
CA THR D 633 -17.59 17.18 89.25
C THR D 633 -18.13 17.73 87.94
N ARG D 634 -18.10 19.05 87.76
CA ARG D 634 -18.47 19.64 86.48
C ARG D 634 -17.46 19.30 85.40
N ILE D 635 -16.17 19.26 85.76
CA ILE D 635 -15.12 19.02 84.78
C ILE D 635 -15.16 17.58 84.30
N VAL D 636 -15.50 16.64 85.20
CA VAL D 636 -15.75 15.25 84.78
C VAL D 636 -16.95 15.20 83.84
N GLY D 637 -18.03 15.90 84.19
CA GLY D 637 -19.16 16.00 83.29
C GLY D 637 -18.86 16.81 82.05
N GLY D 638 -17.90 17.73 82.15
CA GLY D 638 -17.53 18.51 80.98
C GLY D 638 -16.73 17.70 79.98
N ILE D 639 -15.79 16.88 80.46
CA ILE D 639 -14.92 16.14 79.56
C ILE D 639 -15.59 14.86 79.06
N TRP D 640 -16.53 14.29 79.82
CA TRP D 640 -17.25 13.11 79.35
C TRP D 640 -18.27 13.49 78.29
N TRP D 641 -18.83 14.70 78.35
CA TRP D 641 -19.69 15.17 77.28
C TRP D 641 -18.93 15.38 75.99
N PHE D 642 -17.74 16.00 76.06
CA PHE D 642 -16.96 16.18 74.85
C PHE D 642 -16.39 14.87 74.35
N PHE D 643 -16.19 13.90 75.24
CA PHE D 643 -15.86 12.54 74.81
C PHE D 643 -16.99 11.95 73.98
N THR D 644 -18.19 11.92 74.55
CA THR D 644 -19.31 11.29 73.85
C THR D 644 -19.89 12.16 72.75
N LEU D 645 -19.48 13.43 72.65
CA LEU D 645 -19.85 14.21 71.47
C LEU D 645 -19.13 13.71 70.24
N ILE D 646 -17.87 13.31 70.38
CA ILE D 646 -17.06 12.91 69.24
C ILE D 646 -17.33 11.47 68.85
N ILE D 647 -17.57 10.59 69.84
CA ILE D 647 -17.79 9.18 69.56
C ILE D 647 -19.10 8.98 68.81
N ILE D 648 -20.16 9.69 69.20
CA ILE D 648 -21.41 9.62 68.46
C ILE D 648 -21.27 10.29 67.10
N SER D 649 -20.51 11.38 67.03
CA SER D 649 -20.30 12.04 65.75
C SER D 649 -19.42 11.22 64.81
N SER D 650 -18.45 10.49 65.36
CA SER D 650 -17.65 9.62 64.51
C SER D 650 -18.41 8.36 64.11
N TYR D 651 -19.36 7.93 64.93
CA TYR D 651 -20.15 6.75 64.60
C TYR D 651 -21.12 7.02 63.46
N THR D 652 -21.71 8.21 63.43
CA THR D 652 -22.66 8.53 62.37
C THR D 652 -21.99 8.86 61.05
N ALA D 653 -20.66 9.05 61.04
CA ALA D 653 -19.99 9.36 59.78
C ALA D 653 -19.81 8.13 58.92
N ASN D 654 -19.26 7.06 59.49
CA ASN D 654 -19.02 5.84 58.73
C ASN D 654 -20.25 4.96 58.60
N LEU D 655 -21.33 5.27 59.31
CA LEU D 655 -22.49 4.39 59.33
C LEU D 655 -23.23 4.39 57.99
N ALA D 656 -23.06 5.44 57.19
CA ALA D 656 -23.59 5.43 55.84
C ALA D 656 -22.87 4.42 54.96
N ALA D 657 -21.59 4.15 55.25
CA ALA D 657 -20.83 3.22 54.43
C ALA D 657 -21.14 1.77 54.78
N PHE D 658 -21.26 1.46 56.06
CA PHE D 658 -21.41 0.07 56.49
C PHE D 658 -22.83 -0.45 56.41
N LEU D 659 -23.80 0.35 55.98
CA LEU D 659 -25.13 -0.19 55.71
C LEU D 659 -25.30 -0.53 54.23
N THR D 660 -24.37 -1.33 53.72
CA THR D 660 -24.47 -1.95 52.41
C THR D 660 -24.36 -3.46 52.60
N VAL D 661 -25.29 -4.21 52.02
CA VAL D 661 -25.26 -5.65 52.15
C VAL D 661 -24.10 -6.23 51.34
N GLU D 662 -23.56 -7.33 51.84
CA GLU D 662 -22.60 -8.13 51.10
C GLU D 662 -23.28 -9.41 50.66
N ARG D 663 -23.21 -9.72 49.38
CA ARG D 663 -23.70 -11.00 48.90
C ARG D 663 -22.81 -12.13 49.41
N MET D 664 -23.37 -13.34 49.41
CA MET D 664 -22.70 -14.48 50.01
C MET D 664 -21.44 -14.83 49.23
N GLU D 665 -20.40 -15.20 49.97
CA GLU D 665 -19.20 -15.71 49.34
C GLU D 665 -19.51 -17.07 48.74
N SER D 666 -18.92 -17.35 47.59
CA SER D 666 -19.13 -18.62 46.93
C SER D 666 -18.53 -19.74 47.77
N PRO D 667 -19.16 -20.92 47.82
CA PRO D 667 -18.59 -22.03 48.61
C PRO D 667 -17.31 -22.60 48.03
N ILE D 668 -16.93 -22.22 46.81
CA ILE D 668 -15.65 -22.56 46.24
C ILE D 668 -14.91 -21.27 45.94
N ASP D 669 -13.58 -21.32 46.05
CA ASP D 669 -12.75 -20.15 45.74
C ASP D 669 -11.50 -20.54 44.96
N SER D 670 -11.25 -21.83 44.77
CA SER D 670 -10.08 -22.30 44.05
C SER D 670 -10.36 -23.69 43.52
N ALA D 671 -9.37 -24.26 42.84
CA ALA D 671 -9.52 -25.62 42.32
C ALA D 671 -9.48 -26.66 43.43
N ASP D 672 -8.89 -26.34 44.57
CA ASP D 672 -8.87 -27.27 45.69
C ASP D 672 -10.25 -27.41 46.34
N ASP D 673 -11.09 -26.37 46.22
CA ASP D 673 -12.38 -26.40 46.90
C ASP D 673 -13.37 -27.35 46.23
N LEU D 674 -13.29 -27.49 44.90
CA LEU D 674 -14.13 -28.49 44.23
C LEU D 674 -13.68 -29.91 44.54
N ALA D 675 -12.41 -30.10 44.87
CA ALA D 675 -11.94 -31.43 45.23
C ALA D 675 -12.48 -31.86 46.59
N LYS D 676 -12.59 -30.92 47.53
CA LYS D 676 -13.08 -31.24 48.87
C LYS D 676 -14.57 -31.00 49.01
N GLN D 677 -15.35 -31.52 48.07
CA GLN D 677 -16.82 -31.47 48.09
C GLN D 677 -17.34 -32.42 47.02
N THR D 678 -18.59 -32.86 47.22
CA THR D 678 -19.33 -33.56 46.18
C THR D 678 -20.73 -32.97 45.98
N LYS D 679 -21.02 -31.83 46.60
CA LYS D 679 -22.33 -31.20 46.45
C LYS D 679 -22.47 -30.56 45.08
N ILE D 680 -21.42 -29.90 44.61
CA ILE D 680 -21.40 -29.25 43.30
C ILE D 680 -20.72 -30.20 42.33
N GLU D 681 -21.46 -30.69 41.35
CA GLU D 681 -20.84 -31.45 40.27
C GLU D 681 -19.99 -30.52 39.42
N TYR D 682 -18.85 -31.03 38.97
CA TYR D 682 -17.92 -30.23 38.20
C TYR D 682 -17.31 -31.04 37.07
N GLY D 683 -17.15 -30.41 35.92
CA GLY D 683 -16.59 -31.10 34.78
C GLY D 683 -16.15 -30.14 33.70
N ALA D 684 -15.85 -30.70 32.53
CA ALA D 684 -15.20 -29.97 31.46
C ALA D 684 -15.77 -30.42 30.13
N VAL D 685 -15.19 -29.89 29.05
CA VAL D 685 -15.57 -30.31 27.71
C VAL D 685 -14.94 -31.67 27.42
N GLU D 686 -15.75 -32.62 26.98
CA GLU D 686 -15.23 -33.92 26.58
C GLU D 686 -14.42 -33.80 25.30
N ASP D 687 -13.25 -34.45 25.29
CA ASP D 687 -12.27 -34.43 24.19
C ASP D 687 -11.81 -33.00 23.88
N GLY D 688 -11.18 -32.40 24.87
CA GLY D 688 -10.54 -31.10 24.71
C GLY D 688 -9.23 -31.06 25.44
N ALA D 689 -8.64 -29.88 25.59
CA ALA D 689 -7.40 -29.77 26.35
C ALA D 689 -7.63 -29.93 27.83
N THR D 690 -8.80 -29.51 28.33
CA THR D 690 -9.05 -29.50 29.76
C THR D 690 -9.35 -30.89 30.28
N MET D 691 -10.07 -31.71 29.51
CA MET D 691 -10.23 -33.11 29.88
C MET D 691 -8.90 -33.84 29.81
N THR D 692 -8.06 -33.47 28.84
CA THR D 692 -6.76 -34.09 28.68
C THR D 692 -5.81 -33.66 29.80
N PHE D 693 -5.95 -32.42 30.28
CA PHE D 693 -5.07 -31.91 31.32
C PHE D 693 -5.28 -32.63 32.66
N PHE D 694 -6.53 -32.86 33.04
CA PHE D 694 -6.77 -33.59 34.27
C PHE D 694 -6.56 -35.08 34.10
N LYS D 695 -6.60 -35.58 32.87
CA LYS D 695 -6.41 -37.02 32.65
C LYS D 695 -4.97 -37.42 32.92
N LYS D 696 -4.02 -36.56 32.58
CA LYS D 696 -2.60 -36.85 32.71
C LYS D 696 -1.95 -35.90 33.70
N SER D 697 -2.64 -35.61 34.80
CA SER D 697 -2.09 -34.80 35.85
C SER D 697 -1.61 -35.66 37.00
N LYS D 698 -0.49 -35.28 37.61
CA LYS D 698 0.06 -35.96 38.76
C LYS D 698 0.07 -35.08 40.00
N ILE D 699 -0.67 -33.98 39.95
CA ILE D 699 -0.92 -33.19 41.14
C ILE D 699 -2.02 -33.88 41.94
N SER D 700 -1.83 -33.98 43.26
CA SER D 700 -2.77 -34.72 44.11
C SER D 700 -4.12 -34.03 44.20
N THR D 701 -4.16 -32.70 44.04
CA THR D 701 -5.43 -32.01 43.96
C THR D 701 -6.17 -32.35 42.67
N TYR D 702 -5.44 -32.40 41.56
CA TYR D 702 -6.05 -32.52 40.24
C TYR D 702 -6.30 -33.96 39.85
N ASP D 703 -5.56 -34.90 40.43
CA ASP D 703 -5.84 -36.31 40.20
C ASP D 703 -7.12 -36.75 40.89
N LYS D 704 -7.41 -36.16 42.05
CA LYS D 704 -8.71 -36.38 42.69
C LYS D 704 -9.84 -35.78 41.87
N MET D 705 -9.59 -34.67 41.18
CA MET D 705 -10.60 -34.06 40.34
C MET D 705 -10.88 -34.85 39.08
N TRP D 706 -9.96 -35.73 38.65
CA TRP D 706 -10.24 -36.64 37.56
C TRP D 706 -10.82 -37.97 38.03
N ALA D 707 -10.47 -38.41 39.24
CA ALA D 707 -11.12 -39.58 39.83
C ALA D 707 -12.61 -39.33 40.05
N PHE D 708 -12.98 -38.06 40.28
CA PHE D 708 -14.39 -37.70 40.25
C PHE D 708 -14.96 -37.80 38.83
N MET D 709 -14.36 -37.09 37.88
CA MET D 709 -14.92 -36.95 36.53
C MET D 709 -14.98 -38.28 35.78
N SER D 710 -14.05 -39.20 36.06
CA SER D 710 -14.02 -40.45 35.30
C SER D 710 -15.13 -41.39 35.70
N SER D 711 -15.63 -41.28 36.93
CA SER D 711 -16.69 -42.17 37.39
C SER D 711 -18.02 -41.82 36.74
N ARG D 712 -18.51 -40.61 36.99
CA ARG D 712 -19.77 -40.16 36.39
C ARG D 712 -19.53 -39.37 35.10
N ARG D 713 -18.77 -40.01 34.20
CA ARG D 713 -18.34 -39.40 32.94
C ARG D 713 -19.52 -39.10 32.03
N GLN D 714 -20.57 -39.91 32.08
CA GLN D 714 -21.75 -39.68 31.25
C GLN D 714 -22.58 -38.49 31.71
N SER D 715 -22.33 -37.95 32.90
CA SER D 715 -23.17 -36.91 33.46
C SER D 715 -22.47 -35.58 33.70
N VAL D 716 -21.15 -35.57 33.94
CA VAL D 716 -20.48 -34.32 34.25
C VAL D 716 -19.49 -33.91 33.16
N LEU D 717 -19.47 -34.61 32.03
CA LEU D 717 -18.68 -34.17 30.88
C LEU D 717 -19.62 -33.85 29.74
N VAL D 718 -19.80 -32.56 29.48
CA VAL D 718 -20.63 -32.05 28.41
C VAL D 718 -19.90 -32.21 27.08
N LYS D 719 -20.61 -31.96 25.98
CA LYS D 719 -20.06 -32.15 24.65
C LYS D 719 -19.47 -30.89 24.03
N SER D 720 -19.78 -29.71 24.57
CA SER D 720 -19.28 -28.47 23.99
C SER D 720 -19.32 -27.39 25.07
N ASN D 721 -18.83 -26.20 24.70
CA ASN D 721 -18.91 -25.06 25.61
C ASN D 721 -20.36 -24.60 25.80
N GLU D 722 -21.19 -24.73 24.76
CA GLU D 722 -22.57 -24.27 24.84
C GLU D 722 -23.38 -25.09 25.84
N GLU D 723 -23.13 -26.40 25.92
CA GLU D 723 -23.75 -27.20 26.96
C GLU D 723 -23.11 -26.95 28.32
N GLY D 724 -21.92 -26.36 28.36
CA GLY D 724 -21.29 -26.00 29.61
C GLY D 724 -21.99 -24.88 30.34
N ILE D 725 -22.18 -23.73 29.68
CA ILE D 725 -22.87 -22.59 30.29
C ILE D 725 -24.32 -22.94 30.58
N GLN D 726 -24.98 -23.63 29.65
CA GLN D 726 -26.40 -23.95 29.84
C GLN D 726 -26.64 -25.05 30.87
N ARG D 727 -25.59 -25.65 31.43
CA ARG D 727 -25.76 -26.49 32.60
C ARG D 727 -25.21 -25.87 33.87
N VAL D 728 -24.46 -24.78 33.78
CA VAL D 728 -24.17 -24.02 34.99
C VAL D 728 -25.40 -23.23 35.43
N LEU D 729 -26.08 -22.62 34.45
CA LEU D 729 -27.28 -21.84 34.76
C LEU D 729 -28.42 -22.73 35.22
N THR D 730 -28.83 -23.68 34.39
CA THR D 730 -30.00 -24.49 34.72
C THR D 730 -29.63 -25.80 35.43
N SER D 731 -28.74 -25.70 36.42
CA SER D 731 -28.45 -26.73 37.43
C SER D 731 -27.48 -26.15 38.45
N ASP D 732 -27.01 -27.00 39.36
CA ASP D 732 -25.92 -26.65 40.26
C ASP D 732 -24.64 -27.31 39.73
N TYR D 733 -23.74 -26.51 39.18
CA TYR D 733 -22.65 -27.04 38.39
C TYR D 733 -21.55 -25.99 38.26
N ALA D 734 -20.30 -26.44 38.30
CA ALA D 734 -19.13 -25.57 38.17
C ALA D 734 -18.27 -26.08 37.04
N PHE D 735 -18.06 -25.26 36.02
CA PHE D 735 -17.56 -25.74 34.74
C PHE D 735 -16.09 -25.39 34.58
N LEU D 736 -15.28 -26.41 34.29
CA LEU D 736 -13.83 -26.27 34.14
C LEU D 736 -13.51 -25.97 32.68
N MET D 737 -13.26 -24.71 32.37
CA MET D 737 -13.10 -24.30 31.00
C MET D 737 -11.94 -23.33 30.88
N GLU D 738 -11.76 -22.78 29.69
CA GLU D 738 -10.61 -21.96 29.39
C GLU D 738 -10.81 -20.55 29.93
N SER D 739 -9.73 -19.76 29.97
CA SER D 739 -9.81 -18.45 30.60
C SER D 739 -10.46 -17.41 29.70
N THR D 740 -10.07 -17.36 28.42
CA THR D 740 -10.51 -16.28 27.56
C THR D 740 -11.98 -16.40 27.17
N THR D 741 -12.54 -17.59 27.20
CA THR D 741 -13.95 -17.71 26.89
C THR D 741 -14.81 -17.26 28.08
N ILE D 742 -14.30 -17.46 29.31
CA ILE D 742 -14.89 -16.85 30.49
C ILE D 742 -14.88 -15.33 30.40
N GLU D 743 -13.82 -14.77 29.80
CA GLU D 743 -13.75 -13.32 29.61
C GLU D 743 -14.80 -12.81 28.63
N PHE D 744 -15.33 -13.67 27.77
CA PHE D 744 -16.46 -13.27 26.95
C PHE D 744 -17.79 -13.52 27.65
N VAL D 745 -17.92 -14.66 28.33
CA VAL D 745 -19.20 -15.04 28.91
C VAL D 745 -19.54 -14.15 30.11
N THR D 746 -18.60 -14.01 31.04
CA THR D 746 -18.85 -13.20 32.23
C THR D 746 -18.90 -11.72 31.95
N GLN D 747 -18.35 -11.27 30.81
CA GLN D 747 -18.56 -9.89 30.41
C GLN D 747 -19.94 -9.71 29.80
N ARG D 748 -20.39 -10.66 28.98
CA ARG D 748 -21.71 -10.59 28.37
C ARG D 748 -22.82 -10.87 29.37
N ASN D 749 -22.61 -11.85 30.25
CA ASN D 749 -23.66 -12.36 31.13
C ASN D 749 -23.32 -11.96 32.56
N CYS D 750 -24.33 -11.57 33.33
CA CYS D 750 -24.13 -11.09 34.69
C CYS D 750 -24.68 -12.04 35.75
N ASN D 751 -25.08 -13.25 35.37
CA ASN D 751 -25.59 -14.24 36.31
C ASN D 751 -24.45 -15.11 36.80
N LEU D 752 -23.23 -14.77 36.41
CA LEU D 752 -22.22 -15.80 36.20
C LEU D 752 -20.80 -15.23 36.27
N THR D 753 -19.91 -15.87 37.04
CA THR D 753 -18.60 -15.30 37.33
C THR D 753 -17.52 -16.38 37.27
N GLN D 754 -16.28 -15.91 37.37
CA GLN D 754 -15.10 -16.78 37.39
C GLN D 754 -14.71 -17.07 38.83
N ILE D 755 -14.32 -18.32 39.10
CA ILE D 755 -13.91 -18.75 40.43
C ILE D 755 -12.41 -19.01 40.41
N GLY D 756 -11.68 -18.21 41.18
CA GLY D 756 -10.28 -18.47 41.41
C GLY D 756 -9.40 -18.05 40.25
N GLY D 757 -8.09 -18.26 40.44
CA GLY D 757 -7.10 -17.93 39.45
C GLY D 757 -6.94 -19.02 38.41
N LEU D 758 -5.97 -18.81 37.53
CA LEU D 758 -5.73 -19.75 36.45
C LEU D 758 -5.05 -20.99 36.99
N ILE D 759 -5.54 -22.16 36.58
CA ILE D 759 -4.93 -23.43 36.99
C ILE D 759 -3.57 -23.61 36.34
N ASP D 760 -3.51 -23.51 35.01
CA ASP D 760 -2.27 -23.53 34.28
C ASP D 760 -2.19 -22.32 33.36
N SER D 761 -1.21 -22.32 32.47
CA SER D 761 -1.06 -21.27 31.47
C SER D 761 -0.71 -21.91 30.14
N LYS D 762 -1.44 -21.53 29.09
CA LYS D 762 -1.21 -22.06 27.76
C LYS D 762 -1.70 -21.03 26.76
N GLY D 763 -1.50 -21.34 25.48
CA GLY D 763 -1.85 -20.41 24.42
C GLY D 763 -2.67 -21.09 23.35
N TYR D 764 -3.28 -20.26 22.51
CA TYR D 764 -3.93 -20.70 21.28
C TYR D 764 -2.96 -20.52 20.12
N GLY D 765 -2.81 -21.54 19.30
CA GLY D 765 -1.88 -21.48 18.18
C GLY D 765 -2.49 -22.02 16.91
N VAL D 766 -2.15 -21.37 15.80
CA VAL D 766 -2.52 -21.83 14.47
C VAL D 766 -1.85 -23.16 14.19
N GLY D 767 -2.63 -24.23 14.10
CA GLY D 767 -2.06 -25.52 13.83
C GLY D 767 -1.63 -25.67 12.38
N THR D 768 -0.54 -26.39 12.17
CA THR D 768 -0.04 -26.78 10.86
C THR D 768 0.22 -28.27 10.92
N PRO D 769 0.32 -28.95 9.77
CA PRO D 769 0.71 -30.37 9.80
C PRO D 769 2.14 -30.60 10.25
N MET D 770 2.54 -31.87 10.32
CA MET D 770 3.81 -32.26 10.94
C MET D 770 4.99 -31.84 10.06
N GLY D 771 5.30 -30.55 10.07
CA GLY D 771 6.32 -30.02 9.19
C GLY D 771 5.67 -29.32 8.02
N SER D 772 5.62 -27.99 8.07
CA SER D 772 4.89 -27.24 7.07
C SER D 772 5.68 -26.01 6.68
N PRO D 773 5.58 -25.57 5.43
CA PRO D 773 6.19 -24.30 5.04
C PRO D 773 5.33 -23.08 5.36
N TYR D 774 4.34 -23.25 6.22
CA TYR D 774 3.48 -22.14 6.63
C TYR D 774 3.49 -21.87 8.12
N ARG D 775 4.22 -22.64 8.93
CA ARG D 775 4.33 -22.33 10.34
C ARG D 775 5.12 -21.04 10.56
N ASP D 776 6.36 -21.01 10.05
CA ASP D 776 7.24 -19.89 10.33
C ASP D 776 6.78 -18.62 9.65
N LYS D 777 6.04 -18.73 8.55
CA LYS D 777 5.46 -17.56 7.91
C LYS D 777 4.38 -16.93 8.80
N ILE D 778 3.64 -17.75 9.54
CA ILE D 778 2.63 -17.24 10.45
C ILE D 778 3.27 -16.85 11.79
N THR D 779 4.33 -17.55 12.19
CA THR D 779 5.03 -17.27 13.45
C THR D 779 5.59 -15.85 13.46
N ILE D 780 6.23 -15.44 12.36
CA ILE D 780 6.58 -14.03 12.19
C ILE D 780 5.34 -13.15 12.04
N ALA D 781 4.28 -13.65 11.40
CA ALA D 781 3.12 -12.81 11.13
C ALA D 781 2.29 -12.50 12.38
N ILE D 782 2.22 -13.43 13.33
CA ILE D 782 1.52 -13.17 14.58
C ILE D 782 2.27 -12.12 15.40
N LEU D 783 3.61 -12.18 15.37
CA LEU D 783 4.42 -11.23 16.12
C LEU D 783 4.29 -9.82 15.56
N GLN D 784 3.98 -9.69 14.27
CA GLN D 784 3.74 -8.38 13.69
C GLN D 784 2.45 -7.76 14.21
N LEU D 785 1.43 -8.60 14.40
CA LEU D 785 0.11 -8.07 14.74
C LEU D 785 0.04 -7.58 16.18
N GLN D 786 0.72 -8.24 17.10
CA GLN D 786 0.73 -7.75 18.48
C GLN D 786 1.71 -6.61 18.67
N GLU D 787 2.69 -6.47 17.76
CA GLU D 787 3.53 -5.28 17.79
C GLU D 787 2.75 -4.06 17.32
N GLU D 788 1.95 -4.23 16.26
CA GLU D 788 1.06 -3.18 15.82
C GLU D 788 -0.10 -2.98 16.78
N GLY D 789 -0.43 -4.01 17.56
CA GLY D 789 -1.52 -3.94 18.51
C GLY D 789 -2.84 -4.47 17.99
N LYS D 790 -2.87 -5.04 16.78
CA LYS D 790 -4.13 -5.50 16.21
C LYS D 790 -4.65 -6.75 16.88
N LEU D 791 -3.78 -7.56 17.49
CA LEU D 791 -4.27 -8.64 18.33
C LEU D 791 -4.95 -8.11 19.59
N HIS D 792 -4.55 -6.94 20.05
CA HIS D 792 -5.26 -6.31 21.15
C HIS D 792 -6.49 -5.55 20.67
N MET D 793 -6.45 -5.01 19.45
CA MET D 793 -7.62 -4.34 18.89
C MET D 793 -8.74 -5.33 18.60
N MET D 794 -8.40 -6.51 18.08
CA MET D 794 -9.40 -7.53 17.85
C MET D 794 -9.85 -8.19 19.16
N LYS D 795 -9.00 -8.15 20.18
CA LYS D 795 -9.38 -8.61 21.52
C LYS D 795 -10.49 -7.74 22.09
N GLU D 796 -10.31 -6.41 22.03
CA GLU D 796 -11.31 -5.50 22.55
C GLU D 796 -12.51 -5.38 21.62
N LYS D 797 -12.45 -5.95 20.43
CA LYS D 797 -13.57 -5.82 19.51
C LYS D 797 -14.63 -6.88 19.79
N TRP D 798 -14.23 -8.06 20.24
CA TRP D 798 -15.19 -9.15 20.46
C TRP D 798 -15.47 -9.44 21.92
N TRP D 799 -14.45 -9.51 22.78
CA TRP D 799 -14.68 -9.79 24.19
C TRP D 799 -15.31 -8.63 24.93
N ARG D 800 -15.16 -7.40 24.47
CA ARG D 800 -15.87 -6.30 25.08
C ARG D 800 -17.32 -6.28 24.61
N GLY D 801 -18.22 -6.49 25.54
CA GLY D 801 -19.65 -6.46 25.26
C GLY D 801 -20.28 -5.41 26.14
N ASN D 802 -21.46 -5.72 26.67
CA ASN D 802 -22.08 -4.85 27.64
C ASN D 802 -21.24 -4.81 28.91
N GLY D 803 -21.28 -3.69 29.62
CA GLY D 803 -20.40 -3.45 30.75
C GLY D 803 -20.67 -4.30 31.97
N CYS D 804 -21.80 -5.04 31.99
CA CYS D 804 -22.29 -5.88 33.08
C CYS D 804 -22.35 -5.06 34.35
N PRO D 805 -23.40 -4.19 34.52
CA PRO D 805 -23.44 -3.16 35.58
C PRO D 805 -23.17 -3.67 36.99
N GLU D 806 -22.20 -3.03 37.64
CA GLU D 806 -21.41 -3.66 38.67
C GLU D 806 -22.17 -3.75 39.99
N GLU D 807 -21.49 -4.34 40.97
CA GLU D 807 -22.06 -4.46 42.31
C GLU D 807 -22.07 -3.10 43.02
N GLU D 808 -21.23 -2.17 42.60
CA GLU D 808 -21.27 -0.80 43.14
C GLU D 808 -22.17 0.07 42.24
N SER D 809 -23.43 -0.32 42.21
CA SER D 809 -24.51 0.38 41.51
C SER D 809 -25.73 0.42 42.40
N LYS D 810 -25.52 0.84 43.65
CA LYS D 810 -26.51 0.77 44.72
C LYS D 810 -27.74 1.63 44.44
N GLU D 811 -27.55 2.96 44.37
CA GLU D 811 -28.48 3.99 43.87
C GLU D 811 -29.68 4.23 44.80
N ALA D 812 -29.90 3.32 45.74
CA ALA D 812 -31.00 3.36 46.70
C ALA D 812 -30.79 2.24 47.70
N SER D 813 -30.98 2.53 48.98
CA SER D 813 -30.93 1.47 50.00
C SER D 813 -31.88 1.87 51.13
N ALA D 814 -33.12 1.40 51.04
CA ALA D 814 -34.05 1.53 52.15
C ALA D 814 -33.70 0.47 53.20
N LEU D 815 -33.45 0.92 54.42
CA LEU D 815 -32.96 0.00 55.45
C LEU D 815 -34.06 -0.94 55.91
N GLY D 816 -33.81 -2.23 55.76
CA GLY D 816 -34.80 -3.23 56.13
C GLY D 816 -34.38 -4.05 57.33
N VAL D 817 -35.04 -5.19 57.52
CA VAL D 817 -34.76 -6.03 58.67
C VAL D 817 -33.43 -6.78 58.50
N GLN D 818 -32.94 -6.93 57.26
CA GLN D 818 -31.62 -7.49 57.05
C GLN D 818 -30.52 -6.50 57.37
N ASN D 819 -30.79 -5.20 57.20
CA ASN D 819 -29.75 -4.19 57.34
C ASN D 819 -29.43 -3.90 58.81
N ILE D 820 -30.40 -3.37 59.56
CA ILE D 820 -30.13 -3.03 60.95
C ILE D 820 -30.38 -4.24 61.87
N GLY D 821 -31.61 -4.72 61.98
CA GLY D 821 -31.87 -6.06 62.47
C GLY D 821 -31.57 -6.36 63.92
N GLY D 822 -30.30 -6.23 64.30
CA GLY D 822 -29.79 -6.70 65.57
C GLY D 822 -30.07 -5.83 66.75
N ILE D 823 -30.47 -4.57 66.52
CA ILE D 823 -30.90 -3.74 67.63
C ILE D 823 -32.25 -4.19 68.16
N PHE D 824 -33.05 -4.86 67.35
CA PHE D 824 -34.27 -5.49 67.85
C PHE D 824 -33.95 -6.73 68.66
N ILE D 825 -32.82 -7.37 68.39
CA ILE D 825 -32.40 -8.53 69.17
C ILE D 825 -31.95 -8.09 70.55
N VAL D 826 -31.12 -7.05 70.63
CA VAL D 826 -30.66 -6.58 71.93
C VAL D 826 -31.74 -5.81 72.66
N LEU D 827 -32.76 -5.30 71.95
CA LEU D 827 -33.93 -4.78 72.62
C LEU D 827 -34.72 -5.92 73.25
N ALA D 828 -34.81 -7.05 72.56
CA ALA D 828 -35.40 -8.23 73.15
C ALA D 828 -34.49 -8.88 74.18
N ALA D 829 -33.19 -8.56 74.16
CA ALA D 829 -32.29 -9.15 75.13
C ALA D 829 -32.28 -8.38 76.44
N GLY D 830 -32.26 -7.05 76.37
CA GLY D 830 -32.18 -6.25 77.59
C GLY D 830 -33.45 -6.26 78.40
N LEU D 831 -34.62 -6.29 77.73
CA LEU D 831 -35.88 -6.29 78.45
C LEU D 831 -36.16 -7.62 79.14
N VAL D 832 -35.75 -8.74 78.53
CA VAL D 832 -35.82 -10.02 79.23
C VAL D 832 -34.80 -10.03 80.37
N LEU D 833 -33.64 -9.39 80.18
CA LEU D 833 -32.71 -9.19 81.29
C LEU D 833 -33.30 -8.29 82.37
N SER D 834 -34.12 -7.32 81.98
CA SER D 834 -34.67 -6.39 82.96
C SER D 834 -35.80 -7.01 83.78
N VAL D 835 -36.54 -7.96 83.22
CA VAL D 835 -37.55 -8.66 84.01
C VAL D 835 -36.88 -9.56 85.03
N PHE D 836 -35.70 -10.09 84.70
CA PHE D 836 -34.95 -10.93 85.63
C PHE D 836 -34.47 -10.13 86.84
N VAL D 837 -33.93 -8.94 86.61
CA VAL D 837 -33.45 -8.12 87.72
C VAL D 837 -34.62 -7.47 88.46
N ALA D 838 -35.79 -7.38 87.83
CA ALA D 838 -36.97 -6.85 88.53
C ALA D 838 -37.49 -7.83 89.57
N VAL D 839 -37.42 -9.13 89.27
CA VAL D 839 -37.82 -10.14 90.24
C VAL D 839 -36.80 -10.22 91.36
N GLY D 840 -35.51 -10.09 91.03
CA GLY D 840 -34.47 -10.18 92.04
C GLY D 840 -34.48 -9.04 93.03
N GLU D 841 -34.95 -7.86 92.61
CA GLU D 841 -35.16 -6.79 93.56
C GLU D 841 -36.45 -6.98 94.36
N PHE D 842 -37.46 -7.58 93.73
CA PHE D 842 -38.68 -7.93 94.45
C PHE D 842 -38.40 -8.99 95.52
N LEU D 843 -37.55 -9.96 95.20
CA LEU D 843 -37.16 -10.96 96.19
C LEU D 843 -36.15 -10.42 97.20
N TYR D 844 -35.56 -9.25 96.92
CA TYR D 844 -34.64 -8.65 97.89
C TYR D 844 -35.39 -7.89 98.96
N LYS D 845 -36.48 -7.20 98.60
CA LYS D 845 -37.34 -6.63 99.62
C LYS D 845 -38.19 -7.67 100.34
N SER D 846 -38.30 -8.88 99.78
CA SER D 846 -38.83 -9.98 100.57
C SER D 846 -37.75 -10.57 101.48
N LYS D 847 -36.48 -10.23 101.23
CA LYS D 847 -35.39 -10.75 102.03
C LYS D 847 -35.06 -9.83 103.21
N LYS D 848 -35.11 -8.51 103.01
CA LYS D 848 -34.92 -7.62 104.14
C LYS D 848 -36.14 -7.57 105.03
N ASN D 849 -37.32 -7.90 104.50
CA ASN D 849 -38.49 -8.06 105.34
C ASN D 849 -38.64 -9.49 105.86
N ALA D 850 -37.70 -10.38 105.51
CA ALA D 850 -37.75 -11.75 106.02
C ALA D 850 -37.37 -11.81 107.49
N GLN D 851 -36.63 -10.81 107.98
CA GLN D 851 -36.34 -10.71 109.39
C GLN D 851 -37.48 -10.07 110.18
N LEU D 852 -38.56 -9.67 109.51
CA LEU D 852 -39.65 -8.99 110.21
C LEU D 852 -40.77 -9.97 110.58
N GLU D 853 -41.40 -10.59 109.59
CA GLU D 853 -42.62 -11.36 109.84
C GLU D 853 -42.49 -12.84 109.53
N LYS D 854 -42.18 -13.21 108.29
CA LYS D 854 -42.12 -14.61 107.86
C LYS D 854 -40.92 -14.74 106.93
N ARG D 855 -40.82 -15.85 106.20
CA ARG D 855 -39.66 -16.03 105.33
C ARG D 855 -39.90 -15.45 103.93
N SER D 856 -40.95 -15.87 103.24
CA SER D 856 -41.24 -15.32 101.92
C SER D 856 -42.64 -14.73 101.81
N PHE D 857 -43.65 -15.51 102.23
CA PHE D 857 -45.03 -15.25 101.83
C PHE D 857 -45.65 -14.05 102.55
N CYS D 858 -45.02 -13.55 103.61
CA CYS D 858 -45.50 -12.33 104.24
C CYS D 858 -45.22 -11.13 103.33
N SER D 859 -43.95 -10.88 103.05
CA SER D 859 -43.57 -9.76 102.21
C SER D 859 -43.89 -9.97 100.73
N ALA D 860 -44.09 -11.22 100.30
CA ALA D 860 -44.50 -11.46 98.92
C ALA D 860 -45.93 -11.03 98.70
N MET D 861 -46.86 -11.64 99.45
CA MET D 861 -48.29 -11.49 99.19
C MET D 861 -48.78 -10.06 99.46
N VAL D 862 -48.19 -9.39 100.44
CA VAL D 862 -48.50 -7.97 100.68
C VAL D 862 -48.00 -7.12 99.52
N GLU D 863 -46.82 -7.43 98.98
CA GLU D 863 -46.31 -6.68 97.85
C GLU D 863 -46.71 -7.27 96.49
N GLU D 864 -47.26 -8.48 96.46
CA GLU D 864 -47.98 -8.91 95.27
C GLU D 864 -49.33 -8.22 95.14
N LEU D 865 -49.90 -7.74 96.24
CA LEU D 865 -51.08 -6.88 96.15
C LEU D 865 -50.72 -5.53 95.54
N ARG D 866 -49.47 -5.09 95.72
CA ARG D 866 -49.05 -3.77 95.27
C ARG D 866 -49.10 -3.64 93.75
N MET D 867 -48.88 -4.74 93.04
CA MET D 867 -49.11 -4.74 91.59
C MET D 867 -50.60 -4.77 91.29
N SER D 868 -51.42 -5.29 92.20
CA SER D 868 -52.84 -5.44 91.95
C SER D 868 -53.68 -4.27 92.45
N LEU D 869 -53.17 -3.44 93.35
CA LEU D 869 -53.85 -2.21 93.74
C LEU D 869 -54.02 -1.22 92.59
N LYS D 870 -52.90 -0.68 92.08
CA LYS D 870 -52.79 0.24 90.94
C LYS D 870 -53.46 1.60 91.14
N CYS D 871 -54.14 1.82 92.26
CA CYS D 871 -54.81 3.09 92.56
C CYS D 871 -54.48 3.60 93.95
N GLN D 872 -54.40 2.73 94.94
CA GLN D 872 -54.13 3.14 96.30
C GLN D 872 -52.63 3.19 96.54
N ARG D 873 -52.19 4.25 97.24
CA ARG D 873 -50.77 4.54 97.39
C ARG D 873 -50.12 3.62 98.41
N ARG D 874 -50.58 3.67 99.66
CA ARG D 874 -50.04 2.84 100.73
C ARG D 874 -51.02 2.73 101.89
N ALA E 1 -26.02 -22.00 -25.75
CA ALA E 1 -27.34 -21.97 -26.35
C ALA E 1 -28.39 -22.39 -25.35
N ASP E 2 -29.49 -21.64 -25.29
CA ASP E 2 -30.60 -21.93 -24.40
C ASP E 2 -31.31 -23.21 -24.84
N THR E 3 -31.70 -24.01 -23.86
CA THR E 3 -32.42 -25.25 -24.12
C THR E 3 -33.85 -24.90 -24.51
N ILE E 4 -34.32 -25.45 -25.62
CA ILE E 4 -35.60 -24.99 -26.17
C ILE E 4 -36.28 -26.09 -26.97
N VAL E 5 -37.59 -26.24 -26.76
CA VAL E 5 -38.41 -27.25 -27.40
C VAL E 5 -39.59 -26.57 -28.05
N ALA E 6 -39.70 -26.71 -29.37
CA ALA E 6 -40.65 -25.89 -30.11
C ALA E 6 -41.44 -26.74 -31.08
N VAL E 7 -42.55 -26.16 -31.55
CA VAL E 7 -43.41 -26.77 -32.56
C VAL E 7 -43.37 -25.84 -33.75
N GLU E 8 -42.52 -26.14 -34.72
CA GLU E 8 -42.42 -25.31 -35.91
C GLU E 8 -43.63 -25.55 -36.80
N LEU E 9 -44.37 -24.47 -37.08
CA LEU E 9 -45.39 -24.50 -38.12
C LEU E 9 -44.80 -23.94 -39.41
N ASP E 10 -43.76 -24.63 -39.86
CA ASP E 10 -42.86 -24.12 -40.88
C ASP E 10 -43.57 -23.99 -42.22
N THR E 11 -43.64 -22.75 -42.71
CA THR E 11 -44.27 -22.43 -43.99
C THR E 11 -43.28 -22.40 -45.13
N TYR E 12 -42.07 -22.90 -44.93
CA TYR E 12 -41.09 -22.90 -45.99
C TYR E 12 -40.24 -24.16 -45.93
N PRO E 13 -40.08 -24.88 -47.04
CA PRO E 13 -39.20 -26.06 -47.06
C PRO E 13 -37.76 -25.63 -46.91
N ASN E 14 -37.04 -26.29 -46.01
CA ASN E 14 -35.62 -26.02 -45.78
C ASN E 14 -34.89 -27.35 -45.91
N THR E 15 -34.57 -27.70 -47.15
CA THR E 15 -34.02 -29.02 -47.42
C THR E 15 -32.58 -29.14 -46.96
N ASP E 16 -31.89 -28.01 -46.78
CA ASP E 16 -30.50 -28.05 -46.32
C ASP E 16 -30.41 -28.48 -44.85
N ILE E 17 -31.44 -28.20 -44.07
CA ILE E 17 -31.38 -28.48 -42.64
C ILE E 17 -32.44 -29.48 -42.17
N GLY E 18 -33.00 -30.28 -43.07
CA GLY E 18 -33.80 -31.40 -42.64
C GLY E 18 -35.30 -31.20 -42.70
N ASP E 19 -35.75 -29.98 -42.91
CA ASP E 19 -37.15 -29.74 -43.18
C ASP E 19 -37.54 -30.40 -44.51
N PRO E 20 -38.71 -31.02 -44.57
CA PRO E 20 -39.09 -31.75 -45.79
C PRO E 20 -39.44 -30.84 -46.95
N SER E 21 -39.73 -31.45 -48.10
CA SER E 21 -40.02 -30.71 -49.32
C SER E 21 -41.36 -29.99 -49.26
N TYR E 22 -42.19 -30.34 -48.41
CA TYR E 22 -43.48 -29.73 -48.20
C TYR E 22 -43.46 -28.83 -46.97
N PRO E 23 -44.27 -27.78 -46.92
CA PRO E 23 -44.43 -27.03 -45.67
C PRO E 23 -45.10 -27.91 -44.64
N HIS E 24 -44.73 -27.74 -43.38
CA HIS E 24 -45.02 -28.78 -42.41
C HIS E 24 -45.18 -28.24 -41.00
N ILE E 25 -46.00 -28.91 -40.21
CA ILE E 25 -45.92 -28.84 -38.76
C ILE E 25 -44.73 -29.69 -38.36
N GLY E 26 -44.03 -29.28 -37.30
CA GLY E 26 -42.88 -30.01 -36.82
C GLY E 26 -42.89 -30.13 -35.31
N ILE E 27 -41.71 -30.51 -34.79
CA ILE E 27 -41.45 -30.65 -33.38
C ILE E 27 -39.94 -30.64 -33.19
N ASP E 28 -39.48 -30.05 -32.10
CA ASP E 28 -38.06 -29.76 -31.93
C ASP E 28 -37.62 -30.15 -30.53
N ILE E 29 -36.47 -30.82 -30.43
CA ILE E 29 -35.82 -31.07 -29.14
C ILE E 29 -34.40 -30.55 -29.29
N LYS E 30 -34.20 -29.27 -28.96
CA LYS E 30 -32.92 -28.55 -29.07
C LYS E 30 -32.32 -28.66 -30.48
N SER E 31 -33.18 -28.60 -31.50
CA SER E 31 -32.75 -28.92 -32.86
C SER E 31 -33.73 -28.35 -33.85
N VAL E 32 -33.21 -27.62 -34.85
CA VAL E 32 -34.07 -27.24 -35.95
C VAL E 32 -34.24 -28.42 -36.90
N ARG E 33 -33.39 -29.43 -36.79
CA ARG E 33 -33.61 -30.71 -37.45
C ARG E 33 -34.68 -31.44 -36.65
N SER E 34 -35.88 -31.53 -37.22
CA SER E 34 -37.05 -31.95 -36.47
C SER E 34 -37.03 -33.45 -36.20
N LYS E 35 -37.59 -33.82 -35.05
CA LYS E 35 -37.82 -35.23 -34.75
C LYS E 35 -38.88 -35.81 -35.70
N LYS E 36 -40.08 -35.24 -35.69
CA LYS E 36 -41.20 -35.72 -36.47
C LYS E 36 -41.89 -34.56 -37.19
N THR E 37 -42.25 -34.80 -38.44
CA THR E 37 -42.96 -33.81 -39.24
C THR E 37 -44.23 -34.45 -39.80
N ALA E 38 -45.07 -33.62 -40.41
CA ALA E 38 -46.29 -34.06 -41.07
C ALA E 38 -46.70 -32.96 -42.04
N LYS E 39 -47.44 -33.34 -43.08
CA LYS E 39 -47.86 -32.40 -44.11
C LYS E 39 -48.91 -31.45 -43.57
N TRP E 40 -48.69 -30.16 -43.81
CA TRP E 40 -49.64 -29.14 -43.42
C TRP E 40 -50.08 -28.40 -44.67
N ASN E 41 -51.37 -28.05 -44.73
CA ASN E 41 -51.93 -27.59 -45.99
C ASN E 41 -51.53 -26.16 -46.34
N MET E 42 -51.34 -25.30 -45.33
CA MET E 42 -50.82 -23.93 -45.47
C MET E 42 -51.71 -23.09 -46.40
N GLN E 43 -52.92 -22.82 -45.93
CA GLN E 43 -53.81 -21.98 -46.69
C GLN E 43 -53.37 -20.51 -46.63
N ASN E 44 -54.08 -19.66 -47.37
CA ASN E 44 -53.78 -18.24 -47.45
C ASN E 44 -54.29 -17.53 -46.19
N GLY E 45 -54.48 -16.21 -46.27
CA GLY E 45 -54.99 -15.47 -45.14
C GLY E 45 -56.34 -15.96 -44.66
N LYS E 46 -56.27 -16.76 -43.60
CA LYS E 46 -57.36 -17.47 -42.96
C LYS E 46 -56.97 -17.62 -41.50
N VAL E 47 -57.63 -18.51 -40.77
CA VAL E 47 -57.49 -18.45 -39.31
C VAL E 47 -57.29 -19.81 -38.64
N GLY E 48 -56.05 -20.10 -38.29
CA GLY E 48 -55.69 -20.39 -36.92
C GLY E 48 -55.58 -21.60 -36.01
N THR E 49 -56.60 -22.44 -35.89
CA THR E 49 -56.81 -23.21 -34.67
C THR E 49 -55.74 -24.28 -34.50
N ALA E 50 -54.76 -23.99 -33.63
CA ALA E 50 -53.69 -24.90 -33.27
C ALA E 50 -53.82 -25.25 -31.80
N HIS E 51 -53.18 -26.35 -31.41
CA HIS E 51 -53.42 -26.94 -30.09
C HIS E 51 -52.32 -27.94 -29.79
N ILE E 52 -51.69 -27.82 -28.62
CA ILE E 52 -50.48 -28.57 -28.29
C ILE E 52 -50.64 -29.12 -26.87
N ILE E 53 -50.49 -30.45 -26.70
CA ILE E 53 -50.59 -31.03 -25.37
C ILE E 53 -49.42 -31.99 -25.13
N TYR E 54 -49.21 -32.29 -23.83
CA TYR E 54 -48.25 -33.31 -23.39
C TYR E 54 -48.75 -33.86 -22.05
N ASN E 55 -49.47 -34.97 -22.11
CA ASN E 55 -50.00 -35.62 -20.92
C ASN E 55 -49.13 -36.83 -20.57
N SER E 56 -48.49 -36.78 -19.41
CA SER E 56 -47.59 -37.86 -19.00
C SER E 56 -48.32 -39.07 -18.47
N VAL E 57 -49.64 -39.10 -18.52
CA VAL E 57 -50.37 -40.36 -18.45
C VAL E 57 -50.17 -41.15 -19.75
N ASP E 58 -49.83 -40.46 -20.85
CA ASP E 58 -49.48 -41.10 -22.10
C ASP E 58 -48.12 -40.67 -22.62
N LYS E 59 -47.49 -39.66 -21.98
CA LYS E 59 -46.18 -39.05 -22.28
C LYS E 59 -45.95 -38.74 -23.77
N ARG E 60 -47.02 -38.52 -24.51
CA ARG E 60 -46.93 -38.13 -25.91
C ARG E 60 -46.99 -36.62 -26.00
N LEU E 61 -46.00 -36.03 -26.66
CA LEU E 61 -46.00 -34.59 -26.93
C LEU E 61 -46.70 -34.41 -28.27
N SER E 62 -47.94 -33.98 -28.22
CA SER E 62 -48.76 -33.90 -29.42
C SER E 62 -48.93 -32.45 -29.85
N ALA E 63 -49.32 -32.29 -31.11
CA ALA E 63 -49.63 -30.97 -31.65
C ALA E 63 -50.55 -31.16 -32.83
N VAL E 64 -51.64 -30.40 -32.87
CA VAL E 64 -52.59 -30.45 -33.97
C VAL E 64 -52.84 -29.03 -34.46
N VAL E 65 -53.08 -28.89 -35.76
CA VAL E 65 -53.41 -27.61 -36.39
C VAL E 65 -54.58 -27.88 -37.32
N SER E 66 -55.59 -27.02 -37.28
CA SER E 66 -56.72 -27.16 -38.19
C SER E 66 -57.27 -25.79 -38.53
N TYR E 67 -57.31 -25.48 -39.82
CA TYR E 67 -58.20 -24.44 -40.30
C TYR E 67 -59.65 -24.91 -40.14
N PRO E 68 -60.62 -24.00 -40.17
CA PRO E 68 -61.99 -24.43 -40.48
C PRO E 68 -62.03 -25.01 -41.88
N ASN E 69 -62.88 -26.02 -42.07
CA ASN E 69 -63.06 -26.89 -43.23
C ASN E 69 -61.77 -27.51 -43.76
N ALA E 70 -60.80 -27.73 -42.88
CA ALA E 70 -59.57 -28.43 -43.22
C ALA E 70 -59.33 -29.54 -42.20
N ASP E 71 -58.29 -30.32 -42.46
CA ASP E 71 -57.99 -31.50 -41.66
C ASP E 71 -57.11 -31.13 -40.46
N SER E 72 -56.57 -32.14 -39.79
CA SER E 72 -55.78 -31.96 -38.58
C SER E 72 -54.48 -32.73 -38.74
N ALA E 73 -53.37 -32.09 -38.37
CA ALA E 73 -52.03 -32.66 -38.55
C ALA E 73 -51.49 -33.14 -37.21
N THR E 74 -51.82 -34.37 -36.83
CA THR E 74 -51.30 -34.95 -35.61
C THR E 74 -49.84 -35.33 -35.82
N VAL E 75 -48.94 -34.73 -35.03
CA VAL E 75 -47.51 -34.87 -35.26
C VAL E 75 -46.86 -35.35 -33.97
N SER E 76 -47.63 -36.12 -33.19
CA SER E 76 -47.29 -36.53 -31.83
C SER E 76 -46.01 -37.38 -31.81
N TYR E 77 -44.99 -36.90 -31.11
CA TYR E 77 -43.77 -37.65 -30.88
C TYR E 77 -43.58 -37.89 -29.40
N ASP E 78 -43.44 -39.16 -29.03
CA ASP E 78 -43.06 -39.51 -27.67
C ASP E 78 -41.65 -39.03 -27.38
N VAL E 79 -41.55 -38.11 -26.42
CA VAL E 79 -40.26 -37.64 -25.93
C VAL E 79 -40.38 -37.48 -24.43
N ASP E 80 -39.31 -37.78 -23.72
CA ASP E 80 -39.28 -37.72 -22.26
C ASP E 80 -38.91 -36.30 -21.88
N LEU E 81 -39.90 -35.54 -21.38
CA LEU E 81 -39.68 -34.18 -20.88
C LEU E 81 -39.02 -34.15 -19.51
N ASP E 82 -38.61 -35.29 -19.00
CA ASP E 82 -37.86 -35.38 -17.75
C ASP E 82 -36.57 -34.57 -17.84
N ASN E 83 -35.71 -34.93 -18.78
CA ASN E 83 -34.34 -34.45 -18.79
C ASN E 83 -34.03 -33.50 -19.95
N VAL E 84 -34.95 -33.30 -20.88
CA VAL E 84 -34.64 -32.56 -22.11
C VAL E 84 -34.91 -31.08 -21.98
N LEU E 85 -35.33 -30.60 -20.82
CA LEU E 85 -35.86 -29.25 -20.68
C LEU E 85 -35.93 -28.87 -19.20
N PRO E 86 -35.46 -27.67 -18.81
CA PRO E 86 -35.20 -27.36 -17.39
C PRO E 86 -36.40 -27.35 -16.46
N GLU E 87 -36.13 -27.12 -15.16
CA GLU E 87 -37.20 -27.07 -14.17
C GLU E 87 -38.15 -25.92 -14.42
N TRP E 88 -37.62 -24.73 -14.67
CA TRP E 88 -38.43 -23.54 -14.84
C TRP E 88 -38.22 -23.01 -16.24
N VAL E 89 -39.32 -22.72 -16.92
CA VAL E 89 -39.29 -22.38 -18.33
C VAL E 89 -39.91 -21.01 -18.51
N ARG E 90 -40.02 -20.57 -19.75
CA ARG E 90 -40.74 -19.33 -20.05
C ARG E 90 -41.33 -19.50 -21.44
N VAL E 91 -42.57 -19.98 -21.49
CA VAL E 91 -43.19 -20.31 -22.77
C VAL E 91 -43.57 -19.04 -23.51
N GLY E 92 -43.88 -19.20 -24.79
CA GLY E 92 -44.25 -18.05 -25.60
C GLY E 92 -44.33 -18.42 -27.06
N LEU E 93 -44.37 -17.40 -27.89
CA LEU E 93 -44.57 -17.54 -29.32
C LEU E 93 -43.35 -17.03 -30.05
N SER E 94 -43.13 -17.56 -31.25
CA SER E 94 -41.98 -17.15 -32.04
C SER E 94 -42.37 -17.20 -33.51
N ALA E 95 -41.96 -16.20 -34.27
CA ALA E 95 -42.24 -16.12 -35.68
C ALA E 95 -41.19 -15.27 -36.35
N SER E 96 -40.95 -15.54 -37.63
CA SER E 96 -39.88 -14.87 -38.36
C SER E 96 -40.14 -15.01 -39.85
N THR E 97 -39.34 -14.29 -40.63
CA THR E 97 -39.36 -14.43 -42.07
C THR E 97 -37.96 -14.10 -42.57
N GLY E 98 -37.69 -14.42 -43.84
CA GLY E 98 -36.45 -13.98 -44.43
C GLY E 98 -36.33 -14.30 -45.91
N LEU E 99 -36.06 -13.24 -46.70
CA LEU E 99 -35.92 -13.16 -48.15
C LEU E 99 -37.24 -13.46 -48.90
N TYR E 100 -38.21 -14.04 -48.21
CA TYR E 100 -39.60 -14.11 -48.61
C TYR E 100 -40.39 -13.53 -47.45
N LYS E 101 -41.49 -12.88 -47.78
CA LYS E 101 -42.31 -12.21 -46.78
C LYS E 101 -43.52 -13.08 -46.46
N GLU E 102 -43.99 -12.97 -45.23
CA GLU E 102 -45.30 -13.50 -44.86
C GLU E 102 -45.77 -12.79 -43.61
N THR E 103 -47.09 -12.75 -43.45
CA THR E 103 -47.69 -12.21 -42.24
C THR E 103 -47.79 -13.31 -41.19
N ASN E 104 -47.46 -12.98 -39.95
CA ASN E 104 -47.50 -13.98 -38.89
C ASN E 104 -48.35 -13.51 -37.74
N THR E 105 -49.54 -13.00 -38.03
CA THR E 105 -50.41 -12.43 -37.01
C THR E 105 -50.98 -13.52 -36.11
N ILE E 106 -50.66 -13.45 -34.84
CA ILE E 106 -51.38 -14.21 -33.82
C ILE E 106 -52.51 -13.33 -33.35
N LEU E 107 -53.70 -13.90 -33.17
CA LEU E 107 -54.82 -13.10 -32.74
C LEU E 107 -55.48 -13.59 -31.45
N SER E 108 -55.08 -14.75 -30.93
CA SER E 108 -55.48 -15.21 -29.62
C SER E 108 -54.51 -16.29 -29.17
N TRP E 109 -54.32 -16.38 -27.86
CA TRP E 109 -53.39 -17.37 -27.34
C TRP E 109 -53.77 -17.76 -25.93
N SER E 110 -53.64 -19.05 -25.63
CA SER E 110 -53.91 -19.55 -24.30
C SER E 110 -52.79 -20.49 -23.87
N PHE E 111 -52.97 -21.05 -22.67
CA PHE E 111 -52.03 -21.98 -22.04
C PHE E 111 -52.71 -22.51 -20.79
N THR E 112 -52.45 -23.78 -20.46
CA THR E 112 -53.04 -24.37 -19.25
C THR E 112 -52.14 -25.53 -18.81
N SER E 113 -51.34 -25.31 -17.78
CA SER E 113 -50.52 -26.36 -17.20
C SER E 113 -51.19 -26.93 -15.95
N LYS E 114 -50.92 -28.20 -15.65
CA LYS E 114 -51.49 -28.86 -14.45
C LYS E 114 -50.46 -29.89 -13.95
N LEU E 115 -49.69 -29.49 -12.94
CA LEU E 115 -48.58 -30.31 -12.45
C LEU E 115 -48.71 -30.58 -10.94
N LYS E 116 -49.38 -31.69 -10.62
CA LYS E 116 -49.09 -32.63 -9.52
C LYS E 116 -48.45 -32.03 -8.27
N SER E 117 -49.19 -31.20 -7.55
CA SER E 117 -48.80 -30.90 -6.19
C SER E 117 -48.76 -32.21 -5.41
N ASN E 118 -49.85 -32.95 -5.49
CA ASN E 118 -49.94 -34.34 -5.09
C ASN E 118 -51.15 -34.87 -5.84
N SER E 119 -50.94 -35.86 -6.72
CA SER E 119 -51.71 -36.10 -7.95
C SER E 119 -53.22 -35.76 -7.98
N THR E 120 -53.92 -36.12 -6.91
CA THR E 120 -55.31 -35.73 -6.71
C THR E 120 -55.44 -34.35 -6.07
N HIS E 121 -54.60 -34.04 -5.09
CA HIS E 121 -54.74 -32.86 -4.24
C HIS E 121 -54.35 -31.58 -4.98
N GLU E 122 -55.25 -31.17 -5.88
CA GLU E 122 -55.41 -29.77 -6.34
C GLU E 122 -54.13 -29.23 -6.99
N THR E 123 -53.85 -29.76 -8.19
CA THR E 123 -52.65 -29.43 -8.94
C THR E 123 -52.64 -27.96 -9.36
N ASN E 124 -51.45 -27.46 -9.69
CA ASN E 124 -51.23 -26.04 -9.95
C ASN E 124 -51.72 -25.70 -11.36
N ALA E 125 -51.84 -24.41 -11.66
CA ALA E 125 -52.29 -23.99 -12.99
C ALA E 125 -51.70 -22.66 -13.39
N LEU E 126 -51.75 -22.37 -14.69
CA LEU E 126 -51.39 -21.04 -15.19
C LEU E 126 -52.31 -20.67 -16.36
N HIS E 127 -53.61 -20.85 -16.20
CA HIS E 127 -54.53 -20.62 -17.31
C HIS E 127 -54.66 -19.14 -17.63
N PHE E 128 -54.38 -18.77 -18.89
CA PHE E 128 -54.69 -17.45 -19.41
C PHE E 128 -55.27 -17.59 -20.81
N MET E 129 -55.94 -16.53 -21.28
CA MET E 129 -56.73 -16.59 -22.51
C MET E 129 -56.67 -15.26 -23.30
N PHE E 130 -55.48 -14.86 -23.77
CA PHE E 130 -55.32 -13.53 -24.37
C PHE E 130 -56.07 -13.33 -25.68
N ASN E 131 -57.37 -13.10 -25.61
CA ASN E 131 -58.14 -12.79 -26.81
C ASN E 131 -58.08 -11.32 -27.19
N GLN E 132 -57.51 -10.48 -26.32
CA GLN E 132 -57.62 -9.04 -26.46
C GLN E 132 -56.25 -8.41 -26.22
N PHE E 133 -55.26 -8.84 -27.01
CA PHE E 133 -53.96 -8.18 -27.09
C PHE E 133 -54.12 -6.67 -27.24
N SER E 134 -53.64 -5.93 -26.25
CA SER E 134 -53.86 -4.49 -26.20
C SER E 134 -52.68 -3.77 -26.85
N LYS E 135 -52.70 -2.44 -26.80
CA LYS E 135 -51.61 -1.65 -27.38
C LYS E 135 -50.41 -1.64 -26.46
N ASP E 136 -50.63 -1.81 -25.16
CA ASP E 136 -49.59 -1.72 -24.14
C ASP E 136 -49.68 -2.93 -23.22
N GLN E 137 -49.70 -4.12 -23.81
CA GLN E 137 -49.86 -5.37 -23.09
C GLN E 137 -48.62 -5.67 -22.26
N LYS E 138 -48.64 -5.30 -20.98
CA LYS E 138 -47.45 -5.36 -20.14
C LYS E 138 -47.30 -6.66 -19.37
N ASP E 139 -47.90 -7.75 -19.85
CA ASP E 139 -47.54 -9.07 -19.38
C ASP E 139 -47.00 -9.94 -20.51
N LEU E 140 -46.40 -9.32 -21.51
CA LEU E 140 -45.66 -10.02 -22.54
C LEU E 140 -44.24 -9.45 -22.55
N ILE E 141 -43.27 -10.32 -22.81
CA ILE E 141 -41.87 -9.93 -22.81
C ILE E 141 -41.42 -9.99 -24.26
N LEU E 142 -42.29 -9.52 -25.16
CA LEU E 142 -42.09 -9.57 -26.61
C LEU E 142 -40.74 -9.01 -27.03
N GLN E 143 -39.91 -9.88 -27.60
CA GLN E 143 -38.52 -9.59 -27.89
C GLN E 143 -38.34 -9.28 -29.38
N GLY E 144 -37.09 -9.04 -29.77
CA GLY E 144 -36.76 -8.87 -31.17
C GLY E 144 -37.37 -7.62 -31.77
N ASP E 145 -38.16 -7.82 -32.83
CA ASP E 145 -38.90 -6.76 -33.49
C ASP E 145 -40.38 -7.08 -33.51
N ALA E 146 -40.86 -7.73 -32.46
CA ALA E 146 -42.27 -8.05 -32.34
C ALA E 146 -43.08 -6.80 -32.05
N THR E 147 -44.24 -6.72 -32.68
CA THR E 147 -45.15 -5.60 -32.47
C THR E 147 -46.47 -6.14 -31.95
N THR E 148 -47.31 -5.22 -31.47
CA THR E 148 -48.59 -5.56 -30.90
C THR E 148 -49.52 -4.36 -31.02
N GLY E 149 -50.78 -4.57 -30.66
CA GLY E 149 -51.74 -3.49 -30.64
C GLY E 149 -52.25 -3.10 -32.01
N THR E 150 -52.83 -1.89 -32.06
CA THR E 150 -53.41 -1.16 -33.19
C THR E 150 -54.74 -1.77 -33.66
N ASP E 151 -55.08 -2.95 -33.11
CA ASP E 151 -56.25 -3.76 -33.36
C ASP E 151 -56.25 -4.82 -32.25
N GLY E 152 -57.12 -5.81 -32.32
CA GLY E 152 -56.86 -6.97 -31.50
C GLY E 152 -56.04 -7.97 -32.27
N ASN E 153 -54.72 -7.87 -32.17
CA ASN E 153 -53.78 -8.67 -32.95
C ASN E 153 -52.45 -8.69 -32.22
N LEU E 154 -51.69 -9.77 -32.38
CA LEU E 154 -50.28 -9.81 -31.99
C LEU E 154 -49.45 -10.03 -33.26
N GLU E 155 -48.85 -8.95 -33.73
CA GLU E 155 -48.16 -8.94 -35.02
C GLU E 155 -46.70 -9.31 -34.80
N LEU E 156 -46.34 -10.56 -35.06
CA LEU E 156 -44.95 -10.96 -34.85
C LEU E 156 -44.11 -10.80 -36.10
N THR E 157 -44.27 -9.64 -36.76
CA THR E 157 -43.48 -9.17 -37.88
C THR E 157 -43.50 -7.66 -37.84
N ARG E 158 -42.48 -7.03 -38.38
CA ARG E 158 -42.56 -5.60 -38.63
C ARG E 158 -43.51 -5.38 -39.80
N VAL E 159 -44.72 -4.92 -39.48
CA VAL E 159 -45.88 -5.03 -40.37
C VAL E 159 -46.36 -3.62 -40.67
N SER E 160 -47.46 -3.50 -41.42
CA SER E 160 -48.17 -2.29 -41.89
C SER E 160 -47.44 -1.64 -43.07
N SER E 161 -46.69 -2.42 -43.85
CA SER E 161 -46.29 -2.00 -45.19
C SER E 161 -47.28 -2.56 -46.20
N ASN E 162 -48.55 -2.16 -45.99
CA ASN E 162 -49.74 -2.71 -46.64
C ASN E 162 -49.81 -4.23 -46.49
N GLY E 163 -49.45 -4.71 -45.30
CA GLY E 163 -49.47 -6.13 -45.03
C GLY E 163 -48.39 -6.93 -45.71
N SER E 164 -47.39 -6.25 -46.30
CA SER E 164 -46.21 -6.88 -46.87
C SER E 164 -45.09 -6.72 -45.85
N PRO E 165 -44.89 -7.71 -44.99
CA PRO E 165 -44.34 -7.41 -43.66
C PRO E 165 -42.83 -7.30 -43.54
N GLN E 166 -42.19 -6.62 -44.50
CA GLN E 166 -40.82 -6.11 -44.37
C GLN E 166 -39.82 -7.23 -44.06
N GLY E 167 -39.59 -8.06 -45.08
CA GLY E 167 -38.82 -9.29 -45.01
C GLY E 167 -37.49 -9.27 -44.27
N SER E 168 -37.08 -10.44 -43.80
CA SER E 168 -36.06 -10.63 -42.76
C SER E 168 -36.44 -9.87 -41.49
N SER E 169 -37.68 -10.08 -41.06
CA SER E 169 -38.20 -9.64 -39.78
C SER E 169 -38.36 -10.84 -38.86
N VAL E 170 -38.34 -10.57 -37.56
CA VAL E 170 -38.40 -11.62 -36.55
C VAL E 170 -38.94 -11.00 -35.26
N GLY E 171 -39.84 -11.71 -34.57
CA GLY E 171 -40.34 -11.23 -33.31
C GLY E 171 -40.92 -12.31 -32.43
N ARG E 172 -40.46 -12.39 -31.18
CA ARG E 172 -40.88 -13.41 -30.23
C ARG E 172 -41.91 -12.81 -29.28
N ALA E 173 -42.67 -13.68 -28.62
CA ALA E 173 -43.78 -13.24 -27.77
C ALA E 173 -43.83 -14.02 -26.46
N LEU E 174 -42.71 -14.05 -25.74
CA LEU E 174 -42.58 -14.79 -24.49
C LEU E 174 -43.59 -14.33 -23.44
N PHE E 175 -44.25 -15.28 -22.80
CA PHE E 175 -45.14 -14.97 -21.69
C PHE E 175 -44.32 -14.63 -20.45
N TYR E 176 -44.93 -13.88 -19.54
CA TYR E 176 -44.21 -13.22 -18.47
C TYR E 176 -43.81 -14.13 -17.32
N ALA E 177 -44.48 -15.28 -17.11
CA ALA E 177 -44.30 -16.00 -15.86
C ALA E 177 -43.73 -17.40 -16.06
N PRO E 178 -42.92 -17.89 -15.12
CA PRO E 178 -42.33 -19.22 -15.25
C PRO E 178 -43.30 -20.34 -14.86
N VAL E 179 -42.95 -21.56 -15.31
CA VAL E 179 -43.75 -22.76 -15.10
C VAL E 179 -42.83 -23.85 -14.56
N HIS E 180 -43.30 -24.59 -13.55
CA HIS E 180 -42.55 -25.72 -12.99
C HIS E 180 -42.74 -26.98 -13.82
N ILE E 181 -41.65 -27.64 -14.23
CA ILE E 181 -41.78 -28.84 -15.05
C ILE E 181 -41.01 -30.08 -14.57
N TRP E 182 -39.67 -29.97 -14.38
CA TRP E 182 -38.68 -31.00 -14.77
C TRP E 182 -39.05 -32.46 -14.53
N GLU E 183 -38.99 -32.94 -13.29
CA GLU E 183 -39.92 -33.97 -12.85
C GLU E 183 -40.41 -33.66 -11.44
N SER E 184 -39.55 -33.97 -10.46
CA SER E 184 -39.48 -33.58 -9.04
C SER E 184 -40.74 -33.82 -8.20
N SER E 185 -41.89 -33.85 -8.86
CA SER E 185 -43.22 -34.04 -8.32
C SER E 185 -44.07 -34.57 -9.48
N ALA E 186 -43.73 -35.75 -10.01
CA ALA E 186 -43.61 -36.10 -11.44
C ALA E 186 -44.62 -35.60 -12.50
N VAL E 187 -44.23 -35.84 -13.76
CA VAL E 187 -44.17 -34.88 -14.85
C VAL E 187 -45.48 -34.81 -15.65
N VAL E 188 -46.61 -34.97 -14.97
CA VAL E 188 -47.94 -34.96 -15.58
C VAL E 188 -48.41 -33.57 -16.03
N ALA E 189 -47.48 -32.61 -16.13
CA ALA E 189 -47.78 -31.21 -16.42
C ALA E 189 -48.34 -31.09 -17.83
N SER E 190 -49.64 -31.36 -17.93
CA SER E 190 -50.35 -31.40 -19.20
C SER E 190 -50.57 -29.98 -19.69
N PHE E 191 -49.51 -29.38 -20.22
CA PHE E 191 -49.61 -28.03 -20.71
C PHE E 191 -50.37 -28.00 -22.03
N GLU E 192 -51.37 -27.13 -22.10
CA GLU E 192 -52.21 -26.98 -23.27
C GLU E 192 -51.82 -25.68 -23.95
N ALA E 193 -52.24 -25.51 -25.20
CA ALA E 193 -52.15 -24.22 -25.86
C ALA E 193 -53.29 -24.11 -26.86
N THR E 194 -53.59 -22.88 -27.25
CA THR E 194 -54.50 -22.62 -28.36
C THR E 194 -53.93 -21.42 -29.07
N PHE E 195 -53.71 -21.55 -30.37
CA PHE E 195 -52.70 -20.77 -31.06
C PHE E 195 -53.25 -20.25 -32.39
N THR E 196 -54.40 -19.58 -32.32
CA THR E 196 -55.05 -19.09 -33.52
C THR E 196 -54.23 -18.01 -34.21
N PHE E 197 -53.62 -18.37 -35.34
CA PHE E 197 -52.77 -17.49 -36.12
C PHE E 197 -53.53 -16.93 -37.31
N LEU E 198 -52.87 -16.06 -38.06
CA LEU E 198 -53.31 -15.64 -39.38
C LEU E 198 -52.06 -15.45 -40.23
N ILE E 199 -51.99 -16.15 -41.35
CA ILE E 199 -50.87 -16.04 -42.27
C ILE E 199 -51.41 -15.55 -43.61
N LYS E 200 -51.26 -14.26 -43.86
CA LYS E 200 -51.80 -13.65 -45.07
C LYS E 200 -50.91 -13.95 -46.27
N SER E 201 -51.54 -14.26 -47.39
CA SER E 201 -50.84 -14.45 -48.65
C SER E 201 -50.22 -13.14 -49.13
N PRO E 202 -48.91 -13.07 -49.30
CA PRO E 202 -48.27 -11.85 -49.82
C PRO E 202 -48.08 -11.85 -51.32
N ASP E 203 -48.68 -12.84 -52.00
CA ASP E 203 -48.38 -13.19 -53.39
C ASP E 203 -46.89 -13.43 -53.60
N SER E 204 -46.22 -13.99 -52.59
CA SER E 204 -44.76 -14.13 -52.63
C SER E 204 -44.26 -15.43 -52.02
N HIS E 205 -45.02 -16.54 -52.16
CA HIS E 205 -44.74 -17.85 -51.58
C HIS E 205 -44.54 -17.74 -50.07
N PRO E 206 -45.63 -17.66 -49.30
CA PRO E 206 -45.56 -17.21 -47.90
C PRO E 206 -44.68 -18.07 -47.00
N ALA E 207 -43.68 -17.44 -46.39
CA ALA E 207 -42.59 -18.23 -45.87
C ALA E 207 -41.68 -17.61 -44.81
N ASP E 208 -41.81 -18.01 -43.54
CA ASP E 208 -40.77 -18.83 -42.91
C ASP E 208 -41.28 -19.54 -41.66
N GLY E 209 -42.59 -19.61 -41.48
CA GLY E 209 -43.14 -20.40 -40.39
C GLY E 209 -43.19 -19.76 -39.02
N ILE E 210 -44.23 -20.09 -38.26
CA ILE E 210 -44.41 -19.61 -36.89
C ILE E 210 -44.06 -20.77 -35.95
N ALA E 211 -43.66 -20.45 -34.73
CA ALA E 211 -43.26 -21.49 -33.78
C ALA E 211 -44.10 -21.35 -32.52
N PHE E 212 -43.88 -22.28 -31.60
CA PHE E 212 -44.40 -22.22 -30.23
C PHE E 212 -43.42 -23.01 -29.38
N PHE E 213 -42.63 -22.32 -28.58
CA PHE E 213 -41.49 -22.90 -27.90
C PHE E 213 -41.75 -23.05 -26.41
N ILE E 214 -40.87 -23.78 -25.75
CA ILE E 214 -40.79 -23.83 -24.29
C ILE E 214 -39.30 -23.67 -23.96
N SER E 215 -38.88 -22.44 -23.69
CA SER E 215 -37.46 -22.12 -23.64
C SER E 215 -36.94 -22.14 -22.21
N ASN E 216 -35.71 -21.65 -22.05
CA ASN E 216 -35.13 -21.29 -20.77
C ASN E 216 -35.81 -20.02 -20.27
N ILE E 217 -35.71 -19.77 -18.95
CA ILE E 217 -36.26 -18.55 -18.38
C ILE E 217 -35.54 -17.29 -18.84
N ASP E 218 -34.33 -17.41 -19.35
CA ASP E 218 -33.62 -16.31 -20.00
C ASP E 218 -33.50 -16.62 -21.47
N SER E 219 -33.89 -15.65 -22.31
CA SER E 219 -33.82 -15.86 -23.75
C SER E 219 -33.80 -14.52 -24.47
N SER E 220 -33.40 -14.57 -25.73
CA SER E 220 -33.36 -13.43 -26.64
C SER E 220 -33.39 -14.00 -28.04
N ILE E 221 -33.07 -13.16 -29.03
CA ILE E 221 -32.94 -13.60 -30.41
C ILE E 221 -31.55 -14.17 -30.60
N PRO E 222 -31.40 -15.44 -30.96
CA PRO E 222 -30.07 -16.06 -30.99
C PRO E 222 -29.31 -15.72 -32.26
N SER E 223 -28.35 -14.79 -32.14
CA SER E 223 -27.26 -14.56 -33.10
C SER E 223 -27.76 -14.22 -34.51
N GLY E 224 -28.96 -13.68 -34.61
CA GLY E 224 -29.55 -13.46 -35.91
C GLY E 224 -30.32 -14.69 -36.35
N SER E 225 -31.63 -14.54 -36.53
CA SER E 225 -32.49 -15.68 -36.78
C SER E 225 -33.53 -15.36 -37.84
N THR E 226 -33.24 -14.34 -38.65
CA THR E 226 -34.11 -13.99 -39.76
C THR E 226 -33.90 -15.02 -40.85
N GLY E 227 -34.67 -16.10 -40.77
CA GLY E 227 -34.57 -17.10 -41.80
C GLY E 227 -34.78 -18.54 -41.36
N ARG E 228 -33.85 -19.40 -41.76
CA ARG E 228 -33.99 -20.84 -41.55
C ARG E 228 -33.94 -21.21 -40.08
N LEU E 229 -33.37 -20.35 -39.25
CA LEU E 229 -33.27 -20.65 -37.84
C LEU E 229 -34.57 -20.32 -37.11
N LEU E 230 -35.50 -19.66 -37.80
CA LEU E 230 -36.95 -19.67 -37.49
C LEU E 230 -37.28 -18.90 -36.21
N GLY E 231 -36.31 -18.13 -35.73
CA GLY E 231 -36.58 -17.22 -34.64
C GLY E 231 -35.99 -17.61 -33.31
N LEU E 232 -35.58 -18.86 -33.14
CA LEU E 232 -35.18 -19.26 -31.80
C LEU E 232 -33.94 -20.16 -31.74
N PHE E 233 -33.33 -20.50 -32.87
CA PHE E 233 -32.12 -21.32 -32.78
C PHE E 233 -30.87 -20.54 -33.16
N PRO E 234 -29.77 -20.73 -32.45
CA PRO E 234 -28.49 -20.12 -32.86
C PRO E 234 -27.93 -20.77 -34.12
N ASP E 235 -27.87 -22.09 -34.10
CA ASP E 235 -27.21 -22.88 -35.12
C ASP E 235 -28.25 -23.75 -35.82
N ALA E 236 -27.86 -24.36 -36.93
CA ALA E 236 -28.70 -25.29 -37.67
C ALA E 236 -28.61 -26.72 -37.13
N ASN E 237 -28.15 -26.87 -35.90
CA ASN E 237 -28.06 -28.17 -35.24
C ASN E 237 -28.69 -28.10 -33.86
N ALA F 1 -46.99 7.43 -2.98
CA ALA F 1 -47.26 6.13 -2.41
C ALA F 1 -48.00 5.25 -3.41
N ASP F 2 -47.84 3.93 -3.26
CA ASP F 2 -48.49 2.98 -4.14
C ASP F 2 -49.94 2.81 -3.76
N THR F 3 -50.82 2.95 -4.75
CA THR F 3 -52.24 2.76 -4.53
C THR F 3 -52.53 1.28 -4.33
N ILE F 4 -53.08 0.93 -3.17
CA ILE F 4 -53.15 -0.47 -2.78
C ILE F 4 -54.46 -0.77 -2.04
N VAL F 5 -55.13 -1.85 -2.43
CA VAL F 5 -56.42 -2.23 -1.88
C VAL F 5 -56.30 -3.63 -1.30
N ALA F 6 -56.64 -3.78 -0.02
CA ALA F 6 -56.45 -5.05 0.66
C ALA F 6 -57.73 -5.44 1.39
N VAL F 7 -57.77 -6.71 1.78
CA VAL F 7 -58.82 -7.25 2.64
C VAL F 7 -58.11 -7.72 3.90
N GLU F 8 -58.05 -6.85 4.92
CA GLU F 8 -57.24 -7.14 6.07
C GLU F 8 -57.95 -8.13 7.00
N LEU F 9 -57.23 -9.19 7.37
CA LEU F 9 -57.66 -10.08 8.44
C LEU F 9 -56.93 -9.69 9.72
N ASP F 10 -57.16 -8.46 10.15
CA ASP F 10 -56.40 -7.87 11.25
C ASP F 10 -56.75 -8.55 12.56
N THR F 11 -55.74 -8.67 13.42
CA THR F 11 -55.91 -9.33 14.70
C THR F 11 -55.58 -8.42 15.87
N TYR F 12 -55.00 -7.25 15.64
CA TYR F 12 -54.77 -6.33 16.73
C TYR F 12 -55.84 -5.25 16.72
N PRO F 13 -56.61 -5.11 17.80
CA PRO F 13 -57.62 -4.04 17.87
C PRO F 13 -56.96 -2.68 17.96
N ASN F 14 -57.29 -1.80 17.02
CA ASN F 14 -56.77 -0.45 16.96
C ASN F 14 -57.93 0.54 16.83
N THR F 15 -58.51 0.89 17.98
CA THR F 15 -59.50 1.95 18.01
C THR F 15 -58.87 3.33 17.84
N ASP F 16 -57.53 3.39 17.90
CA ASP F 16 -56.82 4.57 17.42
C ASP F 16 -57.13 4.84 15.96
N ILE F 17 -56.83 3.88 15.08
CA ILE F 17 -56.88 4.14 13.64
C ILE F 17 -58.11 3.55 12.96
N GLY F 18 -59.12 3.14 13.72
CA GLY F 18 -60.38 2.79 13.09
C GLY F 18 -60.67 1.30 13.02
N ASP F 19 -59.72 0.49 13.46
CA ASP F 19 -60.02 -0.91 13.71
C ASP F 19 -60.96 -1.01 14.89
N PRO F 20 -61.92 -1.92 14.86
CA PRO F 20 -62.90 -2.00 15.95
C PRO F 20 -62.33 -2.61 17.21
N SER F 21 -63.19 -2.77 18.22
CA SER F 21 -62.73 -3.17 19.55
C SER F 21 -62.36 -4.64 19.66
N TYR F 22 -62.63 -5.42 18.66
CA TYR F 22 -62.49 -6.87 18.58
C TYR F 22 -61.59 -7.27 17.42
N PRO F 23 -60.97 -8.45 17.46
CA PRO F 23 -60.28 -8.97 16.28
C PRO F 23 -61.26 -9.23 15.15
N HIS F 24 -61.00 -8.61 14.01
CA HIS F 24 -61.99 -8.44 12.97
C HIS F 24 -61.51 -8.85 11.59
N ILE F 25 -62.42 -8.96 10.64
CA ILE F 25 -62.06 -8.90 9.23
C ILE F 25 -62.30 -7.45 8.80
N GLY F 26 -61.49 -6.97 7.87
CA GLY F 26 -61.60 -5.62 7.38
C GLY F 26 -61.27 -5.54 5.90
N ILE F 27 -61.82 -4.52 5.28
CA ILE F 27 -61.68 -4.32 3.84
C ILE F 27 -61.18 -2.90 3.61
N ASP F 28 -59.98 -2.81 3.06
CA ASP F 28 -59.25 -1.55 2.99
C ASP F 28 -59.27 -0.99 1.58
N ILE F 29 -59.55 0.29 1.46
CA ILE F 29 -59.50 0.99 0.18
C ILE F 29 -58.50 2.14 0.35
N LYS F 30 -57.23 1.87 0.02
CA LYS F 30 -56.15 2.86 -0.04
C LYS F 30 -55.88 3.50 1.33
N SER F 31 -56.33 2.85 2.40
CA SER F 31 -56.21 3.39 3.74
C SER F 31 -56.34 2.26 4.73
N VAL F 32 -55.60 2.36 5.85
CA VAL F 32 -55.83 1.41 6.92
C VAL F 32 -57.13 1.72 7.64
N ARG F 33 -57.65 2.94 7.50
CA ARG F 33 -59.00 3.25 7.94
C ARG F 33 -59.97 2.59 6.98
N SER F 34 -60.53 1.46 7.40
CA SER F 34 -61.24 0.56 6.51
C SER F 34 -62.62 1.08 6.13
N LYS F 35 -63.37 0.24 5.42
CA LYS F 35 -64.71 0.61 5.01
C LYS F 35 -65.75 -0.17 5.80
N LYS F 36 -65.66 -1.49 5.80
CA LYS F 36 -66.51 -2.35 6.60
C LYS F 36 -65.68 -3.23 7.51
N THR F 37 -66.28 -3.62 8.63
CA THR F 37 -65.68 -4.55 9.57
C THR F 37 -66.73 -5.57 9.98
N ALA F 38 -66.26 -6.68 10.51
CA ALA F 38 -67.15 -7.72 11.01
C ALA F 38 -66.43 -8.47 12.10
N LYS F 39 -67.20 -8.97 13.07
CA LYS F 39 -66.69 -9.82 14.13
C LYS F 39 -66.20 -11.13 13.54
N TRP F 40 -65.05 -11.58 14.03
CA TRP F 40 -64.48 -12.84 13.59
C TRP F 40 -64.07 -13.62 14.82
N ASN F 41 -64.34 -14.92 14.81
CA ASN F 41 -64.12 -15.75 15.98
C ASN F 41 -62.65 -15.93 16.31
N MET F 42 -61.81 -16.08 15.28
CA MET F 42 -60.35 -16.19 15.39
C MET F 42 -59.94 -17.35 16.31
N GLN F 43 -60.22 -18.55 15.83
CA GLN F 43 -59.69 -19.71 16.51
C GLN F 43 -58.18 -19.79 16.31
N ASN F 44 -57.55 -20.67 17.08
CA ASN F 44 -56.09 -20.84 17.07
C ASN F 44 -55.68 -21.65 15.84
N GLY F 45 -54.49 -22.25 15.89
CA GLY F 45 -53.95 -22.92 14.71
C GLY F 45 -54.82 -24.04 14.18
N LYS F 46 -55.54 -23.66 13.12
CA LYS F 46 -56.59 -24.40 12.45
C LYS F 46 -56.67 -23.82 11.04
N VAL F 47 -57.65 -24.25 10.25
CA VAL F 47 -57.49 -24.11 8.80
C VAL F 47 -58.50 -23.12 8.19
N GLY F 48 -58.12 -21.86 8.16
CA GLY F 48 -57.95 -21.13 6.91
C GLY F 48 -58.93 -20.60 5.90
N THR F 49 -60.06 -21.27 5.67
CA THR F 49 -60.73 -21.20 4.37
C THR F 49 -61.36 -19.82 4.17
N ALA F 50 -60.58 -18.94 3.54
CA ALA F 50 -61.01 -17.59 3.21
C ALA F 50 -61.20 -17.50 1.70
N HIS F 51 -61.81 -16.40 1.27
CA HIS F 51 -62.37 -16.32 -0.07
C HIS F 51 -62.71 -14.87 -0.36
N ILE F 52 -62.51 -14.41 -1.59
CA ILE F 52 -62.72 -13.01 -1.99
C ILE F 52 -63.34 -13.01 -3.38
N ILE F 53 -64.43 -12.28 -3.58
CA ILE F 53 -64.94 -12.04 -4.92
C ILE F 53 -65.18 -10.56 -5.14
N TYR F 54 -65.10 -10.15 -6.41
CA TYR F 54 -65.48 -8.80 -6.84
C TYR F 54 -66.04 -8.90 -8.25
N ASN F 55 -67.35 -9.05 -8.35
CA ASN F 55 -68.01 -9.11 -9.65
C ASN F 55 -68.61 -7.73 -9.95
N SER F 56 -68.09 -7.08 -10.99
CA SER F 56 -68.50 -5.72 -11.31
C SER F 56 -69.91 -5.65 -11.86
N VAL F 57 -70.52 -6.78 -12.23
CA VAL F 57 -71.94 -6.80 -12.50
C VAL F 57 -72.74 -6.59 -11.21
N ASP F 58 -72.16 -6.91 -10.05
CA ASP F 58 -72.75 -6.63 -8.76
C ASP F 58 -71.94 -5.65 -7.93
N LYS F 59 -70.70 -5.34 -8.37
CA LYS F 59 -69.78 -4.30 -7.85
C LYS F 59 -69.59 -4.32 -6.33
N ARG F 60 -69.85 -5.46 -5.69
CA ARG F 60 -69.53 -5.65 -4.28
C ARG F 60 -68.17 -6.30 -4.19
N LEU F 61 -67.46 -6.07 -3.09
CA LEU F 61 -66.23 -6.78 -2.80
C LEU F 61 -66.49 -7.60 -1.54
N SER F 62 -67.04 -8.80 -1.73
CA SER F 62 -67.40 -9.68 -0.62
C SER F 62 -66.18 -10.48 -0.18
N ALA F 63 -66.30 -11.06 1.00
CA ALA F 63 -65.27 -11.95 1.53
C ALA F 63 -65.88 -12.78 2.64
N VAL F 64 -65.36 -13.98 2.83
CA VAL F 64 -65.68 -14.80 4.00
C VAL F 64 -64.37 -15.33 4.56
N VAL F 65 -64.38 -15.73 5.82
CA VAL F 65 -63.30 -16.47 6.45
C VAL F 65 -63.93 -17.59 7.26
N SER F 66 -63.57 -18.83 6.94
CA SER F 66 -64.24 -19.96 7.58
C SER F 66 -63.22 -20.93 8.15
N TYR F 67 -63.33 -21.19 9.45
CA TYR F 67 -62.76 -22.38 10.03
C TYR F 67 -63.66 -23.57 9.72
N PRO F 68 -63.26 -24.79 10.10
CA PRO F 68 -64.28 -25.83 10.31
C PRO F 68 -65.18 -25.44 11.46
N ASN F 69 -66.44 -25.90 11.39
CA ASN F 69 -67.60 -25.64 12.26
C ASN F 69 -67.69 -24.20 12.79
N ALA F 70 -67.43 -23.22 11.93
CA ALA F 70 -67.51 -21.81 12.28
C ALA F 70 -68.40 -21.10 11.26
N ASP F 71 -68.40 -19.77 11.33
CA ASP F 71 -69.32 -18.98 10.53
C ASP F 71 -68.54 -18.03 9.61
N SER F 72 -69.23 -17.49 8.62
CA SER F 72 -68.62 -16.69 7.55
C SER F 72 -68.56 -15.25 7.99
N ALA F 73 -67.49 -14.56 7.61
CA ALA F 73 -67.29 -13.17 7.99
C ALA F 73 -67.61 -12.27 6.80
N THR F 74 -68.90 -12.04 6.57
CA THR F 74 -69.35 -11.27 5.41
C THR F 74 -69.03 -9.79 5.62
N VAL F 75 -68.13 -9.26 4.79
CA VAL F 75 -67.61 -7.91 4.98
C VAL F 75 -67.77 -7.15 3.66
N SER F 76 -68.81 -7.50 2.91
CA SER F 76 -69.02 -7.00 1.55
C SER F 76 -69.27 -5.51 1.53
N TYR F 77 -68.27 -4.74 1.08
CA TYR F 77 -68.39 -3.30 0.93
C TYR F 77 -68.62 -2.94 -0.53
N ASP F 78 -69.55 -2.03 -0.76
CA ASP F 78 -69.82 -1.57 -2.12
C ASP F 78 -68.77 -0.56 -2.55
N VAL F 79 -67.79 -1.02 -3.34
CA VAL F 79 -66.81 -0.12 -3.92
C VAL F 79 -66.61 -0.53 -5.37
N ASP F 80 -66.40 0.48 -6.23
CA ASP F 80 -66.14 0.28 -7.65
C ASP F 80 -64.63 0.41 -7.83
N LEU F 81 -64.01 -0.67 -8.31
CA LEU F 81 -62.58 -0.68 -8.59
C LEU F 81 -62.24 -0.05 -9.94
N ASP F 82 -63.20 0.63 -10.56
CA ASP F 82 -62.99 1.46 -11.73
C ASP F 82 -61.87 2.47 -11.51
N ASN F 83 -62.03 3.33 -10.51
CA ASN F 83 -61.25 4.55 -10.43
C ASN F 83 -60.34 4.60 -9.21
N VAL F 84 -60.26 3.54 -8.42
CA VAL F 84 -59.60 3.61 -7.12
C VAL F 84 -58.34 2.75 -7.07
N LEU F 85 -57.89 2.21 -8.19
CA LEU F 85 -56.82 1.21 -8.25
C LEU F 85 -56.33 1.10 -9.69
N PRO F 86 -55.00 1.06 -9.91
CA PRO F 86 -54.43 1.29 -11.27
C PRO F 86 -54.79 0.27 -12.34
N GLU F 87 -54.33 0.55 -13.57
CA GLU F 87 -54.68 -0.28 -14.73
C GLU F 87 -54.08 -1.68 -14.63
N TRP F 88 -52.77 -1.77 -14.41
CA TRP F 88 -52.10 -3.04 -14.28
C TRP F 88 -51.58 -3.16 -12.86
N VAL F 89 -51.95 -4.26 -12.21
CA VAL F 89 -51.83 -4.41 -10.77
C VAL F 89 -50.94 -5.60 -10.48
N ARG F 90 -50.79 -5.95 -9.22
CA ARG F 90 -49.96 -7.09 -8.85
C ARG F 90 -50.49 -7.64 -7.55
N VAL F 91 -51.25 -8.73 -7.62
CA VAL F 91 -51.89 -9.29 -6.44
C VAL F 91 -50.87 -10.05 -5.60
N GLY F 92 -51.20 -10.26 -4.33
CA GLY F 92 -50.29 -10.98 -3.46
C GLY F 92 -50.73 -10.88 -2.02
N LEU F 93 -50.01 -11.62 -1.18
CA LEU F 93 -50.32 -11.73 0.24
C LEU F 93 -49.42 -10.80 1.04
N SER F 94 -49.95 -10.29 2.15
CA SER F 94 -49.17 -9.45 3.05
C SER F 94 -49.41 -9.92 4.47
N ALA F 95 -48.33 -10.05 5.23
CA ALA F 95 -48.43 -10.41 6.64
C ALA F 95 -47.43 -9.58 7.43
N SER F 96 -47.63 -9.53 8.74
CA SER F 96 -46.78 -8.73 9.60
C SER F 96 -46.90 -9.22 11.03
N THR F 97 -46.01 -8.72 11.87
CA THR F 97 -46.10 -8.85 13.32
C THR F 97 -45.34 -7.69 13.92
N GLY F 98 -45.64 -7.39 15.19
CA GLY F 98 -44.84 -6.40 15.89
C GLY F 98 -45.20 -6.19 17.34
N LEU F 99 -44.19 -6.31 18.22
CA LEU F 99 -44.22 -6.24 19.69
C LEU F 99 -44.99 -7.41 20.33
N TYR F 100 -45.64 -8.24 19.51
CA TYR F 100 -46.29 -9.47 19.93
C TYR F 100 -45.72 -10.57 19.08
N LYS F 101 -46.37 -11.72 19.14
CA LYS F 101 -46.07 -12.83 18.26
C LYS F 101 -47.38 -13.40 17.73
N GLU F 102 -47.38 -13.78 16.47
CA GLU F 102 -48.43 -14.64 15.92
C GLU F 102 -47.92 -15.30 14.65
N THR F 103 -48.50 -16.45 14.33
CA THR F 103 -48.06 -17.22 13.18
C THR F 103 -48.78 -16.71 11.94
N ASN F 104 -48.05 -16.63 10.83
CA ASN F 104 -48.60 -16.16 9.57
C ASN F 104 -48.38 -17.18 8.47
N THR F 105 -48.67 -18.43 8.74
CA THR F 105 -48.40 -19.49 7.80
C THR F 105 -49.56 -19.69 6.83
N ILE F 106 -49.29 -19.50 5.55
CA ILE F 106 -50.22 -19.79 4.47
C ILE F 106 -49.94 -21.20 3.99
N LEU F 107 -50.99 -21.98 3.75
CA LEU F 107 -50.81 -23.33 3.27
C LEU F 107 -51.24 -23.52 1.81
N SER F 108 -52.08 -22.63 1.28
CA SER F 108 -52.48 -22.68 -0.13
C SER F 108 -53.09 -21.35 -0.51
N TRP F 109 -52.95 -21.00 -1.79
CA TRP F 109 -53.43 -19.73 -2.30
C TRP F 109 -53.77 -19.87 -3.77
N SER F 110 -54.92 -19.33 -4.17
CA SER F 110 -55.34 -19.42 -5.56
C SER F 110 -55.91 -18.09 -6.02
N PHE F 111 -56.38 -18.08 -7.27
CA PHE F 111 -56.83 -16.88 -7.97
C PHE F 111 -57.52 -17.28 -9.26
N THR F 112 -58.46 -16.44 -9.74
CA THR F 112 -59.08 -16.61 -11.06
C THR F 112 -59.72 -15.28 -11.47
N SER F 113 -59.22 -14.67 -12.55
CA SER F 113 -59.83 -13.48 -13.14
C SER F 113 -60.45 -13.81 -14.50
N LYS F 114 -61.45 -13.01 -14.91
CA LYS F 114 -62.15 -13.22 -16.20
C LYS F 114 -62.57 -11.87 -16.77
N LEU F 115 -61.74 -11.28 -17.64
CA LEU F 115 -61.87 -9.86 -17.99
C LEU F 115 -62.08 -9.65 -19.49
N LYS F 116 -63.35 -9.75 -19.91
CA LYS F 116 -64.03 -8.93 -20.93
C LYS F 116 -63.20 -8.39 -22.11
N SER F 117 -62.90 -9.23 -23.08
CA SER F 117 -62.53 -8.67 -24.37
C SER F 117 -63.71 -7.84 -24.89
N ASN F 118 -64.84 -8.50 -25.11
CA ASN F 118 -66.11 -7.85 -25.44
C ASN F 118 -67.19 -8.81 -24.97
N SER F 119 -67.82 -8.50 -23.84
CA SER F 119 -68.09 -9.45 -22.73
C SER F 119 -68.20 -10.95 -23.07
N THR F 120 -68.89 -11.31 -24.15
CA THR F 120 -68.97 -12.70 -24.57
C THR F 120 -67.83 -13.08 -25.53
N HIS F 121 -66.84 -12.20 -25.71
CA HIS F 121 -65.72 -12.48 -26.62
C HIS F 121 -64.54 -13.09 -25.86
N GLU F 122 -64.84 -14.13 -25.07
CA GLU F 122 -63.84 -15.03 -24.48
C GLU F 122 -62.85 -14.30 -23.57
N THR F 123 -63.36 -13.93 -22.41
CA THR F 123 -62.64 -13.23 -21.34
C THR F 123 -61.32 -13.94 -20.99
N ASN F 124 -60.36 -13.16 -20.49
CA ASN F 124 -59.01 -13.62 -20.23
C ASN F 124 -58.97 -14.36 -18.89
N ALA F 125 -57.78 -14.77 -18.45
CA ALA F 125 -57.62 -15.40 -17.16
C ALA F 125 -56.20 -15.25 -16.63
N LEU F 126 -56.04 -15.46 -15.32
CA LEU F 126 -54.72 -15.68 -14.73
C LEU F 126 -54.84 -16.67 -13.58
N HIS F 127 -55.57 -17.76 -13.79
CA HIS F 127 -55.81 -18.73 -12.73
C HIS F 127 -54.53 -19.45 -12.31
N PHE F 128 -54.33 -19.60 -11.00
CA PHE F 128 -53.26 -20.43 -10.46
C PHE F 128 -53.72 -20.99 -9.13
N MET F 129 -53.06 -22.07 -8.68
CA MET F 129 -53.56 -22.89 -7.57
C MET F 129 -52.42 -23.38 -6.67
N PHE F 130 -51.64 -22.45 -6.09
CA PHE F 130 -50.48 -22.86 -5.30
C PHE F 130 -50.81 -23.58 -4.00
N ASN F 131 -51.10 -24.88 -4.07
CA ASN F 131 -51.30 -25.69 -2.86
C ASN F 131 -50.00 -26.19 -2.27
N GLN F 132 -48.90 -26.11 -3.01
CA GLN F 132 -47.66 -26.79 -2.66
C GLN F 132 -46.49 -25.83 -2.83
N PHE F 133 -46.54 -24.71 -2.11
CA PHE F 133 -45.43 -23.77 -2.02
C PHE F 133 -44.11 -24.49 -1.74
N SER F 134 -43.20 -24.44 -2.71
CA SER F 134 -41.98 -25.21 -2.66
C SER F 134 -40.83 -24.34 -2.18
N LYS F 135 -39.60 -24.86 -2.29
CA LYS F 135 -38.44 -24.17 -1.75
C LYS F 135 -38.00 -23.03 -2.66
N ASP F 136 -37.98 -23.26 -3.97
CA ASP F 136 -37.42 -22.32 -4.93
C ASP F 136 -38.48 -21.96 -5.97
N GLN F 137 -39.66 -21.59 -5.48
CA GLN F 137 -40.77 -21.15 -6.29
C GLN F 137 -40.43 -19.81 -6.92
N LYS F 138 -40.04 -19.79 -8.20
CA LYS F 138 -39.50 -18.58 -8.82
C LYS F 138 -40.51 -17.77 -9.61
N ASP F 139 -41.81 -18.03 -9.44
CA ASP F 139 -42.82 -17.10 -9.92
C ASP F 139 -43.47 -16.32 -8.79
N LEU F 140 -42.72 -16.09 -7.71
CA LEU F 140 -43.15 -15.24 -6.61
C LEU F 140 -42.05 -14.25 -6.31
N ILE F 141 -42.44 -13.04 -5.89
CA ILE F 141 -41.50 -11.95 -5.67
C ILE F 141 -41.55 -11.63 -4.18
N LEU F 142 -41.54 -12.68 -3.35
CA LEU F 142 -41.63 -12.56 -1.89
C LEU F 142 -40.64 -11.56 -1.32
N GLN F 143 -41.17 -10.48 -0.77
CA GLN F 143 -40.40 -9.35 -0.28
C GLN F 143 -40.25 -9.44 1.23
N GLY F 144 -39.70 -8.38 1.82
CA GLY F 144 -39.68 -8.24 3.27
C GLY F 144 -38.75 -9.23 3.92
N ASP F 145 -39.28 -9.97 4.89
CA ASP F 145 -38.58 -11.04 5.56
C ASP F 145 -39.33 -12.34 5.38
N ALA F 146 -40.14 -12.41 4.33
CA ALA F 146 -40.96 -13.57 4.07
C ALA F 146 -40.10 -14.71 3.52
N THR F 147 -40.47 -15.93 3.92
CA THR F 147 -39.79 -17.13 3.46
C THR F 147 -40.81 -18.09 2.87
N THR F 148 -40.32 -19.22 2.40
CA THR F 148 -41.17 -20.28 1.84
C THR F 148 -40.48 -21.62 2.07
N GLY F 149 -41.20 -22.69 1.75
CA GLY F 149 -40.63 -24.01 1.86
C GLY F 149 -40.62 -24.54 3.28
N THR F 150 -39.73 -25.52 3.49
CA THR F 150 -39.41 -26.30 4.70
C THR F 150 -40.52 -27.28 5.07
N ASP F 151 -41.65 -27.20 4.37
CA ASP F 151 -42.86 -28.00 4.41
C ASP F 151 -43.70 -27.49 3.26
N GLY F 152 -44.93 -27.98 3.09
CA GLY F 152 -45.77 -27.27 2.14
C GLY F 152 -46.48 -26.15 2.86
N ASN F 153 -45.86 -24.98 2.87
CA ASN F 153 -46.32 -23.83 3.64
C ASN F 153 -45.72 -22.58 3.01
N LEU F 154 -46.32 -21.42 3.32
CA LEU F 154 -45.72 -20.13 2.97
C LEU F 154 -45.51 -19.36 4.27
N GLU F 155 -44.28 -19.41 4.76
CA GLU F 155 -43.94 -18.88 6.08
C GLU F 155 -43.67 -17.39 5.94
N LEU F 156 -44.66 -16.55 6.25
CA LEU F 156 -44.52 -15.11 6.06
C LEU F 156 -43.99 -14.41 7.31
N THR F 157 -42.95 -14.98 7.92
CA THR F 157 -42.32 -14.53 9.15
C THR F 157 -40.91 -15.09 9.21
N ARG F 158 -40.01 -14.36 9.85
CA ARG F 158 -38.82 -14.99 10.39
C ARG F 158 -39.26 -15.91 11.52
N VAL F 159 -38.99 -17.20 11.38
CA VAL F 159 -39.68 -18.22 12.16
C VAL F 159 -38.63 -19.25 12.62
N SER F 160 -39.09 -20.35 13.22
CA SER F 160 -38.39 -21.64 13.47
C SER F 160 -37.51 -21.67 14.71
N SER F 161 -37.61 -20.69 15.61
CA SER F 161 -37.14 -20.89 16.99
C SER F 161 -38.27 -21.54 17.79
N ASN F 162 -38.48 -22.82 17.48
CA ASN F 162 -39.75 -23.54 17.72
C ASN F 162 -40.93 -22.80 17.09
N GLY F 163 -40.68 -22.15 15.96
CA GLY F 163 -41.72 -21.44 15.24
C GLY F 163 -42.14 -20.11 15.86
N SER F 164 -41.50 -19.71 16.97
CA SER F 164 -41.88 -18.54 17.76
C SER F 164 -41.64 -17.27 16.94
N PRO F 165 -42.70 -16.60 16.51
CA PRO F 165 -42.61 -15.83 15.27
C PRO F 165 -42.04 -14.42 15.38
N GLN F 166 -40.99 -14.24 16.19
CA GLN F 166 -39.93 -13.24 16.05
C GLN F 166 -40.46 -11.84 15.69
N GLY F 167 -41.11 -11.23 16.67
CA GLY F 167 -41.80 -9.95 16.55
C GLY F 167 -41.08 -8.83 15.83
N SER F 168 -41.87 -7.90 15.28
CA SER F 168 -41.44 -6.86 14.34
C SER F 168 -40.75 -7.47 13.12
N SER F 169 -41.54 -8.22 12.37
CA SER F 169 -41.14 -8.75 11.07
C SER F 169 -42.29 -8.58 10.08
N VAL F 170 -41.92 -8.26 8.84
CA VAL F 170 -42.92 -7.97 7.80
C VAL F 170 -42.65 -8.90 6.62
N GLY F 171 -43.71 -9.48 6.08
CA GLY F 171 -43.56 -10.37 4.94
C GLY F 171 -44.61 -10.15 3.88
N ARG F 172 -44.21 -10.17 2.62
CA ARG F 172 -45.12 -10.03 1.51
C ARG F 172 -44.89 -11.17 0.52
N ALA F 173 -45.90 -11.43 -0.29
CA ALA F 173 -45.91 -12.59 -1.20
C ALA F 173 -46.42 -12.18 -2.58
N LEU F 174 -45.83 -11.14 -3.16
CA LEU F 174 -46.26 -10.61 -4.45
C LEU F 174 -46.10 -11.64 -5.56
N PHE F 175 -47.22 -11.95 -6.21
CA PHE F 175 -47.24 -12.80 -7.39
C PHE F 175 -46.57 -12.08 -8.55
N TYR F 176 -46.01 -12.86 -9.47
CA TYR F 176 -45.10 -12.32 -10.48
C TYR F 176 -45.81 -11.57 -11.61
N ALA F 177 -46.98 -12.02 -12.06
CA ALA F 177 -47.56 -11.53 -13.31
C ALA F 177 -48.65 -10.50 -13.06
N PRO F 178 -48.72 -9.45 -13.88
CA PRO F 178 -49.74 -8.42 -13.70
C PRO F 178 -51.13 -8.87 -14.14
N VAL F 179 -52.11 -8.00 -13.88
CA VAL F 179 -53.51 -8.20 -14.23
C VAL F 179 -54.08 -6.89 -14.74
N HIS F 180 -54.64 -6.90 -15.96
CA HIS F 180 -55.33 -5.74 -16.49
C HIS F 180 -56.65 -5.51 -15.76
N ILE F 181 -56.89 -4.27 -15.32
CA ILE F 181 -58.14 -3.98 -14.62
C ILE F 181 -58.93 -2.77 -15.15
N TRP F 182 -58.30 -1.58 -15.24
CA TRP F 182 -58.84 -0.32 -14.71
C TRP F 182 -60.36 -0.15 -14.80
N GLU F 183 -60.90 0.19 -15.97
CA GLU F 183 -62.11 -0.47 -16.43
C GLU F 183 -61.86 -0.85 -17.87
N SER F 184 -61.90 0.16 -18.75
CA SER F 184 -61.23 0.31 -20.05
C SER F 184 -61.49 -0.76 -21.10
N SER F 185 -61.90 -1.93 -20.66
CA SER F 185 -62.27 -3.11 -21.43
C SER F 185 -63.25 -3.86 -20.55
N ALA F 186 -64.35 -3.21 -20.16
CA ALA F 186 -64.86 -3.09 -18.77
C ALA F 186 -64.75 -4.25 -17.74
N VAL F 187 -64.87 -3.85 -16.47
CA VAL F 187 -64.08 -4.34 -15.35
C VAL F 187 -64.78 -5.52 -14.67
N VAL F 188 -65.50 -6.32 -15.46
CA VAL F 188 -66.33 -7.43 -14.99
C VAL F 188 -65.53 -8.62 -14.45
N ALA F 189 -64.21 -8.46 -14.31
CA ALA F 189 -63.29 -9.51 -13.87
C ALA F 189 -63.58 -9.88 -12.42
N SER F 190 -64.39 -10.92 -12.27
CA SER F 190 -64.78 -11.45 -10.97
C SER F 190 -63.58 -12.20 -10.37
N PHE F 191 -62.62 -11.43 -9.86
CA PHE F 191 -61.37 -12.07 -9.47
C PHE F 191 -61.54 -12.76 -8.13
N GLU F 192 -61.42 -14.08 -8.16
CA GLU F 192 -61.63 -14.93 -7.01
C GLU F 192 -60.27 -15.15 -6.34
N ALA F 193 -60.30 -15.56 -5.08
CA ALA F 193 -59.10 -16.04 -4.42
C ALA F 193 -59.49 -17.13 -3.45
N THR F 194 -58.48 -17.70 -2.82
CA THR F 194 -58.67 -18.61 -1.70
C THR F 194 -57.43 -18.45 -0.84
N PHE F 195 -57.63 -18.27 0.45
CA PHE F 195 -56.64 -17.64 1.32
C PHE F 195 -56.52 -18.47 2.60
N THR F 196 -56.27 -19.77 2.42
CA THR F 196 -56.08 -20.68 3.54
C THR F 196 -54.84 -20.31 4.37
N PHE F 197 -55.03 -20.18 5.68
CA PHE F 197 -54.01 -19.71 6.59
C PHE F 197 -54.01 -20.55 7.86
N LEU F 198 -53.00 -20.32 8.71
CA LEU F 198 -52.91 -20.98 10.01
C LEU F 198 -52.29 -19.99 11.00
N ILE F 199 -53.14 -19.26 11.71
CA ILE F 199 -52.69 -18.33 12.73
C ILE F 199 -52.64 -19.09 14.04
N LYS F 200 -51.47 -19.65 14.33
CA LYS F 200 -51.29 -20.45 15.53
C LYS F 200 -51.00 -19.54 16.71
N SER F 201 -51.56 -19.88 17.86
CA SER F 201 -51.30 -19.12 19.07
C SER F 201 -49.90 -19.41 19.59
N PRO F 202 -49.07 -18.39 19.83
CA PRO F 202 -47.83 -18.57 20.58
C PRO F 202 -47.99 -18.39 22.08
N ASP F 203 -49.24 -18.46 22.57
CA ASP F 203 -49.62 -18.15 23.96
C ASP F 203 -49.19 -16.74 24.35
N SER F 204 -49.56 -15.76 23.53
CA SER F 204 -49.02 -14.41 23.71
C SER F 204 -50.08 -13.32 23.50
N HIS F 205 -51.36 -13.67 23.55
CA HIS F 205 -52.50 -12.87 23.09
C HIS F 205 -52.20 -12.42 21.66
N PRO F 206 -52.24 -13.33 20.69
CA PRO F 206 -51.60 -13.06 19.39
C PRO F 206 -52.35 -12.06 18.52
N ALA F 207 -51.61 -11.05 18.06
CA ALA F 207 -52.22 -9.98 17.29
C ALA F 207 -51.30 -9.15 16.40
N ASP F 208 -51.26 -9.42 15.08
CA ASP F 208 -51.05 -8.35 14.08
C ASP F 208 -51.68 -8.58 12.68
N GLY F 209 -52.31 -9.73 12.44
CA GLY F 209 -53.11 -9.90 11.23
C GLY F 209 -52.41 -10.14 9.89
N ILE F 210 -53.08 -10.89 8.99
CA ILE F 210 -52.59 -11.14 7.63
C ILE F 210 -53.49 -10.36 6.66
N ALA F 211 -52.99 -10.08 5.46
CA ALA F 211 -53.76 -9.33 4.47
C ALA F 211 -53.77 -10.08 3.14
N PHE F 212 -54.49 -9.48 2.18
CA PHE F 212 -54.51 -9.92 0.79
C PHE F 212 -54.71 -8.66 -0.04
N PHE F 213 -53.62 -8.12 -0.57
CA PHE F 213 -53.67 -6.82 -1.23
C PHE F 213 -53.82 -6.98 -2.73
N ILE F 214 -54.03 -5.85 -3.39
CA ILE F 214 -53.91 -5.71 -4.84
C ILE F 214 -53.17 -4.39 -5.05
N SER F 215 -51.87 -4.47 -5.27
CA SER F 215 -51.02 -3.28 -5.27
C SER F 215 -50.83 -2.75 -6.68
N ASN F 216 -49.91 -1.80 -6.82
CA ASN F 216 -49.35 -1.41 -8.10
C ASN F 216 -48.31 -2.46 -8.49
N ILE F 217 -47.88 -2.45 -9.75
CA ILE F 217 -46.88 -3.41 -10.21
C ILE F 217 -45.50 -3.15 -9.63
N ASP F 218 -45.25 -1.95 -9.13
CA ASP F 218 -44.04 -1.63 -8.39
C ASP F 218 -44.38 -1.36 -6.94
N SER F 219 -43.71 -2.07 -6.05
CA SER F 219 -43.95 -1.87 -4.62
C SER F 219 -42.74 -2.30 -3.82
N SER F 220 -42.84 -2.09 -2.52
CA SER F 220 -41.87 -2.53 -1.53
C SER F 220 -42.59 -2.57 -0.19
N ILE F 221 -41.83 -2.69 0.88
CA ILE F 221 -42.36 -2.53 2.23
C ILE F 221 -42.15 -1.07 2.65
N PRO F 222 -43.19 -0.24 2.61
CA PRO F 222 -42.97 1.21 2.55
C PRO F 222 -42.62 1.81 3.90
N SER F 223 -41.33 2.12 4.09
CA SER F 223 -40.82 3.03 5.13
C SER F 223 -41.18 2.58 6.55
N GLY F 224 -41.37 1.29 6.72
CA GLY F 224 -41.84 0.79 7.99
C GLY F 224 -43.34 0.55 7.95
N SER F 225 -43.74 -0.72 7.87
CA SER F 225 -45.13 -1.11 7.88
C SER F 225 -45.33 -2.26 8.85
N THR F 226 -44.34 -2.47 9.72
CA THR F 226 -44.42 -3.48 10.77
C THR F 226 -45.31 -2.94 11.87
N GLY F 227 -46.50 -3.53 11.99
CA GLY F 227 -47.37 -3.17 13.10
C GLY F 227 -48.80 -2.88 12.72
N ARG F 228 -49.33 -1.79 13.28
CA ARG F 228 -50.70 -1.38 13.02
C ARG F 228 -50.91 -0.95 11.57
N LEU F 229 -49.84 -0.60 10.85
CA LEU F 229 -49.94 -0.32 9.43
C LEU F 229 -50.12 -1.59 8.61
N LEU F 230 -49.75 -2.74 9.19
CA LEU F 230 -50.07 -4.07 8.68
C LEU F 230 -49.47 -4.34 7.30
N GLY F 231 -48.14 -4.28 7.23
CA GLY F 231 -47.42 -4.84 6.12
C GLY F 231 -47.44 -4.12 4.79
N LEU F 232 -48.44 -3.28 4.52
CA LEU F 232 -48.51 -2.70 3.19
C LEU F 232 -48.70 -1.18 3.17
N PHE F 233 -49.47 -0.61 4.09
CA PHE F 233 -49.73 0.82 4.02
C PHE F 233 -48.54 1.62 4.56
N PRO F 234 -48.22 2.76 3.97
CA PRO F 234 -47.22 3.66 4.57
C PRO F 234 -47.77 4.47 5.72
N ASP F 235 -49.02 4.92 5.60
CA ASP F 235 -49.59 5.95 6.46
C ASP F 235 -50.87 5.44 7.12
N ALA F 236 -51.13 5.96 8.33
CA ALA F 236 -52.24 5.52 9.16
C ALA F 236 -53.51 6.34 8.94
N ASN F 237 -53.66 6.95 7.78
CA ASN F 237 -54.86 7.74 7.50
C ASN F 237 -55.49 7.37 6.15
N ALA G 1 39.96 15.29 -6.95
CA ALA G 1 41.32 15.19 -6.43
C ALA G 1 41.48 16.08 -5.20
N ASP G 2 42.10 15.53 -4.17
CA ASP G 2 42.35 16.26 -2.94
C ASP G 2 43.38 17.36 -3.17
N THR G 3 43.15 18.51 -2.55
CA THR G 3 44.07 19.63 -2.66
C THR G 3 45.29 19.34 -1.81
N ILE G 4 46.48 19.49 -2.39
CA ILE G 4 47.67 19.01 -1.70
C ILE G 4 48.91 19.81 -2.13
N VAL G 5 49.73 20.17 -1.16
CA VAL G 5 50.93 20.98 -1.35
C VAL G 5 52.10 20.24 -0.73
N ALA G 6 53.09 19.88 -1.55
CA ALA G 6 54.12 18.96 -1.10
C ALA G 6 55.50 19.48 -1.46
N VAL G 7 56.50 18.90 -0.82
CA VAL G 7 57.90 19.20 -1.08
C VAL G 7 58.52 17.90 -1.56
N GLU G 8 58.60 17.72 -2.88
CA GLU G 8 59.18 16.50 -3.42
C GLU G 8 60.69 16.53 -3.24
N LEU G 9 61.21 15.53 -2.55
CA LEU G 9 62.66 15.28 -2.52
C LEU G 9 62.99 14.23 -3.56
N ASP G 10 62.68 14.57 -4.81
CA ASP G 10 62.63 13.61 -5.90
C ASP G 10 64.01 13.09 -6.24
N THR G 11 64.17 11.77 -6.07
CA THR G 11 65.42 11.08 -6.35
C THR G 11 65.47 10.51 -7.75
N TYR G 12 64.55 10.91 -8.63
CA TYR G 12 64.55 10.40 -9.99
C TYR G 12 64.13 11.49 -10.95
N PRO G 13 64.89 11.72 -12.03
CA PRO G 13 64.48 12.70 -13.04
C PRO G 13 63.25 12.19 -13.79
N ASN G 14 62.25 13.04 -13.92
CA ASN G 14 61.03 12.72 -14.65
C ASN G 14 60.84 13.81 -15.69
N THR G 15 61.49 13.64 -16.83
CA THR G 15 61.51 14.69 -17.84
C THR G 15 60.19 14.80 -18.57
N ASP G 16 59.37 13.74 -18.54
CA ASP G 16 58.06 13.80 -19.20
C ASP G 16 57.10 14.71 -18.48
N ILE G 17 57.26 14.87 -17.16
CA ILE G 17 56.31 15.65 -16.38
C ILE G 17 56.93 16.87 -15.71
N GLY G 18 58.08 17.33 -16.18
CA GLY G 18 58.57 18.62 -15.73
C GLY G 18 59.65 18.60 -14.68
N ASP G 19 59.90 17.43 -14.09
CA ASP G 19 61.05 17.29 -13.23
C ASP G 19 62.33 17.45 -14.03
N PRO G 20 63.33 18.13 -13.49
CA PRO G 20 64.55 18.40 -14.26
C PRO G 20 65.42 17.17 -14.45
N SER G 21 66.51 17.34 -15.21
CA SER G 21 67.41 16.24 -15.54
C SER G 21 68.21 15.75 -14.34
N TYR G 22 68.30 16.48 -13.34
CA TYR G 22 68.98 16.15 -12.11
C TYR G 22 67.98 15.78 -11.03
N PRO G 23 68.35 14.92 -10.08
CA PRO G 23 67.48 14.71 -8.91
C PRO G 23 67.43 15.99 -8.09
N HIS G 24 66.29 16.24 -7.48
CA HIS G 24 66.03 17.59 -7.01
C HIS G 24 65.10 17.64 -5.82
N ILE G 25 65.29 18.65 -4.97
CA ILE G 25 64.24 19.10 -4.07
C ILE G 25 63.27 19.89 -4.92
N GLY G 26 61.99 19.83 -4.58
CA GLY G 26 60.97 20.55 -5.30
C GLY G 26 59.97 21.22 -4.36
N ILE G 27 58.86 21.63 -4.97
CA ILE G 27 57.74 22.25 -4.28
C ILE G 27 56.53 22.13 -5.20
N ASP G 28 55.34 21.94 -4.61
CA ASP G 28 54.16 21.57 -5.36
C ASP G 28 52.97 22.40 -4.91
N ILE G 29 52.20 22.92 -5.85
CA ILE G 29 50.91 23.54 -5.56
C ILE G 29 49.90 22.84 -6.46
N LYS G 30 49.30 21.76 -5.93
CA LYS G 30 48.33 20.90 -6.63
C LYS G 30 48.87 20.41 -7.98
N SER G 31 50.15 20.08 -8.03
CA SER G 31 50.81 19.83 -9.30
C SER G 31 52.09 19.04 -9.08
N VAL G 32 52.25 17.94 -9.82
CA VAL G 32 53.54 17.29 -9.82
C VAL G 32 54.51 18.05 -10.72
N ARG G 33 53.99 18.92 -11.58
CA ARG G 33 54.83 19.89 -12.28
C ARG G 33 55.19 20.98 -11.30
N SER G 34 56.45 20.99 -10.87
CA SER G 34 56.87 21.80 -9.74
C SER G 34 56.95 23.27 -10.08
N LYS G 35 56.63 24.11 -9.10
CA LYS G 35 56.85 25.53 -9.23
C LYS G 35 58.34 25.85 -9.32
N LYS G 36 59.11 25.46 -8.29
CA LYS G 36 60.53 25.74 -8.20
C LYS G 36 61.30 24.49 -7.78
N THR G 37 62.45 24.29 -8.42
CA THR G 37 63.32 23.17 -8.11
C THR G 37 64.72 23.70 -7.82
N ALA G 38 65.59 22.80 -7.36
CA ALA G 38 66.98 23.10 -7.11
C ALA G 38 67.74 21.78 -7.06
N LYS G 39 69.03 21.84 -7.36
CA LYS G 39 69.85 20.64 -7.41
C LYS G 39 70.08 20.09 -6.02
N TRP G 40 69.85 18.79 -5.88
CA TRP G 40 70.10 18.09 -4.62
C TRP G 40 71.12 17.00 -4.87
N ASN G 41 72.03 16.80 -3.91
CA ASN G 41 73.20 15.98 -4.17
C ASN G 41 72.88 14.49 -4.19
N MET G 42 71.91 14.04 -3.37
CA MET G 42 71.40 12.68 -3.34
C MET G 42 72.51 11.66 -3.04
N GLN G 43 73.01 11.72 -1.82
CA GLN G 43 74.02 10.77 -1.41
C GLN G 43 73.41 9.39 -1.16
N ASN G 44 74.26 8.42 -0.86
CA ASN G 44 73.84 7.04 -0.63
C ASN G 44 73.24 6.91 0.77
N GLY G 45 73.19 5.69 1.30
CA GLY G 45 72.68 5.48 2.63
C GLY G 45 73.41 6.26 3.71
N LYS G 46 72.79 7.39 4.05
CA LYS G 46 73.28 8.41 4.98
C LYS G 46 72.04 9.04 5.59
N VAL G 47 72.17 10.22 6.21
CA VAL G 47 71.10 10.67 7.08
C VAL G 47 70.75 12.15 6.90
N GLY G 48 69.67 12.41 6.17
CA GLY G 48 68.54 13.14 6.71
C GLY G 48 68.07 14.57 6.79
N THR G 49 68.88 15.51 7.29
CA THR G 49 68.34 16.69 7.95
C THR G 49 67.64 17.62 6.96
N ALA G 50 66.31 17.56 6.95
CA ALA G 50 65.46 18.41 6.13
C ALA G 50 64.63 19.29 7.04
N HIS G 51 64.10 20.38 6.48
CA HIS G 51 63.50 21.44 7.29
C HIS G 51 62.68 22.35 6.39
N ILE G 52 61.41 22.58 6.74
CA ILE G 52 60.45 23.27 5.87
C ILE G 52 59.71 24.31 6.71
N ILE G 53 59.74 25.57 6.26
CA ILE G 53 59.01 26.63 6.98
C ILE G 53 58.18 27.46 6.01
N TYR G 54 57.22 28.18 6.58
CA TYR G 54 56.40 29.19 5.87
C TYR G 54 55.97 30.24 6.88
N ASN G 55 56.72 31.33 6.96
CA ASN G 55 56.43 32.43 7.86
C ASN G 55 55.77 33.57 7.07
N SER G 56 54.52 33.89 7.40
CA SER G 56 53.79 34.91 6.67
C SER G 56 54.17 36.33 7.09
N VAL G 57 55.18 36.48 7.96
CA VAL G 57 55.88 37.75 8.07
C VAL G 57 56.74 37.98 6.83
N ASP G 58 57.11 36.91 6.13
CA ASP G 58 57.82 36.99 4.86
C ASP G 58 57.10 36.23 3.74
N LYS G 59 56.04 35.47 4.07
CA LYS G 59 55.19 34.65 3.19
C LYS G 59 55.97 33.78 2.19
N ARG G 60 57.20 33.42 2.51
CA ARG G 60 58.00 32.54 1.68
C ARG G 60 57.84 31.12 2.18
N LEU G 61 57.45 30.22 1.29
CA LEU G 61 57.38 28.80 1.61
C LEU G 61 58.76 28.20 1.28
N SER G 62 59.55 27.98 2.32
CA SER G 62 60.92 27.55 2.15
C SER G 62 61.08 26.08 2.47
N ALA G 63 62.17 25.51 1.99
CA ALA G 63 62.52 24.13 2.31
C ALA G 63 64.03 23.97 2.11
N VAL G 64 64.69 23.40 3.10
CA VAL G 64 66.12 23.13 3.02
C VAL G 64 66.38 21.68 3.37
N VAL G 65 67.39 21.09 2.75
CA VAL G 65 67.83 19.73 3.00
C VAL G 65 69.35 19.76 3.10
N SER G 66 69.89 19.10 4.13
CA SER G 66 71.34 19.03 4.26
C SER G 66 71.72 17.70 4.89
N TYR G 67 72.56 16.94 4.19
CA TYR G 67 73.34 15.91 4.85
C TYR G 67 74.35 16.58 5.79
N PRO G 68 74.91 15.84 6.75
CA PRO G 68 76.17 16.28 7.34
C PRO G 68 77.26 16.29 6.26
N ASN G 69 78.16 17.27 6.38
CA ASN G 69 79.24 17.65 5.45
C ASN G 69 78.77 17.88 4.01
N ALA G 70 77.52 18.29 3.84
CA ALA G 70 76.98 18.67 2.54
C ALA G 70 76.32 20.04 2.64
N ASP G 71 75.89 20.55 1.50
CA ASP G 71 75.35 21.90 1.40
C ASP G 71 73.85 21.90 1.71
N SER G 72 73.19 23.02 1.42
CA SER G 72 71.77 23.20 1.72
C SER G 72 71.08 23.70 0.46
N ALA G 73 69.93 23.11 0.15
CA ALA G 73 69.19 23.42 -1.07
C ALA G 73 67.98 24.28 -0.74
N THR G 74 68.19 25.60 -0.69
CA THR G 74 67.09 26.53 -0.46
C THR G 74 66.24 26.64 -1.73
N VAL G 75 64.96 26.27 -1.63
CA VAL G 75 64.12 26.15 -2.81
C VAL G 75 62.86 26.99 -2.58
N SER G 76 63.03 28.07 -1.83
CA SER G 76 61.94 28.92 -1.33
C SER G 76 61.17 29.56 -2.48
N TYR G 77 59.88 29.26 -2.56
CA TYR G 77 58.97 29.89 -3.51
C TYR G 77 57.88 30.64 -2.78
N ASP G 78 57.77 31.94 -3.06
CA ASP G 78 56.64 32.71 -2.56
C ASP G 78 55.34 32.20 -3.17
N VAL G 79 54.46 31.70 -2.31
CA VAL G 79 53.13 31.31 -2.72
C VAL G 79 52.18 31.72 -1.61
N ASP G 80 50.98 32.13 -2.00
CA ASP G 80 49.98 32.63 -1.05
C ASP G 80 49.20 31.40 -0.58
N LEU G 81 49.44 31.01 0.68
CA LEU G 81 48.71 29.92 1.32
C LEU G 81 47.32 30.31 1.76
N ASP G 82 46.87 31.52 1.41
CA ASP G 82 45.51 31.97 1.68
C ASP G 82 44.50 31.04 1.02
N ASN G 83 44.58 30.91 -0.30
CA ASN G 83 43.51 30.31 -1.08
C ASN G 83 43.88 28.97 -1.70
N VAL G 84 45.14 28.55 -1.61
CA VAL G 84 45.61 27.39 -2.36
C VAL G 84 45.45 26.10 -1.58
N LEU G 85 44.90 26.14 -0.37
CA LEU G 85 44.94 25.00 0.53
C LEU G 85 43.94 25.21 1.66
N PRO G 86 43.13 24.18 2.02
CA PRO G 86 41.93 24.39 2.85
C PRO G 86 42.17 24.87 4.28
N GLU G 87 41.07 25.11 5.00
CA GLU G 87 41.15 25.55 6.39
C GLU G 87 41.81 24.50 7.28
N TRP G 88 41.37 23.26 7.16
CA TRP G 88 41.85 22.19 8.01
C TRP G 88 42.55 21.16 7.15
N VAL G 89 43.75 20.77 7.57
CA VAL G 89 44.61 19.93 6.76
C VAL G 89 44.94 18.67 7.54
N ARG G 90 45.78 17.82 6.98
CA ARG G 90 46.27 16.66 7.70
C ARG G 90 47.66 16.37 7.15
N VAL G 91 48.68 16.93 7.79
CA VAL G 91 50.03 16.84 7.28
C VAL G 91 50.58 15.44 7.51
N GLY G 92 51.69 15.14 6.84
CA GLY G 92 52.29 13.84 6.97
C GLY G 92 53.39 13.65 5.95
N LEU G 93 53.80 12.40 5.80
CA LEU G 93 54.93 12.03 4.97
C LEU G 93 54.44 11.14 3.84
N SER G 94 55.18 11.16 2.74
CA SER G 94 54.82 10.35 1.58
C SER G 94 56.08 9.91 0.88
N ALA G 95 56.12 8.65 0.47
CA ALA G 95 57.27 8.09 -0.22
C ALA G 95 56.79 6.94 -1.08
N SER G 96 57.54 6.68 -2.16
CA SER G 96 57.14 5.68 -3.13
C SER G 96 58.35 5.28 -3.95
N THR G 97 58.17 4.24 -4.76
CA THR G 97 59.17 3.84 -5.72
C THR G 97 58.44 3.18 -6.89
N GLY G 98 59.16 2.98 -7.99
CA GLY G 98 58.58 2.20 -9.08
C GLY G 98 59.54 1.94 -10.22
N LEU G 99 59.69 0.65 -10.54
CA LEU G 99 60.55 0.02 -11.55
C LEU G 99 62.05 0.16 -11.23
N TYR G 100 62.41 1.07 -10.32
CA TYR G 100 63.68 1.16 -9.66
C TYR G 100 63.37 1.13 -8.17
N LYS G 101 64.26 0.54 -7.40
CA LYS G 101 64.05 0.40 -5.97
C LYS G 101 64.87 1.46 -5.24
N GLU G 102 64.37 1.87 -4.08
CA GLU G 102 65.16 2.65 -3.14
C GLU G 102 64.53 2.50 -1.76
N THR G 103 65.37 2.68 -0.74
CA THR G 103 64.90 2.70 0.63
C THR G 103 64.46 4.11 0.99
N ASN G 104 63.33 4.23 1.68
CA ASN G 104 62.83 5.55 2.04
C ASN G 104 62.58 5.64 3.54
N THR G 105 63.54 5.20 4.34
CA THR G 105 63.38 5.16 5.78
C THR G 105 63.38 6.55 6.37
N ILE G 106 62.30 6.92 7.00
CA ILE G 106 62.26 8.09 7.87
C ILE G 106 62.60 7.58 9.27
N LEU G 107 63.45 8.31 9.99
CA LEU G 107 63.82 7.87 11.32
C LEU G 107 63.52 8.87 12.42
N SER G 108 63.08 10.08 12.08
CA SER G 108 62.56 11.04 13.05
C SER G 108 61.76 12.08 12.30
N TRP G 109 60.76 12.63 12.98
CA TRP G 109 59.92 13.63 12.33
C TRP G 109 59.33 14.56 13.37
N SER G 110 59.25 15.84 13.03
CA SER G 110 58.64 16.83 13.89
C SER G 110 57.72 17.72 13.08
N PHE G 111 57.14 18.70 13.77
CA PHE G 111 56.21 19.67 13.22
C PHE G 111 55.95 20.70 14.30
N THR G 112 55.77 21.97 13.91
CA THR G 112 55.49 23.03 14.88
C THR G 112 54.76 24.16 14.15
N SER G 113 53.45 24.24 14.34
CA SER G 113 52.66 25.34 13.79
C SER G 113 52.40 26.39 14.86
N LYS G 114 52.23 27.65 14.43
CA LYS G 114 51.95 28.77 15.36
C LYS G 114 51.05 29.77 14.64
N LEU G 115 49.75 29.69 14.89
CA LEU G 115 48.77 30.50 14.16
C LEU G 115 47.91 31.32 15.13
N LYS G 116 48.37 32.55 15.41
CA LYS G 116 47.59 33.78 15.59
C LYS G 116 46.18 33.60 16.17
N SER G 117 46.09 33.20 17.43
CA SER G 117 44.84 33.38 18.14
C SER G 117 44.51 34.87 18.16
N ASN G 118 45.49 35.65 18.60
CA ASN G 118 45.53 37.10 18.43
C ASN G 118 46.99 37.45 18.60
N SER G 119 47.62 38.01 17.55
CA SER G 119 49.04 37.86 17.21
C SER G 119 50.09 37.72 18.32
N THR G 120 49.93 38.53 19.38
CA THR G 120 50.74 38.40 20.59
C THR G 120 50.16 37.39 21.57
N HIS G 121 48.83 37.36 21.73
CA HIS G 121 48.15 36.61 22.78
C HIS G 121 48.14 35.10 22.47
N GLU G 122 49.32 34.50 22.65
CA GLU G 122 49.50 33.07 22.93
C GLU G 122 48.92 32.16 21.84
N THR G 123 49.61 32.19 20.70
CA THR G 123 49.19 31.46 19.51
C THR G 123 49.22 29.95 19.74
N ASN G 124 48.48 29.23 18.89
CA ASN G 124 48.25 27.80 19.05
C ASN G 124 49.48 27.03 18.60
N ALA G 125 49.55 25.73 18.93
CA ALA G 125 50.68 24.91 18.53
C ALA G 125 50.29 23.46 18.33
N LEU G 126 51.14 22.72 17.63
CA LEU G 126 50.99 21.27 17.51
C LEU G 126 52.36 20.59 17.51
N HIS G 127 53.22 20.98 18.45
CA HIS G 127 54.59 20.46 18.44
C HIS G 127 54.64 18.99 18.83
N PHE G 128 55.22 18.16 17.96
CA PHE G 128 55.55 16.78 18.30
C PHE G 128 56.93 16.46 17.74
N MET G 129 57.55 15.39 18.26
CA MET G 129 58.95 15.08 17.99
C MET G 129 59.20 13.57 17.90
N PHE G 130 58.58 12.88 16.93
CA PHE G 130 58.63 11.41 16.88
C PHE G 130 60.02 10.84 16.63
N ASN G 131 60.87 10.80 17.64
CA ASN G 131 62.17 10.16 17.49
C ASN G 131 62.12 8.66 17.73
N GLN G 132 60.98 8.14 18.18
CA GLN G 132 60.90 6.76 18.66
C GLN G 132 59.63 6.11 18.09
N PHE G 133 59.54 6.10 16.76
CA PHE G 133 58.53 5.32 16.05
C PHE G 133 58.48 3.88 16.58
N SER G 134 57.33 3.51 17.15
CA SER G 134 57.19 2.24 17.82
C SER G 134 56.66 1.19 16.84
N LYS G 135 56.41 -0.01 17.35
CA LYS G 135 55.87 -1.08 16.50
C LYS G 135 54.38 -0.90 16.27
N ASP G 136 53.70 -0.22 17.20
CA ASP G 136 52.26 -0.05 17.18
C ASP G 136 51.92 1.41 17.43
N GLN G 137 52.54 2.29 16.64
CA GLN G 137 52.39 3.73 16.78
C GLN G 137 50.99 4.17 16.37
N LYS G 138 50.08 4.30 17.33
CA LYS G 138 48.67 4.52 17.04
C LYS G 138 48.29 5.99 16.98
N ASP G 139 49.23 6.88 16.70
CA ASP G 139 48.88 8.24 16.30
C ASP G 139 49.41 8.57 14.91
N LEU G 140 49.55 7.54 14.07
CA LEU G 140 49.83 7.72 12.66
C LEU G 140 48.72 7.04 11.88
N ILE G 141 48.34 7.63 10.75
CA ILE G 141 47.26 7.11 9.93
C ILE G 141 47.92 6.57 8.67
N LEU G 142 49.07 5.90 8.85
CA LEU G 142 49.90 5.40 7.76
C LEU G 142 49.11 4.56 6.76
N GLN G 143 49.05 5.05 5.53
CA GLN G 143 48.20 4.51 4.49
C GLN G 143 49.01 3.67 3.52
N GLY G 144 48.34 3.15 2.49
CA GLY G 144 49.01 2.44 1.41
C GLY G 144 49.63 1.13 1.88
N ASP G 145 50.93 1.01 1.67
CA ASP G 145 51.72 -0.12 2.12
C ASP G 145 52.85 0.35 3.01
N ALA G 146 52.61 1.39 3.79
CA ALA G 146 53.61 1.89 4.72
C ALA G 146 53.77 0.94 5.89
N THR G 147 55.02 0.77 6.31
CA THR G 147 55.32 -0.08 7.45
C THR G 147 56.02 0.76 8.51
N THR G 148 56.15 0.18 9.70
CA THR G 148 56.76 0.86 10.84
C THR G 148 57.29 -0.18 11.80
N GLY G 149 58.00 0.30 12.83
CA GLY G 149 58.47 -0.57 13.87
C GLY G 149 59.69 -1.38 13.46
N THR G 150 59.92 -2.45 14.24
CA THR G 150 60.98 -3.47 14.17
C THR G 150 62.35 -2.93 14.56
N ASP G 151 62.44 -1.61 14.74
CA ASP G 151 63.59 -0.80 15.11
C ASP G 151 63.04 0.57 15.45
N GLY G 152 63.89 1.56 15.66
CA GLY G 152 63.36 2.91 15.62
C GLY G 152 63.47 3.45 14.21
N ASN G 153 62.43 3.23 13.41
CA ASN G 153 62.42 3.59 11.98
C ASN G 153 60.97 3.71 11.54
N LEU G 154 60.72 4.56 10.54
CA LEU G 154 59.46 4.57 9.82
C LEU G 154 59.76 4.22 8.37
N GLU G 155 59.44 2.97 8.02
CA GLU G 155 59.81 2.40 6.71
C GLU G 155 58.67 2.66 5.73
N LEU G 156 58.81 3.68 4.89
CA LEU G 156 57.74 3.96 3.94
C LEU G 156 57.95 3.25 2.62
N THR G 157 58.30 1.97 2.70
CA THR G 157 58.41 1.03 1.60
C THR G 157 58.11 -0.36 2.17
N ARG G 158 57.63 -1.26 1.33
CA ARG G 158 57.60 -2.66 1.71
C ARG G 158 59.03 -3.19 1.70
N VAL G 159 59.61 -3.35 2.88
CA VAL G 159 61.05 -3.43 3.06
C VAL G 159 61.35 -4.80 3.70
N SER G 160 62.62 -5.06 4.01
CA SER G 160 63.24 -6.27 4.60
C SER G 160 63.39 -7.38 3.57
N SER G 161 63.51 -7.04 2.29
CA SER G 161 64.04 -7.96 1.29
C SER G 161 65.54 -7.70 1.13
N ASN G 162 66.24 -7.86 2.27
CA ASN G 162 67.64 -7.45 2.47
C ASN G 162 67.84 -5.98 2.09
N GLY G 163 66.88 -5.15 2.46
CA GLY G 163 66.97 -3.73 2.15
C GLY G 163 66.78 -3.38 0.69
N SER G 164 66.33 -4.33 -0.13
CA SER G 164 65.98 -4.11 -1.53
C SER G 164 64.46 -4.00 -1.57
N PRO G 165 63.91 -2.79 -1.51
CA PRO G 165 62.58 -2.64 -0.92
C PRO G 165 61.40 -2.87 -1.84
N GLN G 166 61.44 -3.94 -2.66
CA GLN G 166 60.28 -4.52 -3.34
C GLN G 166 59.56 -3.48 -4.20
N GLY G 167 60.23 -3.12 -5.31
CA GLY G 167 59.84 -2.05 -6.21
C GLY G 167 58.39 -1.95 -6.63
N SER G 168 57.98 -0.73 -7.01
CA SER G 168 56.58 -0.30 -7.11
C SER G 168 55.87 -0.49 -5.78
N SER G 169 56.52 0.01 -4.72
CA SER G 169 55.95 0.13 -3.39
C SER G 169 55.66 1.60 -3.11
N VAL G 170 54.72 1.83 -2.19
CA VAL G 170 54.28 3.18 -1.85
C VAL G 170 53.69 3.14 -0.45
N GLY G 171 54.00 4.15 0.36
CA GLY G 171 53.43 4.24 1.68
C GLY G 171 53.45 5.63 2.28
N ARG G 172 52.30 6.10 2.73
CA ARG G 172 52.15 7.44 3.28
C ARG G 172 52.14 7.36 4.81
N ALA G 173 52.39 8.50 5.45
CA ALA G 173 52.56 8.54 6.90
C ALA G 173 51.85 9.75 7.51
N LEU G 174 50.56 9.91 7.20
CA LEU G 174 49.78 11.04 7.66
C LEU G 174 49.70 11.12 9.18
N PHE G 175 49.92 12.31 9.72
CA PHE G 175 49.76 12.54 11.15
C PHE G 175 48.28 12.59 11.50
N TYR G 176 47.98 12.31 12.76
CA TYR G 176 46.63 12.00 13.19
C TYR G 176 45.73 13.23 13.34
N ALA G 177 46.27 14.44 13.54
CA ALA G 177 45.42 15.54 13.97
C ALA G 177 45.40 16.70 12.97
N PRO G 178 44.28 17.40 12.86
CA PRO G 178 44.18 18.52 11.90
C PRO G 178 44.82 19.80 12.43
N VAL G 179 45.08 20.72 11.49
CA VAL G 179 45.73 21.99 11.75
C VAL G 179 44.90 23.10 11.10
N HIS G 180 44.70 24.21 11.80
CA HIS G 180 43.97 25.36 11.27
C HIS G 180 44.90 26.25 10.44
N ILE G 181 44.50 26.57 9.20
CA ILE G 181 45.36 27.39 8.35
C ILE G 181 44.70 28.62 7.69
N TRP G 182 43.60 28.44 6.94
CA TRP G 182 43.31 29.13 5.67
C TRP G 182 43.69 30.60 5.57
N GLU G 183 42.90 31.50 6.15
CA GLU G 183 43.45 32.71 6.72
C GLU G 183 42.81 33.00 8.07
N SER G 184 41.59 33.55 8.01
CA SER G 184 40.52 33.71 9.00
C SER G 184 40.90 34.39 10.32
N SER G 185 42.17 34.31 10.68
CA SER G 185 42.81 34.84 11.87
C SER G 185 44.29 35.00 11.52
N ALA G 186 44.61 35.86 10.54
CA ALA G 186 45.56 35.62 9.42
C ALA G 186 46.90 34.90 9.60
N VAL G 187 47.50 34.61 8.44
CA VAL G 187 48.02 33.31 8.03
C VAL G 187 49.49 33.09 8.43
N VAL G 188 49.87 33.64 9.59
CA VAL G 188 51.24 33.56 10.11
C VAL G 188 51.63 32.17 10.62
N ALA G 189 50.86 31.14 10.25
CA ALA G 189 51.02 29.77 10.75
C ALA G 189 52.35 29.21 10.28
N SER G 190 53.40 29.57 11.00
CA SER G 190 54.78 29.22 10.66
C SER G 190 55.00 27.75 10.98
N PHE G 191 54.49 26.88 10.11
CA PHE G 191 54.65 25.46 10.34
C PHE G 191 56.08 25.04 10.02
N GLU G 192 56.69 24.33 10.96
CA GLU G 192 58.06 23.86 10.83
C GLU G 192 57.99 22.36 10.58
N ALA G 193 59.10 21.78 10.13
CA ALA G 193 59.25 20.34 10.08
C ALA G 193 60.72 20.01 10.25
N THR G 194 60.98 18.76 10.64
CA THR G 194 62.33 18.22 10.63
C THR G 194 62.19 16.78 10.19
N PHE G 195 62.93 16.40 9.17
CA PHE G 195 62.52 15.31 8.30
C PHE G 195 63.72 14.41 7.99
N THR G 196 64.39 13.94 9.06
CA THR G 196 65.58 13.11 8.91
C THR G 196 65.25 11.77 8.27
N PHE G 197 65.62 11.62 7.00
CA PHE G 197 65.39 10.43 6.22
C PHE G 197 66.63 9.56 6.16
N LEU G 198 66.49 8.39 5.53
CA LEU G 198 67.63 7.58 5.13
C LEU G 198 67.27 6.94 3.80
N ILE G 199 68.10 7.16 2.78
CA ILE G 199 67.88 6.59 1.47
C ILE G 199 69.08 5.71 1.14
N LYS G 200 68.92 4.40 1.32
CA LYS G 200 70.01 3.46 1.12
C LYS G 200 70.22 3.18 -0.36
N SER G 201 71.48 3.14 -0.76
CA SER G 201 71.86 2.76 -2.11
C SER G 201 71.49 1.30 -2.39
N PRO G 202 70.65 1.02 -3.38
CA PRO G 202 70.32 -0.37 -3.72
C PRO G 202 71.20 -0.95 -4.81
N ASP G 203 72.26 -0.22 -5.19
CA ASP G 203 73.04 -0.44 -6.41
C ASP G 203 72.15 -0.47 -7.65
N SER G 204 71.09 0.35 -7.65
CA SER G 204 70.10 0.28 -8.71
C SER G 204 69.56 1.65 -9.11
N HIS G 205 70.40 2.72 -9.06
CA HIS G 205 70.04 4.11 -9.34
C HIS G 205 68.86 4.53 -8.47
N PRO G 206 69.11 4.88 -7.19
CA PRO G 206 68.03 4.97 -6.18
C PRO G 206 66.96 6.00 -6.51
N ALA G 207 65.72 5.51 -6.58
CA ALA G 207 64.72 6.32 -7.27
C ALA G 207 63.25 6.03 -7.00
N ASP G 208 62.55 6.88 -6.23
CA ASP G 208 61.53 7.74 -6.82
C ASP G 208 61.19 8.92 -5.92
N GLY G 209 62.02 9.20 -4.92
CA GLY G 209 61.83 10.40 -4.11
C GLY G 209 60.83 10.33 -2.97
N ILE G 210 61.14 11.03 -1.89
CA ILE G 210 60.26 11.13 -0.72
C ILE G 210 59.59 12.48 -0.76
N ALA G 211 58.42 12.60 -0.14
CA ALA G 211 57.69 13.86 -0.15
C ALA G 211 57.42 14.30 1.29
N PHE G 212 56.81 15.48 1.40
CA PHE G 212 56.25 15.98 2.65
C PHE G 212 55.12 16.91 2.26
N PHE G 213 53.89 16.48 2.46
CA PHE G 213 52.72 17.14 1.92
C PHE G 213 51.92 17.84 3.02
N ILE G 214 50.97 18.66 2.58
CA ILE G 214 49.95 19.25 3.45
C ILE G 214 48.64 19.04 2.71
N SER G 215 47.93 17.95 3.01
CA SER G 215 46.81 17.51 2.19
C SER G 215 45.48 18.00 2.73
N ASN G 216 44.41 17.47 2.17
CA ASN G 216 43.07 17.54 2.72
C ASN G 216 42.99 16.63 3.94
N ILE G 217 42.00 16.88 4.80
CA ILE G 217 41.78 16.03 5.98
C ILE G 217 41.36 14.62 5.62
N ASP G 218 40.84 14.40 4.42
CA ASP G 218 40.57 13.07 3.90
C ASP G 218 41.54 12.79 2.76
N SER G 219 42.19 11.63 2.83
CA SER G 219 43.15 11.28 1.78
C SER G 219 43.38 9.77 1.77
N SER G 220 43.95 9.31 0.66
CA SER G 220 44.32 7.91 0.44
C SER G 220 45.39 7.93 -0.63
N ILE G 221 45.67 6.76 -1.20
CA ILE G 221 46.59 6.63 -2.33
C ILE G 221 45.81 6.93 -3.61
N PRO G 222 46.17 7.95 -4.37
CA PRO G 222 45.34 8.36 -5.52
C PRO G 222 45.59 7.48 -6.74
N SER G 223 44.65 6.55 -6.99
CA SER G 223 44.47 5.86 -8.28
C SER G 223 45.71 5.08 -8.73
N GLY G 224 46.55 4.69 -7.78
CA GLY G 224 47.81 4.08 -8.14
C GLY G 224 48.88 5.13 -8.31
N SER G 225 49.91 5.09 -7.48
CA SER G 225 50.90 6.16 -7.45
C SER G 225 52.30 5.58 -7.32
N THR G 226 52.46 4.31 -7.68
CA THR G 226 53.77 3.69 -7.67
C THR G 226 54.53 4.20 -8.88
N GLY G 227 55.23 5.30 -8.67
CA GLY G 227 56.03 5.84 -9.75
C GLY G 227 56.14 7.35 -9.81
N ARG G 228 55.88 7.90 -11.00
CA ARG G 228 56.10 9.32 -11.27
C ARG G 228 55.13 10.19 -10.48
N LEU G 229 54.02 9.64 -10.05
CA LEU G 229 53.06 10.43 -9.30
C LEU G 229 53.44 10.54 -7.84
N LEU G 230 54.46 9.79 -7.41
CA LEU G 230 55.30 10.09 -6.24
C LEU G 230 54.54 9.88 -4.92
N GLY G 231 53.38 9.23 -5.01
CA GLY G 231 52.68 8.83 -3.81
C GLY G 231 51.43 9.62 -3.48
N LEU G 232 51.25 10.79 -4.08
CA LEU G 232 50.13 11.60 -3.64
C LEU G 232 49.35 12.30 -4.76
N PHE G 233 49.74 12.13 -6.01
CA PHE G 233 48.95 12.78 -7.07
C PHE G 233 48.17 11.77 -7.90
N PRO G 234 46.93 12.08 -8.27
CA PRO G 234 46.19 11.22 -9.20
C PRO G 234 46.74 11.28 -10.61
N ASP G 235 46.92 12.50 -11.09
CA ASP G 235 47.27 12.78 -12.48
C ASP G 235 48.64 13.45 -12.51
N ALA G 236 49.22 13.55 -13.71
CA ALA G 236 50.48 14.24 -13.93
C ALA G 236 50.30 15.73 -14.14
N ASN G 237 49.17 16.28 -13.70
CA ASN G 237 48.90 17.70 -13.79
C ASN G 237 48.42 18.23 -12.44
N ALA H 1 34.11 -0.79 32.17
CA ALA H 1 34.16 0.67 32.26
C ALA H 1 35.53 1.19 31.83
N ASP H 2 35.57 2.42 31.35
CA ASP H 2 36.80 3.04 30.90
C ASP H 2 37.62 3.51 32.09
N THR H 3 38.88 3.11 32.12
CA THR H 3 39.78 3.54 33.19
C THR H 3 40.12 5.00 32.98
N ILE H 4 39.80 5.84 33.97
CA ILE H 4 39.86 7.28 33.77
C ILE H 4 40.34 7.99 35.03
N VAL H 5 41.29 8.91 34.86
CA VAL H 5 41.91 9.63 35.98
C VAL H 5 41.70 11.12 35.77
N ALA H 6 41.09 11.78 36.75
CA ALA H 6 40.74 13.18 36.61
C ALA H 6 41.23 13.98 37.80
N VAL H 7 41.24 15.29 37.63
CA VAL H 7 41.51 16.23 38.71
C VAL H 7 40.24 17.07 38.85
N GLU H 8 39.35 16.65 39.75
CA GLU H 8 38.04 17.27 39.81
C GLU H 8 38.11 18.61 40.54
N LEU H 9 37.55 19.64 39.89
CA LEU H 9 37.29 20.91 40.55
C LEU H 9 35.84 20.97 41.00
N ASP H 10 35.47 20.03 41.86
CA ASP H 10 34.08 19.82 42.22
C ASP H 10 33.57 20.97 43.06
N THR H 11 32.29 21.30 42.85
CA THR H 11 31.68 22.40 43.56
C THR H 11 30.48 21.99 44.38
N TYR H 12 30.00 20.75 44.24
CA TYR H 12 28.92 20.30 45.10
C TYR H 12 29.49 19.43 46.21
N PRO H 13 29.28 19.81 47.48
CA PRO H 13 29.74 18.99 48.60
C PRO H 13 28.95 17.69 48.67
N ASN H 14 29.66 16.57 48.62
CA ASN H 14 29.08 15.23 48.70
C ASN H 14 29.80 14.43 49.78
N THR H 15 29.36 14.62 51.02
CA THR H 15 29.86 13.77 52.11
C THR H 15 29.26 12.38 52.05
N ASP H 16 28.26 12.17 51.18
CA ASP H 16 27.85 10.83 50.80
C ASP H 16 29.01 10.05 50.19
N ILE H 17 29.56 10.56 49.10
CA ILE H 17 30.53 9.78 48.32
C ILE H 17 31.97 10.21 48.54
N GLY H 18 32.27 11.00 49.56
CA GLY H 18 33.66 11.23 49.91
C GLY H 18 34.18 12.59 49.54
N ASP H 19 33.36 13.39 48.87
CA ASP H 19 33.67 14.80 48.74
C ASP H 19 33.56 15.47 50.12
N PRO H 20 34.44 16.40 50.42
CA PRO H 20 34.42 17.01 51.76
C PRO H 20 33.27 17.99 51.95
N SER H 21 33.23 18.62 53.12
CA SER H 21 32.09 19.44 53.50
C SER H 21 32.03 20.78 52.80
N TYR H 22 33.04 21.14 52.07
CA TYR H 22 33.26 22.43 51.42
C TYR H 22 33.48 22.24 49.92
N PRO H 23 33.24 23.26 49.10
CA PRO H 23 33.65 23.20 47.70
C PRO H 23 35.16 23.14 47.58
N HIS H 24 35.63 22.10 46.88
CA HIS H 24 37.01 21.66 46.99
C HIS H 24 37.67 21.46 45.64
N ILE H 25 38.98 21.29 45.62
CA ILE H 25 39.67 20.66 44.52
C ILE H 25 39.85 19.20 44.92
N GLY H 26 39.82 18.31 43.95
CA GLY H 26 39.97 16.90 44.19
C GLY H 26 40.71 16.21 43.06
N ILE H 27 41.35 15.11 43.41
CA ILE H 27 42.17 14.35 42.48
C ILE H 27 41.71 12.91 42.49
N ASP H 28 41.20 12.47 41.35
CA ASP H 28 40.49 11.21 41.24
C ASP H 28 41.36 10.16 40.56
N ILE H 29 41.40 8.97 41.13
CA ILE H 29 42.10 7.83 40.53
C ILE H 29 41.05 6.73 40.36
N LYS H 30 40.42 6.69 39.18
CA LYS H 30 39.51 5.63 38.74
C LYS H 30 38.27 5.54 39.64
N SER H 31 37.99 6.61 40.40
CA SER H 31 36.89 6.60 41.36
C SER H 31 36.52 8.03 41.67
N VAL H 32 35.23 8.28 41.88
CA VAL H 32 34.85 9.60 42.39
C VAL H 32 35.23 9.74 43.86
N ARG H 33 35.45 8.63 44.56
CA ARG H 33 36.06 8.67 45.88
C ARG H 33 37.53 9.02 45.71
N SER H 34 37.86 10.28 45.97
CA SER H 34 39.14 10.86 45.57
C SER H 34 40.28 10.40 46.48
N LYS H 35 41.44 10.98 46.25
CA LYS H 35 42.62 10.65 47.05
C LYS H 35 42.97 11.79 48.00
N LYS H 36 43.14 12.99 47.46
CA LYS H 36 43.39 14.19 48.25
C LYS H 36 42.33 15.24 47.93
N THR H 37 42.08 16.10 48.92
CA THR H 37 41.19 17.24 48.76
C THR H 37 41.85 18.45 49.39
N ALA H 38 41.38 19.62 49.00
CA ALA H 38 41.87 20.87 49.57
C ALA H 38 40.75 21.89 49.50
N LYS H 39 40.74 22.81 50.47
CA LYS H 39 39.83 23.93 50.48
C LYS H 39 40.12 24.84 49.29
N TRP H 40 39.05 25.31 48.66
CA TRP H 40 39.18 26.22 47.54
C TRP H 40 38.21 27.37 47.75
N ASN H 41 38.66 28.58 47.48
CA ASN H 41 37.87 29.77 47.78
C ASN H 41 36.63 29.87 46.90
N MET H 42 36.76 29.53 45.61
CA MET H 42 35.66 29.49 44.64
C MET H 42 34.98 30.85 44.52
N GLN H 43 35.73 31.80 43.99
CA GLN H 43 35.10 33.07 43.64
C GLN H 43 34.19 32.88 42.44
N ASN H 44 33.37 33.91 42.18
CA ASN H 44 32.38 33.89 41.11
C ASN H 44 33.07 34.11 39.75
N GLY H 45 32.31 34.53 38.75
CA GLY H 45 32.84 34.63 37.40
C GLY H 45 34.03 35.54 37.26
N LYS H 46 35.18 34.88 37.24
CA LYS H 46 36.54 35.43 37.28
C LYS H 46 37.44 34.38 36.65
N VAL H 47 38.75 34.58 36.68
CA VAL H 47 39.58 33.88 35.71
C VAL H 47 40.53 32.87 36.37
N GLY H 48 40.05 31.65 36.53
CA GLY H 48 40.63 30.49 35.90
C GLY H 48 41.91 29.72 36.11
N THR H 49 43.00 30.39 36.52
CA THR H 49 44.33 29.91 36.19
C THR H 49 44.66 28.65 36.98
N ALA H 50 44.37 27.50 36.36
CA ALA H 50 44.64 26.20 36.92
C ALA H 50 45.78 25.55 36.14
N HIS H 51 46.29 24.45 36.68
CA HIS H 51 47.59 23.94 36.25
C HIS H 51 47.75 22.54 36.82
N ILE H 52 48.35 21.62 36.06
CA ILE H 52 48.51 20.22 36.46
C ILE H 52 49.88 19.76 36.01
N ILE H 53 50.66 19.14 36.90
CA ILE H 53 51.89 18.47 36.48
C ILE H 53 51.92 17.05 37.03
N TYR H 54 52.65 16.19 36.33
CA TYR H 54 52.95 14.83 36.80
C TYR H 54 54.32 14.44 36.26
N ASN H 55 55.35 14.71 37.05
CA ASN H 55 56.71 14.35 36.68
C ASN H 55 57.08 13.04 37.38
N SER H 56 57.28 11.98 36.60
CA SER H 56 57.55 10.66 37.16
C SER H 56 58.90 10.55 37.82
N VAL H 57 59.80 11.52 37.62
CA VAL H 57 61.00 11.60 38.42
C VAL H 57 60.66 12.00 39.86
N ASP H 58 59.52 12.67 40.06
CA ASP H 58 59.02 12.98 41.40
C ASP H 58 57.69 12.30 41.70
N LYS H 59 57.05 11.71 40.67
CA LYS H 59 55.85 10.84 40.73
C LYS H 59 54.68 11.42 41.54
N ARG H 60 54.65 12.73 41.73
CA ARG H 60 53.52 13.41 42.33
C ARG H 60 52.60 13.87 41.21
N LEU H 61 51.32 14.00 41.50
CA LEU H 61 50.38 14.62 40.57
C LEU H 61 49.86 15.89 41.26
N SER H 62 50.61 16.97 41.10
CA SER H 62 50.28 18.24 41.72
C SER H 62 49.27 19.00 40.88
N ALA H 63 48.66 20.01 41.50
CA ALA H 63 47.74 20.90 40.81
C ALA H 63 47.58 22.15 41.64
N VAL H 64 47.31 23.27 40.98
CA VAL H 64 46.90 24.50 41.64
C VAL H 64 45.69 25.03 40.90
N VAL H 65 44.92 25.89 41.56
CA VAL H 65 43.86 26.69 40.95
C VAL H 65 43.97 28.09 41.49
N SER H 66 44.17 29.06 40.62
CA SER H 66 44.43 30.42 41.07
C SER H 66 43.49 31.40 40.39
N TYR H 67 42.76 32.15 41.19
CA TYR H 67 42.17 33.40 40.75
C TYR H 67 43.26 34.48 40.76
N PRO H 68 42.95 35.69 40.28
CA PRO H 68 43.73 36.84 40.74
C PRO H 68 43.51 37.05 42.23
N ASN H 69 44.54 37.58 42.90
CA ASN H 69 44.73 37.81 44.34
C ASN H 69 44.17 36.71 45.24
N ALA H 70 44.37 35.46 44.86
CA ALA H 70 43.94 34.31 45.64
C ALA H 70 45.12 33.37 45.88
N ASP H 71 44.82 32.18 46.39
CA ASP H 71 45.86 31.26 46.80
C ASP H 71 45.75 29.96 46.01
N SER H 72 46.82 29.15 46.05
CA SER H 72 46.96 27.95 45.24
C SER H 72 46.33 26.78 45.99
N ALA H 73 45.71 25.88 45.26
CA ALA H 73 45.04 24.72 45.84
C ALA H 73 45.90 23.48 45.64
N THR H 74 46.94 23.34 46.46
CA THR H 74 47.89 22.25 46.31
C THR H 74 47.25 20.93 46.75
N VAL H 75 47.06 20.02 45.79
CA VAL H 75 46.31 18.79 46.03
C VAL H 75 47.17 17.60 45.58
N SER H 76 48.48 17.76 45.70
CA SER H 76 49.47 16.82 45.17
C SER H 76 49.37 15.47 45.86
N TYR H 77 48.81 14.47 45.16
CA TYR H 77 48.73 13.11 45.65
C TYR H 77 49.82 12.26 45.02
N ASP H 78 50.46 11.44 45.83
CA ASP H 78 51.49 10.54 45.33
C ASP H 78 50.83 9.32 44.68
N VAL H 79 50.77 9.32 43.35
CA VAL H 79 50.28 8.16 42.62
C VAL H 79 51.20 7.94 41.43
N ASP H 80 51.44 6.68 41.11
CA ASP H 80 52.25 6.29 39.96
C ASP H 80 51.28 5.91 38.85
N LEU H 81 51.35 6.64 37.73
CA LEU H 81 50.54 6.37 36.56
C LEU H 81 51.08 5.24 35.70
N ASP H 82 52.06 4.50 36.22
CA ASP H 82 52.54 3.26 35.61
C ASP H 82 51.41 2.29 35.34
N ASN H 83 50.68 1.90 36.39
CA ASN H 83 49.85 0.72 36.32
C ASN H 83 48.36 1.02 36.48
N VAL H 84 47.97 2.29 36.56
CA VAL H 84 46.60 2.65 36.94
C VAL H 84 45.84 3.30 35.80
N LEU H 85 46.39 3.32 34.59
CA LEU H 85 45.85 4.08 33.46
C LEU H 85 46.49 3.58 32.17
N PRO H 86 45.71 3.37 31.09
CA PRO H 86 46.18 2.58 29.94
C PRO H 86 47.34 3.14 29.15
N GLU H 87 47.80 2.36 28.15
CA GLU H 87 48.98 2.72 27.37
C GLU H 87 48.76 3.96 26.52
N TRP H 88 47.70 3.97 25.73
CA TRP H 88 47.37 5.10 24.89
C TRP H 88 46.07 5.70 25.39
N VAL H 89 46.10 7.00 25.65
CA VAL H 89 45.06 7.67 26.42
C VAL H 89 44.47 8.77 25.57
N ARG H 90 43.56 9.55 26.15
CA ARG H 90 42.94 10.63 25.39
C ARG H 90 42.54 11.71 26.40
N VAL H 91 43.34 12.76 26.48
CA VAL H 91 43.10 13.81 27.47
C VAL H 91 41.96 14.70 27.02
N GLY H 92 41.37 15.41 27.98
CA GLY H 92 40.27 16.30 27.64
C GLY H 92 39.58 16.82 28.89
N LEU H 93 38.64 17.73 28.67
CA LEU H 93 37.94 18.41 29.74
C LEU H 93 36.57 17.76 29.94
N SER H 94 36.10 17.78 31.18
CA SER H 94 34.79 17.26 31.51
C SER H 94 34.07 18.26 32.40
N ALA H 95 32.82 18.55 32.10
CA ALA H 95 32.01 19.41 32.93
C ALA H 95 30.60 18.84 33.01
N SER H 96 29.85 19.32 34.00
CA SER H 96 28.51 18.81 34.24
C SER H 96 27.72 19.82 35.04
N THR H 97 26.42 19.58 35.13
CA THR H 97 25.54 20.27 36.06
C THR H 97 24.36 19.34 36.33
N GLY H 98 23.66 19.58 37.44
CA GLY H 98 22.43 18.85 37.67
C GLY H 98 21.67 19.26 38.91
N LEU H 99 20.38 19.58 38.72
CA LEU H 99 19.39 20.08 39.69
C LEU H 99 19.73 21.49 40.21
N TYR H 100 20.90 22.02 39.86
CA TYR H 100 21.31 23.38 40.14
C TYR H 100 21.70 24.00 38.82
N LYS H 101 22.33 25.16 38.90
CA LYS H 101 22.93 25.80 37.75
C LYS H 101 24.32 26.27 38.12
N GLU H 102 25.25 26.15 37.18
CA GLU H 102 26.53 26.85 37.26
C GLU H 102 27.15 26.90 35.88
N THR H 103 27.99 27.91 35.67
CA THR H 103 28.61 28.12 34.38
C THR H 103 29.86 27.26 34.27
N ASN H 104 30.08 26.68 33.09
CA ASN H 104 31.23 25.83 32.86
C ASN H 104 32.01 26.31 31.64
N THR H 105 32.29 27.61 31.58
CA THR H 105 32.92 28.18 30.41
C THR H 105 34.43 28.13 30.53
N ILE H 106 35.08 27.42 29.61
CA ILE H 106 36.52 27.40 29.48
C ILE H 106 36.92 28.47 28.48
N LEU H 107 37.97 29.22 28.79
CA LEU H 107 38.43 30.26 27.88
C LEU H 107 39.74 29.92 27.20
N SER H 108 40.54 29.00 27.74
CA SER H 108 41.79 28.56 27.13
C SER H 108 42.23 27.26 27.78
N TRP H 109 42.92 26.45 26.99
CA TRP H 109 43.38 25.15 27.46
C TRP H 109 44.64 24.75 26.71
N SER H 110 45.62 24.23 27.45
CA SER H 110 46.88 23.85 26.84
C SER H 110 47.35 22.52 27.41
N PHE H 111 48.53 22.08 26.95
CA PHE H 111 49.09 20.76 27.25
C PHE H 111 50.54 20.72 26.77
N THR H 112 51.37 19.88 27.42
CA THR H 112 52.73 19.60 26.95
C THR H 112 53.21 18.31 27.61
N SER H 113 53.47 17.28 26.80
CA SER H 113 54.08 16.03 27.27
C SER H 113 55.51 15.89 26.73
N LYS H 114 56.35 15.12 27.44
CA LYS H 114 57.75 14.90 27.03
C LYS H 114 58.18 13.49 27.46
N LEU H 115 58.06 12.52 26.55
CA LEU H 115 58.12 11.11 26.91
C LEU H 115 59.26 10.36 26.18
N LYS H 116 60.47 10.44 26.76
CA LYS H 116 61.48 9.38 26.88
C LYS H 116 61.58 8.35 25.76
N SER H 117 62.19 8.71 24.64
CA SER H 117 62.69 7.65 23.77
C SER H 117 63.72 6.83 24.54
N ASN H 118 64.80 7.49 24.97
CA ASN H 118 65.81 6.93 25.86
C ASN H 118 66.43 8.11 26.57
N SER H 119 66.05 8.34 27.83
CA SER H 119 65.69 9.66 28.37
C SER H 119 66.27 10.92 27.71
N THR H 120 67.56 10.91 27.37
CA THR H 120 68.17 12.03 26.68
C THR H 120 68.08 11.88 25.15
N HIS H 121 67.32 10.89 24.67
CA HIS H 121 67.20 10.67 23.22
C HIS H 121 65.96 11.38 22.67
N GLU H 122 65.84 12.67 23.00
CA GLU H 122 64.89 13.59 22.37
C GLU H 122 63.44 13.14 22.50
N THR H 123 62.94 13.32 23.72
CA THR H 123 61.58 13.01 24.14
C THR H 123 60.53 13.63 23.20
N ASN H 124 59.37 12.99 23.13
CA ASN H 124 58.31 13.35 22.19
C ASN H 124 57.52 14.54 22.75
N ALA H 125 56.46 14.93 22.05
CA ALA H 125 55.58 15.99 22.53
C ALA H 125 54.18 15.89 21.93
N LEU H 126 53.23 16.56 22.57
CA LEU H 126 51.94 16.83 21.96
C LEU H 126 51.43 18.19 22.42
N HIS H 127 52.30 19.19 22.39
CA HIS H 127 51.93 20.52 22.89
C HIS H 127 50.87 21.17 22.01
N PHE H 128 49.87 21.80 22.64
CA PHE H 128 48.90 22.63 21.96
C PHE H 128 48.43 23.72 22.91
N MET H 129 47.88 24.80 22.36
CA MET H 129 47.63 26.03 23.11
C MET H 129 46.30 26.68 22.72
N PHE H 130 45.18 25.98 22.88
CA PHE H 130 43.89 26.51 22.41
C PHE H 130 43.38 27.70 23.21
N ASN H 131 43.88 28.90 22.92
CA ASN H 131 43.37 30.12 23.52
C ASN H 131 42.13 30.66 22.82
N GLN H 132 41.84 30.17 21.61
CA GLN H 132 40.84 30.79 20.75
C GLN H 132 39.96 29.69 20.16
N PHE H 133 39.28 28.95 21.05
CA PHE H 133 38.25 27.99 20.67
C PHE H 133 37.26 28.59 19.68
N SER H 134 37.27 28.07 18.46
CA SER H 134 36.51 28.65 17.37
C SER H 134 35.19 27.90 17.18
N LYS H 135 34.50 28.19 16.08
CA LYS H 135 33.17 27.62 15.86
C LYS H 135 33.26 26.17 15.38
N ASP H 136 34.18 25.88 14.47
CA ASP H 136 34.25 24.59 13.81
C ASP H 136 35.63 23.99 14.01
N GLN H 137 36.07 23.98 15.26
CA GLN H 137 37.33 23.40 15.68
C GLN H 137 37.27 21.88 15.53
N LYS H 138 37.85 21.33 14.46
CA LYS H 138 37.65 19.92 14.12
C LYS H 138 38.75 19.00 14.60
N ASP H 139 39.61 19.46 15.52
CA ASP H 139 40.49 18.55 16.24
C ASP H 139 40.03 18.34 17.69
N LEU H 140 38.72 18.45 17.93
CA LEU H 140 38.12 18.15 19.22
C LEU H 140 36.95 17.22 19.00
N ILE H 141 36.71 16.32 19.95
CA ILE H 141 35.68 15.29 19.84
C ILE H 141 34.66 15.58 20.92
N LEU H 142 34.29 16.85 21.07
CA LEU H 142 33.34 17.32 22.08
C LEU H 142 32.05 16.50 22.11
N GLN H 143 31.86 15.79 23.21
CA GLN H 143 30.77 14.84 23.39
C GLN H 143 29.65 15.49 24.20
N GLY H 144 28.67 14.67 24.56
CA GLY H 144 27.65 15.09 25.50
C GLY H 144 26.73 16.14 24.92
N ASP H 145 26.59 17.25 25.64
CA ASP H 145 25.84 18.40 25.19
C ASP H 145 26.74 19.62 25.15
N ALA H 146 28.04 19.37 25.02
CA ALA H 146 29.02 20.44 25.01
C ALA H 146 29.00 21.17 23.68
N THR H 147 29.23 22.49 23.74
CA THR H 147 29.28 23.33 22.55
C THR H 147 30.59 24.10 22.56
N THR H 148 30.77 24.90 21.52
CA THR H 148 31.94 25.76 21.39
C THR H 148 31.55 26.99 20.59
N GLY H 149 32.49 27.93 20.51
CA GLY H 149 32.27 29.12 19.70
C GLY H 149 31.39 30.15 20.40
N THR H 150 30.80 31.02 19.57
CA THR H 150 29.90 32.16 19.85
C THR H 150 30.63 33.33 20.50
N ASP H 151 31.89 33.11 20.86
CA ASP H 151 32.88 34.02 21.45
C ASP H 151 34.16 33.20 21.49
N GLY H 152 35.23 33.73 22.06
CA GLY H 152 36.34 32.84 22.29
C GLY H 152 36.16 32.17 23.63
N ASN H 153 35.49 31.02 23.61
CA ASN H 153 35.08 30.31 24.83
C ASN H 153 34.84 28.86 24.46
N LEU H 154 34.83 27.98 25.47
CA LEU H 154 34.40 26.60 25.30
C LEU H 154 33.22 26.35 26.24
N GLU H 155 32.02 26.46 25.68
CA GLU H 155 30.79 26.43 26.47
C GLU H 155 30.41 24.97 26.72
N LEU H 156 30.74 24.45 27.89
CA LEU H 156 30.50 23.03 28.19
C LEU H 156 29.15 22.82 28.86
N THR H 157 28.11 23.45 28.32
CA THR H 157 26.74 23.41 28.82
C THR H 157 25.80 23.79 27.68
N ARG H 158 24.58 23.26 27.72
CA ARG H 158 23.50 23.90 27.01
C ARG H 158 23.21 25.22 27.70
N VAL H 159 23.36 26.33 26.97
CA VAL H 159 23.52 27.65 27.57
C VAL H 159 22.66 28.63 26.79
N SER H 160 22.79 29.93 27.09
CA SER H 160 22.36 31.12 26.30
C SER H 160 20.90 31.51 26.46
N SER H 161 20.18 30.98 27.44
CA SER H 161 18.95 31.63 27.91
C SER H 161 19.33 32.65 28.97
N ASN H 162 19.94 33.75 28.47
CA ASN H 162 20.82 34.66 29.25
C ASN H 162 21.94 33.86 29.93
N GLY H 163 22.41 32.81 29.26
CA GLY H 163 23.50 32.01 29.79
C GLY H 163 23.13 31.09 30.94
N SER H 164 21.85 31.07 31.34
CA SER H 164 21.35 30.33 32.51
C SER H 164 21.51 28.83 32.29
N PRO H 165 22.42 28.19 32.98
CA PRO H 165 23.04 26.99 32.40
C PRO H 165 22.31 25.68 32.57
N GLN H 166 20.97 25.69 32.44
CA GLN H 166 20.12 24.59 31.96
C GLN H 166 20.48 23.23 32.59
N GLY H 167 20.16 23.13 33.88
CA GLY H 167 20.50 22.00 34.73
C GLY H 167 20.26 20.61 34.18
N SER H 168 21.03 19.64 34.71
CA SER H 168 21.14 18.27 34.19
C SER H 168 21.60 18.28 32.73
N SER H 169 22.82 18.79 32.53
CA SER H 169 23.50 18.72 31.25
C SER H 169 24.95 18.32 31.47
N VAL H 170 25.48 17.51 30.57
CA VAL H 170 26.84 16.97 30.69
C VAL H 170 27.62 17.34 29.44
N GLY H 171 28.85 17.80 29.62
CA GLY H 171 29.68 18.16 28.50
C GLY H 171 31.11 17.67 28.63
N ARG H 172 31.67 17.16 27.55
CA ARG H 172 33.05 16.71 27.54
C ARG H 172 33.77 17.35 26.35
N ALA H 173 35.09 17.39 26.44
CA ALA H 173 35.92 18.11 25.47
C ALA H 173 37.14 17.27 25.09
N LEU H 174 36.91 16.03 24.69
CA LEU H 174 38.00 15.10 24.37
C LEU H 174 38.84 15.60 23.20
N PHE H 175 40.13 15.77 23.45
CA PHE H 175 41.10 16.11 22.42
C PHE H 175 41.27 14.92 21.47
N TYR H 176 41.65 15.21 20.23
CA TYR H 176 41.58 14.22 19.16
C TYR H 176 42.70 13.19 19.21
N ALA H 177 43.92 13.57 19.58
CA ALA H 177 45.08 12.71 19.36
C ALA H 177 45.51 11.99 20.64
N PRO H 178 45.90 10.73 20.54
CA PRO H 178 46.32 9.97 21.73
C PRO H 178 47.69 10.38 22.25
N VAL H 179 48.04 9.81 23.40
CA VAL H 179 49.32 10.02 24.07
C VAL H 179 49.82 8.69 24.61
N HIS H 180 51.04 8.31 24.23
CA HIS H 180 51.68 7.11 24.78
C HIS H 180 52.08 7.34 26.23
N ILE H 181 51.71 6.42 27.12
CA ILE H 181 52.08 6.56 28.54
C ILE H 181 52.77 5.35 29.17
N TRP H 182 52.16 4.15 29.09
CA TRP H 182 51.95 3.25 30.25
C TRP H 182 53.05 3.24 31.30
N GLU H 183 54.16 2.55 31.06
CA GLU H 183 55.46 3.13 31.38
C GLU H 183 56.33 2.90 30.16
N SER H 184 56.76 1.64 29.99
CA SER H 184 57.14 0.92 28.77
C SER H 184 58.24 1.53 27.91
N SER H 185 58.45 2.83 28.04
CA SER H 185 59.45 3.64 27.40
C SER H 185 59.70 4.80 28.37
N ALA H 186 60.09 4.48 29.61
CA ALA H 186 59.51 4.97 30.87
C ALA H 186 58.95 6.40 31.04
N VAL H 187 58.10 6.53 32.06
CA VAL H 187 56.87 7.33 32.05
C VAL H 187 57.13 8.75 32.54
N VAL H 188 58.33 9.27 32.26
CA VAL H 188 58.81 10.57 32.75
C VAL H 188 58.09 11.77 32.11
N ALA H 189 57.03 11.51 31.34
CA ALA H 189 56.28 12.53 30.61
C ALA H 189 55.58 13.45 31.59
N SER H 190 56.25 14.56 31.88
CA SER H 190 55.74 15.60 32.78
C SER H 190 54.64 16.36 32.07
N PHE H 191 53.46 15.74 31.98
CA PHE H 191 52.43 16.32 31.15
C PHE H 191 51.77 17.50 31.86
N GLU H 192 51.95 18.68 31.29
CA GLU H 192 51.49 19.92 31.86
C GLU H 192 50.12 20.22 31.26
N ALA H 193 49.36 21.08 31.93
CA ALA H 193 48.15 21.62 31.35
C ALA H 193 47.98 23.04 31.85
N THR H 194 46.94 23.69 31.35
CA THR H 194 46.48 24.98 31.86
C THR H 194 44.99 25.00 31.60
N PHE H 195 44.22 25.36 32.62
CA PHE H 195 42.82 25.00 32.70
C PHE H 195 42.02 26.23 33.12
N THR H 196 42.22 27.32 32.38
CA THR H 196 41.49 28.56 32.63
C THR H 196 39.99 28.39 32.43
N PHE H 197 39.21 28.80 33.42
CA PHE H 197 37.76 28.58 33.46
C PHE H 197 37.06 29.84 33.97
N LEU H 198 35.74 29.83 33.88
CA LEU H 198 34.92 30.92 34.40
C LEU H 198 33.63 30.33 34.94
N ILE H 199 33.60 30.04 36.24
CA ILE H 199 32.42 29.51 36.90
C ILE H 199 31.64 30.71 37.42
N LYS H 200 30.72 31.20 36.60
CA LYS H 200 29.93 32.37 36.95
C LYS H 200 28.75 31.95 37.81
N SER H 201 28.44 32.76 38.81
CA SER H 201 27.29 32.50 39.65
C SER H 201 25.99 32.80 38.90
N PRO H 202 25.05 31.86 38.84
CA PRO H 202 23.69 32.16 38.40
C PRO H 202 22.76 32.59 39.52
N ASP H 203 23.33 32.98 40.66
CA ASP H 203 22.61 33.27 41.91
C ASP H 203 21.76 32.09 42.34
N SER H 204 22.40 30.91 42.44
CA SER H 204 21.64 29.68 42.67
C SER H 204 22.32 28.73 43.63
N HIS H 205 23.27 29.23 44.44
CA HIS H 205 24.25 28.46 45.21
C HIS H 205 24.92 27.45 44.28
N PRO H 206 25.77 27.92 43.37
CA PRO H 206 26.15 27.10 42.20
C PRO H 206 27.07 25.95 42.53
N ALA H 207 26.66 24.75 42.07
CA ALA H 207 27.43 23.55 42.40
C ALA H 207 27.21 22.34 41.48
N ASP H 208 28.13 22.08 40.54
CA ASP H 208 28.45 20.69 40.15
C ASP H 208 29.89 20.45 39.62
N GLY H 209 30.72 21.48 39.50
CA GLY H 209 32.14 21.27 39.21
C GLY H 209 32.59 20.89 37.82
N ILE H 210 33.81 21.31 37.45
CA ILE H 210 34.43 20.96 36.17
C ILE H 210 35.58 20.00 36.45
N ALA H 211 35.99 19.22 35.44
CA ALA H 211 37.06 18.25 35.63
C ALA H 211 38.11 18.42 34.53
N PHE H 212 39.15 17.59 34.63
CA PHE H 212 40.20 17.47 33.61
C PHE H 212 40.65 16.01 33.68
N PHE H 213 40.14 15.19 32.79
CA PHE H 213 40.37 13.75 32.86
C PHE H 213 41.52 13.34 31.96
N ILE H 214 41.92 12.08 32.09
CA ILE H 214 42.78 11.38 31.15
C ILE H 214 42.14 10.01 30.96
N SER H 215 41.38 9.84 29.90
CA SER H 215 40.56 8.65 29.73
C SER H 215 41.28 7.59 28.90
N ASN H 216 40.53 6.57 28.51
CA ASN H 216 40.93 5.65 27.46
C ASN H 216 40.64 6.33 26.12
N ILE H 217 41.19 5.79 25.03
CA ILE H 217 40.96 6.38 23.71
C ILE H 217 39.55 6.19 23.22
N ASP H 218 38.80 5.26 23.79
CA ASP H 218 37.38 5.10 23.51
C ASP H 218 36.60 5.45 24.77
N SER H 219 35.65 6.36 24.61
CA SER H 219 34.82 6.75 25.75
C SER H 219 33.49 7.31 25.26
N SER H 220 32.64 7.63 26.22
CA SER H 220 31.36 8.29 26.02
C SER H 220 30.99 8.92 27.35
N ILE H 221 29.74 9.35 27.45
CA ILE H 221 29.17 9.79 28.73
C ILE H 221 28.46 8.59 29.36
N PRO H 222 29.07 7.93 30.34
CA PRO H 222 28.69 6.56 30.66
C PRO H 222 27.41 6.48 31.48
N SER H 223 26.30 6.11 30.83
CA SER H 223 25.06 5.62 31.45
C SER H 223 24.44 6.61 32.43
N GLY H 224 24.70 7.89 32.21
CA GLY H 224 24.29 8.89 33.17
C GLY H 224 25.42 9.27 34.10
N SER H 225 25.99 10.45 33.86
CA SER H 225 27.06 10.98 34.70
C SER H 225 26.75 12.43 35.05
N THR H 226 25.51 12.83 34.83
CA THR H 226 25.04 14.17 35.19
C THR H 226 24.83 14.21 36.70
N GLY H 227 25.71 14.93 37.38
CA GLY H 227 25.51 15.14 38.80
C GLY H 227 26.73 14.89 39.67
N ARG H 228 26.53 14.18 40.78
CA ARG H 228 27.60 13.86 41.69
C ARG H 228 28.65 12.94 41.07
N LEU H 229 28.29 12.21 40.01
CA LEU H 229 29.28 11.43 39.28
C LEU H 229 30.20 12.30 38.44
N LEU H 230 29.76 13.53 38.14
CA LEU H 230 30.59 14.60 37.58
C LEU H 230 31.14 14.24 36.20
N GLY H 231 30.24 14.00 35.26
CA GLY H 231 30.58 14.00 33.86
C GLY H 231 31.36 12.83 33.29
N LEU H 232 32.09 12.08 34.11
CA LEU H 232 32.93 11.04 33.52
C LEU H 232 32.80 9.67 34.18
N PHE H 233 32.62 9.59 35.49
CA PHE H 233 32.57 8.29 36.14
C PHE H 233 31.21 7.62 35.94
N PRO H 234 31.17 6.30 35.75
CA PRO H 234 29.88 5.59 35.75
C PRO H 234 29.34 5.36 37.14
N ASP H 235 30.23 5.04 38.09
CA ASP H 235 29.85 4.51 39.39
C ASP H 235 30.41 5.38 40.51
N ALA H 236 29.69 5.39 41.64
CA ALA H 236 30.00 6.25 42.77
C ALA H 236 30.89 5.57 43.80
N ASN H 237 31.68 4.57 43.38
CA ASN H 237 32.57 3.89 44.32
C ASN H 237 33.99 3.79 43.77
#